data_7ZVE
#
_entry.id   7ZVE
#
_cell.length_a   64.363
_cell.length_b   122.609
_cell.length_c   161.310
_cell.angle_alpha   77.23
_cell.angle_beta   80.99
_cell.angle_gamma   77.40
#
_symmetry.space_group_name_H-M   'P 1'
#
loop_
_entity.id
_entity.type
_entity.pdbx_description
1 polymer 'Glucose-6-phosphate 1-dehydrogenase'
2 polymer 'Glucose-6-phosphate 1-dehydrogenase'
3 polymer 'Glucose-6-phosphate 1-dehydrogenase'
4 polymer 'Glucose-6-phosphate 1-dehydrogenase'
5 polymer 'Glucose-6-phosphate 1-dehydrogenase'
6 polymer 'Glucose-6-phosphate 1-dehydrogenase'
7 polymer 'Glucose-6-phosphate 1-dehydrogenase'
8 non-polymer GLYCEROL
9 non-polymer 'COPPER (II) ION'
10 water water
#
loop_
_entity_poly.entity_id
_entity_poly.type
_entity_poly.pdbx_seq_one_letter_code
_entity_poly.pdbx_strand_id
1 'polypeptide(L)'
;VALSRTQVCGILREELFQGDAFHQSDTHIFIIMGASGDLAKKKIYPTIWWLFRDGLLPENTFIVGYARSRLTVADIRKQS
EPFFKATPEEKLKLEDFFARNSYVAGQYDDAASYQRLNSHMNALHLGSQANRLFYLALPPTVYEAVTKNIHESCMSQIGW
NRIIVEKPFGRDLQSSDRLSNHISSLFREDQIYRIDHYLGKEMVQNLMVLRFANRIFGPIWNRDNIACVILTFKEPFGTE
GRGGYFDEFGIIRDVMQNHLLQMLCLVAMEKPASTNSDDVRDEKVKVLKCISEVQANNVVLGQYVGNPDGEGEATKGYLD
DPTVPRGSTTATFAAVVLYVENERWDGVPFILRCGKALNERKAEVRLQFHDVAGDIFHQQCKRNELVIRVQPNEAVYTKM
MTKKPGMFFNPEESELDLTYGNRYKNVKLPDAYERLILDVFCGSQMHFVRSDELREAWRIFTPLLHQIELEKPKPIPYIY
GSRGPTEADELMKRVGFQYEG
;
A
2 'polypeptide(L)'
;ALSRTQVCGILREELFQGDAFHQSDTHIFIIMGASGDLAKKKIYPTIWWLFRDGLLPENTFIVGYARSRLTVADIRKQSE
PFFKATPEEKLKLEDFFARNSYVAGQYDDAASYQRLNSHMNALHLGSQANRLFYLALPPTVYEAVTKNIHESCMSQIGWN
RIIVEKPFGRDLQSSDRLSNHISSLFREDQIYRIDHYLGKEMVQNLMVLRFANRIFGPIWNRDNIACVILTFKEPFGTEG
RGGYFDEFGIIRDVMQNHLLQMLCLVAMEKPASTNSDDVRDEKVKVLKCISEVQANNVVLGQYVGNPDGEGEATKGYLDD
PTVPRGSTTATFAAVVLYVENERWDGVPFILRCGKALNERKAEVRLQFHDVAGDIFHQQCKRNELVIRVQPNEAVYT
(ALY)MMTKKPGMFFNPEESELDLTYGNRYKNVKLPDAYERLILDVFCGSQMHFVRSDELREAWRIFTPLLHQIELEKPK
PIPYIYGSRGPTEADELMKRVGFQY
;
B
3 'polypeptide(L)'
;LSRTQVCGILREELFQGDAFHQSDTHIFIIMGASGDLAKKKIYPTIWWLFRDGLLPENTFIVGYARSRLTVADIRKQSEP
FFKATPEEKLKLEDFFARNSYVAGQYDDAASYQRLNSHMNALHLGSQANRLFYLALPPTVYEAVTKNIHESCMSQIGWNR
IIVEKPFGRDLQSSDRLSNHISSLFREDQIYRIDHYLGKEMVQNLMVLRFANRIFGPIWNRDNIACVILTFKEPFGTEGR
GGYFDEFGIIRDVMQNHLLQMLCLVAMEKPASTNSDDVRDEKVKVLKCISEVQANNVVLGQYVGNPDGEGEATKGYLDDP
TVPRGSTTATFAAVVLYVENERWDGVPFILRCGKALNERKAEVRLQFHDVAGDIFHQQCKRNELVIRVQPNEAVYT
(ALY)MMTKKPGMFFNPEESELDLTYGNRYKNVKLPDAYERLILDVFCGSQMHFVRSDELREAWRIFTPLLHQIELEKPK
PIPYIYGSRGPTEADELMKRVGFQY
;
C
4 'polypeptide(L)'
;VALSRTQVCGILREELFQGDAFHQSDTHIFIIMGASGDLAKKKIYPTIWWLFRDGLLPENTFIVGYARSRLTVADIRKQS
EPFFKATPEEKLKLEDFFARNSYVAGQYDDAASYQRLNSHMNALHLGSQANRLFYLALPPTVYEAVTKNIHESCMSQIGW
NRIIVEKPFGRDLQSSDRLSNHISSLFREDQIYRIDHYLGKEMVQNLMVLRFANRIFGPIWNRDNIACVILTFKEPFGTE
GRGGYFDEFGIIRDVMQNHLLQMLCLVAMEKPASTNSDDVRDEKVKVLKCISEVQANNVVLGQYVGNPDGEGEATKGYLD
DPTVPRGSTTATFAAVVLYVENERWDGVPFILRCGKALNERKAEVRLQFHDVAGDIFHQQCKRNELVIRVQPNEAVYT
(ALY)MMTKKPGMFFNPEESELDLTYGNRYKNVKLPDAYERLILDVFCGSQMHFVRSDELREAWRIFTPLLHQIELEKPK
PIPYIYGSRGPTEADELMKRVGFQY
;
D,H
5 'polypeptide(L)'
;VALSRTQVCGILREELFQGDAFHQSDTHIFIIMGASGDLAKKKIYPTIWWLFRDGLLPENTFIVGYARSRLTVADIRKQS
EPFFKATPEEKLKLEDFFARNSYVAGQYDDAASYQRLNSHMNALHLGSQANRLFYLALPPTVYEAVTKNIHESCMSQIGW
NRIIVEKPFGRDLQSSDRLSNHISSLFREDQIYRIDHYLGKEMVQNLMVLRFANRIFGPIWNRDNIACVILTFKEPFGTE
GRGGYFDEFGIIRDVMQNHLLQMLCLVAMEKPASTNSDDVRDEKVKVLKCISEVQANNVVLGQYVGNPDGEGEATKGYLD
DPTVPRGSTTATFAAVVLYVENERWDGVPFILRCGKALNERKAEVRLQFHDVAGDIFHQQCKRNELVIRVQPNEAVYT
(ALY)MMTKKPGMFFNPEESELDLTYGNRYKNVKLPDAYERLILDVFCGSQMHFVRSDELREAWRIFTPLLHQIELEKPK
PIPYIYGSRGPTEADELMKRVGFQYE
;
E
6 'polypeptide(L)'
;LSRTQVCGILREELFQGDAFHQSDTHIFIIMGASGDLAKKKIYPTIWWLFRDGLLPENTFIVGYARSRLTVADIRKQSEP
FFKATPEEKLKLEDFFARNSYVAGQYDDAASYQRLNSHMNALHLGSQANRLFYLALPPTVYEAVTKNIHESCMSQIGWNR
IIVEKPFGRDLQSSDRLSNHISSLFREDQIYRIDHYLGKEMVQNLMVLRFANRIFGPIWNRDNIACVILTFKEPFGTEGR
GGYFDEFGIIRDVMQNHLLQMLCLVAMEKPASTNSDDVRDEKVKVLKCISEVQANNVVLGQYVGNPDGEGEATKGYLDDP
TVPRGSTTATFAAVVLYVENERWDGVPFILRCGKALNERKAEVRLQFHDVAGDIFHQQCKRNELVIRVQPNEAVYTKMMT
KKPGMFFNPEESELDLTYGNRYKNVKLPDAYERLILDVFCGSQMHFVRSDELREAWRIFTPLLHQIELEKPKPIPYIYGS
RGPTEADELMKRVGFQY
;
F
7 'polypeptide(L)'
;SRTQVCGILREELFQGDAFHQSDTHIFIIMGASGDLAKKKIYPTIWWLFRDGLLPENTFIVGYARSRLTVADIRKQSEPF
FKATPEEKLKLEDFFARNSYVAGQYDDAASYQRLNSHMNALHLGSQANRLFYLALPPTVYEAVTKNIHESCMSQIGWNRI
IVEKPFGRDLQSSDRLSNHISSLFREDQIYRIDHYLGKEMVQNLMVLRFANRIFGPIWNRDNIACVILTFKEPFGTEGRG
GYFDEFGIIRDVMQNHLLQMLCLVAMEKPASTNSDDVRDEKVKVLKCISEVQANNVVLGQYVGNPDGEGEATKGYLDDPT
VPRGSTTATFAAVVLYVENERWDGVPFILRCGKALNERKAEVRLQFHDVAGDIFHQQCKRNELVIRVQPNEAVYT(ALY)
MMTKKPGMFFNPEESELDLTYGNRYKNVKLPDAYERLILDVFCGSQMHFVRSDELREAWRIFTPLLHQIELEKPKPIPYI
YGSRGPTEADELMKRVGFQY
;
G
#
# COMPACT_ATOMS: atom_id res chain seq x y z
N VAL A 1 60.42 13.01 47.51
CA VAL A 1 59.17 12.35 46.97
C VAL A 1 58.98 12.90 45.55
N ALA A 2 58.72 11.92 44.64
CA ALA A 2 58.35 12.11 43.24
C ALA A 2 56.88 12.51 43.15
N LEU A 3 56.61 13.27 42.09
CA LEU A 3 55.28 13.77 41.73
C LEU A 3 54.86 13.18 40.38
N SER A 4 53.78 12.36 40.38
CA SER A 4 53.20 11.83 39.16
C SER A 4 52.54 12.96 38.35
N ARG A 5 52.18 12.66 37.09
CA ARG A 5 51.39 13.57 36.25
C ARG A 5 50.05 13.99 36.91
N THR A 6 49.39 13.01 37.59
CA THR A 6 48.10 13.17 38.26
C THR A 6 48.18 14.01 39.52
N GLN A 7 49.32 13.97 40.22
CA GLN A 7 49.48 14.74 41.44
C GLN A 7 49.71 16.23 41.14
N VAL A 8 50.52 16.48 40.09
CA VAL A 8 50.74 17.82 39.55
C VAL A 8 49.42 18.46 39.11
N CYS A 9 48.55 17.70 38.40
CA CYS A 9 47.23 18.18 37.99
C CYS A 9 46.34 18.46 39.20
N GLY A 10 46.45 17.69 40.29
CA GLY A 10 45.72 17.99 41.51
C GLY A 10 46.07 19.34 42.11
N ILE A 11 47.37 19.64 42.10
CA ILE A 11 47.90 20.90 42.66
C ILE A 11 47.40 22.06 41.79
N LEU A 12 47.53 21.91 40.46
CA LEU A 12 47.07 22.92 39.52
C LEU A 12 45.55 23.17 39.62
N ARG A 13 44.71 22.11 39.68
CA ARG A 13 43.26 22.24 39.81
C ARG A 13 42.92 23.02 41.09
N GLU A 14 43.60 22.71 42.20
CA GLU A 14 43.36 23.37 43.47
C GLU A 14 43.70 24.86 43.35
N GLU A 15 44.77 25.19 42.61
CA GLU A 15 45.22 26.57 42.38
C GLU A 15 44.24 27.36 41.52
N LEU A 16 43.76 26.75 40.42
CA LEU A 16 42.71 27.31 39.56
C LEU A 16 41.45 27.63 40.36
N PHE A 17 41.04 26.70 41.24
CA PHE A 17 39.86 26.88 42.10
C PHE A 17 40.12 28.05 43.04
N GLN A 18 41.22 28.06 43.85
CA GLN A 18 41.40 29.17 44.80
C GLN A 18 41.58 30.51 44.06
N GLY A 19 42.21 30.57 42.86
CA GLY A 19 42.40 31.82 42.14
C GLY A 19 41.15 32.41 41.48
N ASP A 20 41.10 33.76 41.57
CA ASP A 20 40.03 34.59 41.03
C ASP A 20 40.04 34.67 39.50
N ALA A 21 41.17 34.33 38.89
CA ALA A 21 41.46 34.46 37.48
C ALA A 21 40.75 33.38 36.65
N PHE A 22 40.49 32.20 37.24
CA PHE A 22 39.98 31.06 36.47
C PHE A 22 38.44 30.97 36.25
N HIS A 23 37.59 31.08 37.26
CA HIS A 23 36.10 31.02 37.09
C HIS A 23 35.60 29.63 36.71
N GLN A 24 35.79 28.72 37.67
CA GLN A 24 35.40 27.31 37.57
C GLN A 24 33.88 27.16 37.45
N SER A 25 33.11 28.21 37.86
CA SER A 25 31.66 28.21 37.82
C SER A 25 31.06 28.72 36.50
N ASP A 26 31.75 29.64 35.78
CA ASP A 26 31.27 30.14 34.51
C ASP A 26 31.29 29.06 33.45
N THR A 27 30.35 29.22 32.50
CA THR A 27 30.32 28.47 31.28
C THR A 27 31.37 29.07 30.34
N HIS A 28 32.10 28.18 29.62
CA HIS A 28 33.10 28.62 28.65
C HIS A 28 32.82 27.92 27.34
N ILE A 29 32.99 28.65 26.25
CA ILE A 29 32.94 28.01 24.93
C ILE A 29 34.30 28.18 24.29
N PHE A 30 34.84 27.06 23.81
CA PHE A 30 36.12 27.02 23.12
C PHE A 30 35.85 26.79 21.63
N ILE A 31 36.07 27.82 20.80
CA ILE A 31 35.74 27.77 19.39
C ILE A 31 37.02 27.56 18.58
N ILE A 32 37.13 26.42 17.92
CA ILE A 32 38.22 26.15 17.01
C ILE A 32 37.81 26.52 15.58
N MET A 33 38.18 27.74 15.18
CA MET A 33 38.03 28.22 13.82
C MET A 33 39.13 27.54 12.98
N GLY A 34 38.73 26.76 11.96
CA GLY A 34 39.69 25.95 11.21
C GLY A 34 39.80 24.55 11.78
N ALA A 35 38.69 24.01 12.28
CA ALA A 35 38.63 22.72 12.98
C ALA A 35 38.95 21.52 12.10
N SER A 36 38.79 21.72 10.76
CA SER A 36 39.08 20.70 9.75
C SER A 36 40.59 20.59 9.48
N GLY A 37 41.35 21.68 9.66
CA GLY A 37 42.74 21.79 9.30
C GLY A 37 43.68 20.95 10.17
N ASP A 38 44.97 20.97 9.80
CA ASP A 38 45.96 20.08 10.41
C ASP A 38 46.25 20.45 11.87
N LEU A 39 46.40 21.75 12.11
CA LEU A 39 46.75 22.25 13.40
C LEU A 39 45.68 21.80 14.40
N ALA A 40 44.39 21.95 14.03
CA ALA A 40 43.31 21.53 14.89
C ALA A 40 43.39 20.04 15.18
N LYS A 41 43.53 19.27 14.09
CA LYS A 41 43.50 17.82 14.09
C LYS A 41 44.65 17.23 14.94
N LYS A 42 45.85 17.82 14.85
CA LYS A 42 47.05 17.21 15.42
C LYS A 42 47.45 17.84 16.75
N LYS A 43 47.09 19.11 17.01
CA LYS A 43 47.61 19.86 18.14
C LYS A 43 46.42 20.36 19.01
N ILE A 44 45.45 21.08 18.44
CA ILE A 44 44.46 21.77 19.25
C ILE A 44 43.43 20.83 19.87
N TYR A 45 42.82 19.95 19.08
CA TYR A 45 41.82 19.04 19.62
C TYR A 45 42.47 18.12 20.65
N PRO A 46 43.64 17.52 20.37
CA PRO A 46 44.33 16.72 21.38
C PRO A 46 44.60 17.49 22.65
N THR A 47 44.99 18.75 22.55
CA THR A 47 45.47 19.49 23.70
C THR A 47 44.29 19.90 24.59
N ILE A 48 43.16 20.34 23.97
CA ILE A 48 41.97 20.68 24.72
C ILE A 48 41.42 19.41 25.34
N TRP A 49 41.59 18.26 24.67
CA TRP A 49 41.32 16.97 25.29
C TRP A 49 42.20 16.74 26.52
N TRP A 50 43.50 17.06 26.45
CA TRP A 50 44.35 16.78 27.58
C TRP A 50 43.94 17.64 28.78
N LEU A 51 43.63 18.93 28.50
CA LEU A 51 43.09 19.81 29.52
C LEU A 51 41.82 19.22 30.15
N PHE A 52 40.90 18.74 29.32
CA PHE A 52 39.64 18.21 29.79
C PHE A 52 39.93 17.04 30.72
N ARG A 53 40.69 16.07 30.19
CA ARG A 53 41.08 14.83 30.85
C ARG A 53 41.81 15.09 32.17
N ASP A 54 42.63 16.15 32.23
CA ASP A 54 43.44 16.46 33.40
C ASP A 54 42.63 17.14 34.50
N GLY A 55 41.39 17.50 34.21
CA GLY A 55 40.49 18.11 35.15
C GLY A 55 40.78 19.59 35.28
N LEU A 56 41.27 20.18 34.19
CA LEU A 56 41.77 21.55 34.23
C LEU A 56 40.90 22.51 33.45
N LEU A 57 39.85 22.02 32.79
CA LEU A 57 38.89 22.94 32.17
C LEU A 57 37.78 23.25 33.16
N PRO A 58 37.12 24.41 33.07
CA PRO A 58 35.86 24.64 33.81
C PRO A 58 34.85 23.53 33.47
N GLU A 59 34.06 23.05 34.46
CA GLU A 59 33.15 21.92 34.29
C GLU A 59 32.20 22.10 33.08
N ASN A 60 31.73 23.33 32.84
CA ASN A 60 30.81 23.62 31.76
C ASN A 60 31.57 24.29 30.63
N THR A 61 32.25 23.44 29.86
CA THR A 61 33.04 23.93 28.73
C THR A 61 32.50 23.20 27.52
N PHE A 62 32.21 23.95 26.47
CA PHE A 62 31.78 23.38 25.22
C PHE A 62 32.85 23.67 24.17
N ILE A 63 33.04 22.72 23.26
CA ILE A 63 34.00 22.88 22.19
C ILE A 63 33.22 22.95 20.89
N VAL A 64 33.35 24.08 20.18
CA VAL A 64 32.67 24.27 18.92
C VAL A 64 33.73 24.39 17.82
N GLY A 65 33.74 23.39 16.94
CA GLY A 65 34.46 23.50 15.68
C GLY A 65 33.71 24.32 14.63
N TYR A 66 34.47 25.07 13.82
CA TYR A 66 33.97 25.80 12.69
C TYR A 66 34.98 25.77 11.54
N ALA A 67 34.54 25.31 10.36
CA ALA A 67 35.30 25.37 9.12
C ALA A 67 34.36 25.25 7.92
N ARG A 68 34.90 25.30 6.67
CA ARG A 68 34.10 25.27 5.44
C ARG A 68 33.49 23.86 5.26
N SER A 69 34.21 22.79 5.58
CA SER A 69 33.80 21.41 5.23
C SER A 69 32.55 21.04 6.02
N ARG A 70 31.67 20.22 5.41
CA ARG A 70 30.41 19.89 6.07
C ARG A 70 30.67 18.63 6.88
N LEU A 71 30.98 18.74 8.18
CA LEU A 71 31.48 17.60 8.95
C LEU A 71 30.59 17.39 10.19
N THR A 72 30.63 16.17 10.74
CA THR A 72 30.09 15.88 12.06
C THR A 72 31.23 15.83 13.09
N VAL A 73 30.87 15.81 14.37
CA VAL A 73 31.77 15.48 15.47
C VAL A 73 32.39 14.09 15.30
N ALA A 74 31.61 13.10 14.82
CA ALA A 74 32.11 11.77 14.48
C ALA A 74 33.30 11.87 13.49
N ASP A 75 33.26 12.81 12.51
CA ASP A 75 34.34 12.97 11.55
C ASP A 75 35.59 13.50 12.23
N ILE A 76 35.40 14.61 12.96
CA ILE A 76 36.43 15.26 13.78
C ILE A 76 37.14 14.20 14.64
N ARG A 77 36.36 13.43 15.37
CA ARG A 77 36.84 12.37 16.22
C ARG A 77 37.68 11.35 15.42
N LYS A 78 37.18 10.85 14.29
CA LYS A 78 37.94 9.88 13.51
C LYS A 78 39.32 10.44 13.11
N GLN A 79 39.40 11.68 12.58
CA GLN A 79 40.63 12.29 12.09
C GLN A 79 41.56 12.65 13.29
N SER A 80 41.03 13.13 14.45
CA SER A 80 41.84 13.66 15.57
C SER A 80 42.16 12.63 16.67
N GLU A 81 41.25 11.70 16.96
CA GLU A 81 41.44 10.84 18.10
C GLU A 81 42.78 10.12 18.09
N PRO A 82 43.35 9.65 16.95
CA PRO A 82 44.70 9.01 16.96
C PRO A 82 45.84 9.79 17.64
N PHE A 83 45.77 11.10 17.64
CA PHE A 83 46.73 12.00 18.26
C PHE A 83 46.44 12.34 19.73
N PHE A 84 45.38 11.76 20.29
CA PHE A 84 44.96 11.97 21.67
C PHE A 84 45.73 11.04 22.61
N LYS A 85 46.28 9.96 22.07
CA LYS A 85 47.00 8.91 22.76
C LYS A 85 46.16 8.38 23.90
N ALA A 86 44.90 8.08 23.63
CA ALA A 86 43.95 7.75 24.69
C ALA A 86 44.25 6.35 25.22
N THR A 87 44.11 6.12 26.54
CA THR A 87 44.36 4.80 27.12
C THR A 87 42.98 4.20 27.46
N PRO A 88 42.87 2.92 27.90
CA PRO A 88 41.57 2.37 28.32
C PRO A 88 40.92 3.06 29.50
N GLU A 89 41.73 3.53 30.48
CA GLU A 89 41.30 4.27 31.67
C GLU A 89 40.52 5.51 31.26
N GLU A 90 40.78 6.06 30.07
CA GLU A 90 40.18 7.32 29.66
C GLU A 90 38.91 7.11 28.80
N LYS A 91 38.37 5.88 28.69
CA LYS A 91 37.28 5.64 27.71
C LYS A 91 36.03 6.51 28.01
N LEU A 92 35.70 6.60 29.29
CA LEU A 92 34.54 7.33 29.80
C LEU A 92 34.74 8.84 29.66
N LYS A 93 35.92 9.34 30.07
CA LYS A 93 36.21 10.76 29.88
C LYS A 93 36.16 11.15 28.39
N LEU A 94 36.43 10.22 27.48
CA LEU A 94 36.49 10.53 26.07
C LEU A 94 35.07 10.69 25.54
N GLU A 95 34.17 9.83 26.01
CA GLU A 95 32.73 10.02 25.77
C GLU A 95 32.25 11.38 26.26
N ASP A 96 32.52 11.68 27.52
CA ASP A 96 32.12 12.94 28.16
C ASP A 96 32.68 14.13 27.35
N PHE A 97 33.93 14.01 26.85
CA PHE A 97 34.57 15.07 26.07
C PHE A 97 33.83 15.28 24.73
N PHE A 98 33.54 14.19 23.99
CA PHE A 98 32.92 14.34 22.68
C PHE A 98 31.46 14.79 22.77
N ALA A 99 30.80 14.50 23.92
CA ALA A 99 29.45 14.98 24.20
C ALA A 99 29.43 16.50 24.34
N ARG A 100 30.57 17.11 24.68
CA ARG A 100 30.69 18.56 24.84
C ARG A 100 31.11 19.24 23.52
N ASN A 101 31.27 18.43 22.49
CA ASN A 101 31.77 18.91 21.22
C ASN A 101 30.60 19.15 20.25
N SER A 102 30.72 20.11 19.36
CA SER A 102 29.80 20.33 18.24
C SER A 102 30.58 20.96 17.09
N TYR A 103 29.98 20.97 15.90
CA TYR A 103 30.62 21.52 14.72
C TYR A 103 29.62 22.35 13.92
N VAL A 104 30.06 23.48 13.37
CA VAL A 104 29.27 24.33 12.48
C VAL A 104 30.07 24.55 11.18
N ALA A 105 29.50 24.14 10.03
CA ALA A 105 30.08 24.43 8.71
C ALA A 105 29.82 25.89 8.34
N GLY A 106 30.81 26.58 7.77
CA GLY A 106 30.62 27.97 7.36
C GLY A 106 31.78 28.50 6.51
N GLN A 107 31.56 29.61 5.81
CA GLN A 107 32.60 30.33 5.09
C GLN A 107 33.26 31.34 6.06
N TYR A 108 34.49 31.75 5.75
CA TYR A 108 35.27 32.61 6.63
C TYR A 108 34.97 34.10 6.41
N ASP A 109 34.37 34.45 5.26
CA ASP A 109 33.93 35.82 4.98
C ASP A 109 32.43 35.90 4.65
N ASP A 110 31.60 35.18 5.39
CA ASP A 110 30.17 35.13 5.16
C ASP A 110 29.39 35.38 6.46
N ALA A 111 28.77 36.57 6.57
CA ALA A 111 28.06 37.02 7.76
C ALA A 111 26.93 36.05 8.16
N ALA A 112 26.22 35.46 7.21
CA ALA A 112 25.19 34.47 7.50
C ALA A 112 25.79 33.26 8.20
N SER A 113 26.98 32.81 7.76
CA SER A 113 27.63 31.64 8.35
C SER A 113 27.98 31.92 9.81
N TYR A 114 28.40 33.17 10.10
CA TYR A 114 28.77 33.56 11.45
C TYR A 114 27.54 33.73 12.35
N GLN A 115 26.39 34.14 11.79
CA GLN A 115 25.15 34.21 12.58
C GLN A 115 24.74 32.80 12.99
N ARG A 116 24.94 31.81 12.12
CA ARG A 116 24.60 30.45 12.49
C ARG A 116 25.48 30.00 13.67
N LEU A 117 26.78 30.33 13.60
CA LEU A 117 27.73 29.98 14.66
C LEU A 117 27.31 30.69 15.97
N ASN A 118 26.90 31.96 15.90
CA ASN A 118 26.45 32.70 17.07
C ASN A 118 25.19 32.09 17.68
N SER A 119 24.24 31.69 16.83
CA SER A 119 22.99 31.06 17.24
C SER A 119 23.27 29.73 17.86
N HIS A 120 24.20 29.00 17.25
CA HIS A 120 24.60 27.71 17.78
C HIS A 120 25.13 27.86 19.22
N MET A 121 25.92 28.92 19.44
CA MET A 121 26.53 29.15 20.72
C MET A 121 25.48 29.59 21.74
N ASN A 122 24.58 30.52 21.31
CA ASN A 122 23.48 31.00 22.12
C ASN A 122 22.59 29.86 22.57
N ALA A 123 22.49 28.82 21.74
CA ALA A 123 21.61 27.69 21.98
C ALA A 123 22.24 26.70 22.95
N LEU A 124 23.53 26.79 23.27
CA LEU A 124 24.13 25.94 24.29
C LEU A 124 23.57 26.37 25.65
N HIS A 125 23.55 25.45 26.64
CA HIS A 125 23.27 25.83 28.03
C HIS A 125 24.12 27.03 28.47
N LEU A 126 23.45 28.19 28.64
CA LEU A 126 23.98 29.44 29.14
C LEU A 126 24.92 30.05 28.12
N GLY A 127 24.71 29.74 26.83
CA GLY A 127 25.60 30.19 25.77
C GLY A 127 25.75 31.71 25.67
N SER A 128 24.67 32.45 25.99
CA SER A 128 24.61 33.90 25.83
C SER A 128 25.44 34.58 26.91
N GLN A 129 25.72 33.83 28.01
CA GLN A 129 26.51 34.33 29.14
C GLN A 129 27.95 33.81 29.19
N ALA A 130 28.25 32.73 28.45
CA ALA A 130 29.53 32.03 28.47
C ALA A 130 30.68 32.97 28.06
N ASN A 131 31.82 32.73 28.69
CA ASN A 131 33.10 33.23 28.21
C ASN A 131 33.31 32.56 26.85
N ARG A 132 33.80 33.33 25.87
CA ARG A 132 34.05 32.78 24.54
C ARG A 132 35.52 32.92 24.17
N LEU A 133 36.15 31.80 23.80
CA LEU A 133 37.57 31.70 23.50
C LEU A 133 37.73 31.17 22.09
N PHE A 134 38.16 32.06 21.18
CA PHE A 134 38.24 31.73 19.77
C PHE A 134 39.70 31.40 19.46
N TYR A 135 39.96 30.17 19.05
CA TYR A 135 41.22 29.74 18.51
C TYR A 135 41.24 29.92 17.00
N LEU A 136 42.01 30.90 16.49
CA LEU A 136 42.16 31.15 15.06
C LEU A 136 43.23 30.23 14.46
N ALA A 137 42.84 28.94 14.26
CA ALA A 137 43.63 27.89 13.67
C ALA A 137 43.51 27.90 12.14
N LEU A 138 43.94 29.02 11.55
CA LEU A 138 43.80 29.35 10.16
C LEU A 138 45.03 30.10 9.69
N PRO A 139 45.31 30.10 8.35
CA PRO A 139 46.43 30.92 7.82
C PRO A 139 46.14 32.40 8.13
N PRO A 140 47.13 33.30 8.40
CA PRO A 140 46.84 34.72 8.63
C PRO A 140 46.27 35.48 7.42
N THR A 141 46.31 34.87 6.24
CA THR A 141 45.68 35.46 5.06
C THR A 141 44.15 35.60 5.20
N VAL A 142 43.48 34.92 6.16
CA VAL A 142 42.05 35.08 6.42
C VAL A 142 41.75 35.76 7.77
N TYR A 143 42.79 36.23 8.49
CA TYR A 143 42.61 36.77 9.83
C TYR A 143 41.78 38.03 9.80
N GLU A 144 41.99 38.91 8.81
CA GLU A 144 41.23 40.13 8.76
C GLU A 144 39.76 39.79 8.63
N ALA A 145 39.39 38.83 7.77
CA ALA A 145 37.98 38.48 7.57
C ALA A 145 37.38 37.86 8.82
N VAL A 146 38.16 36.95 9.42
CA VAL A 146 37.67 36.15 10.52
C VAL A 146 37.49 37.04 11.75
N THR A 147 38.46 37.89 12.04
CA THR A 147 38.33 38.74 13.22
C THR A 147 37.22 39.78 13.00
N LYS A 148 37.02 40.27 11.76
CA LYS A 148 35.95 41.23 11.44
C LYS A 148 34.61 40.56 11.76
N ASN A 149 34.43 39.33 11.28
CA ASN A 149 33.15 38.67 11.37
C ASN A 149 32.85 38.27 12.81
N ILE A 150 33.89 37.85 13.55
CA ILE A 150 33.71 37.45 14.93
C ILE A 150 33.23 38.66 15.73
N HIS A 151 33.90 39.81 15.54
CA HIS A 151 33.51 41.04 16.20
C HIS A 151 32.06 41.46 15.86
N GLU A 152 31.66 41.36 14.59
CA GLU A 152 30.34 41.80 14.14
C GLU A 152 29.25 40.86 14.72
N SER A 153 29.44 39.54 14.72
CA SER A 153 28.38 38.59 14.91
C SER A 153 28.48 37.68 16.11
N CYS A 154 29.64 37.53 16.76
CA CYS A 154 29.86 36.36 17.60
C CYS A 154 30.30 36.68 19.03
N MET A 155 30.40 37.97 19.40
CA MET A 155 30.92 38.33 20.73
C MET A 155 29.88 38.12 21.82
N SER A 156 30.24 37.47 22.93
CA SER A 156 29.37 37.49 24.11
C SER A 156 29.15 38.94 24.54
N GLN A 157 27.93 39.25 25.01
CA GLN A 157 27.64 40.55 25.63
C GLN A 157 27.86 40.50 27.14
N ILE A 158 28.01 39.29 27.72
CA ILE A 158 28.05 39.05 29.15
C ILE A 158 29.46 38.52 29.49
N GLY A 159 29.88 37.38 28.93
CA GLY A 159 31.21 36.81 29.20
C GLY A 159 32.33 37.57 28.48
N TRP A 160 33.61 37.22 28.76
CA TRP A 160 34.71 37.78 28.02
C TRP A 160 34.80 37.10 26.66
N ASN A 161 35.53 37.77 25.77
CA ASN A 161 35.84 37.26 24.44
C ASN A 161 37.36 37.35 24.28
N ARG A 162 38.00 36.23 23.96
CA ARG A 162 39.46 36.19 23.80
C ARG A 162 39.78 35.46 22.51
N ILE A 163 40.80 35.95 21.79
CA ILE A 163 41.19 35.22 20.58
C ILE A 163 42.63 34.78 20.73
N ILE A 164 42.90 33.55 20.30
CA ILE A 164 44.27 33.08 20.12
C ILE A 164 44.67 33.18 18.67
N VAL A 165 45.79 33.87 18.44
CA VAL A 165 46.33 34.13 17.11
C VAL A 165 47.70 33.45 16.95
N GLU A 166 47.90 32.78 15.79
CA GLU A 166 49.10 32.03 15.41
C GLU A 166 49.97 32.82 14.44
N LYS A 167 51.27 32.54 14.59
CA LYS A 167 52.28 33.06 13.67
C LYS A 167 52.02 32.45 12.30
N PRO A 168 52.45 33.08 11.20
CA PRO A 168 53.20 34.35 11.22
C PRO A 168 52.44 35.63 11.60
N PHE A 169 53.09 36.48 12.44
CA PHE A 169 52.56 37.78 12.82
C PHE A 169 53.09 38.83 11.82
N GLY A 170 52.63 38.69 10.58
CA GLY A 170 53.27 39.37 9.46
C GLY A 170 54.59 38.75 9.07
N ARG A 171 55.28 39.44 8.15
CA ARG A 171 56.60 39.00 7.68
C ARG A 171 57.63 40.12 7.74
N ASP A 172 57.22 41.29 8.23
CA ASP A 172 58.08 42.44 8.46
C ASP A 172 57.26 43.49 9.25
N LEU A 173 57.85 44.66 9.50
CA LEU A 173 57.19 45.67 10.31
C LEU A 173 55.88 46.09 9.67
N GLN A 174 55.93 46.41 8.38
CA GLN A 174 54.77 46.98 7.69
C GLN A 174 53.59 46.00 7.66
N SER A 175 53.84 44.76 7.20
CA SER A 175 52.79 43.74 7.15
C SER A 175 52.27 43.37 8.55
N SER A 176 53.19 43.31 9.54
CA SER A 176 52.81 43.03 10.92
C SER A 176 51.86 44.13 11.44
N ASP A 177 52.25 45.39 11.22
CA ASP A 177 51.43 46.52 11.61
C ASP A 177 50.05 46.51 10.95
N ARG A 178 49.93 46.18 9.65
CA ARG A 178 48.63 46.14 9.01
C ARG A 178 47.73 45.16 9.75
N LEU A 179 48.24 43.96 10.01
CA LEU A 179 47.48 42.90 10.66
C LEU A 179 47.13 43.25 12.12
N SER A 180 48.12 43.81 12.82
CA SER A 180 47.98 44.06 14.23
C SER A 180 47.06 45.26 14.42
N ASN A 181 47.21 46.34 13.63
CA ASN A 181 46.29 47.46 13.64
C ASN A 181 44.87 47.04 13.29
N HIS A 182 44.71 46.12 12.36
CA HIS A 182 43.38 45.66 12.05
C HIS A 182 42.76 45.03 13.28
N ILE A 183 43.46 44.02 13.85
CA ILE A 183 42.92 43.26 14.97
C ILE A 183 42.71 44.17 16.19
N SER A 184 43.52 45.19 16.37
CA SER A 184 43.47 46.09 17.53
C SER A 184 42.33 47.08 17.41
N SER A 185 41.87 47.38 16.20
CA SER A 185 40.72 48.27 16.06
C SER A 185 39.44 47.56 16.51
N LEU A 186 39.48 46.22 16.67
CA LEU A 186 38.31 45.41 17.00
C LEU A 186 38.41 44.84 18.42
N PHE A 187 39.63 44.48 18.86
CA PHE A 187 39.88 43.75 20.10
C PHE A 187 40.85 44.55 20.96
N ARG A 188 40.56 44.65 22.27
CA ARG A 188 41.50 45.28 23.21
C ARG A 188 42.74 44.39 23.36
N GLU A 189 43.88 44.97 23.85
CA GLU A 189 45.10 44.16 24.07
C GLU A 189 44.82 42.99 25.02
N ASP A 190 43.88 43.18 25.99
CA ASP A 190 43.57 42.11 26.94
C ASP A 190 42.69 41.01 26.34
N GLN A 191 42.32 41.11 25.05
CA GLN A 191 41.60 40.03 24.37
C GLN A 191 42.48 39.30 23.35
N ILE A 192 43.68 39.83 23.08
CA ILE A 192 44.52 39.28 22.03
C ILE A 192 45.64 38.41 22.64
N TYR A 193 45.65 37.13 22.25
CA TYR A 193 46.63 36.13 22.65
C TYR A 193 47.45 35.65 21.46
N ARG A 194 48.57 36.34 21.17
CA ARG A 194 49.57 35.86 20.20
C ARG A 194 50.42 34.72 20.78
N ILE A 195 50.21 33.50 20.35
CA ILE A 195 50.77 32.33 20.99
C ILE A 195 52.14 31.94 20.42
N ASP A 196 52.97 31.41 21.34
CA ASP A 196 54.28 30.83 21.06
C ASP A 196 54.26 29.40 21.59
N HIS A 197 54.06 28.46 20.67
CA HIS A 197 54.02 27.01 20.95
C HIS A 197 55.26 26.54 21.68
N TYR A 198 56.37 27.26 21.57
CA TYR A 198 57.62 26.68 22.02
C TYR A 198 58.00 27.23 23.38
N LEU A 199 57.25 28.21 23.90
CA LEU A 199 57.58 28.75 25.20
C LEU A 199 57.25 27.74 26.29
N GLY A 200 58.33 27.29 26.96
CA GLY A 200 58.29 26.30 28.03
C GLY A 200 57.95 27.01 29.35
N LYS A 201 56.66 26.99 29.71
CA LYS A 201 56.09 27.76 30.79
C LYS A 201 56.75 27.32 32.11
N GLU A 202 56.97 26.02 32.34
CA GLU A 202 57.51 25.59 33.63
C GLU A 202 58.94 26.08 33.79
N MET A 203 59.76 25.98 32.74
CA MET A 203 61.17 26.35 32.85
C MET A 203 61.33 27.86 32.93
N VAL A 204 60.46 28.63 32.25
CA VAL A 204 60.53 30.07 32.33
C VAL A 204 60.19 30.57 33.73
N GLN A 205 59.22 29.92 34.39
CA GLN A 205 58.82 30.29 35.73
C GLN A 205 59.88 29.83 36.73
N ASN A 206 60.49 28.64 36.52
CA ASN A 206 61.63 28.21 37.35
C ASN A 206 62.70 29.32 37.35
N LEU A 207 63.17 29.65 36.16
CA LEU A 207 64.15 30.71 35.94
C LEU A 207 63.82 32.01 36.70
N MET A 208 62.55 32.45 36.67
CA MET A 208 62.19 33.70 37.32
C MET A 208 62.37 33.60 38.84
N VAL A 209 61.97 32.47 39.42
CA VAL A 209 62.19 32.28 40.84
C VAL A 209 63.70 32.22 41.14
N LEU A 210 64.47 31.52 40.30
CA LEU A 210 65.89 31.27 40.53
C LEU A 210 66.63 32.60 40.66
N ARG A 211 66.30 33.47 39.72
CA ARG A 211 66.97 34.76 39.61
C ARG A 211 66.47 35.75 40.67
N PHE A 212 65.14 35.88 40.80
CA PHE A 212 64.56 37.02 41.49
C PHE A 212 64.30 36.72 42.96
N ALA A 213 64.32 35.42 43.35
CA ALA A 213 64.07 35.05 44.74
C ALA A 213 65.36 34.82 45.55
N ASN A 214 66.53 34.95 44.91
CA ASN A 214 67.80 34.54 45.50
C ASN A 214 68.92 35.56 45.29
N ARG A 215 69.70 35.73 46.37
CA ARG A 215 70.95 36.45 46.32
C ARG A 215 72.05 35.67 45.60
N ILE A 216 71.94 34.37 45.39
CA ILE A 216 73.04 33.60 44.83
C ILE A 216 73.21 33.96 43.35
N PHE A 217 72.06 34.12 42.67
CA PHE A 217 72.06 34.33 41.21
C PHE A 217 71.75 35.77 40.76
N GLY A 218 70.92 36.49 41.50
CA GLY A 218 70.49 37.78 41.02
C GLY A 218 71.64 38.77 40.87
N PRO A 219 72.52 38.95 41.88
CA PRO A 219 73.59 39.93 41.77
C PRO A 219 74.63 39.72 40.69
N ILE A 220 74.73 38.53 40.07
CA ILE A 220 75.69 38.28 39.01
C ILE A 220 75.03 38.22 37.64
N TRP A 221 73.75 38.60 37.56
CA TRP A 221 72.96 38.55 36.33
C TRP A 221 73.13 39.82 35.52
N ASN A 222 74.36 40.09 35.08
CA ASN A 222 74.72 41.34 34.45
C ASN A 222 76.06 41.19 33.71
N ARG A 223 76.43 42.24 32.95
CA ARG A 223 77.64 42.33 32.12
C ARG A 223 78.95 42.27 32.90
N ASP A 224 78.95 42.64 34.20
CA ASP A 224 80.13 42.54 35.03
C ASP A 224 80.49 41.07 35.24
N ASN A 225 79.57 40.11 35.00
CA ASN A 225 79.77 38.72 35.35
C ASN A 225 79.48 37.73 34.22
N ILE A 226 78.71 38.14 33.22
CA ILE A 226 78.29 37.21 32.17
C ILE A 226 79.01 37.61 30.89
N ALA A 227 79.66 36.61 30.28
CA ALA A 227 80.45 36.84 29.09
C ALA A 227 79.56 36.76 27.84
N CYS A 228 78.63 35.84 27.80
CA CYS A 228 77.70 35.74 26.70
C CYS A 228 76.52 34.86 27.11
N VAL A 229 75.43 35.00 26.34
CA VAL A 229 74.22 34.21 26.50
C VAL A 229 73.91 33.53 25.16
N ILE A 230 73.63 32.24 25.20
CA ILE A 230 73.34 31.45 24.02
C ILE A 230 71.93 30.87 24.14
N LEU A 231 71.11 31.20 23.12
CA LEU A 231 69.76 30.67 22.95
C LEU A 231 69.79 29.75 21.73
N THR A 232 69.63 28.46 22.01
CA THR A 232 69.75 27.40 21.04
C THR A 232 68.39 26.79 20.75
N PHE A 233 68.04 26.65 19.44
CA PHE A 233 66.92 25.84 19.02
C PHE A 233 67.34 24.94 17.85
N LYS A 234 67.41 23.61 18.07
CA LYS A 234 67.86 22.66 17.08
C LYS A 234 66.86 21.53 16.83
N GLU A 235 66.55 21.26 15.55
CA GLU A 235 65.78 20.09 15.12
C GLU A 235 66.69 19.19 14.32
N PRO A 236 66.68 17.85 14.53
CA PRO A 236 67.48 16.93 13.71
C PRO A 236 66.86 16.51 12.35
N PHE A 237 65.55 16.80 12.17
CA PHE A 237 64.78 16.52 10.97
C PHE A 237 64.83 17.77 10.09
N GLY A 238 64.81 17.57 8.77
CA GLY A 238 64.62 18.62 7.79
C GLY A 238 63.14 18.91 7.55
N THR A 239 62.81 19.33 6.32
CA THR A 239 61.48 19.86 6.00
C THR A 239 60.49 18.75 5.66
N GLU A 240 60.97 17.51 5.41
CA GLU A 240 60.13 16.32 5.29
C GLU A 240 59.17 16.47 4.09
N GLY A 241 59.60 17.03 2.95
CA GLY A 241 58.73 17.18 1.79
C GLY A 241 57.60 18.21 1.97
N ARG A 242 57.69 19.08 2.99
CA ARG A 242 56.64 20.06 3.32
C ARG A 242 57.22 21.46 3.47
N GLY A 243 58.39 21.71 2.87
CA GLY A 243 59.10 22.96 3.12
C GLY A 243 58.60 24.14 2.28
N GLY A 244 57.65 23.91 1.36
CA GLY A 244 57.06 24.94 0.52
C GLY A 244 56.63 26.19 1.31
N TYR A 245 55.91 26.00 2.44
CA TYR A 245 55.42 27.12 3.25
C TYR A 245 56.59 27.82 3.97
N PHE A 246 57.40 27.03 4.71
CA PHE A 246 58.65 27.50 5.31
C PHE A 246 59.50 28.34 4.32
N ASP A 247 59.57 27.89 3.05
CA ASP A 247 60.44 28.51 2.07
C ASP A 247 60.16 29.99 1.91
N GLU A 248 58.91 30.42 2.17
CA GLU A 248 58.49 31.81 2.01
C GLU A 248 58.82 32.63 3.25
N PHE A 249 59.35 31.99 4.33
CA PHE A 249 59.61 32.66 5.60
C PHE A 249 61.08 32.61 5.98
N GLY A 250 61.68 31.41 5.95
CA GLY A 250 63.04 31.20 6.40
C GLY A 250 63.10 31.11 7.93
N ILE A 251 64.27 30.67 8.44
CA ILE A 251 64.46 30.20 9.81
C ILE A 251 64.36 31.38 10.80
N ILE A 252 64.86 32.55 10.41
CA ILE A 252 64.76 33.74 11.24
C ILE A 252 63.28 34.08 11.58
N ARG A 253 62.43 34.23 10.55
CA ARG A 253 61.01 34.55 10.75
C ARG A 253 60.31 33.41 11.48
N ASP A 254 60.70 32.18 11.16
CA ASP A 254 60.05 30.98 11.66
C ASP A 254 60.18 30.87 13.16
N VAL A 255 61.40 31.01 13.69
CA VAL A 255 61.63 30.68 15.10
C VAL A 255 62.41 31.75 15.86
N MET A 256 63.15 32.63 15.18
CA MET A 256 64.01 33.54 15.89
C MET A 256 63.34 34.86 16.25
N GLN A 257 62.68 35.50 15.28
CA GLN A 257 62.09 36.82 15.46
C GLN A 257 60.97 36.70 16.49
N ASN A 258 60.40 35.49 16.65
CA ASN A 258 59.27 35.28 17.56
C ASN A 258 59.76 34.60 18.85
N HIS A 259 59.99 33.28 18.78
CA HIS A 259 60.27 32.50 19.97
C HIS A 259 61.60 32.89 20.65
N LEU A 260 62.73 32.89 19.90
CA LEU A 260 64.04 33.10 20.52
C LEU A 260 64.16 34.50 21.10
N LEU A 261 63.54 35.46 20.45
CA LEU A 261 63.54 36.83 20.95
C LEU A 261 62.73 36.92 22.25
N GLN A 262 61.70 36.08 22.40
CA GLN A 262 60.99 36.10 23.65
C GLN A 262 61.92 35.58 24.76
N MET A 263 62.66 34.51 24.52
CA MET A 263 63.58 33.92 25.48
C MET A 263 64.68 34.93 25.87
N LEU A 264 65.20 35.65 24.88
CA LEU A 264 66.13 36.73 25.16
C LEU A 264 65.52 37.70 26.15
N CYS A 265 64.27 38.11 25.89
CA CYS A 265 63.62 39.10 26.72
C CYS A 265 63.50 38.60 28.14
N LEU A 266 63.21 37.29 28.32
CA LEU A 266 62.98 36.75 29.66
C LEU A 266 64.32 36.64 30.39
N VAL A 267 65.41 36.45 29.65
CA VAL A 267 66.74 36.41 30.22
C VAL A 267 67.22 37.81 30.59
N ALA A 268 67.02 38.78 29.69
CA ALA A 268 67.59 40.11 29.84
C ALA A 268 66.74 41.09 30.70
N MET A 269 65.44 40.81 30.91
CA MET A 269 64.55 41.76 31.52
C MET A 269 65.09 42.19 32.90
N GLU A 270 64.76 43.45 33.22
CA GLU A 270 64.83 43.89 34.59
C GLU A 270 63.74 43.20 35.41
N LYS A 271 63.95 43.22 36.73
CA LYS A 271 62.97 42.74 37.65
C LYS A 271 61.67 43.54 37.47
N PRO A 272 60.52 42.87 37.22
CA PRO A 272 59.26 43.61 37.08
C PRO A 272 58.81 44.18 38.41
N ALA A 273 57.98 45.23 38.36
CA ALA A 273 57.33 45.78 39.59
C ALA A 273 56.50 44.71 40.32
N SER A 274 55.99 43.73 39.59
CA SER A 274 55.22 42.65 40.18
C SER A 274 55.25 41.51 39.16
N THR A 275 54.65 40.37 39.51
CA THR A 275 54.50 39.25 38.60
C THR A 275 53.21 39.33 37.77
N ASN A 276 52.51 40.48 37.75
CA ASN A 276 51.40 40.70 36.84
C ASN A 276 51.90 40.61 35.41
N SER A 277 51.11 39.95 34.56
CA SER A 277 51.43 39.78 33.16
C SER A 277 51.90 41.07 32.50
N ASP A 278 51.27 42.22 32.77
CA ASP A 278 51.63 43.41 32.01
C ASP A 278 52.86 44.11 32.57
N ASP A 279 53.15 43.94 33.89
CA ASP A 279 54.42 44.43 34.43
C ASP A 279 55.57 43.66 33.77
N VAL A 280 55.40 42.34 33.61
CA VAL A 280 56.39 41.47 33.00
C VAL A 280 56.56 41.80 31.51
N ARG A 281 55.45 41.98 30.79
CA ARG A 281 55.56 42.30 29.37
C ARG A 281 56.13 43.72 29.22
N ASP A 282 55.84 44.63 30.15
CA ASP A 282 56.52 45.91 30.10
C ASP A 282 58.03 45.75 30.06
N GLU A 283 58.59 44.85 30.90
CA GLU A 283 60.01 44.64 31.00
C GLU A 283 60.56 43.96 29.74
N LYS A 284 59.79 43.02 29.16
CA LYS A 284 60.19 42.38 27.90
C LYS A 284 60.34 43.46 26.81
N VAL A 285 59.43 44.44 26.76
CA VAL A 285 59.46 45.50 25.77
C VAL A 285 60.61 46.49 25.99
N LYS A 286 60.87 46.89 27.24
CA LYS A 286 62.00 47.76 27.56
C LYS A 286 63.29 47.15 26.98
N VAL A 287 63.46 45.82 27.11
CA VAL A 287 64.64 45.15 26.57
C VAL A 287 64.74 45.40 25.07
N LEU A 288 63.66 45.10 24.32
CA LEU A 288 63.66 45.17 22.86
C LEU A 288 64.01 46.57 22.42
N LYS A 289 63.47 47.57 23.14
CA LYS A 289 63.77 48.95 22.81
C LYS A 289 65.25 49.29 23.00
N CYS A 290 66.00 48.47 23.72
CA CYS A 290 67.43 48.73 23.87
C CYS A 290 68.24 47.93 22.85
N ILE A 291 67.59 47.28 21.88
CA ILE A 291 68.32 46.49 20.88
C ILE A 291 68.28 47.23 19.53
N SER A 292 69.46 47.39 18.92
CA SER A 292 69.59 48.02 17.60
C SER A 292 69.24 47.04 16.48
N GLU A 293 68.91 47.60 15.31
CA GLU A 293 68.68 46.81 14.11
C GLU A 293 69.86 45.91 13.86
N VAL A 294 69.66 44.60 13.69
CA VAL A 294 70.79 43.69 13.59
C VAL A 294 71.44 43.81 12.20
N GLN A 295 72.79 43.78 12.19
CA GLN A 295 73.51 43.97 10.96
C GLN A 295 74.10 42.66 10.47
N ALA A 296 74.36 42.59 9.15
CA ALA A 296 74.66 41.35 8.45
C ALA A 296 75.97 40.70 8.92
N ASN A 297 76.96 41.52 9.33
CA ASN A 297 78.24 41.05 9.83
C ASN A 297 78.07 40.20 11.10
N ASN A 298 76.91 40.33 11.78
CA ASN A 298 76.56 39.56 12.96
C ASN A 298 75.62 38.39 12.65
N VAL A 299 75.60 37.94 11.41
CA VAL A 299 74.66 36.91 11.01
C VAL A 299 75.39 35.93 10.10
N VAL A 300 75.11 34.66 10.38
CA VAL A 300 75.55 33.56 9.56
C VAL A 300 74.32 32.72 9.17
N LEU A 301 74.08 32.55 7.86
CA LEU A 301 72.99 31.76 7.34
C LEU A 301 73.56 30.48 6.78
N GLY A 302 72.78 29.40 6.89
CA GLY A 302 73.12 28.13 6.27
C GLY A 302 71.87 27.50 5.64
N GLN A 303 72.13 26.52 4.75
CA GLN A 303 71.07 25.74 4.14
C GLN A 303 71.51 24.28 4.08
N TYR A 304 70.72 23.33 4.56
CA TYR A 304 71.20 21.94 4.58
C TYR A 304 71.25 21.28 3.20
N VAL A 305 72.24 20.40 3.07
CA VAL A 305 72.41 19.51 1.93
C VAL A 305 72.34 18.06 2.42
N GLY A 306 72.11 17.11 1.54
CA GLY A 306 72.03 15.71 1.94
C GLY A 306 73.37 15.20 2.47
N ASN A 307 73.30 14.15 3.28
CA ASN A 307 74.47 13.46 3.77
C ASN A 307 74.68 12.22 2.89
N PRO A 308 75.78 12.16 2.09
CA PRO A 308 76.05 11.00 1.23
C PRO A 308 76.06 9.68 2.02
N ASP A 309 76.50 9.73 3.30
CA ASP A 309 76.64 8.57 4.16
C ASP A 309 75.37 8.31 4.99
N GLY A 310 74.32 9.11 4.84
CA GLY A 310 73.15 8.94 5.68
C GLY A 310 72.20 7.84 5.24
N GLU A 311 71.10 7.68 5.98
CA GLU A 311 69.96 6.85 5.62
C GLU A 311 68.69 7.73 5.60
N GLY A 312 67.59 7.22 5.01
CA GLY A 312 66.30 7.89 5.02
C GLY A 312 66.39 9.30 4.46
N GLU A 313 65.59 10.19 5.07
CA GLU A 313 65.51 11.61 4.70
C GLU A 313 66.85 12.33 4.81
N ALA A 314 67.80 11.77 5.56
CA ALA A 314 69.05 12.45 5.85
C ALA A 314 69.92 12.59 4.59
N THR A 315 69.60 11.79 3.57
CA THR A 315 70.35 11.80 2.31
C THR A 315 69.90 12.93 1.40
N LYS A 316 68.82 13.64 1.75
CA LYS A 316 68.21 14.65 0.88
C LYS A 316 68.43 16.04 1.47
N GLY A 317 68.98 16.93 0.63
CA GLY A 317 69.10 18.36 0.94
C GLY A 317 67.77 19.12 0.94
N TYR A 318 67.86 20.40 1.30
CA TYR A 318 66.69 21.25 1.41
C TYR A 318 66.03 21.38 0.03
N LEU A 319 66.87 21.52 -1.02
CA LEU A 319 66.40 21.77 -2.36
C LEU A 319 65.80 20.49 -2.97
N ASP A 320 66.17 19.31 -2.44
CA ASP A 320 65.57 18.06 -2.85
C ASP A 320 64.15 17.93 -2.30
N ASP A 321 63.66 18.92 -1.53
CA ASP A 321 62.26 18.89 -1.16
C ASP A 321 61.47 19.24 -2.45
N PRO A 322 60.55 18.34 -2.89
CA PRO A 322 59.75 18.59 -4.10
C PRO A 322 58.94 19.89 -4.00
N THR A 323 58.53 20.34 -2.79
CA THR A 323 57.73 21.55 -2.66
C THR A 323 58.59 22.80 -2.50
N VAL A 324 59.90 22.69 -2.70
CA VAL A 324 60.81 23.82 -2.55
C VAL A 324 61.35 24.19 -3.93
N PRO A 325 61.21 25.48 -4.37
CA PRO A 325 61.83 25.98 -5.61
C PRO A 325 63.30 25.59 -5.76
N ARG A 326 63.66 25.14 -6.98
CA ARG A 326 65.03 24.98 -7.47
C ARG A 326 65.78 26.27 -7.15
N GLY A 327 67.00 26.19 -6.61
CA GLY A 327 67.75 27.39 -6.26
C GLY A 327 67.06 28.46 -5.37
N SER A 328 66.10 28.10 -4.49
CA SER A 328 65.75 28.90 -3.33
C SER A 328 67.02 29.24 -2.52
N THR A 329 67.14 30.47 -2.01
CA THR A 329 68.27 30.80 -1.13
C THR A 329 67.86 30.93 0.34
N THR A 330 66.72 30.31 0.70
CA THR A 330 66.14 30.43 2.04
C THR A 330 67.03 29.71 3.03
N ALA A 331 67.19 30.31 4.21
CA ALA A 331 68.04 29.75 5.25
C ALA A 331 67.26 28.72 6.08
N THR A 332 67.83 27.49 6.21
CA THR A 332 67.37 26.53 7.20
C THR A 332 68.12 26.60 8.55
N PHE A 333 69.18 27.46 8.60
CA PHE A 333 70.03 27.65 9.77
C PHE A 333 70.37 29.13 9.86
N ALA A 334 70.29 29.67 11.09
CA ALA A 334 70.85 30.99 11.34
C ALA A 334 71.54 31.03 12.72
N ALA A 335 72.65 31.75 12.79
CA ALA A 335 73.26 32.19 14.04
C ALA A 335 73.31 33.69 13.97
N VAL A 336 72.76 34.35 15.00
CA VAL A 336 72.63 35.79 15.04
C VAL A 336 73.10 36.33 16.40
N VAL A 337 73.74 37.50 16.39
CA VAL A 337 74.21 38.10 17.61
C VAL A 337 73.51 39.45 17.74
N LEU A 338 72.85 39.59 18.92
CA LEU A 338 72.21 40.83 19.32
C LEU A 338 72.90 41.35 20.57
N TYR A 339 72.74 42.68 20.74
CA TYR A 339 73.22 43.38 21.92
C TYR A 339 72.04 44.09 22.52
N VAL A 340 71.96 43.96 23.85
CA VAL A 340 71.09 44.80 24.64
C VAL A 340 71.93 45.95 25.21
N GLU A 341 71.64 47.15 24.69
CA GLU A 341 72.42 48.34 24.98
C GLU A 341 71.86 49.08 26.19
N ASN A 342 72.03 48.51 27.39
CA ASN A 342 71.59 49.17 28.61
C ASN A 342 72.61 48.87 29.73
N GLU A 343 72.31 49.34 30.95
CA GLU A 343 73.25 49.31 32.08
C GLU A 343 73.59 47.87 32.42
N ARG A 344 72.61 46.98 32.32
CA ARG A 344 72.77 45.62 32.77
C ARG A 344 73.59 44.77 31.78
N TRP A 345 73.48 45.07 30.46
CA TRP A 345 73.91 44.11 29.43
C TRP A 345 74.90 44.65 28.39
N ASP A 346 75.19 45.95 28.37
CA ASP A 346 75.94 46.48 27.25
C ASP A 346 77.26 45.72 27.08
N GLY A 347 77.51 45.28 25.85
CA GLY A 347 78.71 44.56 25.47
C GLY A 347 78.50 43.07 25.44
N VAL A 348 77.47 42.56 26.15
CA VAL A 348 77.26 41.13 26.28
C VAL A 348 76.56 40.58 25.01
N PRO A 349 77.21 39.70 24.24
CA PRO A 349 76.59 39.15 23.05
C PRO A 349 75.49 38.17 23.43
N PHE A 350 74.33 38.38 22.83
CA PHE A 350 73.26 37.40 22.90
C PHE A 350 73.20 36.66 21.57
N ILE A 351 73.55 35.37 21.63
CA ILE A 351 73.77 34.55 20.47
C ILE A 351 72.55 33.64 20.31
N LEU A 352 71.85 33.81 19.19
CA LEU A 352 70.66 33.05 18.87
C LEU A 352 71.11 32.08 17.78
N ARG A 353 70.97 30.79 18.02
CA ARG A 353 71.49 29.79 17.12
C ARG A 353 70.42 28.72 16.91
N CYS A 354 69.93 28.55 15.67
CA CYS A 354 68.84 27.62 15.40
C CYS A 354 68.97 27.00 14.02
N GLY A 355 68.40 25.80 13.83
CA GLY A 355 68.13 25.37 12.48
C GLY A 355 67.55 23.96 12.39
N LYS A 356 67.33 23.51 11.15
CA LYS A 356 66.84 22.17 10.84
C LYS A 356 67.98 21.27 10.39
N ALA A 357 67.73 19.95 10.40
CA ALA A 357 68.64 18.93 9.91
C ALA A 357 70.00 19.01 10.65
N LEU A 358 69.94 19.25 11.96
CA LEU A 358 71.14 19.37 12.78
C LEU A 358 71.34 18.04 13.53
N ASN A 359 72.30 18.03 14.48
CA ASN A 359 72.80 16.81 15.09
C ASN A 359 71.94 16.30 16.25
N GLU A 360 70.99 17.10 16.75
CA GLU A 360 70.16 16.70 17.88
C GLU A 360 68.95 17.64 18.01
N ARG A 361 67.98 17.22 18.82
CA ARG A 361 66.91 18.07 19.29
C ARG A 361 67.40 18.75 20.56
N LYS A 362 67.38 20.07 20.57
CA LYS A 362 67.74 20.81 21.79
C LYS A 362 67.04 22.15 21.76
N ALA A 363 66.49 22.54 22.90
CA ALA A 363 66.11 23.93 23.14
C ALA A 363 66.63 24.35 24.52
N GLU A 364 67.32 25.49 24.58
CA GLU A 364 68.26 25.71 25.68
C GLU A 364 68.63 27.17 25.80
N VAL A 365 68.75 27.63 27.04
CA VAL A 365 69.35 28.90 27.37
C VAL A 365 70.63 28.59 28.16
N ARG A 366 71.75 29.23 27.79
CA ARG A 366 73.04 28.99 28.44
C ARG A 366 73.61 30.38 28.79
N LEU A 367 73.93 30.61 30.09
CA LEU A 367 74.70 31.77 30.48
C LEU A 367 76.14 31.30 30.70
N GLN A 368 77.07 31.88 29.92
CA GLN A 368 78.48 31.62 30.18
C GLN A 368 79.11 32.81 30.92
N PHE A 369 79.56 32.57 32.16
CA PHE A 369 80.15 33.61 32.99
C PHE A 369 81.60 33.88 32.59
N HIS A 370 82.05 35.10 32.88
CA HIS A 370 83.44 35.49 32.78
C HIS A 370 84.33 34.59 33.64
N ASP A 371 85.60 34.55 33.21
CA ASP A 371 86.68 33.91 33.95
C ASP A 371 86.83 34.67 35.28
N VAL A 372 87.42 34.02 36.27
CA VAL A 372 87.69 34.69 37.51
C VAL A 372 88.74 35.77 37.22
N ALA A 373 88.61 36.90 37.93
CA ALA A 373 89.55 38.03 37.89
C ALA A 373 90.82 37.67 38.67
N GLY A 374 91.78 37.03 38.00
CA GLY A 374 93.00 36.55 38.63
C GLY A 374 92.81 35.14 39.14
N ASP A 375 93.53 34.20 38.54
CA ASP A 375 93.41 32.77 38.79
C ASP A 375 94.56 32.31 39.66
N ILE A 376 94.34 32.01 40.93
CA ILE A 376 95.41 31.55 41.86
C ILE A 376 95.60 30.03 41.81
N PHE A 377 94.94 29.39 40.85
CA PHE A 377 94.94 27.92 40.69
C PHE A 377 95.58 27.55 39.34
N HIS A 378 96.58 28.34 38.89
CA HIS A 378 97.40 28.03 37.72
C HIS A 378 96.52 27.83 36.48
N GLN A 379 95.54 28.71 36.26
CA GLN A 379 94.72 28.75 35.02
C GLN A 379 93.87 27.51 34.79
N GLN A 380 93.62 26.68 35.83
CA GLN A 380 92.82 25.47 35.70
C GLN A 380 91.31 25.74 35.76
N CYS A 381 90.87 26.99 35.93
CA CYS A 381 89.46 27.31 36.18
C CYS A 381 88.75 27.57 34.85
N LYS A 382 87.75 26.75 34.54
CA LYS A 382 86.86 26.98 33.41
C LYS A 382 85.72 27.91 33.86
N ARG A 383 85.23 28.67 32.87
CA ARG A 383 84.08 29.49 33.04
C ARG A 383 82.88 28.70 33.58
N ASN A 384 82.28 29.29 34.60
CA ASN A 384 81.02 28.82 35.13
C ASN A 384 79.95 29.01 34.06
N GLU A 385 78.97 28.09 34.06
CA GLU A 385 77.74 28.25 33.26
C GLU A 385 76.49 27.93 34.07
N LEU A 386 75.42 28.60 33.68
CA LEU A 386 74.05 28.24 34.06
C LEU A 386 73.30 27.85 32.79
N VAL A 387 72.74 26.63 32.80
CA VAL A 387 72.08 26.04 31.66
C VAL A 387 70.62 25.76 32.04
N ILE A 388 69.67 26.26 31.25
CA ILE A 388 68.28 25.87 31.32
C ILE A 388 67.93 25.17 30.01
N ARG A 389 67.80 23.85 30.05
CA ARG A 389 67.36 23.09 28.91
C ARG A 389 65.84 22.87 28.97
N VAL A 390 65.16 23.05 27.84
CA VAL A 390 63.72 22.88 27.76
C VAL A 390 63.45 21.53 27.07
N GLN A 391 63.99 21.26 25.87
CA GLN A 391 63.93 19.95 25.21
C GLN A 391 65.37 19.56 24.93
N PRO A 392 65.76 18.27 24.83
CA PRO A 392 64.86 17.13 24.90
C PRO A 392 64.27 16.87 26.29
N ASN A 393 65.04 17.03 27.39
CA ASN A 393 64.54 16.78 28.74
C ASN A 393 64.89 17.98 29.60
N GLU A 394 63.86 18.65 30.16
CA GLU A 394 63.96 19.82 31.01
C GLU A 394 65.02 19.63 32.10
N ALA A 395 65.86 20.64 32.36
CA ALA A 395 66.92 20.63 33.38
C ALA A 395 67.42 22.04 33.63
N VAL A 396 67.71 22.38 34.89
CA VAL A 396 68.47 23.58 35.23
C VAL A 396 69.73 23.11 35.96
N TYR A 397 70.90 23.53 35.50
CA TYR A 397 72.12 23.08 36.19
C TYR A 397 73.22 24.14 36.00
N THR A 398 74.25 24.03 36.82
CA THR A 398 75.26 25.07 36.84
C THR A 398 76.50 24.26 36.66
N LYS A 399 77.40 24.67 35.76
CA LYS A 399 78.77 24.15 35.71
C LYS A 399 79.62 24.97 36.67
N MET A 400 80.40 24.36 37.58
CA MET A 400 81.23 25.16 38.46
C MET A 400 82.49 24.38 38.85
N MET A 401 83.47 25.04 39.48
CA MET A 401 84.68 24.36 39.93
C MET A 401 84.60 23.90 41.38
N THR A 402 85.12 22.70 41.68
CA THR A 402 85.04 22.04 42.97
C THR A 402 86.43 21.48 43.32
N LYS A 403 86.77 21.28 44.59
CA LYS A 403 88.08 20.72 44.88
C LYS A 403 88.06 19.20 44.75
N LYS A 404 89.08 18.69 44.01
CA LYS A 404 89.43 17.28 44.00
C LYS A 404 90.03 16.92 45.35
N PRO A 405 89.63 15.83 46.06
CA PRO A 405 90.35 15.44 47.30
C PRO A 405 91.85 15.29 47.08
N GLY A 406 92.64 15.61 48.11
CA GLY A 406 94.08 15.63 47.93
C GLY A 406 94.76 16.87 48.51
N MET A 407 96.08 16.96 48.31
CA MET A 407 96.99 17.85 49.00
C MET A 407 96.81 19.33 48.63
N PHE A 408 96.82 19.71 47.33
CA PHE A 408 96.92 21.15 47.02
C PHE A 408 95.50 21.59 46.63
N PHE A 409 95.36 22.49 45.66
CA PHE A 409 94.03 22.93 45.30
C PHE A 409 93.85 22.63 43.82
N ASN A 410 93.37 21.43 43.51
CA ASN A 410 93.14 21.07 42.13
C ASN A 410 91.62 21.06 41.95
N PRO A 411 91.12 22.17 41.35
CA PRO A 411 89.71 22.31 41.00
C PRO A 411 89.37 21.45 39.77
N GLU A 412 88.20 20.83 39.74
CA GLU A 412 87.75 20.15 38.54
C GLU A 412 86.35 20.70 38.23
N GLU A 413 85.97 20.73 36.94
CA GLU A 413 84.65 21.16 36.51
C GLU A 413 83.66 20.11 37.01
N SER A 414 82.51 20.54 37.52
CA SER A 414 81.46 19.66 38.01
C SER A 414 80.11 20.27 37.58
N GLU A 415 79.00 19.50 37.64
CA GLU A 415 77.67 20.05 37.38
C GLU A 415 76.75 19.85 38.57
N LEU A 416 75.96 20.87 38.93
CA LEU A 416 74.95 20.68 39.95
C LEU A 416 73.56 20.81 39.33
N ASP A 417 72.70 19.84 39.62
CA ASP A 417 71.30 19.88 39.30
C ASP A 417 70.53 20.82 40.24
N LEU A 418 69.93 21.89 39.69
CA LEU A 418 69.19 22.90 40.46
C LEU A 418 67.67 22.83 40.22
N THR A 419 67.19 21.81 39.45
CA THR A 419 65.91 21.95 38.77
C THR A 419 64.77 22.25 39.80
N TYR A 420 64.55 21.32 40.74
CA TYR A 420 63.60 21.46 41.87
C TYR A 420 64.34 21.42 43.22
N GLY A 421 65.64 21.76 43.21
CA GLY A 421 66.55 21.65 44.34
C GLY A 421 66.76 20.20 44.76
N ASN A 422 66.59 19.93 46.08
CA ASN A 422 66.60 18.58 46.65
C ASN A 422 65.17 18.03 46.72
N ARG A 423 64.16 18.91 46.56
CA ARG A 423 62.79 18.61 46.97
C ARG A 423 62.18 17.43 46.18
N TYR A 424 62.17 17.51 44.83
CA TYR A 424 61.33 16.62 44.01
C TYR A 424 62.21 15.82 43.05
N LYS A 425 62.29 14.49 43.27
CA LYS A 425 63.17 13.55 42.57
C LYS A 425 62.85 13.45 41.07
N ASN A 426 61.66 12.93 40.76
CA ASN A 426 61.10 12.75 39.43
C ASN A 426 59.89 13.69 39.38
N VAL A 427 59.58 14.26 38.21
CA VAL A 427 58.44 15.17 38.05
C VAL A 427 57.87 15.00 36.63
N LYS A 428 56.60 14.58 36.47
CA LYS A 428 55.94 14.58 35.16
C LYS A 428 54.93 15.73 35.10
N LEU A 429 55.24 16.71 34.24
CA LEU A 429 54.43 17.90 34.03
C LEU A 429 53.50 17.71 32.84
N PRO A 430 52.34 18.41 32.80
CA PRO A 430 51.65 18.75 31.57
C PRO A 430 52.55 19.50 30.58
N ASP A 431 52.50 19.07 29.33
CA ASP A 431 52.99 19.83 28.18
C ASP A 431 52.87 21.34 28.38
N ALA A 432 53.88 22.07 27.97
CA ALA A 432 53.90 23.53 27.99
C ALA A 432 52.75 24.14 27.18
N TYR A 433 52.37 23.52 26.05
CA TYR A 433 51.32 24.07 25.17
C TYR A 433 49.94 23.91 25.83
N GLU A 434 49.71 22.76 26.46
CA GLU A 434 48.56 22.53 27.31
C GLU A 434 48.44 23.67 28.34
N ARG A 435 49.56 24.06 28.96
CA ARG A 435 49.61 25.07 30.01
C ARG A 435 49.36 26.45 29.40
N LEU A 436 49.74 26.62 28.13
CA LEU A 436 49.61 27.91 27.45
C LEU A 436 48.13 28.19 27.13
N ILE A 437 47.39 27.15 26.73
CA ILE A 437 45.97 27.33 26.45
C ILE A 437 45.22 27.58 27.74
N LEU A 438 45.63 26.85 28.78
CA LEU A 438 45.09 27.09 30.10
C LEU A 438 45.29 28.53 30.55
N ASP A 439 46.43 29.14 30.22
CA ASP A 439 46.68 30.54 30.55
C ASP A 439 45.56 31.42 29.99
N VAL A 440 45.03 31.10 28.80
CA VAL A 440 44.05 31.97 28.16
C VAL A 440 42.74 31.84 28.96
N PHE A 441 42.39 30.63 29.39
CA PHE A 441 41.25 30.48 30.31
C PHE A 441 41.43 31.33 31.58
N CYS A 442 42.68 31.51 32.05
CA CYS A 442 42.99 32.19 33.30
C CYS A 442 43.22 33.68 33.12
N GLY A 443 43.17 34.19 31.90
CA GLY A 443 43.39 35.61 31.66
C GLY A 443 44.85 36.02 31.82
N SER A 444 45.80 35.10 31.61
CA SER A 444 47.23 35.37 31.85
C SER A 444 48.02 35.56 30.54
N GLN A 445 48.44 36.81 30.25
CA GLN A 445 49.00 37.20 28.96
C GLN A 445 50.55 37.27 28.96
N MET A 446 51.18 37.00 30.14
CA MET A 446 52.63 37.04 30.38
C MET A 446 53.47 36.50 29.21
N HIS A 447 53.15 35.30 28.71
CA HIS A 447 53.93 34.56 27.72
C HIS A 447 53.38 34.68 26.30
N PHE A 448 52.55 35.70 26.07
CA PHE A 448 52.02 35.98 24.74
C PHE A 448 52.49 37.35 24.34
N VAL A 449 52.80 37.48 23.06
CA VAL A 449 53.47 38.67 22.56
C VAL A 449 52.49 39.82 22.45
N ARG A 450 52.89 40.96 23.03
CA ARG A 450 52.09 42.14 23.07
C ARG A 450 52.33 42.98 21.82
N SER A 451 51.35 43.85 21.44
CA SER A 451 51.45 44.62 20.20
C SER A 451 52.73 45.45 20.13
N ASP A 452 53.06 46.16 21.22
CA ASP A 452 54.22 47.04 21.26
C ASP A 452 55.52 46.22 21.15
N GLU A 453 55.54 45.07 21.83
CA GLU A 453 56.60 44.06 21.86
C GLU A 453 56.83 43.56 20.45
N LEU A 454 55.74 43.23 19.74
CA LEU A 454 55.82 42.74 18.38
C LEU A 454 56.48 43.77 17.45
N ARG A 455 56.09 45.04 17.57
CA ARG A 455 56.63 46.07 16.69
C ARG A 455 58.15 46.15 16.87
N GLU A 456 58.61 46.09 18.14
CA GLU A 456 60.03 46.16 18.45
C GLU A 456 60.76 44.96 17.83
N ALA A 457 60.15 43.78 17.90
CA ALA A 457 60.72 42.57 17.31
C ALA A 457 60.94 42.76 15.81
N TRP A 458 59.95 43.37 15.11
CA TRP A 458 60.06 43.56 13.68
C TRP A 458 61.06 44.67 13.35
N ARG A 459 61.14 45.72 14.16
CA ARG A 459 62.11 46.80 13.95
C ARG A 459 63.52 46.25 13.94
N ILE A 460 63.79 45.36 14.89
CA ILE A 460 65.11 44.75 15.07
C ILE A 460 65.49 43.94 13.82
N PHE A 461 64.58 43.12 13.29
CA PHE A 461 64.91 42.18 12.23
C PHE A 461 64.56 42.66 10.82
N THR A 462 63.80 43.75 10.65
CA THR A 462 63.20 44.01 9.33
C THR A 462 64.27 44.46 8.35
N PRO A 463 65.17 45.43 8.70
CA PRO A 463 66.24 45.83 7.75
C PRO A 463 66.99 44.61 7.23
N LEU A 464 67.36 43.69 8.12
CA LEU A 464 68.11 42.52 7.70
C LEU A 464 67.29 41.63 6.77
N LEU A 465 66.04 41.35 7.12
CA LEU A 465 65.22 40.46 6.29
C LEU A 465 65.01 41.05 4.89
N HIS A 466 64.84 42.39 4.82
CA HIS A 466 64.68 43.05 3.54
C HIS A 466 65.98 42.90 2.74
N GLN A 467 67.12 43.11 3.41
CA GLN A 467 68.41 43.02 2.76
C GLN A 467 68.64 41.61 2.18
N ILE A 468 68.28 40.57 2.96
CA ILE A 468 68.42 39.19 2.51
C ILE A 468 67.55 39.00 1.26
N GLU A 469 66.30 39.49 1.28
CA GLU A 469 65.39 39.28 0.16
C GLU A 469 65.88 39.98 -1.11
N LEU A 470 66.47 41.16 -0.96
CA LEU A 470 66.92 41.99 -2.07
C LEU A 470 68.30 41.56 -2.58
N GLU A 471 69.27 41.25 -1.72
CA GLU A 471 70.61 40.91 -2.19
C GLU A 471 70.71 39.39 -2.42
N LYS A 472 69.72 38.61 -1.97
CA LYS A 472 69.67 37.15 -2.14
C LYS A 472 71.05 36.54 -1.89
N PRO A 473 71.69 36.72 -0.69
CA PRO A 473 72.97 36.07 -0.40
C PRO A 473 72.75 34.55 -0.37
N LYS A 474 73.73 33.83 -0.90
CA LYS A 474 73.70 32.38 -0.99
C LYS A 474 73.96 31.86 0.42
N PRO A 475 73.08 31.09 1.11
CA PRO A 475 73.42 30.58 2.44
C PRO A 475 74.49 29.50 2.34
N ILE A 476 75.24 29.31 3.45
CA ILE A 476 76.34 28.38 3.50
C ILE A 476 75.81 26.97 3.68
N PRO A 477 76.27 26.01 2.85
CA PRO A 477 75.78 24.63 2.96
C PRO A 477 76.31 23.93 4.21
N TYR A 478 75.52 22.98 4.72
CA TYR A 478 75.90 22.21 5.89
C TYR A 478 75.24 20.86 5.76
N ILE A 479 76.02 19.81 6.05
CA ILE A 479 75.58 18.44 5.85
C ILE A 479 74.49 18.18 6.87
N TYR A 480 73.41 17.53 6.41
CA TYR A 480 72.35 17.00 7.25
C TYR A 480 72.94 16.16 8.38
N GLY A 481 72.65 16.58 9.62
CA GLY A 481 73.03 15.86 10.81
C GLY A 481 74.27 16.44 11.47
N SER A 482 74.88 17.47 10.86
CA SER A 482 75.99 18.21 11.42
C SER A 482 75.48 19.29 12.37
N ARG A 483 76.39 20.09 12.93
CA ARG A 483 76.02 21.18 13.83
C ARG A 483 75.79 22.47 13.04
N GLY A 484 75.92 22.42 11.71
CA GLY A 484 75.73 23.60 10.89
C GLY A 484 77.05 24.20 10.44
N PRO A 485 77.02 25.34 9.72
CA PRO A 485 78.23 25.93 9.14
C PRO A 485 79.24 26.29 10.22
N THR A 486 80.52 25.99 9.94
CA THR A 486 81.56 26.17 10.94
C THR A 486 81.74 27.68 11.10
N GLU A 487 81.33 28.49 10.09
CA GLU A 487 81.36 29.97 10.22
C GLU A 487 80.53 30.50 11.40
N ALA A 488 79.52 29.72 11.84
CA ALA A 488 78.73 30.06 13.01
C ALA A 488 79.61 29.96 14.27
N ASP A 489 80.40 28.88 14.37
CA ASP A 489 81.43 28.70 15.41
C ASP A 489 82.39 29.88 15.45
N GLU A 490 82.84 30.36 14.26
CA GLU A 490 83.77 31.47 14.18
C GLU A 490 83.13 32.77 14.68
N LEU A 491 81.85 33.01 14.33
CA LEU A 491 81.15 34.20 14.80
C LEU A 491 81.04 34.16 16.33
N MET A 492 80.71 33.00 16.87
CA MET A 492 80.60 32.84 18.31
C MET A 492 81.94 33.08 19.02
N LYS A 493 83.06 32.47 18.56
CA LYS A 493 84.41 32.73 19.09
C LYS A 493 84.75 34.22 18.98
N ARG A 494 84.43 34.83 17.85
CA ARG A 494 84.78 36.23 17.61
C ARG A 494 84.12 37.14 18.64
N VAL A 495 82.91 36.81 19.14
CA VAL A 495 82.20 37.76 20.00
C VAL A 495 82.39 37.42 21.49
N GLY A 496 83.08 36.32 21.83
CA GLY A 496 83.54 36.09 23.21
C GLY A 496 83.23 34.71 23.77
N PHE A 497 82.71 33.78 22.97
CA PHE A 497 82.27 32.48 23.47
C PHE A 497 83.46 31.53 23.44
N GLN A 498 83.55 30.59 24.43
CA GLN A 498 84.55 29.55 24.53
C GLN A 498 84.01 28.12 24.45
N TYR A 499 84.57 27.32 23.52
CA TYR A 499 84.20 25.92 23.31
C TYR A 499 84.97 25.16 24.36
N GLU A 500 84.54 23.90 24.57
CA GLU A 500 84.83 23.10 25.75
C GLU A 500 86.01 22.15 25.48
N GLY A 501 87.13 22.67 24.89
CA GLY A 501 88.32 21.84 24.64
C GLY A 501 89.51 22.61 24.05
N ALA B 1 69.77 -7.22 -11.16
CA ALA B 1 69.81 -5.73 -11.06
C ALA B 1 68.71 -5.03 -11.88
N LEU B 2 67.40 -5.12 -11.50
CA LEU B 2 66.26 -4.83 -12.39
C LEU B 2 65.25 -3.83 -11.82
N SER B 3 65.18 -2.60 -12.34
CA SER B 3 64.34 -1.54 -11.80
C SER B 3 62.87 -1.80 -12.12
N ARG B 4 61.96 -1.04 -11.52
CA ARG B 4 60.52 -1.10 -11.84
C ARG B 4 60.22 -0.85 -13.32
N THR B 5 60.96 0.10 -13.93
CA THR B 5 60.79 0.56 -15.31
C THR B 5 61.35 -0.50 -16.31
N GLN B 6 62.37 -1.27 -15.90
CA GLN B 6 62.94 -2.27 -16.79
C GLN B 6 62.05 -3.53 -16.83
N VAL B 7 61.48 -3.90 -15.67
CA VAL B 7 60.46 -4.94 -15.57
C VAL B 7 59.25 -4.64 -16.47
N CYS B 8 58.77 -3.38 -16.49
CA CYS B 8 57.67 -2.98 -17.38
C CYS B 8 58.09 -3.07 -18.84
N GLY B 9 59.37 -2.79 -19.18
CA GLY B 9 59.87 -3.00 -20.54
C GLY B 9 59.76 -4.46 -21.01
N ILE B 10 60.12 -5.40 -20.11
CA ILE B 10 60.11 -6.83 -20.41
C ILE B 10 58.64 -7.27 -20.60
N LEU B 11 57.77 -6.85 -19.66
CA LEU B 11 56.34 -7.14 -19.75
C LEU B 11 55.70 -6.61 -21.05
N ARG B 12 55.97 -5.35 -21.42
CA ARG B 12 55.43 -4.73 -22.63
C ARG B 12 55.86 -5.52 -23.86
N GLU B 13 57.13 -5.93 -23.88
CA GLU B 13 57.69 -6.67 -25.01
C GLU B 13 56.94 -8.00 -25.15
N GLU B 14 56.62 -8.64 -24.01
CA GLU B 14 55.94 -9.93 -23.98
C GLU B 14 54.48 -9.83 -24.44
N LEU B 15 53.78 -8.79 -23.97
CA LEU B 15 52.43 -8.47 -24.41
C LEU B 15 52.37 -8.26 -25.93
N PHE B 16 53.35 -7.49 -26.45
CA PHE B 16 53.44 -7.21 -27.87
C PHE B 16 53.69 -8.50 -28.64
N GLN B 17 54.71 -9.31 -28.29
CA GLN B 17 54.99 -10.55 -29.02
C GLN B 17 53.78 -11.49 -28.96
N GLY B 18 53.11 -11.63 -27.82
CA GLY B 18 52.07 -12.64 -27.64
C GLY B 18 50.72 -12.28 -28.25
N ASP B 19 50.08 -13.36 -28.75
CA ASP B 19 48.86 -13.30 -29.56
C ASP B 19 47.63 -13.01 -28.71
N ALA B 20 47.71 -13.25 -27.40
CA ALA B 20 46.58 -13.18 -26.47
C ALA B 20 46.27 -11.73 -26.09
N PHE B 21 47.26 -10.84 -26.18
CA PHE B 21 47.11 -9.42 -25.91
C PHE B 21 47.18 -8.70 -27.26
N HIS B 22 46.05 -8.09 -27.62
CA HIS B 22 45.83 -7.41 -28.88
C HIS B 22 46.08 -5.91 -28.69
N GLN B 23 47.36 -5.50 -28.84
CA GLN B 23 47.81 -4.14 -28.54
C GLN B 23 47.14 -3.11 -29.45
N SER B 24 46.71 -3.59 -30.65
CA SER B 24 46.16 -2.73 -31.69
C SER B 24 44.65 -2.53 -31.60
N ASP B 25 43.92 -3.52 -31.10
CA ASP B 25 42.48 -3.46 -30.91
C ASP B 25 42.09 -2.48 -29.83
N THR B 26 40.90 -1.88 -30.04
CA THR B 26 40.31 -0.96 -29.09
C THR B 26 39.76 -1.74 -27.88
N HIS B 27 40.00 -1.21 -26.68
CA HIS B 27 39.46 -1.81 -25.47
C HIS B 27 38.68 -0.72 -24.72
N ILE B 28 37.57 -1.15 -24.15
CA ILE B 28 36.89 -0.27 -23.20
C ILE B 28 36.92 -0.98 -21.84
N PHE B 29 37.36 -0.21 -20.83
CA PHE B 29 37.38 -0.67 -19.45
C PHE B 29 36.26 0.05 -18.71
N ILE B 30 35.22 -0.70 -18.33
CA ILE B 30 34.05 -0.11 -17.71
C ILE B 30 34.10 -0.40 -16.21
N ILE B 31 34.17 0.66 -15.42
CA ILE B 31 34.09 0.51 -13.97
C ILE B 31 32.65 0.77 -13.52
N MET B 32 31.93 -0.34 -13.31
CA MET B 32 30.58 -0.28 -12.76
C MET B 32 30.73 -0.09 -11.25
N GLY B 33 30.19 1.00 -10.71
CA GLY B 33 30.44 1.36 -9.33
C GLY B 33 31.63 2.33 -9.18
N ALA B 34 31.79 3.22 -10.17
CA ALA B 34 32.95 4.10 -10.28
C ALA B 34 33.04 5.15 -9.17
N SER B 35 31.89 5.42 -8.51
CA SER B 35 31.79 6.38 -7.43
C SER B 35 32.26 5.76 -6.11
N GLY B 36 32.14 4.41 -5.97
CA GLY B 36 32.41 3.68 -4.75
C GLY B 36 33.89 3.68 -4.35
N ASP B 37 34.19 3.13 -3.19
CA ASP B 37 35.48 3.30 -2.56
C ASP B 37 36.55 2.46 -3.27
N LEU B 38 36.18 1.22 -3.60
CA LEU B 38 37.10 0.32 -4.26
C LEU B 38 37.54 0.98 -5.57
N ALA B 39 36.63 1.57 -6.36
CA ALA B 39 36.98 2.23 -7.59
C ALA B 39 37.94 3.39 -7.32
N LYS B 40 37.57 4.22 -6.38
CA LYS B 40 38.25 5.47 -6.04
C LYS B 40 39.68 5.18 -5.56
N LYS B 41 39.86 4.13 -4.73
CA LYS B 41 41.10 3.92 -4.02
C LYS B 41 41.98 2.85 -4.65
N LYS B 42 41.41 1.89 -5.39
CA LYS B 42 42.14 0.72 -5.89
C LYS B 42 42.02 0.66 -7.43
N ILE B 43 40.80 0.69 -8.01
CA ILE B 43 40.65 0.42 -9.44
C ILE B 43 41.11 1.56 -10.33
N TYR B 44 40.69 2.80 -10.07
CA TYR B 44 41.12 3.91 -10.91
C TYR B 44 42.62 4.09 -10.82
N PRO B 45 43.23 4.08 -9.61
CA PRO B 45 44.68 4.13 -9.49
C PRO B 45 45.37 3.02 -10.28
N THR B 46 44.83 1.79 -10.24
CA THR B 46 45.52 0.64 -10.81
C THR B 46 45.47 0.66 -12.34
N ILE B 47 44.30 1.05 -12.91
CA ILE B 47 44.18 1.18 -14.34
C ILE B 47 45.07 2.34 -14.80
N TRP B 48 45.18 3.38 -13.97
CA TRP B 48 46.17 4.43 -14.21
C TRP B 48 47.60 3.86 -14.24
N TRP B 49 47.94 2.97 -13.31
CA TRP B 49 49.30 2.47 -13.28
C TRP B 49 49.61 1.68 -14.56
N LEU B 50 48.65 0.84 -14.96
CA LEU B 50 48.77 0.10 -16.20
C LEU B 50 48.98 1.05 -17.38
N PHE B 51 48.17 2.14 -17.43
CA PHE B 51 48.24 3.08 -18.53
C PHE B 51 49.65 3.65 -18.57
N ARG B 52 50.07 4.22 -17.44
CA ARG B 52 51.34 4.89 -17.25
C ARG B 52 52.53 3.96 -17.56
N ASP B 53 52.41 2.68 -17.23
CA ASP B 53 53.48 1.70 -17.42
C ASP B 53 53.62 1.23 -18.86
N GLY B 54 52.68 1.65 -19.73
CA GLY B 54 52.67 1.32 -21.14
C GLY B 54 52.14 -0.08 -21.36
N LEU B 55 51.29 -0.55 -20.47
CA LEU B 55 50.86 -1.95 -20.45
C LEU B 55 49.37 -2.11 -20.84
N LEU B 56 48.68 -1.02 -21.11
CA LEU B 56 47.36 -1.12 -21.71
C LEU B 56 47.52 -1.07 -23.23
N PRO B 57 46.57 -1.65 -23.99
CA PRO B 57 46.50 -1.40 -25.43
C PRO B 57 46.41 0.10 -25.72
N GLU B 58 47.06 0.57 -26.82
CA GLU B 58 47.15 2.00 -27.16
C GLU B 58 45.76 2.67 -27.18
N ASN B 59 44.72 1.96 -27.66
CA ASN B 59 43.39 2.52 -27.75
C ASN B 59 42.50 1.99 -26.63
N THR B 60 42.69 2.54 -25.43
CA THR B 60 41.93 2.06 -24.28
C THR B 60 41.16 3.25 -23.73
N PHE B 61 39.85 3.05 -23.49
CA PHE B 61 39.02 4.07 -22.91
C PHE B 61 38.53 3.52 -21.56
N ILE B 62 38.38 4.46 -20.60
CA ILE B 62 37.83 4.10 -19.30
C ILE B 62 36.46 4.78 -19.18
N VAL B 63 35.42 3.96 -19.00
CA VAL B 63 34.09 4.44 -18.74
C VAL B 63 33.67 4.09 -17.30
N GLY B 64 33.47 5.12 -16.49
CA GLY B 64 32.77 5.00 -15.21
C GLY B 64 31.25 4.95 -15.37
N TYR B 65 30.61 4.11 -14.53
CA TYR B 65 29.15 4.04 -14.45
C TYR B 65 28.74 3.80 -12.99
N ALA B 66 27.89 4.70 -12.45
CA ALA B 66 27.27 4.55 -11.14
C ALA B 66 26.00 5.42 -11.10
N ARG B 67 25.27 5.41 -9.95
CA ARG B 67 24.01 6.13 -9.78
C ARG B 67 24.29 7.64 -9.75
N SER B 68 25.41 8.09 -9.12
CA SER B 68 25.64 9.52 -8.87
C SER B 68 25.82 10.27 -10.19
N ARG B 69 25.36 11.53 -10.28
CA ARG B 69 25.53 12.30 -11.50
C ARG B 69 26.87 13.03 -11.37
N LEU B 70 27.93 12.48 -11.96
CA LEU B 70 29.29 12.98 -11.76
C LEU B 70 29.93 13.33 -13.10
N THR B 71 30.96 14.20 -13.06
CA THR B 71 31.83 14.44 -14.20
C THR B 71 33.14 13.67 -14.00
N VAL B 72 33.95 13.60 -15.06
CA VAL B 72 35.33 13.11 -14.98
C VAL B 72 36.15 14.00 -14.03
N ALA B 73 35.95 15.31 -14.05
CA ALA B 73 36.51 16.24 -13.10
C ALA B 73 36.29 15.79 -11.64
N ASP B 74 35.08 15.28 -11.32
CA ASP B 74 34.78 14.81 -9.95
C ASP B 74 35.57 13.57 -9.63
N ILE B 75 35.50 12.56 -10.53
CA ILE B 75 36.26 11.32 -10.46
C ILE B 75 37.75 11.63 -10.17
N ARG B 76 38.32 12.50 -10.97
CA ARG B 76 39.70 12.93 -10.84
C ARG B 76 39.96 13.53 -9.44
N LYS B 77 39.13 14.46 -8.98
CA LYS B 77 39.33 15.07 -7.67
C LYS B 77 39.35 14.00 -6.57
N GLN B 78 38.36 13.06 -6.55
CA GLN B 78 38.22 12.06 -5.48
C GLN B 78 39.35 11.01 -5.60
N SER B 79 39.76 10.58 -6.84
CA SER B 79 40.67 9.44 -7.04
C SER B 79 42.15 9.83 -7.16
N GLU B 80 42.45 10.99 -7.77
CA GLU B 80 43.83 11.29 -8.07
C GLU B 80 44.76 11.21 -6.87
N PRO B 81 44.36 11.59 -5.61
CA PRO B 81 45.24 11.43 -4.44
C PRO B 81 45.86 10.04 -4.20
N PHE B 82 45.16 8.98 -4.64
CA PHE B 82 45.61 7.59 -4.51
C PHE B 82 46.44 7.08 -5.69
N PHE B 83 46.69 7.95 -6.69
CA PHE B 83 47.42 7.60 -7.91
C PHE B 83 48.91 7.68 -7.69
N LYS B 84 49.33 8.48 -6.70
CA LYS B 84 50.75 8.74 -6.42
C LYS B 84 51.45 9.18 -7.70
N ALA B 85 50.80 10.11 -8.42
CA ALA B 85 51.33 10.64 -9.65
C ALA B 85 52.49 11.58 -9.30
N THR B 86 53.54 11.64 -10.12
CA THR B 86 54.66 12.55 -9.90
C THR B 86 54.54 13.69 -10.91
N PRO B 87 55.34 14.77 -10.81
CA PRO B 87 55.33 15.83 -11.85
C PRO B 87 55.75 15.37 -13.24
N GLU B 88 56.69 14.43 -13.34
CA GLU B 88 57.13 13.79 -14.58
C GLU B 88 55.98 13.17 -15.35
N GLU B 89 54.92 12.78 -14.64
CA GLU B 89 53.81 12.05 -15.25
C GLU B 89 52.66 12.99 -15.65
N LYS B 90 52.85 14.33 -15.62
CA LYS B 90 51.74 15.27 -15.81
C LYS B 90 51.08 15.06 -17.17
N LEU B 91 51.87 14.82 -18.24
CA LEU B 91 51.36 14.62 -19.59
C LEU B 91 50.58 13.33 -19.74
N LYS B 92 51.13 12.21 -19.24
CA LYS B 92 50.39 10.96 -19.27
C LYS B 92 49.08 11.07 -18.47
N LEU B 93 49.01 11.92 -17.45
CA LEU B 93 47.85 11.99 -16.61
C LEU B 93 46.76 12.76 -17.36
N GLU B 94 47.15 13.81 -18.09
CA GLU B 94 46.24 14.51 -19.01
C GLU B 94 45.67 13.55 -20.03
N ASP B 95 46.57 12.83 -20.73
CA ASP B 95 46.20 11.88 -21.76
C ASP B 95 45.31 10.78 -21.16
N PHE B 96 45.55 10.33 -19.92
CA PHE B 96 44.73 9.34 -19.24
C PHE B 96 43.31 9.88 -19.01
N PHE B 97 43.18 11.09 -18.45
CA PHE B 97 41.85 11.61 -18.13
C PHE B 97 41.04 11.98 -19.39
N ALA B 98 41.73 12.29 -20.50
CA ALA B 98 41.10 12.51 -21.79
C ALA B 98 40.47 11.22 -22.31
N ARG B 99 40.94 10.05 -21.86
CA ARG B 99 40.42 8.75 -22.25
C ARG B 99 39.32 8.27 -21.29
N ASN B 100 39.00 9.11 -20.32
CA ASN B 100 38.05 8.78 -19.29
C ASN B 100 36.69 9.42 -19.62
N SER B 101 35.59 8.77 -19.24
CA SER B 101 34.25 9.33 -19.35
C SER B 101 33.39 8.71 -18.25
N TYR B 102 32.22 9.32 -18.00
CA TYR B 102 31.33 8.85 -16.97
C TYR B 102 29.87 8.86 -17.45
N VAL B 103 29.12 7.81 -17.09
CA VAL B 103 27.70 7.71 -17.39
C VAL B 103 26.94 7.43 -16.08
N ALA B 104 26.01 8.32 -15.68
CA ALA B 104 25.12 8.08 -14.54
C ALA B 104 24.02 7.10 -14.93
N GLY B 105 23.70 6.17 -14.04
CA GLY B 105 22.59 5.26 -14.31
C GLY B 105 22.19 4.44 -13.08
N GLN B 106 21.01 3.85 -13.17
CA GLN B 106 20.48 2.92 -12.18
C GLN B 106 21.00 1.52 -12.56
N TYR B 107 21.08 0.63 -11.56
CA TYR B 107 21.63 -0.71 -11.73
C TYR B 107 20.57 -1.68 -12.26
N ASP B 108 19.26 -1.37 -12.11
CA ASP B 108 18.20 -2.18 -12.71
C ASP B 108 17.26 -1.36 -13.59
N ASP B 109 17.82 -0.50 -14.46
CA ASP B 109 17.05 0.30 -15.40
C ASP B 109 17.63 0.13 -16.81
N ALA B 110 16.88 -0.55 -17.69
CA ALA B 110 17.28 -0.89 -19.05
C ALA B 110 17.66 0.38 -19.86
N ALA B 111 16.91 1.48 -19.69
CA ALA B 111 17.19 2.73 -20.36
C ALA B 111 18.58 3.24 -19.97
N SER B 112 18.94 3.13 -18.68
CA SER B 112 20.24 3.58 -18.20
C SER B 112 21.37 2.84 -18.88
N TYR B 113 21.16 1.52 -19.10
CA TYR B 113 22.14 0.67 -19.74
C TYR B 113 22.24 0.96 -21.24
N GLN B 114 21.12 1.35 -21.90
CA GLN B 114 21.19 1.72 -23.31
C GLN B 114 21.96 2.99 -23.47
N ARG B 115 21.85 3.93 -22.52
CA ARG B 115 22.65 5.15 -22.60
C ARG B 115 24.14 4.78 -22.54
N LEU B 116 24.49 3.86 -21.62
CA LEU B 116 25.86 3.39 -21.47
C LEU B 116 26.34 2.73 -22.76
N ASN B 117 25.50 1.91 -23.38
CA ASN B 117 25.84 1.24 -24.64
C ASN B 117 26.04 2.25 -25.78
N SER B 118 25.18 3.26 -25.87
CA SER B 118 25.29 4.33 -26.86
C SER B 118 26.55 5.13 -26.63
N HIS B 119 26.82 5.41 -25.36
CA HIS B 119 28.02 6.13 -25.00
C HIS B 119 29.25 5.38 -25.52
N MET B 120 29.24 4.06 -25.36
CA MET B 120 30.39 3.26 -25.71
C MET B 120 30.51 3.17 -27.24
N ASN B 121 29.39 2.96 -27.91
CA ASN B 121 29.30 2.92 -29.37
C ASN B 121 29.85 4.22 -29.97
N ALA B 122 29.66 5.34 -29.26
CA ALA B 122 30.06 6.65 -29.74
C ALA B 122 31.56 6.91 -29.55
N LEU B 123 32.28 6.08 -28.78
CA LEU B 123 33.71 6.22 -28.67
C LEU B 123 34.35 5.75 -29.98
N HIS B 124 35.56 6.25 -30.32
CA HIS B 124 36.42 5.70 -31.36
C HIS B 124 36.39 4.18 -31.36
N LEU B 125 35.71 3.60 -32.38
CA LEU B 125 35.62 2.19 -32.67
C LEU B 125 34.86 1.44 -31.60
N GLY B 126 33.98 2.13 -30.87
CA GLY B 126 33.36 1.58 -29.67
C GLY B 126 32.59 0.28 -29.89
N SER B 127 31.96 0.15 -31.05
CA SER B 127 31.07 -0.96 -31.42
C SER B 127 31.89 -2.23 -31.67
N GLN B 128 33.20 -2.07 -31.92
CA GLN B 128 34.15 -3.15 -32.24
C GLN B 128 35.10 -3.48 -31.08
N ALA B 129 35.22 -2.57 -30.09
CA ALA B 129 36.10 -2.69 -28.95
C ALA B 129 35.83 -3.96 -28.14
N ASN B 130 36.92 -4.54 -27.62
CA ASN B 130 36.83 -5.50 -26.54
C ASN B 130 36.25 -4.73 -25.33
N ARG B 131 35.33 -5.36 -24.59
CA ARG B 131 34.69 -4.70 -23.47
C ARG B 131 34.98 -5.48 -22.18
N LEU B 132 35.52 -4.78 -21.18
CA LEU B 132 35.93 -5.37 -19.92
C LEU B 132 35.17 -4.65 -18.80
N PHE B 133 34.25 -5.37 -18.16
CA PHE B 133 33.39 -4.78 -17.17
C PHE B 133 33.93 -5.17 -15.80
N TYR B 134 34.33 -4.17 -15.02
CA TYR B 134 34.71 -4.38 -13.63
C TYR B 134 33.46 -4.15 -12.76
N LEU B 135 32.92 -5.21 -12.15
CA LEU B 135 31.76 -5.12 -11.26
C LEU B 135 32.22 -4.77 -9.84
N ALA B 136 32.54 -3.49 -9.64
CA ALA B 136 32.97 -2.89 -8.38
C ALA B 136 31.75 -2.44 -7.55
N LEU B 137 30.93 -3.42 -7.19
CA LEU B 137 29.62 -3.24 -6.59
C LEU B 137 29.37 -4.30 -5.54
N PRO B 138 28.50 -4.00 -4.54
CA PRO B 138 28.05 -5.01 -3.57
C PRO B 138 27.39 -6.17 -4.36
N PRO B 139 27.50 -7.47 -3.96
CA PRO B 139 26.81 -8.55 -4.70
C PRO B 139 25.28 -8.51 -4.59
N THR B 140 24.73 -7.66 -3.74
CA THR B 140 23.28 -7.43 -3.69
C THR B 140 22.72 -6.85 -5.00
N VAL B 141 23.53 -6.26 -5.92
CA VAL B 141 23.07 -5.82 -7.23
C VAL B 141 23.64 -6.66 -8.38
N TYR B 142 24.36 -7.76 -8.11
CA TYR B 142 25.04 -8.51 -9.17
C TYR B 142 24.06 -9.12 -10.16
N GLU B 143 22.96 -9.68 -9.65
CA GLU B 143 22.01 -10.33 -10.53
C GLU B 143 21.49 -9.28 -11.50
N ALA B 144 21.14 -8.08 -11.00
CA ALA B 144 20.58 -7.05 -11.87
C ALA B 144 21.60 -6.56 -12.90
N VAL B 145 22.83 -6.34 -12.42
CA VAL B 145 23.87 -5.73 -13.22
C VAL B 145 24.31 -6.68 -14.33
N THR B 146 24.50 -7.96 -14.00
CA THR B 146 24.93 -8.90 -15.02
C THR B 146 23.80 -9.12 -16.03
N LYS B 147 22.52 -9.10 -15.59
CA LYS B 147 21.36 -9.27 -16.46
C LYS B 147 21.39 -8.12 -17.49
N ASN B 148 21.55 -6.87 -16.98
CA ASN B 148 21.39 -5.72 -17.84
C ASN B 148 22.55 -5.56 -18.79
N ILE B 149 23.77 -5.94 -18.33
CA ILE B 149 24.94 -5.87 -19.17
C ILE B 149 24.77 -6.82 -20.34
N HIS B 150 24.37 -8.05 -20.07
CA HIS B 150 24.09 -9.03 -21.10
C HIS B 150 23.02 -8.55 -22.11
N GLU B 151 21.93 -7.95 -21.63
CA GLU B 151 20.84 -7.54 -22.50
C GLU B 151 21.27 -6.36 -23.38
N SER B 152 21.96 -5.35 -22.81
CA SER B 152 22.08 -4.06 -23.46
C SER B 152 23.51 -3.64 -23.85
N CYS B 153 24.58 -4.29 -23.33
CA CYS B 153 25.86 -3.62 -23.32
C CYS B 153 26.99 -4.44 -23.90
N MET B 154 26.69 -5.65 -24.41
CA MET B 154 27.73 -6.52 -24.94
C MET B 154 28.21 -6.04 -26.31
N SER B 155 29.50 -6.01 -26.57
CA SER B 155 29.99 -5.88 -27.93
C SER B 155 29.48 -7.06 -28.76
N GLN B 156 29.18 -6.83 -30.03
CA GLN B 156 28.85 -7.90 -30.97
C GLN B 156 30.08 -8.33 -31.74
N ILE B 157 31.20 -7.58 -31.65
CA ILE B 157 32.40 -7.77 -32.44
C ILE B 157 33.54 -8.15 -31.50
N GLY B 158 33.90 -7.33 -30.51
CA GLY B 158 34.97 -7.65 -29.55
C GLY B 158 34.52 -8.67 -28.51
N TRP B 159 35.45 -9.15 -27.65
CA TRP B 159 35.05 -9.98 -26.53
C TRP B 159 34.42 -9.13 -25.43
N ASN B 160 33.71 -9.82 -24.53
CA ASN B 160 33.12 -9.25 -23.34
C ASN B 160 33.58 -10.08 -22.14
N ARG B 161 34.18 -9.42 -21.14
CA ARG B 161 34.71 -10.10 -19.97
C ARG B 161 34.26 -9.33 -18.75
N ILE B 162 33.98 -10.07 -17.66
CA ILE B 162 33.52 -9.38 -16.46
C ILE B 162 34.44 -9.79 -15.35
N ILE B 163 34.83 -8.80 -14.54
CA ILE B 163 35.54 -9.10 -13.29
C ILE B 163 34.54 -8.99 -12.13
N VAL B 164 34.51 -10.06 -11.35
CA VAL B 164 33.58 -10.22 -10.23
C VAL B 164 34.39 -10.25 -8.93
N GLU B 165 33.89 -9.48 -7.93
CA GLU B 165 34.44 -9.41 -6.58
C GLU B 165 33.71 -10.31 -5.58
N LYS B 166 34.48 -10.78 -4.60
CA LYS B 166 33.93 -11.49 -3.45
C LYS B 166 33.06 -10.50 -2.68
N PRO B 167 32.03 -10.98 -1.94
CA PRO B 167 31.74 -12.41 -1.82
C PRO B 167 31.09 -13.14 -3.01
N PHE B 168 31.53 -14.37 -3.22
CA PHE B 168 30.98 -15.28 -4.23
C PHE B 168 29.94 -16.16 -3.52
N GLY B 169 28.86 -15.52 -3.09
CA GLY B 169 27.93 -16.13 -2.14
C GLY B 169 28.50 -16.10 -0.71
N ARG B 170 27.79 -16.78 0.20
CA ARG B 170 28.21 -16.94 1.59
C ARG B 170 28.14 -18.41 2.02
N ASP B 171 27.73 -19.29 1.12
CA ASP B 171 27.72 -20.72 1.34
C ASP B 171 27.45 -21.39 0.00
N LEU B 172 27.36 -22.73 -0.02
CA LEU B 172 27.22 -23.46 -1.26
C LEU B 172 25.93 -23.03 -1.95
N GLN B 173 24.81 -22.98 -1.20
CA GLN B 173 23.50 -22.72 -1.82
C GLN B 173 23.43 -21.31 -2.41
N SER B 174 23.82 -20.27 -1.68
CA SER B 174 23.84 -18.89 -2.18
C SER B 174 24.83 -18.71 -3.33
N SER B 175 26.01 -19.37 -3.24
CA SER B 175 26.99 -19.34 -4.32
C SER B 175 26.39 -19.95 -5.59
N ASP B 176 25.75 -21.11 -5.46
CA ASP B 176 25.10 -21.78 -6.58
C ASP B 176 23.97 -20.95 -7.20
N ARG B 177 23.16 -20.24 -6.40
CA ARG B 177 22.09 -19.40 -6.95
C ARG B 177 22.72 -18.37 -7.89
N LEU B 178 23.76 -17.70 -7.37
CA LEU B 178 24.42 -16.62 -8.09
C LEU B 178 25.17 -17.14 -9.32
N SER B 179 25.82 -18.28 -9.20
CA SER B 179 26.60 -18.88 -10.27
C SER B 179 25.67 -19.39 -11.38
N ASN B 180 24.58 -20.08 -11.05
CA ASN B 180 23.60 -20.48 -12.07
C ASN B 180 22.97 -19.25 -12.77
N HIS B 181 22.73 -18.16 -12.01
CA HIS B 181 22.23 -16.97 -12.63
C HIS B 181 23.23 -16.46 -13.67
N ILE B 182 24.50 -16.25 -13.26
CA ILE B 182 25.51 -15.63 -14.11
C ILE B 182 25.85 -16.56 -15.24
N SER B 183 25.70 -17.88 -15.12
CA SER B 183 26.04 -18.81 -16.19
C SER B 183 24.96 -18.83 -17.26
N SER B 184 23.73 -18.44 -16.94
CA SER B 184 22.72 -18.32 -17.98
C SER B 184 23.04 -17.13 -18.91
N LEU B 185 23.94 -16.23 -18.49
CA LEU B 185 24.33 -15.04 -19.21
C LEU B 185 25.73 -15.13 -19.83
N PHE B 186 26.72 -15.69 -19.12
CA PHE B 186 28.15 -15.54 -19.46
C PHE B 186 28.81 -16.92 -19.43
N ARG B 187 29.64 -17.22 -20.44
CA ARG B 187 30.43 -18.46 -20.46
C ARG B 187 31.52 -18.36 -19.38
N GLU B 188 32.09 -19.52 -18.98
CA GLU B 188 33.19 -19.56 -18.01
C GLU B 188 34.38 -18.75 -18.52
N ASP B 189 34.59 -18.68 -19.84
CA ASP B 189 35.72 -17.95 -20.39
C ASP B 189 35.49 -16.45 -20.41
N GLN B 190 34.32 -15.98 -19.92
CA GLN B 190 34.10 -14.54 -19.77
C GLN B 190 34.15 -14.10 -18.30
N ILE B 191 34.18 -15.06 -17.38
CA ILE B 191 34.02 -14.76 -15.97
C ILE B 191 35.38 -14.80 -15.27
N TYR B 192 35.74 -13.63 -14.69
CA TYR B 192 36.96 -13.43 -13.92
C TYR B 192 36.64 -13.14 -12.43
N ARG B 193 36.58 -14.21 -11.62
CA ARG B 193 36.48 -14.05 -10.16
C ARG B 193 37.85 -13.69 -9.55
N ILE B 194 37.99 -12.44 -9.11
CA ILE B 194 39.32 -11.94 -8.77
C ILE B 194 39.63 -12.19 -7.28
N ASP B 195 40.92 -12.47 -7.06
CA ASP B 195 41.57 -12.59 -5.78
C ASP B 195 42.69 -11.55 -5.75
N HIS B 196 42.39 -10.40 -5.11
CA HIS B 196 43.30 -9.29 -4.94
C HIS B 196 44.62 -9.74 -4.29
N TYR B 197 44.63 -10.85 -3.56
CA TYR B 197 45.76 -11.14 -2.73
C TYR B 197 46.68 -12.15 -3.40
N LEU B 198 46.28 -12.68 -4.55
CA LEU B 198 47.14 -13.60 -5.23
C LEU B 198 48.35 -12.88 -5.83
N GLY B 199 49.52 -13.25 -5.29
CA GLY B 199 50.82 -12.73 -5.71
C GLY B 199 51.33 -13.48 -6.93
N LYS B 200 51.06 -12.90 -8.11
CA LYS B 200 51.20 -13.53 -9.40
C LYS B 200 52.67 -13.92 -9.59
N GLU B 201 53.62 -13.02 -9.27
CA GLU B 201 55.00 -13.27 -9.57
C GLU B 201 55.50 -14.43 -8.71
N MET B 202 55.15 -14.46 -7.41
CA MET B 202 55.66 -15.49 -6.52
C MET B 202 55.00 -16.84 -6.82
N VAL B 203 53.73 -16.85 -7.23
CA VAL B 203 53.08 -18.11 -7.59
C VAL B 203 53.72 -18.74 -8.83
N GLN B 204 54.10 -17.90 -9.81
CA GLN B 204 54.73 -18.39 -11.02
C GLN B 204 56.19 -18.80 -10.72
N ASN B 205 56.90 -18.07 -9.83
CA ASN B 205 58.22 -18.47 -9.35
C ASN B 205 58.12 -19.91 -8.85
N LEU B 206 57.26 -20.12 -7.85
CA LEU B 206 57.04 -21.41 -7.24
C LEU B 206 56.83 -22.51 -8.28
N MET B 207 56.03 -22.26 -9.33
CA MET B 207 55.77 -23.30 -10.31
C MET B 207 57.07 -23.66 -11.08
N VAL B 208 57.89 -22.69 -11.46
CA VAL B 208 59.16 -22.99 -12.07
C VAL B 208 60.09 -23.75 -11.09
N LEU B 209 60.13 -23.32 -9.83
CA LEU B 209 61.02 -23.88 -8.84
C LEU B 209 60.78 -25.39 -8.72
N ARG B 210 59.51 -25.72 -8.62
CA ARG B 210 59.07 -27.09 -8.41
C ARG B 210 59.16 -27.92 -9.69
N PHE B 211 58.61 -27.40 -10.79
CA PHE B 211 58.34 -28.22 -11.97
C PHE B 211 59.49 -28.21 -12.98
N ALA B 212 60.43 -27.27 -12.84
CA ALA B 212 61.59 -27.19 -13.73
C ALA B 212 62.85 -27.87 -13.16
N ASN B 213 62.77 -28.38 -11.95
CA ASN B 213 63.93 -28.81 -11.18
C ASN B 213 63.74 -30.16 -10.46
N ARG B 214 64.76 -30.98 -10.56
CA ARG B 214 64.86 -32.24 -9.87
C ARG B 214 65.22 -31.99 -8.41
N ILE B 215 65.72 -30.82 -8.01
CA ILE B 215 66.14 -30.64 -6.64
C ILE B 215 64.91 -30.61 -5.71
N PHE B 216 63.83 -29.97 -6.23
CA PHE B 216 62.64 -29.70 -5.42
C PHE B 216 61.42 -30.59 -5.73
N GLY B 217 61.25 -30.99 -7.00
CA GLY B 217 60.06 -31.70 -7.38
C GLY B 217 59.91 -33.04 -6.68
N PRO B 218 60.94 -33.90 -6.66
CA PRO B 218 60.80 -35.21 -6.00
C PRO B 218 60.55 -35.23 -4.49
N ILE B 219 60.74 -34.13 -3.76
CA ILE B 219 60.51 -34.13 -2.31
C ILE B 219 59.21 -33.39 -1.96
N TRP B 220 58.42 -33.04 -3.00
CA TRP B 220 57.20 -32.28 -2.81
C TRP B 220 56.02 -33.24 -2.59
N ASN B 221 56.08 -33.94 -1.45
CA ASN B 221 55.13 -35.01 -1.13
C ASN B 221 55.19 -35.29 0.36
N ARG B 222 54.25 -36.12 0.83
CA ARG B 222 54.10 -36.59 2.22
C ARG B 222 55.29 -37.41 2.77
N ASP B 223 56.07 -38.05 1.90
CA ASP B 223 57.26 -38.77 2.29
C ASP B 223 58.32 -37.81 2.82
N ASN B 224 58.22 -36.51 2.53
CA ASN B 224 59.26 -35.56 2.88
C ASN B 224 58.73 -34.33 3.64
N ILE B 225 57.43 -34.01 3.53
CA ILE B 225 56.92 -32.76 4.06
C ILE B 225 56.05 -33.11 5.27
N ALA B 226 56.33 -32.43 6.39
CA ALA B 226 55.67 -32.69 7.65
C ALA B 226 54.39 -31.88 7.73
N CYS B 227 54.41 -30.64 7.27
CA CYS B 227 53.22 -29.80 7.25
C CYS B 227 53.46 -28.62 6.33
N VAL B 228 52.37 -27.97 5.93
CA VAL B 228 52.38 -26.75 5.16
C VAL B 228 51.56 -25.71 5.93
N ILE B 229 52.07 -24.50 6.01
CA ILE B 229 51.43 -23.38 6.69
C ILE B 229 51.21 -22.24 5.69
N LEU B 230 49.93 -21.83 5.59
CA LEU B 230 49.48 -20.68 4.80
C LEU B 230 49.01 -19.61 5.78
N THR B 231 49.81 -18.54 5.88
CA THR B 231 49.63 -17.48 6.83
C THR B 231 49.16 -16.21 6.15
N PHE B 232 48.09 -15.56 6.69
CA PHE B 232 47.67 -14.24 6.26
C PHE B 232 47.38 -13.38 7.50
N LYS B 233 48.23 -12.36 7.75
CA LYS B 233 48.17 -11.56 8.96
C LYS B 233 48.11 -10.07 8.65
N GLU B 234 47.10 -9.38 9.25
CA GLU B 234 47.02 -7.92 9.21
C GLU B 234 47.25 -7.41 10.62
N PRO B 235 48.08 -6.36 10.84
CA PRO B 235 48.22 -5.78 12.18
C PRO B 235 47.15 -4.78 12.66
N PHE B 236 46.32 -4.32 11.73
CA PHE B 236 45.24 -3.36 11.95
C PHE B 236 43.95 -4.16 12.17
N GLY B 237 43.07 -3.61 13.02
CA GLY B 237 41.71 -4.07 13.14
C GLY B 237 40.79 -3.45 12.08
N THR B 238 39.50 -3.32 12.43
CA THR B 238 38.43 -3.04 11.49
C THR B 238 38.28 -1.53 11.22
N GLU B 239 38.86 -0.69 12.09
CA GLU B 239 38.93 0.75 11.90
C GLU B 239 37.55 1.38 11.83
N GLY B 240 36.59 0.96 12.65
CA GLY B 240 35.26 1.56 12.65
C GLY B 240 34.41 1.23 11.42
N ARG B 241 34.82 0.24 10.64
CA ARG B 241 34.16 -0.15 9.39
C ARG B 241 33.90 -1.66 9.34
N GLY B 242 33.83 -2.32 10.51
CA GLY B 242 33.73 -3.77 10.56
C GLY B 242 32.32 -4.33 10.35
N GLY B 243 31.31 -3.44 10.29
CA GLY B 243 29.93 -3.83 10.10
C GLY B 243 29.72 -4.79 8.93
N TYR B 244 30.37 -4.54 7.78
CA TYR B 244 30.22 -5.41 6.60
C TYR B 244 30.88 -6.78 6.83
N PHE B 245 32.18 -6.76 7.22
CA PHE B 245 32.90 -7.95 7.67
C PHE B 245 32.08 -8.78 8.68
N ASP B 246 31.39 -8.12 9.62
CA ASP B 246 30.69 -8.79 10.71
C ASP B 246 29.68 -9.81 10.16
N GLU B 247 29.17 -9.60 8.93
CA GLU B 247 28.22 -10.53 8.33
C GLU B 247 28.92 -11.71 7.65
N PHE B 248 30.25 -11.72 7.58
CA PHE B 248 31.03 -12.73 6.83
C PHE B 248 31.96 -13.54 7.77
N GLY B 249 32.74 -12.81 8.59
CA GLY B 249 33.78 -13.45 9.37
C GLY B 249 35.02 -13.79 8.52
N ILE B 250 36.10 -14.17 9.21
CA ILE B 250 37.46 -14.24 8.66
C ILE B 250 37.58 -15.41 7.68
N ILE B 251 36.87 -16.51 7.95
CA ILE B 251 36.90 -17.67 7.08
C ILE B 251 36.40 -17.32 5.67
N ARG B 252 35.22 -16.71 5.59
CA ARG B 252 34.62 -16.31 4.34
C ARG B 252 35.46 -15.24 3.68
N ASP B 253 35.96 -14.33 4.50
CA ASP B 253 36.67 -13.13 4.03
C ASP B 253 37.94 -13.52 3.29
N VAL B 254 38.76 -14.42 3.84
CA VAL B 254 40.09 -14.64 3.31
C VAL B 254 40.46 -16.11 3.18
N MET B 255 39.79 -17.02 3.88
CA MET B 255 40.26 -18.38 3.87
C MET B 255 39.62 -19.23 2.75
N GLN B 256 38.30 -19.16 2.65
CA GLN B 256 37.54 -19.98 1.73
C GLN B 256 37.94 -19.60 0.30
N ASN B 257 38.45 -18.37 0.11
CA ASN B 257 38.78 -17.85 -1.21
C ASN B 257 40.30 -17.86 -1.41
N HIS B 258 41.00 -16.88 -0.82
CA HIS B 258 42.41 -16.69 -1.07
C HIS B 258 43.29 -17.86 -0.59
N LEU B 259 43.17 -18.24 0.71
CA LEU B 259 44.09 -19.22 1.28
C LEU B 259 43.88 -20.58 0.61
N LEU B 260 42.64 -20.88 0.25
CA LEU B 260 42.35 -22.15 -0.41
C LEU B 260 42.97 -22.16 -1.81
N GLN B 261 43.07 -20.99 -2.45
CA GLN B 261 43.71 -20.98 -3.75
C GLN B 261 45.20 -21.32 -3.57
N MET B 262 45.86 -20.75 -2.55
CA MET B 262 47.27 -20.98 -2.28
C MET B 262 47.52 -22.45 -1.95
N LEU B 263 46.63 -23.04 -1.16
CA LEU B 263 46.73 -24.45 -0.90
C LEU B 263 46.73 -25.23 -2.22
N CYS B 264 45.79 -24.88 -3.12
CA CYS B 264 45.70 -25.57 -4.38
C CYS B 264 46.99 -25.47 -5.18
N LEU B 265 47.64 -24.30 -5.16
CA LEU B 265 48.84 -24.10 -5.98
C LEU B 265 50.03 -24.81 -5.35
N VAL B 266 50.01 -24.99 -4.03
CA VAL B 266 51.04 -25.78 -3.37
C VAL B 266 50.82 -27.29 -3.59
N ALA B 267 49.59 -27.76 -3.47
CA ALA B 267 49.27 -29.18 -3.51
C ALA B 267 49.09 -29.77 -4.92
N MET B 268 48.83 -28.95 -5.95
CA MET B 268 48.43 -29.47 -7.26
C MET B 268 49.52 -30.44 -7.79
N GLU B 269 48.99 -31.42 -8.54
CA GLU B 269 49.84 -32.19 -9.42
C GLU B 269 50.32 -31.32 -10.58
N LYS B 270 51.39 -31.78 -11.20
CA LYS B 270 51.90 -31.12 -12.39
C LYS B 270 50.81 -31.09 -13.48
N PRO B 271 50.46 -29.89 -14.00
CA PRO B 271 49.47 -29.83 -15.08
C PRO B 271 50.05 -30.41 -16.38
N ALA B 272 49.17 -30.90 -17.28
CA ALA B 272 49.56 -31.32 -18.64
C ALA B 272 50.20 -30.18 -19.41
N SER B 273 49.91 -28.92 -19.09
CA SER B 273 50.56 -27.79 -19.74
C SER B 273 50.34 -26.60 -18.82
N THR B 274 50.91 -25.43 -19.17
CA THR B 274 50.70 -24.20 -18.42
C THR B 274 49.50 -23.40 -18.94
N ASN B 275 48.63 -23.98 -19.77
CA ASN B 275 47.35 -23.38 -20.12
C ASN B 275 46.53 -23.22 -18.84
N SER B 276 45.87 -22.07 -18.75
CA SER B 276 45.03 -21.72 -17.62
C SER B 276 44.09 -22.84 -17.19
N ASP B 277 43.46 -23.54 -18.13
CA ASP B 277 42.49 -24.54 -17.76
C ASP B 277 43.11 -25.87 -17.36
N ASP B 278 44.30 -26.22 -17.85
CA ASP B 278 45.00 -27.40 -17.34
C ASP B 278 45.37 -27.17 -15.87
N VAL B 279 45.84 -25.96 -15.56
CA VAL B 279 46.21 -25.58 -14.20
C VAL B 279 44.98 -25.55 -13.29
N ARG B 280 43.88 -24.94 -13.73
CA ARG B 280 42.67 -24.92 -12.90
C ARG B 280 42.07 -26.31 -12.80
N ASP B 281 42.22 -27.16 -13.81
CA ASP B 281 41.84 -28.55 -13.63
C ASP B 281 42.54 -29.17 -12.40
N GLU B 282 43.85 -28.89 -12.21
CA GLU B 282 44.62 -29.46 -11.14
C GLU B 282 44.24 -28.82 -9.82
N LYS B 283 43.95 -27.52 -9.80
CA LYS B 283 43.44 -26.85 -8.58
C LYS B 283 42.14 -27.55 -8.10
N VAL B 284 41.24 -27.92 -9.00
CA VAL B 284 40.01 -28.58 -8.68
C VAL B 284 40.22 -30.01 -8.21
N LYS B 285 41.09 -30.79 -8.86
CA LYS B 285 41.40 -32.15 -8.43
C LYS B 285 41.80 -32.12 -6.94
N VAL B 286 42.60 -31.12 -6.52
CA VAL B 286 43.04 -31.02 -5.14
C VAL B 286 41.81 -30.89 -4.23
N LEU B 287 40.92 -29.93 -4.52
CA LEU B 287 39.78 -29.60 -3.65
C LEU B 287 38.88 -30.83 -3.54
N LYS B 288 38.72 -31.58 -4.62
CA LYS B 288 37.92 -32.79 -4.57
C LYS B 288 38.52 -33.85 -3.67
N CYS B 289 39.79 -33.72 -3.30
CA CYS B 289 40.39 -34.67 -2.37
C CYS B 289 40.33 -34.15 -0.93
N ILE B 290 39.63 -33.03 -0.67
CA ILE B 290 39.59 -32.45 0.68
C ILE B 290 38.20 -32.65 1.30
N SER B 291 38.17 -33.23 2.51
CA SER B 291 36.94 -33.45 3.25
C SER B 291 36.44 -32.18 3.91
N GLU B 292 35.13 -32.16 4.15
CA GLU B 292 34.48 -31.07 4.85
C GLU B 292 35.19 -30.90 6.19
N VAL B 293 35.57 -29.66 6.49
CA VAL B 293 36.36 -29.43 7.70
C VAL B 293 35.45 -29.47 8.93
N GLN B 294 35.93 -30.13 9.99
CA GLN B 294 35.17 -30.23 11.24
C GLN B 294 35.79 -29.35 12.32
N ALA B 295 34.99 -29.08 13.34
CA ALA B 295 35.24 -28.09 14.38
C ALA B 295 36.51 -28.40 15.20
N ASN B 296 36.82 -29.69 15.42
CA ASN B 296 38.01 -30.11 16.17
C ASN B 296 39.29 -29.63 15.49
N ASN B 297 39.21 -29.30 14.19
CA ASN B 297 40.34 -28.80 13.41
C ASN B 297 40.26 -27.30 13.19
N VAL B 298 39.57 -26.59 14.07
CA VAL B 298 39.36 -25.16 13.91
C VAL B 298 39.52 -24.50 15.26
N VAL B 299 40.21 -23.36 15.23
CA VAL B 299 40.29 -22.44 16.35
C VAL B 299 39.87 -21.05 15.87
N LEU B 300 38.81 -20.47 16.49
CA LEU B 300 38.34 -19.14 16.15
C LEU B 300 38.72 -18.21 17.26
N GLY B 301 39.08 -16.97 16.89
CA GLY B 301 39.36 -15.93 17.87
C GLY B 301 38.73 -14.59 17.47
N GLN B 302 38.63 -13.67 18.45
CA GLN B 302 38.11 -12.33 18.18
C GLN B 302 38.99 -11.33 18.93
N TYR B 303 39.47 -10.25 18.29
CA TYR B 303 40.37 -9.35 19.01
C TYR B 303 39.67 -8.48 20.04
N VAL B 304 40.40 -8.25 21.13
CA VAL B 304 40.00 -7.38 22.22
C VAL B 304 41.07 -6.28 22.31
N GLY B 305 40.72 -5.17 22.95
CA GLY B 305 41.69 -4.12 23.11
C GLY B 305 42.84 -4.54 24.03
N ASN B 306 43.98 -3.84 23.87
CA ASN B 306 45.20 -4.08 24.60
C ASN B 306 45.23 -3.06 25.76
N PRO B 307 45.16 -3.55 27.04
CA PRO B 307 45.14 -2.66 28.19
C PRO B 307 46.34 -1.70 28.19
N ASP B 308 47.48 -2.13 27.63
CA ASP B 308 48.74 -1.39 27.63
C ASP B 308 48.90 -0.56 26.35
N GLY B 309 47.93 -0.59 25.42
CA GLY B 309 48.10 0.13 24.14
C GLY B 309 47.80 1.63 24.27
N GLU B 310 48.01 2.41 23.19
CA GLU B 310 47.38 3.72 22.99
C GLU B 310 46.54 3.67 21.70
N GLY B 311 45.66 4.70 21.50
CA GLY B 311 44.97 4.86 20.21
C GLY B 311 44.15 3.63 19.85
N GLU B 312 44.12 3.23 18.58
CA GLU B 312 43.33 2.10 18.09
C GLU B 312 43.62 0.78 18.80
N ALA B 313 44.81 0.64 19.38
CA ALA B 313 45.23 -0.68 19.86
C ALA B 313 44.47 -1.04 21.15
N THR B 314 43.85 -0.03 21.79
CA THR B 314 43.08 -0.22 23.02
C THR B 314 41.65 -0.66 22.71
N LYS B 315 41.26 -0.72 21.41
CA LYS B 315 39.90 -1.04 21.03
C LYS B 315 39.81 -2.44 20.43
N GLY B 316 38.92 -3.23 21.05
CA GLY B 316 38.52 -4.51 20.55
C GLY B 316 37.58 -4.39 19.32
N TYR B 317 37.27 -5.56 18.81
CA TYR B 317 36.42 -5.68 17.65
C TYR B 317 35.01 -5.12 17.98
N LEU B 318 34.53 -5.37 19.20
CA LEU B 318 33.18 -4.98 19.62
C LEU B 318 33.10 -3.49 19.87
N ASP B 319 34.26 -2.85 20.12
CA ASP B 319 34.31 -1.40 20.29
C ASP B 319 34.12 -0.71 18.94
N ASP B 320 34.02 -1.48 17.86
CA ASP B 320 33.69 -0.85 16.58
C ASP B 320 32.21 -0.45 16.66
N PRO B 321 31.91 0.87 16.46
CA PRO B 321 30.53 1.36 16.50
C PRO B 321 29.62 0.65 15.47
N THR B 322 30.16 0.16 14.33
CA THR B 322 29.32 -0.47 13.31
C THR B 322 29.19 -1.96 13.52
N VAL B 323 29.66 -2.48 14.67
CA VAL B 323 29.62 -3.92 14.93
C VAL B 323 28.60 -4.14 16.06
N PRO B 324 27.57 -5.01 15.86
CA PRO B 324 26.64 -5.40 16.91
C PRO B 324 27.32 -5.78 18.23
N ARG B 325 26.74 -5.29 19.34
CA ARG B 325 27.08 -5.67 20.70
C ARG B 325 26.91 -7.20 20.76
N GLY B 326 27.84 -7.91 21.40
CA GLY B 326 27.77 -9.37 21.44
C GLY B 326 27.77 -10.12 20.08
N SER B 327 28.37 -9.53 19.01
CA SER B 327 28.74 -10.31 17.83
C SER B 327 29.65 -11.43 18.23
N THR B 328 29.52 -12.64 17.70
CA THR B 328 30.46 -13.73 17.96
C THR B 328 31.41 -13.98 16.75
N THR B 329 31.48 -13.04 15.79
CA THR B 329 32.15 -13.24 14.54
C THR B 329 33.66 -13.29 14.81
N ALA B 330 34.33 -14.20 14.08
CA ALA B 330 35.74 -14.44 14.24
C ALA B 330 36.55 -13.46 13.39
N THR B 331 37.52 -12.77 14.03
CA THR B 331 38.54 -11.99 13.33
C THR B 331 39.85 -12.77 13.14
N PHE B 332 39.91 -14.00 13.66
CA PHE B 332 41.04 -14.90 13.57
C PHE B 332 40.53 -16.32 13.37
N ALA B 333 41.15 -17.06 12.46
CA ALA B 333 40.96 -18.49 12.41
C ALA B 333 42.31 -19.20 12.14
N ALA B 334 42.47 -20.37 12.76
CA ALA B 334 43.46 -21.35 12.38
C ALA B 334 42.70 -22.62 12.04
N VAL B 335 42.90 -23.13 10.81
CA VAL B 335 42.18 -24.27 10.32
C VAL B 335 43.13 -25.29 9.69
N VAL B 336 42.86 -26.57 9.87
CA VAL B 336 43.66 -27.63 9.32
C VAL B 336 42.81 -28.43 8.35
N LEU B 337 43.35 -28.53 7.12
CA LEU B 337 42.78 -29.35 6.04
C LEU B 337 43.77 -30.45 5.69
N TYR B 338 43.21 -31.51 5.12
CA TYR B 338 43.97 -32.64 4.60
C TYR B 338 43.57 -32.82 3.16
N VAL B 339 44.58 -33.02 2.32
CA VAL B 339 44.45 -33.50 0.98
C VAL B 339 44.64 -35.01 0.96
N GLU B 340 43.53 -35.71 0.78
CA GLU B 340 43.50 -37.17 0.82
C GLU B 340 43.82 -37.80 -0.52
N ASN B 341 45.06 -37.75 -0.95
CA ASN B 341 45.50 -38.40 -2.19
C ASN B 341 46.93 -38.95 -1.99
N GLU B 342 47.54 -39.51 -3.02
CA GLU B 342 48.81 -40.23 -2.96
C GLU B 342 49.92 -39.27 -2.50
N ARG B 343 49.85 -38.03 -2.96
CA ARG B 343 50.90 -37.07 -2.74
C ARG B 343 50.90 -36.53 -1.29
N TRP B 344 49.72 -36.38 -0.70
CA TRP B 344 49.56 -35.53 0.49
C TRP B 344 48.92 -36.22 1.70
N ASP B 345 48.36 -37.41 1.58
CA ASP B 345 47.53 -37.90 2.68
C ASP B 345 48.36 -37.87 3.98
N GLY B 346 47.72 -37.29 5.03
CA GLY B 346 48.28 -37.24 6.36
C GLY B 346 48.96 -35.91 6.62
N VAL B 347 49.30 -35.16 5.56
CA VAL B 347 50.01 -33.90 5.71
C VAL B 347 49.04 -32.80 6.08
N PRO B 348 49.16 -32.20 7.28
CA PRO B 348 48.26 -31.12 7.66
C PRO B 348 48.60 -29.88 6.85
N PHE B 349 47.53 -29.32 6.27
CA PHE B 349 47.61 -27.98 5.71
C PHE B 349 46.96 -27.01 6.70
N ILE B 350 47.79 -26.12 7.25
CA ILE B 350 47.40 -25.22 8.31
C ILE B 350 47.21 -23.84 7.72
N LEU B 351 45.98 -23.35 7.79
CA LEU B 351 45.60 -22.03 7.25
C LEU B 351 45.40 -21.16 8.48
N ARG B 352 46.16 -20.07 8.59
CA ARG B 352 46.18 -19.28 9.78
C ARG B 352 46.11 -17.81 9.38
N CYS B 353 45.02 -17.11 9.75
CA CYS B 353 44.81 -15.73 9.35
C CYS B 353 44.14 -14.91 10.45
N GLY B 354 44.34 -13.59 10.44
CA GLY B 354 43.47 -12.76 11.24
C GLY B 354 43.85 -11.29 11.19
N LYS B 355 42.98 -10.46 11.83
CA LYS B 355 43.20 -9.04 12.00
C LYS B 355 43.77 -8.74 13.40
N ALA B 356 44.31 -7.52 13.55
CA ALA B 356 44.87 -7.02 14.79
C ALA B 356 45.96 -7.96 15.35
N LEU B 357 46.80 -8.49 14.45
CA LEU B 357 47.89 -9.38 14.81
C LEU B 357 49.19 -8.58 14.87
N ASN B 358 50.32 -9.28 15.07
CA ASN B 358 51.60 -8.67 15.42
C ASN B 358 52.37 -8.12 14.22
N GLU B 359 51.97 -8.47 12.98
CA GLU B 359 52.68 -8.05 11.79
C GLU B 359 51.80 -8.21 10.55
N ARG B 360 52.23 -7.56 9.46
CA ARG B 360 51.71 -7.84 8.13
C ARG B 360 52.58 -8.98 7.59
N LYS B 361 51.94 -10.10 7.23
CA LYS B 361 52.68 -11.17 6.61
C LYS B 361 51.71 -11.99 5.78
N ALA B 362 52.13 -12.33 4.56
CA ALA B 362 51.45 -13.33 3.77
C ALA B 362 52.50 -14.27 3.20
N GLU B 363 52.26 -15.58 3.34
CA GLU B 363 53.36 -16.52 3.36
C GLU B 363 52.87 -17.94 3.21
N VAL B 364 53.62 -18.73 2.43
CA VAL B 364 53.51 -20.16 2.39
C VAL B 364 54.81 -20.73 2.96
N ARG B 365 54.70 -21.72 3.86
CA ARG B 365 55.86 -22.35 4.50
C ARG B 365 55.69 -23.87 4.33
N LEU B 366 56.65 -24.56 3.71
CA LEU B 366 56.69 -26.02 3.76
C LEU B 366 57.72 -26.40 4.82
N GLN B 367 57.28 -27.16 5.84
CA GLN B 367 58.21 -27.69 6.82
C GLN B 367 58.43 -29.18 6.53
N PHE B 368 59.69 -29.52 6.21
CA PHE B 368 60.09 -30.89 5.93
C PHE B 368 60.28 -31.69 7.21
N HIS B 369 60.08 -33.00 7.07
CA HIS B 369 60.45 -33.95 8.11
C HIS B 369 61.93 -33.83 8.51
N ASP B 370 62.20 -34.30 9.74
CA ASP B 370 63.52 -34.43 10.27
C ASP B 370 64.29 -35.43 9.40
N VAL B 371 65.61 -35.40 9.43
CA VAL B 371 66.34 -36.46 8.78
C VAL B 371 66.06 -37.75 9.51
N ALA B 372 65.95 -38.86 8.76
CA ALA B 372 65.70 -40.20 9.27
C ALA B 372 67.03 -40.76 9.80
N GLY B 373 67.28 -40.53 11.08
CA GLY B 373 68.53 -40.86 11.74
C GLY B 373 69.45 -39.67 11.67
N ASP B 374 69.74 -39.06 12.83
CA ASP B 374 70.55 -37.86 12.96
C ASP B 374 71.94 -38.28 13.44
N ILE B 375 72.96 -38.24 12.57
CA ILE B 375 74.31 -38.63 12.95
C ILE B 375 75.11 -37.42 13.49
N PHE B 376 74.42 -36.28 13.66
CA PHE B 376 75.03 -35.02 14.09
C PHE B 376 74.51 -34.61 15.47
N HIS B 377 74.20 -35.60 16.34
CA HIS B 377 73.90 -35.36 17.75
C HIS B 377 72.70 -34.42 17.90
N GLN B 378 71.64 -34.64 17.11
CA GLN B 378 70.35 -33.95 17.20
C GLN B 378 70.44 -32.45 16.93
N GLN B 379 71.51 -31.96 16.28
CA GLN B 379 71.67 -30.53 16.00
C GLN B 379 70.86 -30.07 14.76
N CYS B 380 70.25 -31.02 14.00
CA CYS B 380 69.63 -30.70 12.73
C CYS B 380 68.17 -30.23 12.91
N LYS B 381 67.88 -29.01 12.46
CA LYS B 381 66.53 -28.50 12.40
C LYS B 381 65.85 -28.98 11.10
N ARG B 382 64.52 -29.11 11.17
CA ARG B 382 63.78 -29.34 9.95
C ARG B 382 64.05 -28.27 8.90
N ASN B 383 64.28 -28.75 7.68
CA ASN B 383 64.42 -27.86 6.54
C ASN B 383 63.05 -27.24 6.28
N GLU B 384 63.08 -25.98 5.79
CA GLU B 384 61.86 -25.31 5.31
C GLU B 384 62.06 -24.64 3.96
N LEU B 385 60.96 -24.53 3.24
CA LEU B 385 60.83 -23.71 2.05
C LEU B 385 59.76 -22.66 2.32
N VAL B 386 60.15 -21.40 2.21
CA VAL B 386 59.31 -20.27 2.55
C VAL B 386 59.12 -19.41 1.29
N ILE B 387 57.86 -19.16 0.93
CA ILE B 387 57.47 -18.16 -0.07
C ILE B 387 56.73 -17.06 0.65
N ARG B 388 57.37 -15.91 0.83
CA ARG B 388 56.73 -14.75 1.43
C ARG B 388 56.24 -13.85 0.29
N VAL B 389 55.00 -13.36 0.40
CA VAL B 389 54.41 -12.49 -0.60
C VAL B 389 54.45 -11.07 -0.04
N GLN B 390 53.88 -10.80 1.16
CA GLN B 390 54.01 -9.52 1.84
C GLN B 390 54.62 -9.82 3.20
N PRO B 391 55.36 -8.91 3.86
CA PRO B 391 55.65 -7.58 3.36
C PRO B 391 56.58 -7.55 2.13
N ASN B 392 57.65 -8.38 2.10
CA ASN B 392 58.64 -8.25 1.04
C ASN B 392 58.91 -9.57 0.35
N GLU B 393 58.46 -9.72 -0.88
CA GLU B 393 58.48 -10.97 -1.65
C GLU B 393 59.86 -11.64 -1.58
N ALA B 394 59.89 -12.97 -1.30
CA ALA B 394 61.13 -13.76 -1.29
C ALA B 394 60.78 -15.24 -1.22
N VAL B 395 61.66 -16.04 -1.84
CA VAL B 395 61.65 -17.49 -1.75
C VAL B 395 62.98 -17.89 -1.10
N TYR B 396 62.94 -18.68 -0.04
CA TYR B 396 64.17 -19.07 0.61
C TYR B 396 64.01 -20.43 1.27
N THR B 397 65.16 -21.04 1.46
CA THR B 397 65.24 -22.33 2.06
C THR B 397 65.97 -22.06 3.38
N MET B 399 68.27 -24.34 5.46
CA MET B 399 68.87 -25.70 5.50
C MET B 399 70.05 -25.68 6.46
N MET B 400 70.64 -26.85 6.72
CA MET B 400 71.85 -26.95 7.53
C MET B 400 73.11 -26.91 6.64
N THR B 401 74.14 -26.22 7.11
CA THR B 401 75.41 -25.99 6.45
C THR B 401 76.54 -26.29 7.42
N LYS B 402 77.76 -26.66 6.99
CA LYS B 402 78.80 -26.87 7.97
C LYS B 402 79.47 -25.55 8.37
N LYS B 403 79.61 -25.37 9.69
CA LYS B 403 80.47 -24.38 10.31
C LYS B 403 81.93 -24.72 10.03
N PRO B 404 82.80 -23.80 9.56
CA PRO B 404 84.23 -24.14 9.40
C PRO B 404 84.86 -24.69 10.66
N GLY B 405 85.82 -25.62 10.55
CA GLY B 405 86.40 -26.23 11.73
C GLY B 405 86.51 -27.75 11.66
N MET B 406 86.97 -28.36 12.78
CA MET B 406 87.43 -29.74 12.85
C MET B 406 86.30 -30.78 12.67
N PHE B 407 85.19 -30.71 13.42
CA PHE B 407 84.22 -31.80 13.42
C PHE B 407 83.07 -31.40 12.47
N PHE B 408 81.86 -31.83 12.77
CA PHE B 408 80.77 -31.51 11.88
C PHE B 408 79.73 -30.75 12.69
N ASN B 409 79.83 -29.42 12.74
CA ASN B 409 78.78 -28.65 13.41
C ASN B 409 77.98 -27.97 12.31
N PRO B 410 76.81 -28.56 11.97
CA PRO B 410 75.83 -27.95 11.09
C PRO B 410 75.12 -26.78 11.78
N GLU B 411 74.87 -25.68 11.06
CA GLU B 411 74.14 -24.57 11.64
C GLU B 411 73.02 -24.25 10.66
N GLU B 412 71.89 -23.71 11.15
CA GLU B 412 70.77 -23.29 10.32
C GLU B 412 71.23 -22.13 9.47
N SER B 413 70.88 -22.10 8.19
CA SER B 413 71.32 -21.07 7.27
C SER B 413 70.13 -20.81 6.33
N GLU B 414 70.09 -19.67 5.64
CA GLU B 414 69.00 -19.33 4.72
C GLU B 414 69.59 -19.01 3.34
N LEU B 415 69.04 -19.67 2.32
CA LEU B 415 69.43 -19.39 0.96
C LEU B 415 68.29 -18.67 0.25
N ASP B 416 68.56 -17.49 -0.33
CA ASP B 416 67.61 -16.84 -1.20
C ASP B 416 67.59 -17.50 -2.60
N LEU B 417 66.46 -18.04 -3.04
CA LEU B 417 66.31 -18.68 -4.35
C LEU B 417 65.47 -17.88 -5.32
N THR B 418 65.06 -16.66 -4.93
CA THR B 418 64.03 -15.91 -5.66
C THR B 418 64.37 -15.86 -7.18
N TYR B 419 65.51 -15.21 -7.52
CA TYR B 419 65.96 -15.04 -8.89
C TYR B 419 67.31 -15.75 -9.12
N GLY B 420 67.66 -16.70 -8.23
CA GLY B 420 68.92 -17.44 -8.30
C GLY B 420 70.14 -16.54 -8.08
N ASN B 421 71.15 -16.60 -8.99
CA ASN B 421 72.29 -15.69 -8.99
C ASN B 421 72.03 -14.49 -9.90
N ARG B 422 70.99 -14.58 -10.75
CA ARG B 422 70.83 -13.69 -11.90
C ARG B 422 70.62 -12.22 -11.48
N TYR B 423 69.60 -11.93 -10.64
CA TYR B 423 69.12 -10.56 -10.47
C TYR B 423 69.18 -10.13 -9.00
N LYS B 424 69.95 -9.08 -8.65
CA LYS B 424 70.28 -8.74 -7.26
C LYS B 424 69.08 -8.15 -6.48
N ASN B 425 68.54 -7.00 -6.88
CA ASN B 425 67.31 -6.42 -6.30
C ASN B 425 66.36 -6.33 -7.49
N VAL B 426 65.03 -6.50 -7.32
CA VAL B 426 64.09 -6.46 -8.45
C VAL B 426 62.80 -5.74 -8.01
N LYS B 427 62.39 -4.66 -8.71
CA LYS B 427 61.19 -3.92 -8.34
C LYS B 427 60.05 -4.22 -9.32
N LEU B 428 59.03 -4.92 -8.83
CA LEU B 428 57.95 -5.51 -9.62
C LEU B 428 56.75 -4.56 -9.61
N PRO B 429 55.92 -4.58 -10.69
CA PRO B 429 54.56 -4.07 -10.62
C PRO B 429 53.73 -4.84 -9.58
N ASP B 430 52.96 -4.03 -8.85
CA ASP B 430 51.80 -4.43 -8.05
C ASP B 430 51.20 -5.76 -8.55
N ALA B 431 50.95 -6.74 -7.67
CA ALA B 431 50.32 -8.00 -8.07
C ALA B 431 48.92 -7.80 -8.70
N TYR B 432 48.19 -6.80 -8.18
CA TYR B 432 46.82 -6.51 -8.58
C TYR B 432 46.82 -5.87 -9.98
N GLU B 433 47.76 -4.96 -10.23
CA GLU B 433 48.03 -4.41 -11.54
C GLU B 433 48.20 -5.57 -12.54
N ARG B 434 48.96 -6.60 -12.17
CA ARG B 434 49.25 -7.75 -13.03
C ARG B 434 47.99 -8.62 -13.21
N LEU B 435 47.11 -8.59 -12.21
CA LEU B 435 45.90 -9.42 -12.25
C LEU B 435 44.89 -8.83 -13.25
N ILE B 436 44.80 -7.51 -13.29
CA ILE B 436 43.90 -6.88 -14.25
C ILE B 436 44.47 -7.04 -15.66
N LEU B 437 45.79 -6.93 -15.78
CA LEU B 437 46.45 -7.21 -17.03
C LEU B 437 46.14 -8.62 -17.53
N ASP B 438 46.04 -9.60 -16.62
CA ASP B 438 45.66 -10.94 -17.02
C ASP B 438 44.32 -10.95 -17.78
N VAL B 439 43.38 -10.07 -17.38
CA VAL B 439 42.06 -10.10 -17.99
C VAL B 439 42.19 -9.57 -19.42
N PHE B 440 42.99 -8.52 -19.62
CA PHE B 440 43.31 -8.07 -20.96
C PHE B 440 43.91 -9.20 -21.80
N CYS B 441 44.67 -10.13 -21.19
CA CYS B 441 45.40 -11.18 -21.87
C CYS B 441 44.60 -12.44 -22.03
N GLY B 442 43.39 -12.50 -21.49
CA GLY B 442 42.63 -13.72 -21.61
C GLY B 442 43.14 -14.85 -20.71
N SER B 443 43.85 -14.52 -19.60
CA SER B 443 44.49 -15.55 -18.77
C SER B 443 43.77 -15.76 -17.43
N GLN B 444 43.11 -16.91 -17.26
CA GLN B 444 42.17 -17.19 -16.17
C GLN B 444 42.79 -18.04 -15.03
N MET B 445 44.06 -18.46 -15.17
CA MET B 445 44.79 -19.34 -14.24
C MET B 445 44.57 -19.00 -12.75
N HIS B 446 44.74 -17.72 -12.39
CA HIS B 446 44.68 -17.20 -11.02
C HIS B 446 43.32 -16.66 -10.59
N PHE B 447 42.28 -17.01 -11.38
CA PHE B 447 40.92 -16.63 -11.08
C PHE B 447 40.13 -17.92 -10.84
N VAL B 448 39.18 -17.83 -9.91
CA VAL B 448 38.55 -19.03 -9.39
C VAL B 448 37.49 -19.47 -10.39
N ARG B 449 37.53 -20.76 -10.75
CA ARG B 449 36.60 -21.32 -11.70
C ARG B 449 35.32 -21.80 -10.97
N SER B 450 34.20 -21.92 -11.71
CA SER B 450 32.92 -22.30 -11.13
C SER B 450 33.01 -23.62 -10.37
N ASP B 451 33.60 -24.66 -10.98
CA ASP B 451 33.65 -25.98 -10.38
C ASP B 451 34.53 -25.94 -9.11
N GLU B 452 35.64 -25.16 -9.17
CA GLU B 452 36.57 -24.91 -8.11
C GLU B 452 35.85 -24.24 -6.94
N LEU B 453 35.06 -23.23 -7.24
CA LEU B 453 34.30 -22.49 -6.24
C LEU B 453 33.33 -23.44 -5.50
N ARG B 454 32.61 -24.31 -6.23
CA ARG B 454 31.66 -25.19 -5.59
C ARG B 454 32.38 -26.05 -4.56
N GLU B 455 33.56 -26.58 -4.94
CA GLU B 455 34.37 -27.44 -4.07
C GLU B 455 34.77 -26.66 -2.82
N ALA B 456 35.19 -25.41 -3.00
CA ALA B 456 35.56 -24.56 -1.87
C ALA B 456 34.39 -24.41 -0.87
N TRP B 457 33.15 -24.21 -1.38
CA TRP B 457 31.98 -24.05 -0.50
C TRP B 457 31.59 -25.38 0.14
N ARG B 458 31.73 -26.51 -0.58
CA ARG B 458 31.44 -27.82 -0.01
C ARG B 458 32.29 -28.07 1.22
N ILE B 459 33.59 -27.72 1.11
CA ILE B 459 34.56 -27.91 2.17
C ILE B 459 34.16 -27.15 3.43
N PHE B 460 33.79 -25.87 3.29
CA PHE B 460 33.62 -25.02 4.47
C PHE B 460 32.17 -24.88 4.92
N THR B 461 31.19 -25.34 4.12
CA THR B 461 29.81 -24.91 4.38
C THR B 461 29.28 -25.60 5.64
N PRO B 462 29.44 -26.93 5.86
CA PRO B 462 29.01 -27.55 7.11
C PRO B 462 29.49 -26.77 8.35
N LEU B 463 30.76 -26.38 8.35
CA LEU B 463 31.32 -25.70 9.50
C LEU B 463 30.69 -24.32 9.65
N LEU B 464 30.54 -23.55 8.56
CA LEU B 464 29.97 -22.21 8.66
C LEU B 464 28.53 -22.27 9.14
N HIS B 465 27.78 -23.29 8.72
CA HIS B 465 26.41 -23.47 9.19
C HIS B 465 26.41 -23.75 10.70
N GLN B 466 27.32 -24.63 11.13
CA GLN B 466 27.46 -24.95 12.53
C GLN B 466 27.75 -23.71 13.40
N ILE B 467 28.66 -22.88 12.91
CA ILE B 467 29.02 -21.63 13.58
C ILE B 467 27.80 -20.74 13.69
N GLU B 468 27.02 -20.61 12.59
CA GLU B 468 25.90 -19.68 12.56
C GLU B 468 24.82 -20.12 13.52
N LEU B 469 24.65 -21.46 13.64
CA LEU B 469 23.59 -22.02 14.46
C LEU B 469 24.00 -22.06 15.94
N GLU B 470 25.23 -22.49 16.27
CA GLU B 470 25.58 -22.63 17.68
C GLU B 470 26.12 -21.32 18.24
N LYS B 471 26.46 -20.36 17.36
CA LYS B 471 27.06 -19.09 17.75
C LYS B 471 28.17 -19.30 18.80
N PRO B 472 29.19 -20.16 18.56
CA PRO B 472 30.26 -20.41 19.53
C PRO B 472 31.03 -19.13 19.82
N LYS B 473 31.40 -18.97 21.08
CA LYS B 473 32.05 -17.76 21.57
C LYS B 473 33.50 -17.81 21.07
N PRO B 474 34.03 -16.88 20.21
CA PRO B 474 35.43 -17.00 19.79
C PRO B 474 36.36 -16.65 20.95
N ILE B 475 37.61 -17.15 20.87
CA ILE B 475 38.59 -16.95 21.92
C ILE B 475 39.19 -15.54 21.78
N PRO B 476 39.25 -14.77 22.88
CA PRO B 476 39.80 -13.42 22.82
C PRO B 476 41.30 -13.44 22.64
N TYR B 477 41.79 -12.38 21.96
CA TYR B 477 43.23 -12.23 21.76
C TYR B 477 43.49 -10.75 21.74
N ILE B 478 44.56 -10.37 22.43
CA ILE B 478 44.96 -8.99 22.64
C ILE B 478 45.40 -8.48 21.27
N TYR B 479 44.94 -7.28 20.93
CA TYR B 479 45.36 -6.57 19.73
C TYR B 479 46.89 -6.47 19.73
N GLY B 480 47.49 -6.99 18.66
CA GLY B 480 48.92 -6.91 18.48
C GLY B 480 49.64 -8.20 18.85
N SER B 481 48.92 -9.18 19.36
CA SER B 481 49.44 -10.50 19.65
C SER B 481 49.40 -11.38 18.39
N ARG B 482 49.82 -12.64 18.49
CA ARG B 482 49.77 -13.59 17.39
C ARG B 482 48.47 -14.39 17.47
N GLY B 483 47.54 -14.00 18.35
CA GLY B 483 46.22 -14.65 18.38
C GLY B 483 46.10 -15.62 19.53
N PRO B 484 44.98 -16.38 19.63
CA PRO B 484 44.79 -17.37 20.66
C PRO B 484 45.91 -18.43 20.67
N THR B 485 46.37 -18.77 21.88
CA THR B 485 47.50 -19.67 22.03
C THR B 485 46.95 -21.05 21.67
N GLU B 486 45.62 -21.28 21.73
CA GLU B 486 45.01 -22.53 21.26
C GLU B 486 45.31 -22.84 19.78
N ALA B 487 45.60 -21.80 18.99
CA ALA B 487 45.98 -21.98 17.61
C ALA B 487 47.36 -22.67 17.54
N ASP B 488 48.30 -22.20 18.41
CA ASP B 488 49.61 -22.84 18.59
C ASP B 488 49.47 -24.32 18.98
N GLU B 489 48.52 -24.64 19.88
CA GLU B 489 48.28 -26.01 20.34
C GLU B 489 47.77 -26.89 19.21
N LEU B 490 46.85 -26.34 18.38
CA LEU B 490 46.32 -27.11 17.26
C LEU B 490 47.45 -27.43 16.28
N MET B 491 48.31 -26.44 16.02
CA MET B 491 49.42 -26.66 15.12
C MET B 491 50.40 -27.71 15.64
N LYS B 492 50.85 -27.61 16.93
CA LYS B 492 51.68 -28.65 17.56
C LYS B 492 51.01 -30.02 17.47
N ARG B 493 49.71 -30.09 17.75
CA ARG B 493 48.97 -31.35 17.81
C ARG B 493 49.05 -32.06 16.47
N VAL B 494 49.08 -31.35 15.33
CA VAL B 494 48.97 -31.99 14.03
C VAL B 494 50.35 -32.19 13.40
N GLY B 495 51.44 -31.71 13.99
CA GLY B 495 52.80 -32.12 13.62
C GLY B 495 53.77 -30.96 13.32
N PHE B 496 53.38 -29.72 13.66
CA PHE B 496 54.23 -28.57 13.43
C PHE B 496 55.19 -28.41 14.62
N GLN B 497 56.42 -27.91 14.37
CA GLN B 497 57.44 -27.56 15.36
C GLN B 497 57.90 -26.11 15.28
N TYR B 498 58.13 -25.39 16.41
CA TYR B 498 58.52 -23.97 16.39
C TYR B 498 60.03 -23.81 16.21
N LEU C 1 7.46 -61.95 52.45
CA LEU C 1 6.01 -61.63 52.25
C LEU C 1 5.89 -60.57 51.13
N SER C 2 5.26 -60.95 49.98
CA SER C 2 5.21 -60.09 48.81
C SER C 2 4.31 -60.55 47.59
N ARG C 3 3.57 -59.58 47.01
CA ARG C 3 3.22 -59.40 45.59
C ARG C 3 1.76 -58.86 45.55
N THR C 4 0.85 -59.72 46.04
CA THR C 4 -0.48 -59.40 46.55
C THR C 4 -0.37 -58.72 47.92
N GLN C 5 0.68 -59.02 48.70
CA GLN C 5 0.86 -58.37 49.99
C GLN C 5 1.44 -56.97 49.82
N VAL C 6 2.35 -56.78 48.86
CA VAL C 6 2.86 -55.46 48.44
C VAL C 6 1.68 -54.56 48.00
N CYS C 7 0.73 -55.08 47.21
CA CYS C 7 -0.47 -54.31 46.83
C CYS C 7 -1.35 -53.98 48.05
N GLY C 8 -1.41 -54.87 49.06
CA GLY C 8 -2.09 -54.58 50.31
C GLY C 8 -1.50 -53.38 51.07
N ILE C 9 -0.15 -53.33 51.10
CA ILE C 9 0.61 -52.28 51.79
C ILE C 9 0.31 -50.96 51.06
N LEU C 10 0.43 -50.99 49.71
CA LEU C 10 0.21 -49.81 48.91
C LEU C 10 -1.21 -49.27 49.05
N ARG C 11 -2.24 -50.16 48.96
CA ARG C 11 -3.65 -49.75 49.08
C ARG C 11 -3.86 -49.07 50.44
N GLU C 12 -3.30 -49.65 51.51
CA GLU C 12 -3.49 -49.12 52.85
C GLU C 12 -2.89 -47.72 52.94
N GLU C 13 -1.74 -47.50 52.26
CA GLU C 13 -1.01 -46.24 52.28
C GLU C 13 -1.75 -45.17 51.48
N LEU C 14 -2.27 -45.53 50.30
CA LEU C 14 -3.12 -44.67 49.49
C LEU C 14 -4.35 -44.22 50.27
N PHE C 15 -5.01 -45.16 50.98
CA PHE C 15 -6.16 -44.85 51.82
C PHE C 15 -5.75 -43.88 52.94
N GLN C 16 -4.72 -44.19 53.77
CA GLN C 16 -4.36 -43.29 54.87
C GLN C 16 -3.92 -41.93 54.33
N GLY C 17 -3.21 -41.82 53.18
CA GLY C 17 -2.68 -40.56 52.67
C GLY C 17 -3.72 -39.70 51.98
N ASP C 18 -3.65 -38.37 52.24
CA ASP C 18 -4.63 -37.37 51.78
C ASP C 18 -4.51 -37.06 50.30
N ALA C 19 -3.36 -37.39 49.70
CA ALA C 19 -2.99 -37.03 48.35
C ALA C 19 -3.70 -37.92 47.30
N PHE C 20 -4.04 -39.14 47.69
CA PHE C 20 -4.84 -40.07 46.92
C PHE C 20 -6.24 -40.07 47.49
N HIS C 21 -7.20 -39.59 46.68
CA HIS C 21 -8.60 -39.44 47.05
C HIS C 21 -9.38 -40.65 46.55
N GLN C 22 -9.39 -41.73 47.36
CA GLN C 22 -9.98 -43.02 47.01
C GLN C 22 -11.49 -42.92 46.77
N SER C 23 -12.12 -41.90 47.38
CA SER C 23 -13.56 -41.67 47.38
C SER C 23 -14.03 -40.81 46.21
N ASP C 24 -13.20 -39.88 45.72
CA ASP C 24 -13.56 -39.04 44.60
C ASP C 24 -13.59 -39.85 43.30
N THR C 25 -14.40 -39.35 42.36
CA THR C 25 -14.53 -39.93 41.04
C THR C 25 -13.32 -39.50 40.22
N HIS C 26 -12.79 -40.42 39.42
CA HIS C 26 -11.68 -40.11 38.50
C HIS C 26 -12.03 -40.57 37.12
N ILE C 27 -11.60 -39.79 36.14
CA ILE C 27 -11.71 -40.25 34.75
C ILE C 27 -10.31 -40.30 34.19
N PHE C 28 -9.98 -41.48 33.62
CA PHE C 28 -8.70 -41.68 32.94
C PHE C 28 -8.96 -41.70 31.44
N ILE C 29 -8.49 -40.66 30.74
CA ILE C 29 -8.76 -40.49 29.31
C ILE C 29 -7.50 -40.88 28.54
N ILE C 30 -7.62 -41.91 27.74
CA ILE C 30 -6.56 -42.33 26.84
C ILE C 30 -6.81 -41.70 25.44
N MET C 31 -6.15 -40.58 25.19
CA MET C 31 -6.11 -39.96 23.88
C MET C 31 -5.14 -40.78 23.03
N GLY C 32 -5.64 -41.34 21.90
CA GLY C 32 -4.83 -42.26 21.12
C GLY C 32 -5.03 -43.71 21.53
N ALA C 33 -6.28 -44.03 21.90
CA ALA C 33 -6.64 -45.33 22.46
C ALA C 33 -6.50 -46.48 21.42
N SER C 34 -6.51 -46.11 20.12
CA SER C 34 -6.40 -47.04 19.02
C SER C 34 -4.94 -47.45 18.77
N GLY C 35 -3.97 -46.57 19.09
CA GLY C 35 -2.57 -46.80 18.79
C GLY C 35 -1.93 -47.91 19.64
N ASP C 36 -0.67 -48.24 19.32
CA ASP C 36 -0.01 -49.39 19.92
C ASP C 36 0.37 -49.15 21.39
N LEU C 37 0.82 -47.95 21.73
CA LEU C 37 1.15 -47.68 23.12
C LEU C 37 -0.06 -47.93 24.03
N ALA C 38 -1.25 -47.43 23.61
CA ALA C 38 -2.46 -47.66 24.41
C ALA C 38 -2.75 -49.16 24.52
N LYS C 39 -2.72 -49.83 23.35
CA LYS C 39 -3.11 -51.23 23.20
C LYS C 39 -2.20 -52.16 24.00
N LYS C 40 -0.88 -51.87 24.03
CA LYS C 40 0.10 -52.81 24.56
C LYS C 40 0.58 -52.45 25.96
N LYS C 41 0.51 -51.17 26.35
CA LYS C 41 1.11 -50.70 27.59
C LYS C 41 0.04 -50.03 28.47
N ILE C 42 -0.70 -49.04 27.95
CA ILE C 42 -1.58 -48.23 28.81
C ILE C 42 -2.83 -48.99 29.26
N TYR C 43 -3.57 -49.62 28.35
CA TYR C 43 -4.77 -50.35 28.74
C TYR C 43 -4.42 -51.49 29.68
N PRO C 44 -3.40 -52.31 29.38
CA PRO C 44 -2.98 -53.36 30.31
C PRO C 44 -2.60 -52.80 31.67
N THR C 45 -1.93 -51.65 31.72
CA THR C 45 -1.40 -51.15 33.00
C THR C 45 -2.51 -50.56 33.85
N ILE C 46 -3.47 -49.84 33.24
CA ILE C 46 -4.62 -49.32 33.97
C ILE C 46 -5.48 -50.49 34.42
N TRP C 47 -5.53 -51.57 33.63
CA TRP C 47 -6.14 -52.81 34.08
C TRP C 47 -5.43 -53.36 35.32
N TRP C 48 -4.07 -53.35 35.32
CA TRP C 48 -3.37 -53.95 36.46
C TRP C 48 -3.66 -53.13 37.72
N LEU C 49 -3.64 -51.80 37.59
CA LEU C 49 -4.01 -50.92 38.68
C LEU C 49 -5.42 -51.27 39.20
N PHE C 50 -6.38 -51.40 38.28
CA PHE C 50 -7.75 -51.69 38.66
C PHE C 50 -7.79 -52.98 39.46
N ARG C 51 -7.26 -54.05 38.83
CA ARG C 51 -7.22 -55.40 39.37
C ARG C 51 -6.51 -55.47 40.72
N ASP C 52 -5.46 -54.66 40.92
CA ASP C 52 -4.63 -54.67 42.13
C ASP C 52 -5.31 -53.94 43.30
N GLY C 53 -6.44 -53.26 43.03
CA GLY C 53 -7.18 -52.54 44.03
C GLY C 53 -6.53 -51.19 44.30
N LEU C 54 -5.86 -50.63 43.29
CA LEU C 54 -5.03 -49.44 43.47
C LEU C 54 -5.58 -48.22 42.75
N LEU C 55 -6.70 -48.38 42.05
CA LEU C 55 -7.41 -47.22 41.52
C LEU C 55 -8.43 -46.77 42.58
N PRO C 56 -8.81 -45.48 42.60
CA PRO C 56 -10.01 -45.07 43.34
C PRO C 56 -11.23 -45.90 42.89
N GLU C 57 -12.14 -46.23 43.82
CA GLU C 57 -13.31 -47.10 43.54
C GLU C 57 -14.10 -46.62 42.31
N ASN C 58 -14.27 -45.30 42.17
CA ASN C 58 -15.10 -44.74 41.12
C ASN C 58 -14.20 -44.17 40.02
N THR C 59 -13.67 -45.06 39.18
CA THR C 59 -12.75 -44.64 38.14
C THR C 59 -13.35 -45.10 36.82
N PHE C 60 -13.35 -44.21 35.82
CA PHE C 60 -13.80 -44.57 34.48
C PHE C 60 -12.62 -44.45 33.54
N ILE C 61 -12.62 -45.29 32.52
CA ILE C 61 -11.61 -45.18 31.45
C ILE C 61 -12.34 -44.78 30.16
N VAL C 62 -11.96 -43.64 29.61
CA VAL C 62 -12.47 -43.19 28.34
C VAL C 62 -11.33 -43.18 27.30
N GLY C 63 -11.46 -44.04 26.30
CA GLY C 63 -10.72 -43.96 25.06
C GLY C 63 -11.21 -42.90 24.10
N TYR C 64 -10.27 -42.26 23.39
CA TYR C 64 -10.54 -41.31 22.32
C TYR C 64 -9.48 -41.42 21.21
N ALA C 65 -9.93 -41.65 19.96
CA ALA C 65 -9.10 -41.62 18.76
C ALA C 65 -9.98 -41.39 17.50
N ARG C 66 -9.39 -41.29 16.29
CA ARG C 66 -10.11 -40.99 15.05
CA ARG C 66 -10.12 -40.98 15.06
C ARG C 66 -11.03 -42.16 14.65
N SER C 67 -10.61 -43.42 14.85
CA SER C 67 -11.30 -44.61 14.38
C SER C 67 -12.63 -44.78 15.09
N ARG C 68 -13.65 -45.29 14.40
CA ARG C 68 -14.98 -45.48 14.99
C ARG C 68 -15.00 -46.87 15.63
N LEU C 69 -14.73 -46.98 16.92
CA LEU C 69 -14.53 -48.27 17.57
C LEU C 69 -15.52 -48.44 18.74
N THR C 70 -15.77 -49.68 19.14
CA THR C 70 -16.50 -50.00 20.35
C THR C 70 -15.50 -50.42 21.44
N VAL C 71 -15.99 -50.50 22.70
CA VAL C 71 -15.24 -51.10 23.79
C VAL C 71 -14.91 -52.57 23.48
N ALA C 72 -15.85 -53.32 22.87
CA ALA C 72 -15.60 -54.66 22.38
C ALA C 72 -14.34 -54.73 21.48
N ASP C 73 -14.11 -53.74 20.60
CA ASP C 73 -12.95 -53.73 19.71
C ASP C 73 -11.67 -53.53 20.52
N ILE C 74 -11.67 -52.49 21.39
CA ILE C 74 -10.60 -52.19 22.32
C ILE C 74 -10.19 -53.45 23.07
N ARG C 75 -11.17 -54.09 23.70
CA ARG C 75 -10.97 -55.33 24.43
C ARG C 75 -10.32 -56.42 23.55
N LYS C 76 -10.84 -56.67 22.33
CA LYS C 76 -10.24 -57.68 21.47
C LYS C 76 -8.76 -57.39 21.21
N GLN C 77 -8.39 -56.15 20.83
CA GLN C 77 -7.04 -55.78 20.44
C GLN C 77 -6.11 -55.78 21.69
N SER C 78 -6.60 -55.32 22.88
CA SER C 78 -5.75 -55.10 24.08
C SER C 78 -5.72 -56.30 25.04
N GLU C 79 -6.82 -57.04 25.17
CA GLU C 79 -6.90 -58.03 26.24
C GLU C 79 -5.75 -59.04 26.19
N PRO C 80 -5.23 -59.50 25.02
CA PRO C 80 -4.05 -60.41 25.01
C PRO C 80 -2.81 -59.98 25.81
N PHE C 81 -2.61 -58.66 25.98
CA PHE C 81 -1.50 -58.09 26.73
C PHE C 81 -1.79 -57.87 28.23
N PHE C 82 -3.01 -58.23 28.67
CA PHE C 82 -3.47 -58.05 30.05
C PHE C 82 -3.01 -59.19 30.94
N LYS C 83 -2.71 -60.35 30.32
CA LYS C 83 -2.32 -61.57 31.01
C LYS C 83 -3.33 -61.88 32.10
N ALA C 84 -4.62 -61.78 31.77
CA ALA C 84 -5.69 -62.04 32.72
C ALA C 84 -5.76 -63.54 32.99
N THR C 85 -6.11 -63.94 34.22
CA THR C 85 -6.25 -65.34 34.58
C THR C 85 -7.76 -65.63 34.67
N PRO C 86 -8.19 -66.91 34.79
CA PRO C 86 -9.62 -67.21 34.96
C PRO C 86 -10.24 -66.66 36.24
N GLU C 87 -9.46 -66.64 37.35
CA GLU C 87 -9.87 -66.08 38.65
C GLU C 87 -10.32 -64.63 38.50
N GLU C 88 -9.81 -63.92 37.49
CA GLU C 88 -10.05 -62.50 37.34
C GLU C 88 -11.22 -62.21 36.40
N LYS C 89 -12.04 -63.20 36.03
CA LYS C 89 -13.14 -63.01 35.08
C LYS C 89 -14.12 -61.94 35.55
N LEU C 90 -14.43 -61.90 36.85
CA LEU C 90 -15.39 -60.93 37.40
C LEU C 90 -14.84 -59.51 37.41
N LYS C 91 -13.60 -59.36 37.88
CA LYS C 91 -12.94 -58.05 37.84
C LYS C 91 -12.80 -57.54 36.41
N LEU C 92 -12.68 -58.44 35.44
CA LEU C 92 -12.44 -58.02 34.06
C LEU C 92 -13.75 -57.48 33.49
N GLU C 93 -14.88 -58.12 33.83
CA GLU C 93 -16.20 -57.60 33.48
C GLU C 93 -16.40 -56.21 34.08
N ASP C 94 -16.17 -56.10 35.40
CA ASP C 94 -16.34 -54.83 36.10
C ASP C 94 -15.42 -53.76 35.49
N PHE C 95 -14.19 -54.11 35.07
CA PHE C 95 -13.27 -53.17 34.42
C PHE C 95 -13.82 -52.67 33.09
N PHE C 96 -14.29 -53.60 32.22
CA PHE C 96 -14.76 -53.20 30.89
C PHE C 96 -16.08 -52.41 30.97
N ALA C 97 -16.88 -52.63 32.03
CA ALA C 97 -18.09 -51.86 32.29
C ALA C 97 -17.77 -50.41 32.56
N ARG C 98 -16.56 -50.13 33.06
CA ARG C 98 -16.11 -48.77 33.38
C ARG C 98 -15.39 -48.13 32.22
N ASN C 99 -15.35 -48.86 31.09
CA ASN C 99 -14.69 -48.40 29.90
C ASN C 99 -15.71 -47.80 28.93
N SER C 100 -15.30 -46.81 28.15
CA SER C 100 -16.07 -46.29 27.04
C SER C 100 -15.09 -45.74 26.00
N TYR C 101 -15.60 -45.51 24.80
CA TYR C 101 -14.82 -44.95 23.71
C TYR C 101 -15.58 -43.84 23.00
N VAL C 102 -14.88 -42.78 22.60
CA VAL C 102 -15.40 -41.69 21.79
C VAL C 102 -14.52 -41.50 20.56
N ALA C 103 -15.06 -41.63 19.34
CA ALA C 103 -14.39 -41.30 18.09
C ALA C 103 -14.30 -39.79 17.93
N GLY C 104 -13.14 -39.26 17.49
CA GLY C 104 -13.04 -37.84 17.20
C GLY C 104 -11.76 -37.49 16.45
N GLN C 105 -11.73 -36.27 15.89
CA GLN C 105 -10.54 -35.67 15.32
C GLN C 105 -9.75 -34.99 16.43
N TYR C 106 -8.42 -34.84 16.22
CA TYR C 106 -7.52 -34.27 17.22
C TYR C 106 -7.52 -32.74 17.14
N ASP C 107 -7.98 -32.12 16.03
CA ASP C 107 -8.11 -30.68 15.92
C ASP C 107 -9.54 -30.27 15.52
N ASP C 108 -10.56 -30.87 16.13
CA ASP C 108 -11.96 -30.54 15.85
C ASP C 108 -12.71 -30.26 17.16
N ALA C 109 -13.05 -28.97 17.39
CA ALA C 109 -13.67 -28.53 18.64
C ALA C 109 -14.95 -29.31 18.96
N ALA C 110 -15.78 -29.59 17.95
CA ALA C 110 -17.00 -30.36 18.10
C ALA C 110 -16.70 -31.76 18.63
N SER C 111 -15.63 -32.40 18.15
CA SER C 111 -15.24 -33.73 18.60
C SER C 111 -14.92 -33.73 20.09
N TYR C 112 -14.29 -32.66 20.55
CA TYR C 112 -13.92 -32.52 21.96
C TYR C 112 -15.13 -32.21 22.84
N GLN C 113 -16.13 -31.49 22.30
CA GLN C 113 -17.37 -31.24 23.02
C GLN C 113 -18.09 -32.56 23.24
N ARG C 114 -18.06 -33.46 22.25
CA ARG C 114 -18.70 -34.76 22.42
C ARG C 114 -18.02 -35.51 23.57
N LEU C 115 -16.67 -35.49 23.59
CA LEU C 115 -15.88 -36.13 24.64
C LEU C 115 -16.24 -35.52 26.02
N ASN C 116 -16.35 -34.19 26.10
CA ASN C 116 -16.71 -33.54 27.36
C ASN C 116 -18.13 -33.90 27.82
N SER C 117 -19.10 -33.96 26.89
CA SER C 117 -20.47 -34.33 27.21
C SER C 117 -20.53 -35.78 27.64
N HIS C 118 -19.74 -36.61 26.95
CA HIS C 118 -19.64 -38.00 27.32
C HIS C 118 -19.21 -38.15 28.79
N MET C 119 -18.23 -37.33 29.17
CA MET C 119 -17.64 -37.42 30.49
C MET C 119 -18.65 -36.90 31.52
N ASN C 120 -19.28 -35.76 31.19
CA ASN C 120 -20.31 -35.14 32.02
C ASN C 120 -21.46 -36.10 32.31
N ALA C 121 -21.73 -37.01 31.37
CA ALA C 121 -22.82 -37.96 31.47
C ALA C 121 -22.45 -39.18 32.31
N LEU C 122 -21.17 -39.38 32.67
CA LEU C 122 -20.78 -40.47 33.57
C LEU C 122 -21.31 -40.12 34.96
N HIS C 123 -21.58 -41.13 35.82
CA HIS C 123 -21.87 -40.90 37.23
C HIS C 123 -20.81 -39.97 37.86
N LEU C 124 -21.22 -38.73 38.16
CA LEU C 124 -20.41 -37.70 38.82
C LEU C 124 -19.27 -37.22 37.92
N GLY C 125 -19.45 -37.34 36.61
CA GLY C 125 -18.49 -36.95 35.61
C GLY C 125 -18.04 -35.49 35.68
N SER C 126 -18.99 -34.58 36.02
CA SER C 126 -18.76 -33.14 36.02
C SER C 126 -17.85 -32.74 37.20
N GLN C 127 -17.78 -33.64 38.22
CA GLN C 127 -17.02 -33.42 39.45
C GLN C 127 -15.69 -34.20 39.50
N ALA C 128 -15.53 -35.21 38.63
CA ALA C 128 -14.40 -36.11 38.59
C ALA C 128 -13.08 -35.37 38.35
N ASN C 129 -12.04 -35.88 38.99
CA ASN C 129 -10.66 -35.58 38.61
C ASN C 129 -10.50 -36.12 37.18
N ARG C 130 -9.83 -35.37 36.31
CA ARG C 130 -9.61 -35.80 34.96
C ARG C 130 -8.11 -35.92 34.66
N LEU C 131 -7.71 -37.11 34.19
CA LEU C 131 -6.32 -37.45 33.90
C LEU C 131 -6.25 -37.81 32.41
N PHE C 132 -5.61 -36.94 31.63
CA PHE C 132 -5.50 -37.12 30.20
C PHE C 132 -4.13 -37.72 29.88
N TYR C 133 -4.11 -38.93 29.37
CA TYR C 133 -2.91 -39.57 28.87
C TYR C 133 -2.78 -39.29 27.38
N LEU C 134 -1.80 -38.47 26.99
CA LEU C 134 -1.55 -38.14 25.59
C LEU C 134 -0.66 -39.19 24.94
N ALA C 135 -1.27 -40.34 24.60
CA ALA C 135 -0.67 -41.48 23.92
C ALA C 135 -0.69 -41.30 22.40
N LEU C 136 0.00 -40.26 21.95
CA LEU C 136 -0.03 -39.71 20.61
C LEU C 136 1.35 -39.18 20.25
N PRO C 137 1.67 -39.12 18.92
CA PRO C 137 2.92 -38.46 18.48
C PRO C 137 2.89 -36.99 18.94
N PRO C 138 4.03 -36.34 19.31
CA PRO C 138 4.02 -34.91 19.65
C PRO C 138 3.69 -33.96 18.49
N THR C 139 3.64 -34.47 17.27
CA THR C 139 3.19 -33.68 16.13
C THR C 139 1.73 -33.23 16.23
N VAL C 140 0.88 -33.80 17.11
CA VAL C 140 -0.48 -33.29 17.33
C VAL C 140 -0.67 -32.70 18.75
N TYR C 141 0.40 -32.58 19.55
CA TYR C 141 0.28 -32.12 20.94
C TYR C 141 -0.26 -30.69 21.01
N GLU C 142 0.16 -29.81 20.08
CA GLU C 142 -0.33 -28.45 20.14
C GLU C 142 -1.85 -28.45 20.01
N ALA C 143 -2.37 -29.22 19.07
CA ALA C 143 -3.81 -29.27 18.81
C ALA C 143 -4.55 -29.88 19.99
N VAL C 144 -4.00 -30.98 20.50
CA VAL C 144 -4.67 -31.76 21.52
C VAL C 144 -4.73 -30.99 22.82
N THR C 145 -3.63 -30.37 23.21
CA THR C 145 -3.61 -29.62 24.46
C THR C 145 -4.48 -28.37 24.33
N LYS C 146 -4.53 -27.73 23.14
CA LYS C 146 -5.36 -26.57 22.88
C LYS C 146 -6.83 -26.97 23.14
N ASN C 147 -7.24 -28.08 22.54
CA ASN C 147 -8.63 -28.46 22.52
C ASN C 147 -9.08 -28.96 23.90
N ILE C 148 -8.16 -29.66 24.60
CA ILE C 148 -8.48 -30.16 25.93
C ILE C 148 -8.75 -28.99 26.85
N HIS C 149 -7.83 -28.00 26.81
CA HIS C 149 -7.97 -26.80 27.63
C HIS C 149 -9.26 -26.04 27.33
N GLU C 150 -9.66 -25.92 26.05
CA GLU C 150 -10.86 -25.17 25.70
C GLU C 150 -12.11 -25.92 26.14
N SER C 151 -12.20 -27.22 25.94
CA SER C 151 -13.49 -27.93 25.92
C SER C 151 -13.64 -29.03 26.96
N CYS C 152 -12.58 -29.49 27.61
CA CYS C 152 -12.66 -30.78 28.29
C CYS C 152 -12.24 -30.73 29.76
N MET C 153 -11.86 -29.57 30.30
CA MET C 153 -11.36 -29.47 31.67
C MET C 153 -12.50 -29.60 32.69
N SER C 154 -12.35 -30.45 33.72
CA SER C 154 -13.24 -30.38 34.88
C SER C 154 -13.21 -28.99 35.47
N GLN C 155 -14.37 -28.53 35.92
CA GLN C 155 -14.49 -27.28 36.64
C GLN C 155 -14.41 -27.51 38.15
N ILE C 156 -14.48 -28.78 38.62
CA ILE C 156 -14.53 -29.14 40.01
C ILE C 156 -13.28 -29.94 40.35
N GLY C 157 -13.04 -31.08 39.70
CA GLY C 157 -11.86 -31.89 39.97
C GLY C 157 -10.57 -31.27 39.39
N TRP C 158 -9.40 -31.87 39.66
CA TRP C 158 -8.18 -31.44 39.01
C TRP C 158 -8.14 -31.99 37.58
N ASN C 159 -7.25 -31.38 36.80
CA ASN C 159 -6.94 -31.80 35.44
C ASN C 159 -5.44 -32.00 35.35
N ARG C 160 -4.99 -33.19 34.93
CA ARG C 160 -3.59 -33.52 34.78
C ARG C 160 -3.38 -34.14 33.40
N ILE C 161 -2.25 -33.83 32.76
CA ILE C 161 -1.94 -34.45 31.50
C ILE C 161 -0.62 -35.23 31.64
N ILE C 162 -0.59 -36.43 31.05
CA ILE C 162 0.64 -37.18 30.91
C ILE C 162 1.15 -37.02 29.48
N VAL C 163 2.43 -36.56 29.39
CA VAL C 163 3.08 -36.29 28.13
C VAL C 163 4.25 -37.26 27.90
N GLU C 164 4.35 -37.78 26.67
CA GLU C 164 5.34 -38.73 26.22
C GLU C 164 6.42 -38.08 25.35
N LYS C 165 7.62 -38.67 25.48
CA LYS C 165 8.75 -38.33 24.66
C LYS C 165 8.42 -38.75 23.24
N PRO C 166 9.01 -38.12 22.20
CA PRO C 166 10.03 -37.07 22.36
C PRO C 166 9.58 -35.69 22.85
N PHE C 167 10.36 -35.11 23.80
CA PHE C 167 10.08 -33.78 24.33
C PHE C 167 10.87 -32.76 23.49
N GLY C 168 10.46 -32.66 22.21
CA GLY C 168 11.30 -32.00 21.23
C GLY C 168 12.49 -32.91 20.82
N ARG C 169 13.38 -32.30 20.02
CA ARG C 169 14.59 -32.96 19.57
C ARG C 169 15.83 -32.11 19.85
N ASP C 170 15.62 -30.91 20.41
CA ASP C 170 16.70 -30.01 20.78
C ASP C 170 16.10 -28.91 21.63
N LEU C 171 16.93 -27.93 22.04
CA LEU C 171 16.46 -26.89 22.90
C LEU C 171 15.30 -26.12 22.25
N GLN C 172 15.49 -25.69 21.00
CA GLN C 172 14.53 -24.81 20.34
C GLN C 172 13.16 -25.48 20.13
N SER C 173 13.15 -26.70 19.58
CA SER C 173 11.91 -27.45 19.39
C SER C 173 11.24 -27.81 20.73
N SER C 174 12.05 -28.17 21.74
CA SER C 174 11.55 -28.47 23.07
C SER C 174 10.87 -27.23 23.67
N ASP C 175 11.52 -26.07 23.58
CA ASP C 175 10.96 -24.82 24.05
C ASP C 175 9.66 -24.45 23.36
N ARG C 176 9.54 -24.65 22.02
CA ARG C 176 8.29 -24.32 21.34
C ARG C 176 7.15 -25.12 21.96
N LEU C 177 7.37 -26.42 22.12
CA LEU C 177 6.36 -27.35 22.57
C LEU C 177 6.02 -27.12 24.05
N SER C 178 7.06 -26.89 24.84
CA SER C 178 6.90 -26.76 26.28
C SER C 178 6.25 -25.40 26.58
N ASN C 179 6.67 -24.31 25.92
CA ASN C 179 6.01 -23.03 26.06
C ASN C 179 4.56 -23.07 25.60
N HIS C 180 4.26 -23.84 24.56
CA HIS C 180 2.88 -23.96 24.16
C HIS C 180 2.07 -24.59 25.29
N ILE C 181 2.50 -25.77 25.77
CA ILE C 181 1.76 -26.51 26.78
C ILE C 181 1.67 -25.70 28.07
N SER C 182 2.68 -24.90 28.39
CA SER C 182 2.74 -24.15 29.64
C SER C 182 1.83 -22.93 29.61
N SER C 183 1.52 -22.41 28.41
CA SER C 183 0.62 -21.27 28.33
C SER C 183 -0.83 -21.75 28.63
N LEU C 184 -1.08 -23.08 28.65
CA LEU C 184 -2.38 -23.67 28.89
C LEU C 184 -2.47 -24.35 30.26
N PHE C 185 -1.40 -25.00 30.71
CA PHE C 185 -1.37 -25.89 31.87
C PHE C 185 -0.28 -25.43 32.84
N ARG C 186 -0.60 -25.37 34.13
CA ARG C 186 0.41 -25.09 35.16
C ARG C 186 1.39 -26.26 35.27
N GLU C 187 2.59 -26.02 35.86
CA GLU C 187 3.60 -27.08 36.02
C GLU C 187 3.00 -28.24 36.83
N ASP C 188 2.10 -27.96 37.77
CA ASP C 188 1.56 -29.04 38.61
C ASP C 188 0.47 -29.86 37.88
N GLN C 189 0.19 -29.52 36.60
CA GLN C 189 -0.72 -30.35 35.79
C GLN C 189 0.04 -31.15 34.73
N ILE C 190 1.33 -30.86 34.55
CA ILE C 190 2.13 -31.48 33.48
C ILE C 190 2.98 -32.62 34.05
N TYR C 191 2.74 -33.83 33.53
CA TYR C 191 3.47 -35.05 33.88
C TYR C 191 4.26 -35.60 32.69
N ARG C 192 5.53 -35.14 32.57
CA ARG C 192 6.41 -35.69 31.52
C ARG C 192 7.00 -37.03 31.97
N ILE C 193 6.53 -38.14 31.38
CA ILE C 193 6.77 -39.44 31.96
C ILE C 193 8.05 -40.06 31.36
N ASP C 194 8.70 -40.85 32.21
CA ASP C 194 9.90 -41.62 31.92
C ASP C 194 9.57 -43.06 32.28
N HIS C 195 9.26 -43.84 31.22
CA HIS C 195 8.83 -45.23 31.38
C HIS C 195 9.87 -46.05 32.13
N TYR C 196 11.13 -45.61 32.13
CA TYR C 196 12.20 -46.49 32.57
C TYR C 196 12.58 -46.16 34.00
N LEU C 197 12.03 -45.12 34.60
CA LEU C 197 12.36 -44.82 35.96
C LEU C 197 11.79 -45.85 36.95
N GLY C 198 12.69 -46.61 37.58
CA GLY C 198 12.38 -47.63 38.55
C GLY C 198 12.18 -47.01 39.94
N LYS C 199 10.89 -46.73 40.27
CA LYS C 199 10.49 -45.94 41.41
C LYS C 199 10.98 -46.60 42.70
N GLU C 200 10.87 -47.94 42.83
CA GLU C 200 11.22 -48.58 44.10
C GLU C 200 12.71 -48.43 44.34
N MET C 201 13.54 -48.65 43.30
CA MET C 201 14.98 -48.62 43.50
C MET C 201 15.46 -47.18 43.70
N VAL C 202 14.84 -46.17 43.06
CA VAL C 202 15.28 -44.81 43.31
C VAL C 202 14.95 -44.37 44.74
N GLN C 203 13.85 -44.83 45.31
CA GLN C 203 13.50 -44.51 46.66
C GLN C 203 14.38 -45.29 47.65
N ASN C 204 14.71 -46.55 47.33
CA ASN C 204 15.70 -47.31 48.11
C ASN C 204 16.98 -46.48 48.25
N LEU C 205 17.59 -46.13 47.10
CA LEU C 205 18.77 -45.30 47.01
C LEU C 205 18.67 -44.05 47.92
N MET C 206 17.56 -43.34 47.94
CA MET C 206 17.45 -42.13 48.74
C MET C 206 17.52 -42.44 50.23
N VAL C 207 16.86 -43.52 50.67
CA VAL C 207 17.00 -43.94 52.05
C VAL C 207 18.46 -44.34 52.35
N LEU C 208 19.08 -45.08 51.46
CA LEU C 208 20.41 -45.65 51.67
C LEU C 208 21.40 -44.54 51.97
N ARG C 209 21.31 -43.51 51.14
CA ARG C 209 22.22 -42.40 51.21
C ARG C 209 21.90 -41.44 52.36
N PHE C 210 20.62 -41.04 52.49
CA PHE C 210 20.28 -39.88 53.31
C PHE C 210 19.87 -40.30 54.74
N ALA C 211 19.62 -41.60 54.96
CA ALA C 211 19.24 -42.10 56.28
C ALA C 211 20.42 -42.71 57.06
N ASN C 212 21.61 -42.75 56.47
CA ASN C 212 22.74 -43.50 56.98
C ASN C 212 24.05 -42.71 56.89
N ARG C 213 24.79 -42.75 58.00
CA ARG C 213 26.14 -42.26 58.05
C ARG C 213 27.12 -43.18 57.35
N ILE C 214 26.78 -44.45 57.07
CA ILE C 214 27.78 -45.33 56.49
C ILE C 214 28.03 -44.92 55.02
N PHE C 215 26.96 -44.46 54.33
CA PHE C 215 27.04 -44.09 52.92
C PHE C 215 27.07 -42.57 52.64
N GLY C 216 26.41 -41.75 53.42
CA GLY C 216 26.26 -40.36 53.01
C GLY C 216 27.58 -39.61 53.01
N PRO C 217 28.43 -39.69 54.05
CA PRO C 217 29.70 -38.98 54.07
C PRO C 217 30.72 -39.38 53.00
N ILE C 218 30.58 -40.50 52.28
CA ILE C 218 31.50 -40.85 51.22
C ILE C 218 30.91 -40.63 49.82
N TRP C 219 29.75 -39.97 49.75
CA TRP C 219 29.03 -39.76 48.50
C TRP C 219 29.50 -38.47 47.83
N ASN C 220 30.80 -38.46 47.45
CA ASN C 220 31.46 -37.25 46.98
C ASN C 220 32.75 -37.64 46.25
N ARG C 221 33.37 -36.63 45.61
CA ARG C 221 34.59 -36.75 44.83
C ARG C 221 35.85 -37.18 45.62
N ASP C 222 35.88 -36.96 46.93
CA ASP C 222 36.97 -37.40 47.77
C ASP C 222 36.97 -38.93 47.84
N ASN C 223 35.86 -39.60 47.50
CA ASN C 223 35.74 -41.04 47.73
C ASN C 223 35.28 -41.82 46.50
N ILE C 224 34.70 -41.16 45.50
CA ILE C 224 34.13 -41.83 44.36
C ILE C 224 35.02 -41.50 43.17
N ALA C 225 35.44 -42.56 42.47
CA ALA C 225 36.31 -42.43 41.31
C ALA C 225 35.49 -42.16 40.06
N CYS C 226 34.36 -42.86 39.91
CA CYS C 226 33.47 -42.60 38.79
C CYS C 226 32.10 -43.20 39.09
N VAL C 227 31.12 -42.77 38.30
CA VAL C 227 29.75 -43.32 38.31
C VAL C 227 29.40 -43.79 36.92
N ILE C 228 28.85 -45.00 36.83
CA ILE C 228 28.43 -45.58 35.57
C ILE C 228 26.90 -45.83 35.59
N LEU C 229 26.21 -45.24 34.60
CA LEU C 229 24.80 -45.42 34.31
C LEU C 229 24.68 -46.20 33.02
N THR C 230 24.21 -47.43 33.15
CA THR C 230 24.14 -48.39 32.09
C THR C 230 22.68 -48.64 31.71
N PHE C 231 22.36 -48.59 30.40
CA PHE C 231 21.08 -49.03 29.86
C PHE C 231 21.30 -49.87 28.62
N LYS C 232 21.05 -51.21 28.72
CA LYS C 232 21.40 -52.16 27.66
C LYS C 232 20.21 -53.02 27.28
N GLU C 233 19.90 -53.10 25.97
CA GLU C 233 18.90 -54.02 25.42
C GLU C 233 19.63 -55.02 24.54
N PRO C 234 19.32 -56.33 24.61
CA PRO C 234 19.91 -57.34 23.71
C PRO C 234 19.30 -57.49 22.29
N PHE C 235 18.12 -56.89 22.11
CA PHE C 235 17.34 -56.89 20.88
C PHE C 235 17.71 -55.62 20.13
N GLY C 236 17.70 -55.72 18.79
CA GLY C 236 17.78 -54.59 17.89
C GLY C 236 16.41 -53.96 17.65
N THR C 237 16.24 -53.37 16.45
CA THR C 237 15.10 -52.50 16.15
C THR C 237 13.88 -53.30 15.65
N GLU C 238 14.07 -54.59 15.33
CA GLU C 238 13.00 -55.52 15.00
C GLU C 238 12.19 -55.04 13.78
N GLY C 239 12.83 -54.51 12.73
CA GLY C 239 12.12 -54.04 11.54
C GLY C 239 11.23 -52.80 11.75
N ARG C 240 11.40 -52.09 12.88
CA ARG C 240 10.59 -50.93 13.24
C ARG C 240 11.45 -49.71 13.60
N GLY C 241 12.70 -49.69 13.14
CA GLY C 241 13.65 -48.68 13.56
C GLY C 241 13.54 -47.33 12.86
N GLY C 242 12.66 -47.22 11.84
CA GLY C 242 12.46 -46.01 11.07
C GLY C 242 12.20 -44.80 11.97
N TYR C 243 11.38 -44.93 13.02
CA TYR C 243 11.09 -43.80 13.93
C TYR C 243 12.32 -43.43 14.77
N PHE C 244 12.91 -44.41 15.47
CA PHE C 244 14.21 -44.28 16.16
C PHE C 244 15.26 -43.60 15.26
N ASP C 245 15.30 -43.96 13.97
CA ASP C 245 16.33 -43.49 13.05
C ASP C 245 16.38 -41.96 13.00
N GLU C 246 15.26 -41.28 13.28
CA GLU C 246 15.20 -39.83 13.26
C GLU C 246 15.65 -39.23 14.59
N PHE C 247 15.93 -40.05 15.61
CA PHE C 247 16.26 -39.59 16.95
C PHE C 247 17.70 -40.00 17.36
N GLY C 248 17.99 -41.30 17.26
CA GLY C 248 19.24 -41.87 17.73
C GLY C 248 19.21 -42.09 19.24
N ILE C 249 20.22 -42.83 19.75
CA ILE C 249 20.21 -43.47 21.07
C ILE C 249 20.33 -42.41 22.17
N ILE C 250 21.08 -41.34 21.91
CA ILE C 250 21.22 -40.23 22.83
C ILE C 250 19.85 -39.60 23.17
N ARG C 251 19.09 -39.20 22.16
CA ARG C 251 17.78 -38.58 22.34
C ARG C 251 16.82 -39.60 22.95
N ASP C 252 16.94 -40.86 22.52
CA ASP C 252 16.01 -41.91 22.85
C ASP C 252 16.05 -42.19 24.34
N VAL C 253 17.24 -42.36 24.92
CA VAL C 253 17.34 -42.86 26.29
C VAL C 253 18.33 -42.08 27.16
N MET C 254 19.27 -41.32 26.58
CA MET C 254 20.26 -40.70 27.41
C MET C 254 19.89 -39.32 27.91
N GLN C 255 19.46 -38.45 26.99
CA GLN C 255 19.18 -37.06 27.30
C GLN C 255 18.01 -37.00 28.28
N ASN C 256 17.19 -38.07 28.30
CA ASN C 256 16.00 -38.08 29.15
C ASN C 256 16.26 -39.00 30.36
N HIS C 257 16.20 -40.31 30.16
CA HIS C 257 16.20 -41.25 31.27
C HIS C 257 17.52 -41.26 32.03
N LEU C 258 18.66 -41.43 31.33
CA LEU C 258 19.95 -41.60 32.02
C LEU C 258 20.33 -40.32 32.76
N LEU C 259 19.98 -39.16 32.18
CA LEU C 259 20.25 -37.89 32.81
C LEU C 259 19.41 -37.75 34.09
N GLN C 260 18.20 -38.35 34.11
CA GLN C 260 17.43 -38.27 35.34
C GLN C 260 18.16 -39.06 36.44
N MET C 261 18.67 -40.25 36.12
CA MET C 261 19.37 -41.11 37.07
C MET C 261 20.64 -40.42 37.58
N LEU C 262 21.37 -39.77 36.68
CA LEU C 262 22.51 -38.98 37.08
C LEU C 262 22.09 -37.97 38.15
N CYS C 263 20.99 -37.25 37.88
CA CYS C 263 20.53 -36.23 38.80
C CYS C 263 20.22 -36.81 40.16
N LEU C 264 19.62 -38.02 40.19
CA LEU C 264 19.22 -38.63 41.45
C LEU C 264 20.45 -39.12 42.22
N VAL C 265 21.50 -39.49 41.51
CA VAL C 265 22.76 -39.88 42.12
C VAL C 265 23.54 -38.65 42.62
N ALA C 266 23.60 -37.59 41.83
CA ALA C 266 24.44 -36.43 42.11
C ALA C 266 23.80 -35.36 43.02
N MET C 267 22.48 -35.34 43.19
CA MET C 267 21.80 -34.26 43.86
C MET C 267 22.38 -34.09 45.30
N GLU C 268 22.31 -32.83 45.74
CA GLU C 268 22.37 -32.54 47.15
C GLU C 268 21.11 -33.03 47.86
N LYS C 269 21.23 -33.18 49.16
CA LYS C 269 20.13 -33.54 50.01
C LYS C 269 19.04 -32.46 49.86
N PRO C 270 17.79 -32.84 49.48
CA PRO C 270 16.72 -31.86 49.40
C PRO C 270 16.32 -31.37 50.79
N ALA C 271 15.76 -30.11 50.85
CA ALA C 271 15.18 -29.59 52.09
C ALA C 271 14.09 -30.53 52.67
N SER C 272 13.42 -31.33 51.88
CA SER C 272 12.42 -32.28 52.32
C SER C 272 12.24 -33.30 51.18
N THR C 273 11.36 -34.32 51.36
CA THR C 273 11.04 -35.27 50.32
C THR C 273 9.87 -34.85 49.41
N ASN C 274 9.43 -33.58 49.50
CA ASN C 274 8.41 -33.06 48.61
C ASN C 274 8.97 -33.05 47.19
N SER C 275 8.11 -33.41 46.24
CA SER C 275 8.43 -33.47 44.83
C SER C 275 9.23 -32.26 44.33
N ASP C 276 8.84 -31.04 44.70
CA ASP C 276 9.48 -29.90 44.10
C ASP C 276 10.80 -29.56 44.82
N ASP C 277 11.00 -29.94 46.10
CA ASP C 277 12.30 -29.79 46.73
C ASP C 277 13.29 -30.71 46.02
N VAL C 278 12.85 -31.95 45.73
CA VAL C 278 13.67 -32.94 45.04
C VAL C 278 13.97 -32.48 43.61
N ARG C 279 12.98 -32.00 42.87
CA ARG C 279 13.24 -31.57 41.48
C ARG C 279 14.07 -30.29 41.52
N ASP C 280 13.94 -29.43 42.53
CA ASP C 280 14.89 -28.33 42.63
C ASP C 280 16.34 -28.83 42.64
N GLU C 281 16.63 -29.92 43.38
CA GLU C 281 17.99 -30.44 43.49
C GLU C 281 18.42 -31.12 42.20
N LYS C 282 17.47 -31.79 41.47
CA LYS C 282 17.77 -32.37 40.17
C LYS C 282 18.24 -31.27 39.22
N VAL C 283 17.58 -30.11 39.25
CA VAL C 283 17.90 -28.99 38.36
C VAL C 283 19.23 -28.33 38.73
N LYS C 284 19.50 -28.11 40.02
CA LYS C 284 20.79 -27.54 40.47
C LYS C 284 21.94 -28.39 39.89
N VAL C 285 21.81 -29.72 39.86
CA VAL C 285 22.84 -30.58 39.28
C VAL C 285 23.08 -30.21 37.82
N LEU C 286 22.01 -30.16 37.02
CA LEU C 286 22.10 -29.96 35.59
C LEU C 286 22.74 -28.61 35.32
N LYS C 287 22.41 -27.61 36.15
CA LYS C 287 23.00 -26.29 36.01
C LYS C 287 24.51 -26.30 36.23
N CYS C 288 25.05 -27.36 36.85
CA CYS C 288 26.48 -27.46 37.05
C CYS C 288 27.14 -28.28 35.94
N ILE C 289 26.38 -28.63 34.87
CA ILE C 289 26.93 -29.48 33.82
C ILE C 289 27.16 -28.67 32.54
N SER C 290 28.38 -28.75 31.99
CA SER C 290 28.75 -28.07 30.75
C SER C 290 28.28 -28.84 29.52
N GLU C 291 28.16 -28.14 28.39
CA GLU C 291 27.73 -28.77 27.15
C GLU C 291 28.78 -29.84 26.84
N VAL C 292 28.30 -31.07 26.58
CA VAL C 292 29.20 -32.18 26.37
C VAL C 292 29.87 -32.07 24.99
N GLN C 293 31.16 -32.40 24.93
CA GLN C 293 31.91 -32.31 23.68
C GLN C 293 32.24 -33.69 23.17
N ALA C 294 32.55 -33.77 21.90
CA ALA C 294 32.68 -35.01 21.13
C ALA C 294 33.83 -35.87 21.62
N ASN C 295 34.92 -35.28 22.15
CA ASN C 295 36.06 -36.06 22.69
C ASN C 295 35.62 -36.94 23.88
N ASN C 296 34.46 -36.63 24.48
CA ASN C 296 33.85 -37.39 25.57
C ASN C 296 32.72 -38.29 25.09
N VAL C 297 32.68 -38.63 23.79
CA VAL C 297 31.58 -39.40 23.25
C VAL C 297 32.13 -40.44 22.30
N VAL C 298 31.56 -41.64 22.42
CA VAL C 298 31.77 -42.74 21.51
C VAL C 298 30.41 -43.22 20.97
N LEU C 299 30.22 -43.22 19.65
CA LEU C 299 28.98 -43.67 19.04
C LEU C 299 29.26 -44.98 18.34
N GLY C 300 28.25 -45.87 18.35
CA GLY C 300 28.30 -47.08 17.58
C GLY C 300 26.98 -47.37 16.87
N GLN C 301 27.01 -48.31 15.92
CA GLN C 301 25.82 -48.78 15.23
C GLN C 301 25.94 -50.30 15.03
N TYR C 302 24.89 -51.09 15.36
CA TYR C 302 25.08 -52.54 15.29
C TYR C 302 25.06 -53.08 13.85
N VAL C 303 25.86 -54.14 13.65
CA VAL C 303 25.93 -54.90 12.41
C VAL C 303 25.52 -56.35 12.73
N GLY C 304 25.13 -57.12 11.71
CA GLY C 304 24.75 -58.49 11.98
C GLY C 304 25.93 -59.34 12.45
N ASN C 305 25.60 -60.43 13.14
CA ASN C 305 26.57 -61.44 13.56
C ASN C 305 26.51 -62.58 12.55
N PRO C 306 27.57 -62.83 11.75
CA PRO C 306 27.57 -63.94 10.80
C PRO C 306 27.25 -65.29 11.45
N ASP C 307 27.67 -65.46 12.73
CA ASP C 307 27.49 -66.70 13.49
C ASP C 307 26.20 -66.71 14.31
N GLY C 308 25.39 -65.66 14.23
CA GLY C 308 24.13 -65.58 14.97
C GLY C 308 23.04 -66.41 14.32
N GLU C 309 21.87 -66.45 14.98
CA GLU C 309 20.65 -67.03 14.43
C GLU C 309 19.56 -65.95 14.43
N GLY C 310 18.50 -66.11 13.62
CA GLY C 310 17.35 -65.21 13.67
C GLY C 310 17.74 -63.74 13.48
N GLU C 311 17.14 -62.83 14.27
CA GLU C 311 17.41 -61.41 14.18
C GLU C 311 18.87 -61.01 14.34
N ALA C 312 19.66 -61.87 14.97
CA ALA C 312 21.02 -61.54 15.39
C ALA C 312 21.93 -61.40 14.17
N THR C 313 21.49 -61.98 13.04
CA THR C 313 22.27 -61.97 11.81
C THR C 313 22.10 -60.66 11.06
N LYS C 314 21.18 -59.79 11.49
CA LYS C 314 20.84 -58.58 10.76
C LYS C 314 21.31 -57.35 11.53
N GLY C 315 22.06 -56.51 10.84
CA GLY C 315 22.46 -55.19 11.30
C GLY C 315 21.32 -54.18 11.30
N TYR C 316 21.64 -53.00 11.81
CA TYR C 316 20.70 -51.91 11.92
C TYR C 316 20.23 -51.50 10.53
N LEU C 317 21.14 -51.48 9.53
CA LEU C 317 20.82 -51.01 8.18
C LEU C 317 19.98 -52.04 7.44
N ASP C 318 20.05 -53.32 7.88
CA ASP C 318 19.22 -54.38 7.31
C ASP C 318 17.78 -54.20 7.79
N ASP C 319 17.49 -53.21 8.63
CA ASP C 319 16.09 -52.94 8.96
C ASP C 319 15.48 -52.31 7.70
N PRO C 320 14.40 -52.92 7.15
CA PRO C 320 13.75 -52.40 5.94
C PRO C 320 13.25 -50.95 6.14
N THR C 321 12.88 -50.52 7.35
CA THR C 321 12.37 -49.17 7.57
C THR C 321 13.47 -48.17 7.89
N VAL C 322 14.74 -48.56 7.72
CA VAL C 322 15.86 -47.69 8.06
C VAL C 322 16.56 -47.36 6.74
N PRO C 323 16.77 -46.05 6.40
CA PRO C 323 17.56 -45.66 5.23
C PRO C 323 18.90 -46.40 5.11
N ARG C 324 19.21 -46.84 3.87
CA ARG C 324 20.52 -47.29 3.41
C ARG C 324 21.55 -46.23 3.85
N GLY C 325 22.68 -46.60 4.45
CA GLY C 325 23.65 -45.61 4.92
C GLY C 325 23.18 -44.50 5.88
N SER C 326 22.13 -44.72 6.68
CA SER C 326 21.89 -43.96 7.91
C SER C 326 23.15 -43.96 8.78
N THR C 327 23.52 -42.84 9.41
CA THR C 327 24.64 -42.84 10.37
C THR C 327 24.17 -42.75 11.82
N THR C 328 22.91 -43.11 12.09
CA THR C 328 22.30 -42.97 13.40
C THR C 328 22.93 -43.98 14.35
N ALA C 329 23.17 -43.54 15.59
CA ALA C 329 23.82 -44.34 16.61
C ALA C 329 22.78 -45.23 17.32
N THR C 330 23.03 -46.54 17.38
CA THR C 330 22.32 -47.47 18.27
C THR C 330 23.04 -47.72 19.61
N PHE C 331 24.25 -47.13 19.75
CA PHE C 331 25.06 -47.22 20.96
C PHE C 331 25.72 -45.86 21.20
N ALA C 332 25.72 -45.42 22.46
CA ALA C 332 26.54 -44.31 22.87
C ALA C 332 27.15 -44.58 24.25
N ALA C 333 28.41 -44.12 24.43
CA ALA C 333 29.03 -43.98 25.73
C ALA C 333 29.42 -42.53 25.84
N VAL C 334 28.98 -41.88 26.93
CA VAL C 334 29.15 -40.43 27.08
C VAL C 334 29.65 -40.11 28.48
N VAL C 335 30.53 -39.11 28.61
CA VAL C 335 31.05 -38.72 29.89
C VAL C 335 30.64 -37.28 30.14
N LEU C 336 29.98 -37.10 31.31
CA LEU C 336 29.61 -35.79 31.83
C LEU C 336 30.32 -35.56 33.16
N TYR C 337 30.45 -34.27 33.49
CA TYR C 337 31.03 -33.78 34.70
C TYR C 337 30.00 -32.86 35.34
N VAL C 338 29.83 -33.07 36.66
CA VAL C 338 29.10 -32.14 37.50
C VAL C 338 30.13 -31.27 38.21
N GLU C 339 30.16 -30.00 37.78
CA GLU C 339 31.19 -29.06 38.21
C GLU C 339 30.75 -28.30 39.45
N ASN C 340 30.74 -29.00 40.61
CA ASN C 340 30.36 -28.39 41.87
C ASN C 340 31.24 -29.01 42.98
N GLU C 341 30.97 -28.64 44.24
CA GLU C 341 31.82 -28.99 45.39
C GLU C 341 31.85 -30.51 45.55
N ARG C 342 30.71 -31.14 45.32
CA ARG C 342 30.54 -32.54 45.65
C ARG C 342 31.20 -33.44 44.60
N TRP C 343 31.20 -32.99 43.32
CA TRP C 343 31.48 -33.91 42.22
C TRP C 343 32.62 -33.52 41.30
N ASP C 344 33.18 -32.30 41.39
CA ASP C 344 34.11 -31.87 40.34
C ASP C 344 35.23 -32.90 40.14
N GLY C 345 35.43 -33.27 38.89
CA GLY C 345 36.46 -34.19 38.46
C GLY C 345 35.90 -35.60 38.28
N VAL C 346 34.74 -35.91 38.91
CA VAL C 346 34.21 -37.26 38.87
C VAL C 346 33.47 -37.52 37.56
N PRO C 347 33.95 -38.45 36.73
CA PRO C 347 33.30 -38.74 35.46
C PRO C 347 32.02 -39.48 35.70
N PHE C 348 30.95 -38.95 35.11
CA PHE C 348 29.68 -39.66 35.02
C PHE C 348 29.53 -40.27 33.64
N ILE C 349 29.57 -41.59 33.58
CA ILE C 349 29.68 -42.33 32.33
C ILE C 349 28.30 -42.92 32.06
N LEU C 350 27.71 -42.50 30.95
CA LEU C 350 26.41 -42.94 30.50
C LEU C 350 26.68 -43.88 29.35
N ARG C 351 26.26 -45.14 29.48
CA ARG C 351 26.56 -46.13 28.48
C ARG C 351 25.28 -46.90 28.16
N CYS C 352 24.78 -46.78 26.91
CA CYS C 352 23.54 -47.42 26.50
C CYS C 352 23.62 -47.96 25.08
N GLY C 353 22.85 -49.01 24.77
CA GLY C 353 22.56 -49.26 23.38
C GLY C 353 21.68 -50.48 23.15
N LYS C 354 21.37 -50.73 21.86
CA LYS C 354 20.60 -51.88 21.41
C LYS C 354 21.55 -52.97 20.88
N ALA C 355 21.00 -54.18 20.75
CA ALA C 355 21.70 -55.33 20.20
C ALA C 355 23.01 -55.62 20.97
N LEU C 356 22.93 -55.50 22.30
CA LEU C 356 24.07 -55.74 23.18
C LEU C 356 23.89 -57.13 23.79
N ASN C 357 24.73 -57.47 24.76
CA ASN C 357 24.94 -58.84 25.21
C ASN C 357 23.96 -59.22 26.30
N GLU C 358 23.23 -58.26 26.89
CA GLU C 358 22.28 -58.52 27.95
C GLU C 358 21.32 -57.35 28.09
N ARG C 359 20.23 -57.63 28.83
CA ARG C 359 19.33 -56.58 29.33
C ARG C 359 19.90 -56.20 30.69
N LYS C 360 20.18 -54.92 30.87
CA LYS C 360 20.65 -54.44 32.15
C LYS C 360 20.35 -52.98 32.27
N ALA C 361 19.82 -52.59 33.43
CA ALA C 361 19.71 -51.18 33.78
C ALA C 361 20.21 -50.99 35.20
N GLU C 362 21.13 -50.04 35.41
CA GLU C 362 22.04 -50.14 36.53
C GLU C 362 22.77 -48.82 36.75
N VAL C 363 22.95 -48.50 38.02
CA VAL C 363 23.80 -47.44 38.52
C VAL C 363 24.91 -48.11 39.30
N ARG C 364 26.16 -47.68 39.08
CA ARG C 364 27.34 -48.25 39.71
C ARG C 364 28.16 -47.06 40.20
N LEU C 365 28.44 -46.99 41.51
CA LEU C 365 29.46 -46.10 42.04
C LEU C 365 30.74 -46.91 42.25
N GLN C 366 31.82 -46.48 41.59
CA GLN C 366 33.12 -47.11 41.84
C GLN C 366 33.96 -46.15 42.70
N PHE C 367 34.29 -46.64 43.93
CA PHE C 367 35.06 -45.84 44.89
C PHE C 367 36.55 -45.87 44.56
N HIS C 368 37.24 -44.81 44.96
CA HIS C 368 38.70 -44.77 44.91
C HIS C 368 39.31 -45.89 45.73
N ASP C 369 40.57 -46.14 45.35
CA ASP C 369 41.44 -47.07 46.08
C ASP C 369 41.70 -46.49 47.46
N VAL C 370 42.09 -47.36 48.38
CA VAL C 370 42.43 -46.85 49.70
C VAL C 370 43.71 -46.03 49.57
N ALA C 371 43.79 -44.95 50.35
CA ALA C 371 44.97 -44.08 50.47
C ALA C 371 46.04 -44.76 51.31
N GLY C 372 46.93 -45.51 50.66
CA GLY C 372 47.97 -46.33 51.27
C GLY C 372 47.42 -47.70 51.58
N ASP C 373 47.96 -48.71 50.90
CA ASP C 373 47.51 -50.10 50.98
C ASP C 373 48.50 -50.88 51.84
N ILE C 374 48.15 -51.25 53.05
CA ILE C 374 49.03 -52.00 53.96
C ILE C 374 48.90 -53.52 53.77
N PHE C 375 48.12 -53.91 52.75
CA PHE C 375 47.81 -55.32 52.49
C PHE C 375 48.40 -55.73 51.12
N HIS C 376 49.57 -55.17 50.76
CA HIS C 376 50.36 -55.60 49.61
C HIS C 376 49.52 -55.48 48.34
N GLN C 377 48.80 -54.37 48.15
CA GLN C 377 48.07 -54.03 46.90
C GLN C 377 46.96 -55.04 46.55
N GLN C 378 46.46 -55.83 47.50
CA GLN C 378 45.39 -56.79 47.27
C GLN C 378 44.00 -56.16 47.29
N CYS C 379 43.86 -54.86 47.58
CA CYS C 379 42.54 -54.25 47.81
C CYS C 379 41.93 -53.74 46.51
N LYS C 380 40.78 -54.29 46.09
CA LYS C 380 40.05 -53.79 44.93
C LYS C 380 39.12 -52.63 45.34
N ARG C 381 38.89 -51.73 44.39
CA ARG C 381 37.94 -50.65 44.62
C ARG C 381 36.56 -51.15 45.02
N ASN C 382 36.05 -50.55 46.09
CA ASN C 382 34.70 -50.85 46.52
C ASN C 382 33.73 -50.33 45.44
N GLU C 383 32.59 -51.01 45.29
CA GLU C 383 31.46 -50.49 44.47
C GLU C 383 30.13 -50.61 45.20
N LEU C 384 29.27 -49.66 44.87
CA LEU C 384 27.84 -49.72 45.17
C LEU C 384 27.04 -49.80 43.86
N VAL C 385 26.26 -50.85 43.74
CA VAL C 385 25.54 -51.20 42.52
C VAL C 385 24.04 -51.21 42.83
N ILE C 386 23.28 -50.40 42.08
CA ILE C 386 21.81 -50.40 42.11
C ILE C 386 21.34 -50.88 40.73
N ARG C 387 20.91 -52.12 40.66
CA ARG C 387 20.45 -52.71 39.43
C ARG C 387 18.91 -52.66 39.42
N VAL C 388 18.33 -52.23 38.30
CA VAL C 388 16.89 -52.08 38.16
C VAL C 388 16.39 -53.28 37.35
N GLN C 389 16.95 -53.59 36.17
CA GLN C 389 16.67 -54.83 35.43
C GLN C 389 18.03 -55.45 35.17
N PRO C 390 18.20 -56.78 34.96
CA PRO C 390 17.11 -57.74 34.85
C PRO C 390 16.42 -58.01 36.19
N ASN C 391 17.17 -58.13 37.32
CA ASN C 391 16.60 -58.29 38.64
C ASN C 391 17.07 -57.19 39.57
N GLU C 392 16.09 -56.47 40.15
CA GLU C 392 16.34 -55.40 41.11
C GLU C 392 17.24 -55.89 42.25
N ALA C 393 18.24 -55.06 42.65
CA ALA C 393 19.22 -55.39 43.70
C ALA C 393 20.00 -54.13 44.05
N VAL C 394 20.29 -53.94 45.35
CA VAL C 394 21.31 -53.00 45.81
C VAL C 394 22.40 -53.83 46.51
N TYR C 395 23.66 -53.69 46.10
CA TYR C 395 24.71 -54.42 46.77
C TYR C 395 26.02 -53.61 46.74
N THR C 396 26.88 -53.95 47.67
CA THR C 396 28.14 -53.24 47.79
C THR C 396 29.30 -54.27 47.80
N MET C 398 32.83 -55.19 48.59
CA MET C 398 33.82 -54.66 49.56
C MET C 398 34.82 -55.77 49.89
N MET C 399 35.90 -55.45 50.62
CA MET C 399 36.87 -56.46 51.01
C MET C 399 36.57 -57.04 52.42
N THR C 400 36.71 -58.34 52.62
CA THR C 400 36.58 -58.94 53.93
C THR C 400 37.67 -59.95 54.22
N LYS C 401 37.97 -60.22 55.50
CA LYS C 401 39.07 -61.12 55.78
C LYS C 401 38.65 -62.59 55.61
N LYS C 402 39.52 -63.31 54.89
CA LYS C 402 39.54 -64.77 54.86
C LYS C 402 40.02 -65.27 56.23
N PRO C 403 39.39 -66.25 56.91
CA PRO C 403 39.98 -66.88 58.09
C PRO C 403 41.44 -67.30 57.90
N GLY C 404 42.24 -67.22 58.96
CA GLY C 404 43.66 -67.52 58.82
C GLY C 404 44.55 -66.55 59.58
N MET C 405 45.87 -66.86 59.49
CA MET C 405 46.98 -66.23 60.19
C MET C 405 47.16 -64.75 59.82
N PHE C 406 47.31 -64.39 58.51
CA PHE C 406 47.74 -63.05 58.15
C PHE C 406 46.47 -62.27 57.79
N PHE C 407 46.58 -61.29 56.89
CA PHE C 407 45.41 -60.50 56.54
C PHE C 407 45.13 -60.68 55.06
N ASN C 408 44.37 -61.70 54.66
CA ASN C 408 44.09 -61.88 53.23
C ASN C 408 42.62 -61.50 53.01
N PRO C 409 42.44 -60.25 52.52
CA PRO C 409 41.13 -59.76 52.15
C PRO C 409 40.69 -60.34 50.80
N GLU C 410 39.40 -60.65 50.63
CA GLU C 410 38.90 -61.05 49.33
C GLU C 410 37.74 -60.12 48.99
N GLU C 411 37.50 -59.88 47.66
CA GLU C 411 36.35 -59.12 47.21
C GLU C 411 35.10 -59.96 47.56
N SER C 412 34.04 -59.30 48.02
CA SER C 412 32.82 -59.93 48.51
C SER C 412 31.65 -59.08 47.98
N GLU C 413 30.42 -59.60 47.93
CA GLU C 413 29.28 -58.76 47.50
C GLU C 413 28.17 -58.84 48.55
N LEU C 414 27.70 -57.71 49.10
CA LEU C 414 26.68 -57.78 50.12
C LEU C 414 25.41 -57.15 49.62
N ASP C 415 24.30 -57.89 49.73
CA ASP C 415 22.97 -57.45 49.38
C ASP C 415 22.41 -56.49 50.42
N LEU C 416 22.10 -55.24 50.04
CA LEU C 416 21.58 -54.22 50.93
C LEU C 416 20.08 -53.94 50.76
N THR C 417 19.43 -54.65 49.80
CA THR C 417 18.22 -54.10 49.16
C THR C 417 17.16 -53.87 50.28
N TYR C 418 16.75 -54.93 51.01
CA TYR C 418 15.77 -54.89 52.09
C TYR C 418 16.42 -55.33 53.43
N GLY C 419 17.78 -55.31 53.48
CA GLY C 419 18.50 -55.56 54.72
C GLY C 419 18.38 -57.01 55.18
N ASN C 420 18.04 -57.26 56.47
CA ASN C 420 17.75 -58.60 56.99
C ASN C 420 16.25 -58.89 56.90
N ARG C 421 15.44 -57.84 56.69
CA ARG C 421 14.00 -57.87 56.93
C ARG C 421 13.26 -58.86 56.03
N TYR C 422 13.38 -58.72 54.71
CA TYR C 422 12.49 -59.36 53.76
C TYR C 422 13.30 -60.23 52.80
N LYS C 423 13.07 -61.57 52.84
CA LYS C 423 13.82 -62.55 52.06
C LYS C 423 13.59 -62.44 50.53
N ASN C 424 12.35 -62.56 50.04
CA ASN C 424 12.05 -62.27 48.64
C ASN C 424 11.06 -61.12 48.66
N VAL C 425 10.99 -60.28 47.61
CA VAL C 425 9.99 -59.23 47.48
C VAL C 425 9.56 -59.11 46.01
N LYS C 426 8.25 -59.27 45.71
CA LYS C 426 7.74 -59.14 44.35
C LYS C 426 6.99 -57.81 44.21
N LEU C 427 7.57 -56.90 43.41
CA LEU C 427 7.04 -55.55 43.23
C LEU C 427 6.14 -55.49 42.02
N PRO C 428 5.07 -54.65 42.07
CA PRO C 428 4.41 -54.14 40.89
C PRO C 428 5.37 -53.42 39.96
N ASP C 429 5.20 -53.73 38.68
CA ASP C 429 5.67 -52.97 37.52
C ASP C 429 5.92 -51.49 37.91
N ALA C 430 7.10 -50.97 37.53
CA ALA C 430 7.50 -49.61 37.86
C ALA C 430 6.58 -48.60 37.16
N TYR C 431 6.10 -48.96 35.96
CA TYR C 431 5.26 -48.10 35.13
C TYR C 431 3.87 -47.97 35.79
N GLU C 432 3.33 -49.10 36.26
CA GLU C 432 2.12 -49.14 37.04
C GLU C 432 2.23 -48.12 38.19
N ARG C 433 3.39 -48.12 38.88
CA ARG C 433 3.62 -47.23 40.01
C ARG C 433 3.72 -45.77 39.59
N LEU C 434 4.18 -45.57 38.36
CA LEU C 434 4.40 -44.21 37.86
C LEU C 434 3.05 -43.55 37.53
N ILE C 435 2.11 -44.34 36.98
CA ILE C 435 0.81 -43.79 36.67
C ILE C 435 0.06 -43.55 37.97
N LEU C 436 0.23 -44.44 38.93
CA LEU C 436 -0.31 -44.23 40.27
C LEU C 436 0.16 -42.94 40.88
N ASP C 437 1.44 -42.57 40.64
CA ASP C 437 1.93 -41.28 41.14
C ASP C 437 1.06 -40.13 40.63
N VAL C 438 0.54 -40.21 39.38
CA VAL C 438 -0.18 -39.10 38.81
C VAL C 438 -1.51 -38.98 39.54
N PHE C 439 -2.15 -40.14 39.83
CA PHE C 439 -3.35 -40.12 40.66
C PHE C 439 -3.07 -39.47 42.04
N CYS C 440 -1.84 -39.62 42.58
CA CYS C 440 -1.46 -39.14 43.91
C CYS C 440 -0.93 -37.71 43.90
N GLY C 441 -0.78 -37.11 42.73
CA GLY C 441 -0.28 -35.75 42.68
C GLY C 441 1.22 -35.68 42.91
N SER C 442 1.97 -36.75 42.62
CA SER C 442 3.41 -36.80 42.94
C SER C 442 4.29 -36.67 41.68
N GLN C 443 5.01 -35.54 41.56
CA GLN C 443 5.69 -35.16 40.32
C GLN C 443 7.22 -35.44 40.34
N MET C 444 7.74 -35.97 41.47
CA MET C 444 9.17 -36.17 41.74
C MET C 444 9.95 -36.77 40.57
N HIS C 445 9.42 -37.86 39.99
CA HIS C 445 10.04 -38.65 38.93
C HIS C 445 9.57 -38.30 37.52
N PHE C 446 9.01 -37.10 37.38
CA PHE C 446 8.61 -36.57 36.09
C PHE C 446 9.42 -35.31 35.90
N VAL C 447 9.83 -35.11 34.65
CA VAL C 447 10.74 -34.06 34.31
C VAL C 447 10.00 -32.73 34.31
N ARG C 448 10.59 -31.76 35.02
CA ARG C 448 10.05 -30.44 35.16
C ARG C 448 10.54 -29.57 33.99
N SER C 449 9.81 -28.47 33.71
CA SER C 449 10.13 -27.65 32.53
C SER C 449 11.56 -27.08 32.58
N ASP C 450 11.95 -26.53 33.73
CA ASP C 450 13.28 -25.94 33.88
C ASP C 450 14.39 -27.02 33.73
N GLU C 451 14.13 -28.21 34.28
CA GLU C 451 14.92 -29.42 34.24
C GLU C 451 15.12 -29.83 32.79
N LEU C 452 14.03 -29.86 32.03
CA LEU C 452 14.07 -30.22 30.62
C LEU C 452 14.99 -29.28 29.83
N ARG C 453 14.87 -27.96 30.06
CA ARG C 453 15.63 -27.01 29.28
C ARG C 453 17.14 -27.27 29.51
N GLU C 454 17.51 -27.52 30.79
CA GLU C 454 18.90 -27.81 31.14
C GLU C 454 19.39 -29.06 30.41
N ALA C 455 18.55 -30.10 30.38
CA ALA C 455 18.91 -31.34 29.72
C ALA C 455 19.20 -31.10 28.22
N TRP C 456 18.42 -30.23 27.54
CA TRP C 456 18.64 -29.95 26.14
C TRP C 456 19.85 -29.07 25.94
N ARG C 457 20.11 -28.11 26.83
CA ARG C 457 21.29 -27.26 26.75
C ARG C 457 22.56 -28.10 26.75
N ILE C 458 22.57 -29.13 27.61
CA ILE C 458 23.68 -30.02 27.77
C ILE C 458 23.99 -30.76 26.46
N PHE C 459 22.96 -31.33 25.82
CA PHE C 459 23.19 -32.23 24.70
C PHE C 459 23.04 -31.56 23.35
N THR C 460 22.51 -30.34 23.25
CA THR C 460 22.05 -29.84 21.95
C THR C 460 23.25 -29.52 21.05
N PRO C 461 24.31 -28.79 21.52
CA PRO C 461 25.46 -28.54 20.63
C PRO C 461 25.99 -29.84 20.01
N LEU C 462 26.09 -30.91 20.82
CA LEU C 462 26.63 -32.15 20.32
C LEU C 462 25.68 -32.74 19.26
N LEU C 463 24.36 -32.77 19.54
CA LEU C 463 23.44 -33.39 18.61
C LEU C 463 23.44 -32.66 17.27
N HIS C 464 23.55 -31.32 17.33
CA HIS C 464 23.58 -30.54 16.09
C HIS C 464 24.90 -30.84 15.33
N GLN C 465 26.01 -30.94 16.06
CA GLN C 465 27.30 -31.27 15.46
C GLN C 465 27.26 -32.63 14.77
N ILE C 466 26.63 -33.63 15.41
CA ILE C 466 26.48 -34.95 14.81
C ILE C 466 25.68 -34.83 13.51
N GLU C 467 24.57 -34.07 13.53
CA GLU C 467 23.71 -33.93 12.36
C GLU C 467 24.43 -33.24 11.19
N LEU C 468 25.29 -32.28 11.51
CA LEU C 468 25.99 -31.48 10.51
C LEU C 468 27.27 -32.15 10.03
N GLU C 469 28.06 -32.81 10.88
CA GLU C 469 29.30 -33.44 10.46
C GLU C 469 29.02 -34.87 9.98
N LYS C 470 27.84 -35.43 10.33
CA LYS C 470 27.43 -36.79 10.00
C LYS C 470 28.58 -37.77 10.22
N PRO C 471 29.23 -37.85 11.43
CA PRO C 471 30.31 -38.83 11.64
C PRO C 471 29.79 -40.25 11.51
N LYS C 472 30.59 -41.12 10.89
CA LYS C 472 30.30 -42.55 10.77
C LYS C 472 30.37 -43.16 12.17
N PRO C 473 29.30 -43.74 12.78
CA PRO C 473 29.47 -44.41 14.07
C PRO C 473 30.26 -45.71 13.88
N ILE C 474 30.82 -46.21 14.97
CA ILE C 474 31.65 -47.40 14.97
C ILE C 474 30.78 -48.65 14.92
N PRO C 475 31.07 -49.60 14.02
CA PRO C 475 30.31 -50.85 13.98
C PRO C 475 30.60 -51.75 15.19
N TYR C 476 29.59 -52.51 15.60
CA TYR C 476 29.71 -53.46 16.68
C TYR C 476 28.76 -54.61 16.36
N ILE C 477 29.27 -55.83 16.56
CA ILE C 477 28.57 -57.04 16.21
C ILE C 477 27.39 -57.15 17.18
N TYR C 478 26.21 -57.51 16.63
CA TYR C 478 25.03 -57.82 17.40
C TYR C 478 25.36 -58.89 18.43
N GLY C 479 25.11 -58.57 19.70
CA GLY C 479 25.31 -59.49 20.81
C GLY C 479 26.61 -59.21 21.56
N SER C 480 27.40 -58.24 21.09
CA SER C 480 28.65 -57.86 21.76
C SER C 480 28.37 -56.79 22.83
N ARG C 481 29.40 -56.24 23.49
CA ARG C 481 29.18 -55.18 24.46
C ARG C 481 29.30 -53.81 23.80
N GLY C 482 29.47 -53.79 22.47
CA GLY C 482 29.58 -52.53 21.75
C GLY C 482 31.04 -52.23 21.39
N PRO C 483 31.34 -51.04 20.84
CA PRO C 483 32.68 -50.69 20.41
C PRO C 483 33.69 -50.73 21.55
N THR C 484 34.88 -51.27 21.28
CA THR C 484 35.92 -51.41 22.29
C THR C 484 36.41 -50.00 22.65
N GLU C 485 36.24 -49.03 21.72
CA GLU C 485 36.58 -47.62 21.99
C GLU C 485 35.81 -47.03 23.19
N ALA C 486 34.63 -47.60 23.50
CA ALA C 486 33.86 -47.18 24.65
C ALA C 486 34.60 -47.58 25.93
N ASP C 487 35.12 -48.83 25.96
CA ASP C 487 35.95 -49.31 27.07
C ASP C 487 37.19 -48.42 27.26
N GLU C 488 37.83 -47.96 26.15
CA GLU C 488 38.99 -47.09 26.22
C GLU C 488 38.64 -45.73 26.78
N LEU C 489 37.47 -45.16 26.39
CA LEU C 489 37.04 -43.88 26.91
C LEU C 489 36.83 -43.99 28.43
N MET C 490 36.21 -45.10 28.86
CA MET C 490 35.98 -45.30 30.28
C MET C 490 37.31 -45.44 31.04
N LYS C 491 38.27 -46.28 30.58
CA LYS C 491 39.62 -46.38 31.17
C LYS C 491 40.28 -45.00 31.22
N ARG C 492 40.18 -44.24 30.14
CA ARG C 492 40.87 -42.96 30.02
C ARG C 492 40.36 -41.98 31.06
N VAL C 493 39.09 -42.05 31.50
CA VAL C 493 38.57 -41.03 32.42
C VAL C 493 38.63 -41.52 33.86
N GLY C 494 39.01 -42.78 34.15
CA GLY C 494 39.34 -43.18 35.51
C GLY C 494 38.67 -44.47 35.97
N PHE C 495 38.00 -45.21 35.07
CA PHE C 495 37.29 -46.42 35.46
C PHE C 495 38.27 -47.59 35.42
N GLN C 496 38.09 -48.59 36.30
CA GLN C 496 38.83 -49.85 36.33
C GLN C 496 37.95 -51.09 36.17
N TYR C 497 38.33 -52.06 35.31
CA TYR C 497 37.64 -53.33 35.14
C TYR C 497 38.05 -54.28 36.26
N VAL D 1 -18.58 18.22 -22.57
CA VAL D 1 -17.81 16.98 -22.22
C VAL D 1 -17.54 16.96 -20.71
N ALA D 2 -17.98 15.91 -19.99
CA ALA D 2 -17.69 15.65 -18.57
C ALA D 2 -16.25 15.12 -18.40
N LEU D 3 -15.61 15.57 -17.30
CA LEU D 3 -14.29 15.10 -16.88
C LEU D 3 -14.38 14.44 -15.50
N SER D 4 -14.10 13.12 -15.43
CA SER D 4 -14.05 12.36 -14.19
C SER D 4 -12.83 12.80 -13.38
N ARG D 5 -12.75 12.37 -12.11
CA ARG D 5 -11.57 12.57 -11.26
C ARG D 5 -10.27 12.01 -11.88
N THR D 6 -10.39 10.86 -12.54
CA THR D 6 -9.29 10.10 -13.14
C THR D 6 -8.82 10.76 -14.46
N GLN D 7 -9.72 11.45 -15.18
CA GLN D 7 -9.32 12.14 -16.38
C GLN D 7 -8.60 13.46 -16.09
N VAL D 8 -9.03 14.15 -15.05
CA VAL D 8 -8.36 15.34 -14.49
C VAL D 8 -6.92 14.99 -14.06
N CYS D 9 -6.72 13.83 -13.39
CA CYS D 9 -5.37 13.36 -13.06
C CYS D 9 -4.57 13.04 -14.32
N GLY D 10 -5.20 12.54 -15.39
CA GLY D 10 -4.52 12.35 -16.67
C GLY D 10 -3.98 13.65 -17.28
N ILE D 11 -4.77 14.73 -17.17
CA ILE D 11 -4.42 16.05 -17.71
C ILE D 11 -3.23 16.57 -16.90
N LEU D 12 -3.35 16.49 -15.56
CA LEU D 12 -2.26 16.90 -14.67
C LEU D 12 -0.95 16.12 -14.93
N ARG D 13 -1.01 14.78 -15.05
CA ARG D 13 0.16 13.94 -15.29
C ARG D 13 0.84 14.36 -16.59
N GLU D 14 0.03 14.63 -17.65
CA GLU D 14 0.57 15.02 -18.94
C GLU D 14 1.34 16.35 -18.79
N GLU D 15 0.81 17.27 -17.97
CA GLU D 15 1.40 18.59 -17.75
C GLU D 15 2.69 18.49 -16.94
N LEU D 16 2.69 17.68 -15.88
CA LEU D 16 3.88 17.35 -15.08
C LEU D 16 5.00 16.80 -15.97
N PHE D 17 4.64 15.84 -16.85
CA PHE D 17 5.60 15.23 -17.78
C PHE D 17 6.16 16.31 -18.71
N GLN D 18 5.31 17.08 -19.44
CA GLN D 18 5.77 18.14 -20.35
C GLN D 18 6.72 19.12 -19.63
N GLY D 19 6.29 19.59 -18.44
CA GLY D 19 6.98 20.69 -17.74
C GLY D 19 8.31 20.30 -17.09
N ASP D 20 9.29 21.23 -17.23
CA ASP D 20 10.66 21.06 -16.78
C ASP D 20 10.81 21.12 -15.26
N ALA D 21 9.82 21.72 -14.59
CA ALA D 21 9.87 22.05 -13.17
C ALA D 21 9.54 20.82 -12.32
N PHE D 22 8.81 19.85 -12.86
CA PHE D 22 8.56 18.57 -12.23
C PHE D 22 9.45 17.53 -12.92
N HIS D 23 10.38 17.00 -12.14
CA HIS D 23 11.41 16.07 -12.57
C HIS D 23 10.94 14.65 -12.25
N GLN D 24 10.15 14.07 -13.19
CA GLN D 24 9.48 12.79 -13.06
C GLN D 24 10.46 11.64 -12.79
N SER D 25 11.70 11.79 -13.29
CA SER D 25 12.74 10.77 -13.25
C SER D 25 13.60 10.82 -11.99
N ASP D 26 13.82 12.02 -11.43
CA ASP D 26 14.66 12.20 -10.27
C ASP D 26 14.00 11.62 -9.01
N THR D 27 14.90 11.26 -8.09
CA THR D 27 14.52 10.70 -6.81
C THR D 27 14.07 11.84 -5.90
N HIS D 28 12.99 11.58 -5.16
CA HIS D 28 12.47 12.55 -4.20
C HIS D 28 12.32 11.85 -2.88
N ILE D 29 12.64 12.57 -1.80
CA ILE D 29 12.26 12.08 -0.48
C ILE D 29 11.28 13.07 0.13
N PHE D 30 10.16 12.52 0.61
CA PHE D 30 9.15 13.31 1.32
C PHE D 30 9.25 12.99 2.81
N ILE D 31 9.72 13.96 3.61
CA ILE D 31 9.94 13.75 5.03
C ILE D 31 8.81 14.37 5.82
N ILE D 32 8.05 13.55 6.52
CA ILE D 32 7.04 14.05 7.44
C ILE D 32 7.64 14.13 8.87
N MET D 33 8.09 15.32 9.24
CA MET D 33 8.51 15.59 10.61
C MET D 33 7.24 15.76 11.45
N GLY D 34 7.05 14.93 12.49
CA GLY D 34 5.79 14.93 13.22
C GLY D 34 4.81 13.89 12.69
N ALA D 35 5.37 12.75 12.25
CA ALA D 35 4.64 11.69 11.56
C ALA D 35 3.62 10.98 12.46
N SER D 36 3.83 11.09 13.79
CA SER D 36 2.98 10.45 14.79
C SER D 36 1.76 11.33 15.08
N GLY D 37 1.87 12.64 14.87
CA GLY D 37 0.84 13.63 15.20
C GLY D 37 -0.41 13.53 14.33
N ASP D 38 -1.40 14.35 14.66
CA ASP D 38 -2.73 14.22 14.07
C ASP D 38 -2.76 14.68 12.63
N LEU D 39 -2.10 15.81 12.37
CA LEU D 39 -2.07 16.36 11.02
C LEU D 39 -1.49 15.32 10.07
N ALA D 40 -0.39 14.66 10.45
CA ALA D 40 0.24 13.65 9.61
C ALA D 40 -0.73 12.50 9.38
N LYS D 41 -1.31 12.02 10.46
CA LYS D 41 -2.16 10.82 10.50
C LYS D 41 -3.41 11.03 9.65
N LYS D 42 -4.01 12.21 9.72
CA LYS D 42 -5.34 12.43 9.18
C LYS D 42 -5.32 13.18 7.85
N LYS D 43 -4.27 13.96 7.56
CA LYS D 43 -4.23 14.84 6.40
C LYS D 43 -3.01 14.51 5.52
N ILE D 44 -1.79 14.50 6.08
CA ILE D 44 -0.60 14.41 5.24
C ILE D 44 -0.39 13.02 4.67
N TYR D 45 -0.42 11.95 5.50
CA TYR D 45 -0.18 10.61 4.99
C TYR D 45 -1.27 10.25 3.98
N PRO D 46 -2.57 10.49 4.26
CA PRO D 46 -3.61 10.25 3.26
C PRO D 46 -3.34 11.01 1.97
N THR D 47 -2.90 12.26 2.03
CA THR D 47 -2.80 13.11 0.86
C THR D 47 -1.61 12.70 0.00
N ILE D 48 -0.46 12.36 0.61
CA ILE D 48 0.68 11.86 -0.11
C ILE D 48 0.34 10.49 -0.70
N TRP D 49 -0.48 9.70 -0.01
CA TRP D 49 -1.05 8.50 -0.59
C TRP D 49 -1.91 8.83 -1.82
N TRP D 50 -2.75 9.88 -1.76
CA TRP D 50 -3.60 10.18 -2.90
C TRP D 50 -2.75 10.57 -4.11
N LEU D 51 -1.70 11.37 -3.86
CA LEU D 51 -0.78 11.75 -4.91
C LEU D 51 -0.15 10.50 -5.53
N PHE D 52 0.32 9.59 -4.68
CA PHE D 52 0.95 8.37 -5.13
C PHE D 52 0.00 7.62 -6.06
N ARG D 53 -1.19 7.31 -5.48
CA ARG D 53 -2.27 6.56 -6.12
C ARG D 53 -2.70 7.18 -7.45
N ASP D 54 -2.72 8.51 -7.54
CA ASP D 54 -3.22 9.24 -8.70
C ASP D 54 -2.19 9.32 -9.82
N GLY D 55 -0.95 8.85 -9.55
CA GLY D 55 0.12 8.83 -10.53
C GLY D 55 0.72 10.22 -10.66
N LEU D 56 0.71 10.99 -9.58
CA LEU D 56 1.15 12.37 -9.58
C LEU D 56 2.45 12.60 -8.83
N LEU D 57 3.00 11.55 -8.22
CA LEU D 57 4.31 11.67 -7.64
C LEU D 57 5.36 11.25 -8.68
N PRO D 58 6.60 11.77 -8.58
CA PRO D 58 7.70 11.18 -9.33
C PRO D 58 7.82 9.69 -9.01
N GLU D 59 8.21 8.85 -10.02
CA GLU D 59 8.20 7.40 -9.83
C GLU D 59 9.11 6.97 -8.67
N ASN D 60 10.22 7.72 -8.43
CA ASN D 60 11.13 7.35 -7.38
C ASN D 60 10.95 8.23 -6.15
N THR D 61 9.89 8.00 -5.39
CA THR D 61 9.60 8.85 -4.24
C THR D 61 9.57 7.98 -3.01
N PHE D 62 10.27 8.41 -1.96
CA PHE D 62 10.28 7.69 -0.69
C PHE D 62 9.65 8.59 0.36
N ILE D 63 8.89 7.97 1.28
CA ILE D 63 8.26 8.73 2.37
C ILE D 63 8.95 8.32 3.68
N VAL D 64 9.57 9.30 4.34
CA VAL D 64 10.23 9.07 5.61
C VAL D 64 9.50 9.86 6.70
N GLY D 65 8.88 9.10 7.62
CA GLY D 65 8.35 9.63 8.87
C GLY D 65 9.46 9.86 9.90
N TYR D 66 9.30 10.92 10.70
CA TYR D 66 10.19 11.23 11.82
C TYR D 66 9.39 11.85 12.96
N ALA D 67 9.46 11.24 14.16
CA ALA D 67 8.87 11.77 15.39
C ALA D 67 9.56 11.12 16.61
N ARG D 68 9.16 11.51 17.85
CA ARG D 68 9.84 11.03 19.08
C ARG D 68 9.48 9.54 19.32
N SER D 69 8.23 9.11 19.04
CA SER D 69 7.74 7.77 19.40
C SER D 69 8.51 6.69 18.61
N ARG D 70 8.71 5.53 19.21
CA ARG D 70 9.47 4.48 18.54
C ARG D 70 8.46 3.63 17.77
N LEU D 71 8.27 3.88 16.48
CA LEU D 71 7.17 3.27 15.72
C LEU D 71 7.70 2.53 14.50
N THR D 72 6.92 1.57 13.99
CA THR D 72 7.19 0.95 12.70
C THR D 72 6.27 1.57 11.63
N VAL D 73 6.56 1.24 10.35
CA VAL D 73 5.68 1.56 9.25
C VAL D 73 4.30 0.87 9.43
N ALA D 74 4.29 -0.38 9.93
CA ALA D 74 3.08 -1.08 10.30
C ALA D 74 2.21 -0.24 11.25
N ASP D 75 2.80 0.48 12.22
CA ASP D 75 2.04 1.30 13.16
C ASP D 75 1.41 2.48 12.45
N ILE D 76 2.25 3.22 11.70
CA ILE D 76 1.83 4.34 10.85
C ILE D 76 0.62 3.94 10.00
N ARG D 77 0.76 2.83 9.29
CA ARG D 77 -0.31 2.27 8.49
C ARG D 77 -1.59 2.04 9.30
N LYS D 78 -1.49 1.36 10.46
CA LYS D 78 -2.67 1.09 11.28
C LYS D 78 -3.39 2.39 11.65
N GLN D 79 -2.65 3.42 12.14
CA GLN D 79 -3.24 4.66 12.64
C GLN D 79 -3.77 5.50 11.45
N SER D 80 -3.07 5.54 10.28
CA SER D 80 -3.41 6.45 9.16
C SER D 80 -4.34 5.82 8.11
N GLU D 81 -4.22 4.52 7.83
CA GLU D 81 -4.95 3.94 6.72
C GLU D 81 -6.47 4.21 6.77
N PRO D 82 -7.16 4.25 7.94
CA PRO D 82 -8.60 4.58 7.96
C PRO D 82 -9.03 5.88 7.24
N PHE D 83 -8.12 6.86 7.19
CA PHE D 83 -8.34 8.16 6.56
C PHE D 83 -7.95 8.20 5.08
N PHE D 84 -7.45 7.08 4.53
CA PHE D 84 -6.97 6.98 3.16
C PHE D 84 -8.14 6.73 2.21
N LYS D 85 -9.26 6.23 2.74
CA LYS D 85 -10.42 5.84 1.97
C LYS D 85 -10.00 4.88 0.87
N ALA D 86 -9.13 3.93 1.21
CA ALA D 86 -8.57 3.00 0.23
C ALA D 86 -9.64 2.00 -0.11
N THR D 87 -9.69 1.55 -1.38
CA THR D 87 -10.70 0.62 -1.84
C THR D 87 -9.98 -0.70 -2.04
N PRO D 88 -10.71 -1.84 -2.21
CA PRO D 88 -10.05 -3.11 -2.53
C PRO D 88 -9.27 -3.11 -3.86
N GLU D 89 -9.77 -2.38 -4.87
CA GLU D 89 -9.13 -2.17 -6.17
C GLU D 89 -7.73 -1.62 -6.02
N GLU D 90 -7.44 -0.91 -4.93
CA GLU D 90 -6.18 -0.21 -4.74
C GLU D 90 -5.18 -1.04 -3.90
N LYS D 91 -5.46 -2.33 -3.63
CA LYS D 91 -4.65 -3.13 -2.70
C LYS D 91 -3.17 -3.15 -3.13
N LEU D 92 -2.89 -3.31 -4.44
CA LEU D 92 -1.54 -3.37 -4.97
C LEU D 92 -0.80 -2.05 -4.87
N LYS D 93 -1.45 -0.96 -5.27
CA LYS D 93 -0.83 0.36 -5.11
C LYS D 93 -0.56 0.68 -3.62
N LEU D 94 -1.34 0.12 -2.70
CA LEU D 94 -1.20 0.44 -1.31
C LEU D 94 0.03 -0.29 -0.75
N GLU D 95 0.22 -1.54 -1.19
CA GLU D 95 1.44 -2.28 -0.89
C GLU D 95 2.67 -1.53 -1.41
N ASP D 96 2.65 -1.15 -2.69
CA ASP D 96 3.76 -0.44 -3.31
C ASP D 96 4.02 0.88 -2.56
N PHE D 97 2.98 1.59 -2.11
CA PHE D 97 3.12 2.83 -1.35
C PHE D 97 3.84 2.56 0.00
N PHE D 98 3.39 1.55 0.77
CA PHE D 98 3.95 1.30 2.09
C PHE D 98 5.38 0.75 2.00
N ALA D 99 5.74 0.09 0.90
CA ALA D 99 7.09 -0.38 0.64
C ALA D 99 8.03 0.79 0.46
N ARG D 100 7.53 1.97 0.08
CA ARG D 100 8.33 3.17 -0.10
C ARG D 100 8.39 4.01 1.17
N ASN D 101 7.77 3.50 2.22
CA ASN D 101 7.66 4.21 3.48
C ASN D 101 8.72 3.69 4.45
N SER D 102 9.20 4.58 5.33
CA SER D 102 10.06 4.22 6.43
C SER D 102 9.83 5.23 7.56
N TYR D 103 10.31 4.92 8.75
CA TYR D 103 10.16 5.79 9.90
C TYR D 103 11.49 5.82 10.69
N VAL D 104 11.84 7.00 11.23
CA VAL D 104 12.99 7.19 12.09
C VAL D 104 12.52 7.88 13.38
N ALA D 105 12.71 7.23 14.55
CA ALA D 105 12.47 7.86 15.86
C ALA D 105 13.57 8.88 16.18
N GLY D 106 13.22 10.06 16.68
CA GLY D 106 14.23 11.02 17.09
C GLY D 106 13.64 12.15 17.91
N GLN D 107 14.55 12.88 18.56
CA GLN D 107 14.25 14.11 19.27
C GLN D 107 14.29 15.27 18.27
N TYR D 108 13.59 16.37 18.59
CA TYR D 108 13.51 17.52 17.71
C TYR D 108 14.69 18.47 17.93
N ASP D 109 15.39 18.38 19.10
CA ASP D 109 16.59 19.19 19.33
C ASP D 109 17.85 18.36 19.65
N ASP D 110 18.06 17.26 18.91
CA ASP D 110 19.18 16.35 19.17
C ASP D 110 19.93 16.05 17.86
N ALA D 111 21.15 16.58 17.72
CA ALA D 111 22.00 16.44 16.54
C ALA D 111 22.20 14.97 16.13
N ALA D 112 22.40 14.06 17.11
CA ALA D 112 22.56 12.63 16.85
C ALA D 112 21.30 12.08 16.15
N SER D 113 20.12 12.50 16.61
CA SER D 113 18.86 12.04 16.04
C SER D 113 18.74 12.42 14.57
N TYR D 114 19.20 13.64 14.26
CA TYR D 114 19.16 14.13 12.90
C TYR D 114 20.20 13.46 11.98
N GLN D 115 21.36 13.08 12.53
CA GLN D 115 22.35 12.34 11.76
C GLN D 115 21.80 10.97 11.41
N ARG D 116 21.03 10.33 12.30
CA ARG D 116 20.45 9.04 11.98
C ARG D 116 19.48 9.21 10.82
N LEU D 117 18.64 10.29 10.86
CA LEU D 117 17.70 10.57 9.80
C LEU D 117 18.45 10.80 8.48
N ASN D 118 19.57 11.56 8.50
CA ASN D 118 20.35 11.83 7.30
C ASN D 118 20.98 10.56 6.74
N SER D 119 21.49 9.66 7.62
CA SER D 119 22.07 8.39 7.22
C SER D 119 21.02 7.50 6.62
N HIS D 120 19.84 7.52 7.26
CA HIS D 120 18.72 6.76 6.76
C HIS D 120 18.40 7.17 5.32
N MET D 121 18.43 8.47 5.06
CA MET D 121 18.06 8.99 3.77
C MET D 121 19.15 8.65 2.75
N ASN D 122 20.42 8.84 3.14
CA ASN D 122 21.58 8.50 2.32
C ASN D 122 21.56 7.03 1.92
N ALA D 123 21.00 6.18 2.76
CA ALA D 123 20.97 4.74 2.53
C ALA D 123 19.83 4.34 1.60
N LEU D 124 18.88 5.22 1.30
CA LEU D 124 17.83 4.91 0.32
C LEU D 124 18.48 4.91 -1.06
N HIS D 125 17.89 4.17 -2.03
CA HIS D 125 18.44 4.21 -3.40
C HIS D 125 18.43 5.67 -3.91
N LEU D 126 19.66 6.16 -4.10
CA LEU D 126 20.03 7.47 -4.63
C LEU D 126 19.69 8.55 -3.63
N GLY D 127 19.66 8.22 -2.34
CA GLY D 127 19.25 9.14 -1.28
C GLY D 127 20.08 10.43 -1.20
N SER D 128 21.38 10.32 -1.51
CA SER D 128 22.37 11.37 -1.39
C SER D 128 22.15 12.43 -2.49
N GLN D 129 21.47 12.02 -3.59
CA GLN D 129 21.18 12.88 -4.73
C GLN D 129 19.73 13.39 -4.80
N ALA D 130 18.82 12.76 -4.05
CA ALA D 130 17.39 13.01 -4.08
C ALA D 130 17.08 14.47 -3.70
N ASN D 131 16.04 14.98 -4.33
CA ASN D 131 15.36 16.19 -3.87
C ASN D 131 14.78 15.85 -2.49
N ARG D 132 14.89 16.76 -1.53
CA ARG D 132 14.36 16.52 -0.18
C ARG D 132 13.28 17.56 0.17
N LEU D 133 12.11 17.07 0.53
CA LEU D 133 10.94 17.91 0.84
C LEU D 133 10.53 17.62 2.29
N PHE D 134 10.75 18.59 3.18
CA PHE D 134 10.49 18.39 4.60
C PHE D 134 9.15 19.06 4.92
N TYR D 135 8.18 18.24 5.34
CA TYR D 135 6.92 18.75 5.86
C TYR D 135 7.03 18.91 7.37
N LEU D 136 7.03 20.15 7.85
CA LEU D 136 7.09 20.44 9.29
C LEU D 136 5.67 20.40 9.90
N ALA D 137 5.20 19.16 10.14
CA ALA D 137 3.89 18.86 10.74
C ALA D 137 3.99 18.83 12.27
N LEU D 138 4.32 19.98 12.83
CA LEU D 138 4.68 20.16 14.23
C LEU D 138 4.18 21.53 14.69
N PRO D 139 3.98 21.72 16.02
CA PRO D 139 3.65 23.07 16.55
C PRO D 139 4.82 24.03 16.23
N PRO D 140 4.62 25.33 15.95
CA PRO D 140 5.74 26.27 15.75
C PRO D 140 6.64 26.52 16.96
N THR D 141 6.27 26.03 18.13
CA THR D 141 7.13 26.06 19.31
C THR D 141 8.42 25.24 19.15
N VAL D 142 8.50 24.31 18.18
CA VAL D 142 9.74 23.57 17.91
C VAL D 142 10.36 23.94 16.55
N TYR D 143 9.84 24.96 15.85
CA TYR D 143 10.29 25.29 14.51
C TYR D 143 11.74 25.76 14.53
N GLU D 144 12.12 26.58 15.51
CA GLU D 144 13.49 27.06 15.51
C GLU D 144 14.42 25.87 15.64
N ALA D 145 14.11 24.89 16.50
CA ALA D 145 14.99 23.74 16.71
C ALA D 145 15.08 22.88 15.46
N VAL D 146 13.90 22.65 14.87
CA VAL D 146 13.78 21.71 13.77
C VAL D 146 14.48 22.26 12.56
N THR D 147 14.23 23.54 12.26
CA THR D 147 14.85 24.12 11.06
C THR D 147 16.36 24.23 11.23
N LYS D 148 16.85 24.51 12.46
CA LYS D 148 18.28 24.58 12.75
C LYS D 148 18.90 23.22 12.46
N ASN D 149 18.29 22.14 12.98
CA ASN D 149 18.89 20.83 12.91
C ASN D 149 18.85 20.28 11.48
N ILE D 150 17.77 20.58 10.75
CA ILE D 150 17.64 20.14 9.38
C ILE D 150 18.76 20.77 8.55
N HIS D 151 18.95 22.08 8.71
CA HIS D 151 20.00 22.79 8.01
C HIS D 151 21.41 22.23 8.34
N GLU D 152 21.68 21.92 9.61
CA GLU D 152 22.99 21.46 10.02
C GLU D 152 23.24 20.05 9.48
N SER D 153 22.26 19.14 9.55
CA SER D 153 22.50 17.73 9.40
C SER D 153 21.85 17.03 8.19
N CYS D 154 20.86 17.63 7.53
CA CYS D 154 19.92 16.82 6.76
C CYS D 154 19.73 17.28 5.33
N MET D 155 20.42 18.36 4.90
CA MET D 155 20.22 18.93 3.58
C MET D 155 20.88 18.04 2.50
N SER D 156 20.20 17.77 1.40
CA SER D 156 20.89 17.23 0.23
C SER D 156 21.98 18.21 -0.20
N GLN D 157 23.10 17.68 -0.68
CA GLN D 157 24.16 18.50 -1.27
C GLN D 157 23.96 18.57 -2.80
N ILE D 158 23.08 17.74 -3.37
CA ILE D 158 22.90 17.55 -4.80
C ILE D 158 21.49 18.02 -5.17
N GLY D 159 20.43 17.41 -4.63
CA GLY D 159 19.05 17.78 -4.93
C GLY D 159 18.65 19.08 -4.22
N TRP D 160 17.44 19.59 -4.52
CA TRP D 160 16.95 20.75 -3.78
C TRP D 160 16.45 20.31 -2.39
N ASN D 161 16.31 21.32 -1.53
CA ASN D 161 15.75 21.15 -0.19
C ASN D 161 14.63 22.16 -0.02
N ARG D 162 13.42 21.70 0.28
CA ARG D 162 12.26 22.57 0.43
C ARG D 162 11.54 22.22 1.74
N ILE D 163 11.06 23.24 2.44
CA ILE D 163 10.36 22.98 3.69
C ILE D 163 8.93 23.53 3.58
N ILE D 164 7.97 22.72 4.03
CA ILE D 164 6.61 23.21 4.18
C ILE D 164 6.34 23.57 5.63
N VAL D 165 5.91 24.83 5.82
CA VAL D 165 5.72 25.42 7.14
C VAL D 165 4.22 25.73 7.31
N GLU D 166 3.69 25.33 8.49
CA GLU D 166 2.31 25.52 8.90
C GLU D 166 2.12 26.72 9.84
N LYS D 167 0.93 27.32 9.71
CA LYS D 167 0.50 28.38 10.59
C LYS D 167 0.33 27.78 11.97
N PRO D 168 0.42 28.57 13.07
CA PRO D 168 0.65 30.01 13.01
C PRO D 168 2.05 30.50 12.61
N PHE D 169 2.06 31.55 11.77
CA PHE D 169 3.29 32.22 11.35
C PHE D 169 3.47 33.41 12.29
N GLY D 170 3.75 33.05 13.55
CA GLY D 170 3.71 34.02 14.64
C GLY D 170 2.28 34.33 15.06
N ARG D 171 2.18 35.33 15.92
CA ARG D 171 0.87 35.81 16.38
C ARG D 171 0.77 37.33 16.26
N ASP D 172 1.84 37.96 15.76
CA ASP D 172 1.88 39.39 15.48
C ASP D 172 3.14 39.69 14.68
N LEU D 173 3.36 40.96 14.33
CA LEU D 173 4.52 41.35 13.53
C LEU D 173 5.83 40.90 14.21
N GLN D 174 5.98 41.21 15.50
CA GLN D 174 7.24 41.00 16.22
C GLN D 174 7.55 39.50 16.31
N SER D 175 6.60 38.67 16.77
CA SER D 175 6.80 37.24 16.90
C SER D 175 6.99 36.59 15.52
N SER D 176 6.23 37.06 14.49
CA SER D 176 6.37 36.57 13.12
C SER D 176 7.79 36.88 12.62
N ASP D 177 8.29 38.11 12.84
CA ASP D 177 9.63 38.48 12.46
C ASP D 177 10.70 37.64 13.16
N ARG D 178 10.57 37.33 14.45
CA ARG D 178 11.57 36.49 15.15
C ARG D 178 11.68 35.15 14.41
N LEU D 179 10.53 34.52 14.16
CA LEU D 179 10.46 33.20 13.56
C LEU D 179 10.94 33.22 12.10
N SER D 180 10.53 34.24 11.37
CA SER D 180 10.78 34.33 9.94
C SER D 180 12.23 34.71 9.71
N ASN D 181 12.78 35.65 10.49
CA ASN D 181 14.23 35.93 10.46
C ASN D 181 15.07 34.71 10.83
N HIS D 182 14.61 33.93 11.81
CA HIS D 182 15.35 32.73 12.14
C HIS D 182 15.39 31.80 10.91
N ILE D 183 14.21 31.45 10.34
CA ILE D 183 14.13 30.50 9.25
C ILE D 183 14.85 31.02 8.01
N SER D 184 14.88 32.35 7.81
CA SER D 184 15.51 32.95 6.62
C SER D 184 17.03 32.95 6.72
N SER D 185 17.57 32.91 7.92
CA SER D 185 19.02 32.86 8.06
C SER D 185 19.53 31.47 7.66
N LEU D 186 18.62 30.47 7.53
CA LEU D 186 18.96 29.10 7.19
C LEU D 186 18.51 28.70 5.77
N PHE D 187 17.36 29.20 5.33
CA PHE D 187 16.67 28.78 4.10
C PHE D 187 16.43 30.01 3.23
N ARG D 188 16.73 29.90 1.93
CA ARG D 188 16.38 30.93 0.95
C ARG D 188 14.85 31.00 0.81
N GLU D 189 14.32 32.13 0.28
CA GLU D 189 12.88 32.28 0.05
C GLU D 189 12.37 31.16 -0.86
N ASP D 190 13.21 30.72 -1.82
CA ASP D 190 12.78 29.69 -2.76
C ASP D 190 12.79 28.29 -2.15
N GLN D 191 13.15 28.16 -0.86
CA GLN D 191 13.03 26.88 -0.16
C GLN D 191 11.85 26.85 0.83
N ILE D 192 11.24 28.02 1.07
CA ILE D 192 10.24 28.15 2.12
C ILE D 192 8.85 28.17 1.51
N TYR D 193 8.04 27.16 1.92
CA TYR D 193 6.65 27.02 1.50
C TYR D 193 5.70 27.19 2.71
N ARG D 194 5.25 28.45 2.90
CA ARG D 194 4.20 28.70 3.88
C ARG D 194 2.81 28.32 3.35
N ILE D 195 2.24 27.24 3.86
CA ILE D 195 1.07 26.65 3.24
C ILE D 195 -0.22 27.22 3.86
N ASP D 196 -1.19 27.35 2.96
CA ASP D 196 -2.56 27.80 3.21
C ASP D 196 -3.46 26.68 2.71
N HIS D 197 -3.91 25.84 3.68
CA HIS D 197 -4.74 24.68 3.40
C HIS D 197 -5.99 25.05 2.62
N TYR D 198 -6.42 26.31 2.70
CA TYR D 198 -7.75 26.65 2.23
C TYR D 198 -7.69 27.28 0.87
N LEU D 199 -6.50 27.54 0.35
CA LEU D 199 -6.39 28.12 -0.98
C LEU D 199 -6.81 27.10 -2.06
N GLY D 200 -7.90 27.47 -2.73
CA GLY D 200 -8.49 26.67 -3.80
C GLY D 200 -7.79 26.96 -5.13
N LYS D 201 -6.81 26.11 -5.47
CA LYS D 201 -5.90 26.34 -6.58
C LYS D 201 -6.69 26.45 -7.89
N GLU D 202 -7.67 25.56 -8.12
CA GLU D 202 -8.35 25.54 -9.41
C GLU D 202 -9.16 26.84 -9.57
N MET D 203 -9.87 27.25 -8.51
CA MET D 203 -10.74 28.41 -8.62
C MET D 203 -9.94 29.71 -8.69
N VAL D 204 -8.80 29.78 -8.01
CA VAL D 204 -7.95 30.97 -8.11
C VAL D 204 -7.37 31.15 -9.50
N GLN D 205 -7.00 30.06 -10.15
CA GLN D 205 -6.47 30.11 -11.50
C GLN D 205 -7.59 30.36 -12.50
N ASN D 206 -8.80 29.83 -12.28
CA ASN D 206 -9.98 30.18 -13.09
C ASN D 206 -10.13 31.71 -13.12
N LEU D 207 -10.30 32.30 -11.93
CA LEU D 207 -10.41 33.73 -11.74
C LEU D 207 -9.34 34.50 -12.53
N MET D 208 -8.06 34.06 -12.50
CA MET D 208 -7.01 34.80 -13.17
C MET D 208 -7.21 34.80 -14.68
N VAL D 209 -7.59 33.65 -15.23
CA VAL D 209 -7.89 33.60 -16.66
C VAL D 209 -9.11 34.49 -16.98
N LEU D 210 -10.16 34.43 -16.15
CA LEU D 210 -11.40 35.13 -16.41
C LEU D 210 -11.12 36.62 -16.59
N ARG D 211 -10.35 37.14 -15.64
CA ARG D 211 -10.05 38.55 -15.60
C ARG D 211 -9.02 38.97 -16.67
N PHE D 212 -7.92 38.24 -16.79
CA PHE D 212 -6.75 38.74 -17.51
C PHE D 212 -6.76 38.29 -18.97
N ALA D 213 -7.58 37.28 -19.31
CA ALA D 213 -7.66 36.78 -20.67
C ALA D 213 -8.80 37.38 -21.50
N ASN D 214 -9.63 38.22 -20.86
CA ASN D 214 -10.88 38.67 -21.45
C ASN D 214 -11.08 40.18 -21.26
N ARG D 215 -11.52 40.80 -22.35
CA ARG D 215 -11.94 42.18 -22.34
C ARG D 215 -13.33 42.31 -21.71
N ILE D 216 -14.11 41.25 -21.49
CA ILE D 216 -15.47 41.50 -20.97
C ILE D 216 -15.37 41.84 -19.47
N PHE D 217 -14.41 41.22 -18.78
CA PHE D 217 -14.27 41.35 -17.32
C PHE D 217 -13.12 42.26 -16.83
N GLY D 218 -12.01 42.29 -17.55
CA GLY D 218 -10.87 43.01 -17.04
C GLY D 218 -11.09 44.50 -16.96
N PRO D 219 -11.64 45.19 -17.98
CA PRO D 219 -11.88 46.62 -17.86
C PRO D 219 -12.82 47.12 -16.79
N ILE D 220 -13.66 46.27 -16.18
CA ILE D 220 -14.59 46.70 -15.14
C ILE D 220 -14.10 46.27 -13.76
N TRP D 221 -12.85 45.76 -13.68
CA TRP D 221 -12.30 45.26 -12.44
C TRP D 221 -11.64 46.38 -11.64
N ASN D 222 -12.44 47.35 -11.20
CA ASN D 222 -11.95 48.58 -10.62
C ASN D 222 -13.09 49.30 -9.88
N ARG D 223 -12.74 50.37 -9.14
CA ARG D 223 -13.64 51.18 -8.32
C ARG D 223 -14.71 51.94 -9.11
N ASP D 224 -14.49 52.19 -10.41
CA ASP D 224 -15.48 52.82 -11.26
C ASP D 224 -16.66 51.88 -11.44
N ASN D 225 -16.52 50.58 -11.20
CA ASN D 225 -17.57 49.60 -11.52
C ASN D 225 -17.94 48.69 -10.35
N ILE D 226 -17.09 48.56 -9.33
CA ILE D 226 -17.30 47.60 -8.27
C ILE D 226 -17.65 48.37 -7.01
N ALA D 227 -18.77 47.99 -6.39
CA ALA D 227 -19.27 48.66 -5.20
C ALA D 227 -18.59 48.07 -3.95
N CYS D 228 -18.45 46.75 -3.90
CA CYS D 228 -17.73 46.13 -2.80
C CYS D 228 -17.33 44.71 -3.19
N VAL D 229 -16.39 44.15 -2.46
CA VAL D 229 -15.94 42.76 -2.56
C VAL D 229 -16.14 42.08 -1.20
N ILE D 230 -16.71 40.89 -1.23
CA ILE D 230 -16.97 40.11 -0.02
C ILE D 230 -16.22 38.77 -0.13
N LEU D 231 -15.36 38.54 0.88
CA LEU D 231 -14.62 37.29 1.08
C LEU D 231 -15.20 36.61 2.31
N THR D 232 -15.89 35.50 2.07
CA THR D 232 -16.65 34.78 3.05
C THR D 232 -15.99 33.44 3.36
N PHE D 233 -15.82 33.11 4.66
CA PHE D 233 -15.37 31.79 5.10
C PHE D 233 -16.23 31.36 6.28
N LYS D 234 -17.07 30.31 6.08
CA LYS D 234 -18.03 29.87 7.08
C LYS D 234 -17.95 28.39 7.33
N GLU D 235 -17.88 27.98 8.62
CA GLU D 235 -18.01 26.60 9.05
C GLU D 235 -19.29 26.49 9.86
N PRO D 236 -20.13 25.45 9.66
CA PRO D 236 -21.31 25.22 10.51
C PRO D 236 -21.09 24.54 11.87
N PHE D 237 -19.89 23.96 12.07
CA PHE D 237 -19.47 23.27 13.29
C PHE D 237 -18.72 24.29 14.15
N GLY D 238 -18.84 24.13 15.48
CA GLY D 238 -17.98 24.84 16.41
C GLY D 238 -16.63 24.16 16.63
N THR D 239 -16.11 24.30 17.86
CA THR D 239 -14.74 23.91 18.21
C THR D 239 -14.64 22.44 18.58
N GLU D 240 -15.76 21.76 18.82
CA GLU D 240 -15.83 20.32 19.02
C GLU D 240 -15.03 19.89 20.24
N GLY D 241 -15.07 20.63 21.35
CA GLY D 241 -14.35 20.24 22.56
C GLY D 241 -12.82 20.33 22.43
N ARG D 242 -12.32 21.02 21.38
CA ARG D 242 -10.90 21.13 21.09
C ARG D 242 -10.50 22.59 20.86
N GLY D 243 -11.26 23.54 21.42
CA GLY D 243 -11.03 24.94 21.16
C GLY D 243 -9.93 25.59 21.99
N GLY D 244 -9.34 24.85 22.94
CA GLY D 244 -8.26 25.34 23.78
C GLY D 244 -7.12 25.98 22.97
N TYR D 245 -6.71 25.34 21.86
CA TYR D 245 -5.64 25.86 21.00
C TYR D 245 -6.08 27.13 20.24
N PHE D 246 -7.20 27.03 19.53
CA PHE D 246 -7.87 28.17 18.90
C PHE D 246 -7.98 29.37 19.84
N ASP D 247 -8.33 29.11 21.13
CA ASP D 247 -8.63 30.17 22.08
C ASP D 247 -7.48 31.15 22.19
N GLU D 248 -6.23 30.68 21.96
CA GLU D 248 -5.05 31.53 22.09
C GLU D 248 -4.82 32.37 20.84
N PHE D 249 -5.61 32.14 19.76
CA PHE D 249 -5.40 32.80 18.47
C PHE D 249 -6.62 33.67 18.09
N GLY D 250 -7.82 33.09 18.15
CA GLY D 250 -9.02 33.79 17.69
C GLY D 250 -9.14 33.74 16.16
N ILE D 251 -10.32 34.12 15.64
CA ILE D 251 -10.76 33.85 14.28
C ILE D 251 -9.98 34.68 13.27
N ILE D 252 -9.60 35.91 13.66
CA ILE D 252 -8.80 36.76 12.78
C ILE D 252 -7.45 36.11 12.46
N ARG D 253 -6.70 35.70 13.48
CA ARG D 253 -5.40 35.07 13.28
C ARG D 253 -5.57 33.73 12.57
N ASP D 254 -6.64 33.00 12.91
CA ASP D 254 -6.85 31.64 12.46
C ASP D 254 -7.05 31.63 10.95
N VAL D 255 -7.90 32.50 10.40
CA VAL D 255 -8.30 32.36 9.02
C VAL D 255 -8.27 33.68 8.24
N MET D 256 -8.27 34.84 8.91
CA MET D 256 -8.38 36.08 8.16
C MET D 256 -7.03 36.66 7.77
N GLN D 257 -6.10 36.76 8.74
CA GLN D 257 -4.82 37.41 8.56
C GLN D 257 -4.03 36.62 7.50
N ASN D 258 -4.37 35.33 7.31
CA ASN D 258 -3.61 34.45 6.42
C ASN D 258 -4.46 34.19 5.18
N HIS D 259 -5.48 33.32 5.28
CA HIS D 259 -6.23 32.89 4.11
C HIS D 259 -7.01 34.00 3.42
N LEU D 260 -7.86 34.74 4.17
CA LEU D 260 -8.77 35.70 3.53
C LEU D 260 -7.96 36.85 2.91
N LEU D 261 -6.86 37.22 3.54
CA LEU D 261 -6.01 38.27 3.03
C LEU D 261 -5.34 37.79 1.75
N GLN D 262 -5.05 36.49 1.63
CA GLN D 262 -4.48 36.03 0.39
C GLN D 262 -5.50 36.19 -0.74
N MET D 263 -6.77 35.85 -0.48
CA MET D 263 -7.85 35.95 -1.46
C MET D 263 -8.04 37.42 -1.88
N LEU D 264 -8.03 38.31 -0.91
CA LEU D 264 -8.09 39.73 -1.21
C LEU D 264 -6.98 40.10 -2.20
N CYS D 265 -5.75 39.63 -1.92
CA CYS D 265 -4.64 39.97 -2.76
C CYS D 265 -4.85 39.49 -4.18
N LEU D 266 -5.43 38.29 -4.34
CA LEU D 266 -5.59 37.71 -5.66
C LEU D 266 -6.72 38.43 -6.41
N VAL D 267 -7.70 38.96 -5.68
CA VAL D 267 -8.77 39.74 -6.29
C VAL D 267 -8.27 41.14 -6.67
N ALA D 268 -7.51 41.79 -5.80
CA ALA D 268 -7.11 43.18 -5.98
C ALA D 268 -5.84 43.40 -6.81
N MET D 269 -5.01 42.37 -7.00
CA MET D 269 -3.72 42.53 -7.63
C MET D 269 -3.86 43.19 -9.01
N GLU D 270 -2.81 43.97 -9.31
CA GLU D 270 -2.57 44.35 -10.69
C GLU D 270 -2.15 43.15 -11.51
N LYS D 271 -2.31 43.30 -12.84
CA LYS D 271 -1.86 42.27 -13.76
C LYS D 271 -0.35 42.07 -13.58
N PRO D 272 0.12 40.84 -13.29
CA PRO D 272 1.56 40.60 -13.16
C PRO D 272 2.25 40.71 -14.51
N ALA D 273 3.56 41.02 -14.52
CA ALA D 273 4.42 40.99 -15.72
C ALA D 273 4.38 39.61 -16.40
N SER D 274 4.15 38.54 -15.63
CA SER D 274 4.06 37.21 -16.20
C SER D 274 3.32 36.35 -15.18
N THR D 275 3.09 35.06 -15.51
CA THR D 275 2.52 34.12 -14.55
C THR D 275 3.58 33.41 -13.69
N ASN D 276 4.84 33.87 -13.67
CA ASN D 276 5.83 33.34 -12.75
C ASN D 276 5.40 33.63 -11.32
N SER D 277 5.62 32.65 -10.45
CA SER D 277 5.27 32.73 -9.04
C SER D 277 5.70 34.05 -8.40
N ASP D 278 6.93 34.52 -8.67
CA ASP D 278 7.39 35.70 -7.98
C ASP D 278 6.87 37.01 -8.60
N ASP D 279 6.52 37.03 -9.90
CA ASP D 279 5.85 38.23 -10.45
C ASP D 279 4.47 38.37 -9.79
N VAL D 280 3.76 37.24 -9.62
CA VAL D 280 2.46 37.22 -8.97
C VAL D 280 2.54 37.60 -7.50
N ARG D 281 3.51 37.06 -6.76
CA ARG D 281 3.67 37.41 -5.34
C ARG D 281 4.13 38.85 -5.24
N ASP D 282 4.91 39.35 -6.19
CA ASP D 282 5.20 40.79 -6.17
C ASP D 282 3.92 41.62 -6.16
N GLU D 283 2.93 41.25 -6.99
CA GLU D 283 1.68 42.01 -7.08
C GLU D 283 0.82 41.82 -5.83
N LYS D 284 0.83 40.61 -5.22
CA LYS D 284 0.12 40.38 -3.96
C LYS D 284 0.67 41.35 -2.89
N VAL D 285 1.99 41.54 -2.83
CA VAL D 285 2.63 42.42 -1.87
C VAL D 285 2.34 43.91 -2.15
N LYS D 286 2.40 44.35 -3.41
CA LYS D 286 2.03 45.72 -3.77
C LYS D 286 0.64 46.05 -3.20
N VAL D 287 -0.31 45.12 -3.29
CA VAL D 287 -1.64 45.34 -2.74
C VAL D 287 -1.58 45.64 -1.24
N LEU D 288 -0.93 44.77 -0.49
CA LEU D 288 -0.87 44.85 0.98
C LEU D 288 -0.24 46.15 1.40
N LYS D 289 0.77 46.60 0.63
CA LYS D 289 1.40 47.88 0.93
C LYS D 289 0.48 49.05 0.73
N CYS D 290 -0.65 48.86 0.04
CA CYS D 290 -1.60 49.94 -0.13
C CYS D 290 -2.71 49.86 0.91
N ILE D 291 -2.60 48.94 1.91
CA ILE D 291 -3.69 48.81 2.89
C ILE D 291 -3.19 49.31 4.26
N SER D 292 -3.98 50.20 4.88
CA SER D 292 -3.69 50.77 6.19
C SER D 292 -4.06 49.81 7.31
N GLU D 293 -3.45 50.04 8.48
CA GLU D 293 -3.79 49.25 9.67
C GLU D 293 -5.29 49.38 9.94
N VAL D 294 -5.94 48.25 10.12
CA VAL D 294 -7.40 48.24 10.27
C VAL D 294 -7.81 48.73 11.65
N GLN D 295 -8.86 49.54 11.72
CA GLN D 295 -9.32 50.09 13.00
C GLN D 295 -10.63 49.44 13.43
N ALA D 296 -10.91 49.49 14.73
CA ALA D 296 -11.97 48.76 15.39
C ALA D 296 -13.37 49.18 14.90
N ASN D 297 -13.58 50.46 14.51
CA ASN D 297 -14.84 50.94 13.96
C ASN D 297 -15.22 50.17 12.67
N ASN D 298 -14.26 49.50 12.03
CA ASN D 298 -14.47 48.66 10.85
C ASN D 298 -14.48 47.17 11.19
N VAL D 299 -14.75 46.81 12.43
CA VAL D 299 -14.68 45.42 12.87
C VAL D 299 -15.89 45.11 13.74
N VAL D 300 -16.45 43.93 13.52
CA VAL D 300 -17.45 43.32 14.38
C VAL D 300 -16.98 41.92 14.80
N LEU D 301 -16.89 41.68 16.12
CA LEU D 301 -16.48 40.38 16.62
C LEU D 301 -17.71 39.73 17.24
N GLY D 302 -17.79 38.40 17.11
CA GLY D 302 -18.82 37.61 17.77
C GLY D 302 -18.24 36.34 18.37
N GLN D 303 -18.99 35.72 19.28
CA GLN D 303 -18.65 34.45 19.90
C GLN D 303 -19.90 33.57 19.97
N TYR D 304 -19.85 32.30 19.54
CA TYR D 304 -21.09 31.53 19.46
C TYR D 304 -21.58 31.06 20.83
N VAL D 305 -22.90 30.99 20.98
CA VAL D 305 -23.58 30.48 22.15
C VAL D 305 -24.47 29.31 21.72
N GLY D 306 -24.87 28.44 22.65
CA GLY D 306 -25.68 27.28 22.28
C GLY D 306 -27.06 27.70 21.75
N ASN D 307 -27.65 26.79 20.96
CA ASN D 307 -29.01 26.95 20.48
C ASN D 307 -29.89 26.08 21.38
N PRO D 308 -30.80 26.67 22.21
CA PRO D 308 -31.65 25.86 23.10
C PRO D 308 -32.49 24.85 22.30
N ASP D 309 -32.84 25.17 21.04
CA ASP D 309 -33.69 24.34 20.19
C ASP D 309 -32.86 23.39 19.31
N GLY D 310 -31.52 23.39 19.44
CA GLY D 310 -30.68 22.51 18.64
C GLY D 310 -30.65 21.07 19.16
N GLU D 311 -29.95 20.20 18.43
CA GLU D 311 -29.55 18.88 18.88
C GLU D 311 -28.00 18.77 18.86
N GLY D 312 -27.44 17.77 19.57
CA GLY D 312 -26.01 17.48 19.52
C GLY D 312 -25.18 18.70 19.94
N GLU D 313 -24.05 18.89 19.27
CA GLU D 313 -23.12 19.99 19.50
C GLU D 313 -23.75 21.37 19.42
N ALA D 314 -24.88 21.49 18.71
CA ALA D 314 -25.46 22.79 18.39
C ALA D 314 -26.02 23.46 19.66
N THR D 315 -26.23 22.65 20.72
CA THR D 315 -26.76 23.14 21.97
C THR D 315 -25.68 23.77 22.85
N LYS D 316 -24.41 23.67 22.44
CA LYS D 316 -23.27 24.11 23.24
C LYS D 316 -22.62 25.33 22.62
N GLY D 317 -22.48 26.38 23.44
CA GLY D 317 -21.69 27.54 23.10
C GLY D 317 -20.18 27.31 23.14
N TYR D 318 -19.44 28.33 22.75
CA TYR D 318 -17.99 28.28 22.70
C TYR D 318 -17.44 28.06 24.11
N LEU D 319 -18.04 28.71 25.13
CA LEU D 319 -17.56 28.64 26.51
C LEU D 319 -17.90 27.29 27.13
N ASP D 320 -18.90 26.57 26.59
CA ASP D 320 -19.22 25.23 27.04
C ASP D 320 -18.16 24.24 26.54
N ASP D 321 -17.16 24.71 25.78
CA ASP D 321 -16.07 23.81 25.42
C ASP D 321 -15.25 23.61 26.71
N PRO D 322 -15.09 22.31 27.15
CA PRO D 322 -14.33 22.03 28.38
C PRO D 322 -12.89 22.54 28.30
N THR D 323 -12.27 22.65 27.10
CA THR D 323 -10.88 23.08 26.99
C THR D 323 -10.76 24.59 26.81
N VAL D 324 -11.85 25.34 26.99
CA VAL D 324 -11.81 26.79 26.77
C VAL D 324 -11.98 27.48 28.12
N PRO D 325 -11.06 28.42 28.51
CA PRO D 325 -11.22 29.21 29.75
C PRO D 325 -12.61 29.82 29.90
N ARG D 326 -13.15 29.73 31.13
CA ARG D 326 -14.38 30.39 31.56
C ARG D 326 -14.19 31.87 31.29
N GLY D 327 -15.20 32.56 30.74
CA GLY D 327 -15.05 33.98 30.36
C GLY D 327 -13.87 34.39 29.43
N SER D 328 -13.37 33.48 28.56
CA SER D 328 -12.60 33.87 27.38
C SER D 328 -13.37 34.90 26.57
N THR D 329 -12.73 35.94 26.06
CA THR D 329 -13.41 36.89 25.16
C THR D 329 -12.99 36.71 23.69
N THR D 330 -12.46 35.53 23.34
CA THR D 330 -11.94 35.27 22.01
C THR D 330 -13.10 35.22 21.02
N ALA D 331 -12.86 35.77 19.83
CA ALA D 331 -13.87 35.81 18.77
C ALA D 331 -13.88 34.50 17.98
N THR D 332 -15.06 33.86 17.83
CA THR D 332 -15.30 32.80 16.85
C THR D 332 -15.90 33.31 15.52
N PHE D 333 -16.19 34.61 15.45
CA PHE D 333 -16.73 35.28 14.27
C PHE D 333 -16.08 36.67 14.15
N ALA D 334 -15.67 37.03 12.92
CA ALA D 334 -15.31 38.41 12.65
C ALA D 334 -15.85 38.85 11.28
N ALA D 335 -16.28 40.10 11.20
CA ALA D 335 -16.50 40.79 9.94
C ALA D 335 -15.62 42.02 9.96
N VAL D 336 -14.79 42.17 8.94
CA VAL D 336 -13.77 43.22 8.90
C VAL D 336 -13.76 43.90 7.53
N VAL D 337 -13.54 45.22 7.50
CA VAL D 337 -13.55 45.97 6.29
C VAL D 337 -12.19 46.60 6.12
N LEU D 338 -11.57 46.31 4.96
CA LEU D 338 -10.29 46.86 4.54
C LEU D 338 -10.47 47.63 3.25
N TYR D 339 -9.54 48.56 3.03
CA TYR D 339 -9.51 49.41 1.86
C TYR D 339 -8.12 49.27 1.26
N VAL D 340 -8.13 49.11 -0.08
CA VAL D 340 -6.91 49.21 -0.88
C VAL D 340 -6.83 50.59 -1.47
N GLU D 341 -5.87 51.37 -0.92
CA GLU D 341 -5.73 52.77 -1.27
C GLU D 341 -4.84 52.99 -2.47
N ASN D 342 -5.38 52.69 -3.67
CA ASN D 342 -4.62 52.87 -4.91
C ASN D 342 -5.61 53.26 -6.03
N GLU D 343 -5.12 53.45 -7.25
CA GLU D 343 -5.93 54.03 -8.33
C GLU D 343 -7.08 53.05 -8.68
N ARG D 344 -6.83 51.75 -8.56
CA ARG D 344 -7.77 50.74 -8.97
C ARG D 344 -8.92 50.60 -7.98
N TRP D 345 -8.65 50.77 -6.67
CA TRP D 345 -9.56 50.30 -5.63
C TRP D 345 -10.01 51.35 -4.62
N ASP D 346 -9.43 52.56 -4.60
CA ASP D 346 -9.68 53.46 -3.50
C ASP D 346 -11.18 53.64 -3.31
N GLY D 347 -11.62 53.47 -2.05
CA GLY D 347 -13.02 53.66 -1.68
C GLY D 347 -13.80 52.36 -1.68
N VAL D 348 -13.29 51.31 -2.34
CA VAL D 348 -14.02 50.06 -2.44
C VAL D 348 -13.80 49.23 -1.18
N PRO D 349 -14.86 48.95 -0.41
CA PRO D 349 -14.73 48.15 0.80
C PRO D 349 -14.48 46.71 0.45
N PHE D 350 -13.43 46.16 1.06
CA PHE D 350 -13.19 44.73 1.05
C PHE D 350 -13.65 44.15 2.38
N ILE D 351 -14.70 43.34 2.32
CA ILE D 351 -15.40 42.84 3.47
C ILE D 351 -15.00 41.39 3.67
N LEU D 352 -14.35 41.11 4.80
CA LEU D 352 -13.87 39.78 5.16
C LEU D 352 -14.78 39.30 6.25
N ARG D 353 -15.48 38.19 6.01
CA ARG D 353 -16.52 37.76 6.91
C ARG D 353 -16.35 36.26 7.16
N CYS D 354 -16.01 35.85 8.39
CA CYS D 354 -15.78 34.44 8.69
C CYS D 354 -16.28 34.05 10.07
N GLY D 355 -16.54 32.77 10.28
CA GLY D 355 -16.68 32.28 11.64
C GLY D 355 -17.02 30.80 11.72
N LYS D 356 -17.08 30.30 12.97
CA LYS D 356 -17.53 28.96 13.30
C LYS D 356 -19.00 28.97 13.76
N ALA D 357 -19.60 27.79 13.75
CA ALA D 357 -20.97 27.58 14.24
C ALA D 357 -21.98 28.48 13.51
N LEU D 358 -21.78 28.60 12.19
CA LEU D 358 -22.66 29.43 11.35
C LEU D 358 -23.64 28.49 10.64
N ASN D 359 -24.40 29.04 9.70
CA ASN D 359 -25.56 28.36 9.10
C ASN D 359 -25.17 27.43 7.96
N GLU D 360 -23.93 27.50 7.44
CA GLU D 360 -23.53 26.69 6.29
C GLU D 360 -22.01 26.65 6.19
N ARG D 361 -21.51 25.68 5.40
CA ARG D 361 -20.12 25.66 4.94
CA ARG D 361 -20.14 25.67 4.94
C ARG D 361 -20.14 26.46 3.64
N LYS D 362 -19.33 27.51 3.59
CA LYS D 362 -19.22 28.28 2.36
C LYS D 362 -17.89 28.98 2.36
N ALA D 363 -17.19 28.88 1.23
CA ALA D 363 -16.00 29.70 1.01
C ALA D 363 -16.10 30.32 -0.38
N GLU D 364 -15.92 31.65 -0.46
CA GLU D 364 -16.51 32.37 -1.57
C GLU D 364 -15.91 33.75 -1.68
N VAL D 365 -15.72 34.19 -2.93
CA VAL D 365 -15.42 35.57 -3.27
C VAL D 365 -16.60 36.10 -4.08
N ARG D 366 -17.08 37.30 -3.76
CA ARG D 366 -18.25 37.91 -4.42
C ARG D 366 -17.84 39.33 -4.77
N LEU D 367 -17.92 39.71 -6.06
CA LEU D 367 -17.82 41.10 -6.46
C LEU D 367 -19.25 41.62 -6.69
N GLN D 368 -19.62 42.68 -5.95
CA GLN D 368 -20.89 43.34 -6.19
C GLN D 368 -20.64 44.65 -6.94
N PHE D 369 -21.14 44.71 -8.19
CA PHE D 369 -20.97 45.87 -9.07
C PHE D 369 -21.97 46.96 -8.70
N HIS D 370 -21.58 48.20 -9.00
CA HIS D 370 -22.49 49.34 -8.93
C HIS D 370 -23.74 49.15 -9.77
N ASP D 371 -24.77 49.89 -9.38
CA ASP D 371 -26.00 50.02 -10.14
C ASP D 371 -25.64 50.69 -11.48
N VAL D 372 -26.49 50.54 -12.48
CA VAL D 372 -26.26 51.25 -13.71
C VAL D 372 -26.47 52.73 -13.43
N ALA D 373 -25.68 53.59 -14.10
CA ALA D 373 -25.78 55.04 -14.02
C ALA D 373 -26.94 55.53 -14.85
N GLY D 374 -28.12 55.65 -14.20
CA GLY D 374 -29.37 56.03 -14.86
C GLY D 374 -30.06 54.77 -15.33
N ASP D 375 -31.21 54.45 -14.70
CA ASP D 375 -31.97 53.24 -14.94
C ASP D 375 -33.18 53.59 -15.80
N ILE D 376 -33.18 53.19 -17.08
CA ILE D 376 -34.27 53.51 -18.02
C ILE D 376 -35.39 52.47 -17.96
N PHE D 377 -35.26 51.51 -17.02
CA PHE D 377 -36.18 50.38 -16.90
C PHE D 377 -36.93 50.45 -15.55
N HIS D 378 -37.24 51.68 -15.08
CA HIS D 378 -38.10 51.90 -13.93
C HIS D 378 -37.56 51.18 -12.68
N GLN D 379 -36.24 51.31 -12.43
CA GLN D 379 -35.58 50.85 -11.19
C GLN D 379 -35.64 49.33 -10.99
N GLN D 380 -35.91 48.53 -12.04
CA GLN D 380 -35.97 47.08 -11.94
C GLN D 380 -34.61 46.39 -11.98
N CYS D 381 -33.50 47.14 -12.15
CA CYS D 381 -32.18 46.57 -12.32
C CYS D 381 -31.51 46.34 -10.95
N LYS D 382 -31.19 45.07 -10.63
CA LYS D 382 -30.32 44.77 -9.51
C LYS D 382 -28.84 44.87 -9.96
N ARG D 383 -28.00 45.18 -8.98
CA ARG D 383 -26.59 45.08 -9.11
C ARG D 383 -26.15 43.71 -9.64
N ASN D 384 -25.30 43.77 -10.66
CA ASN D 384 -24.61 42.60 -11.16
C ASN D 384 -23.63 42.14 -10.06
N GLU D 385 -23.44 40.81 -10.00
CA GLU D 385 -22.41 40.18 -9.19
C GLU D 385 -21.65 39.13 -9.97
N LEU D 386 -20.38 38.99 -9.56
CA LEU D 386 -19.54 37.87 -9.95
C LEU D 386 -19.16 37.09 -8.69
N VAL D 387 -19.46 35.79 -8.71
CA VAL D 387 -19.31 34.94 -7.54
C VAL D 387 -18.37 33.79 -7.89
N ILE D 388 -17.32 33.59 -7.08
CA ILE D 388 -16.41 32.46 -7.16
C ILE D 388 -16.54 31.68 -5.87
N ARG D 389 -17.24 30.56 -5.91
CA ARG D 389 -17.41 29.71 -4.75
C ARG D 389 -16.39 28.57 -4.78
N VAL D 390 -15.73 28.31 -3.64
CA VAL D 390 -14.72 27.27 -3.53
C VAL D 390 -15.37 26.06 -2.84
N GLN D 391 -15.97 26.22 -1.64
CA GLN D 391 -16.73 25.12 -1.00
C GLN D 391 -18.10 25.74 -0.72
N PRO D 392 -19.23 25.01 -0.63
CA PRO D 392 -19.27 23.55 -0.69
C PRO D 392 -18.96 22.96 -2.07
N ASN D 393 -19.42 23.59 -3.18
CA ASN D 393 -19.20 23.09 -4.53
C ASN D 393 -18.68 24.22 -5.40
N GLU D 394 -17.48 24.03 -5.96
CA GLU D 394 -16.79 24.99 -6.80
C GLU D 394 -17.70 25.50 -7.92
N ALA D 395 -17.71 26.81 -8.21
CA ALA D 395 -18.51 27.47 -9.25
C ALA D 395 -18.01 28.89 -9.47
N VAL D 396 -18.01 29.34 -10.73
CA VAL D 396 -17.93 30.76 -11.08
C VAL D 396 -19.23 31.13 -11.79
N TYR D 397 -19.91 32.19 -11.36
CA TYR D 397 -21.13 32.58 -12.04
C TYR D 397 -21.35 34.08 -11.89
N THR D 398 -22.18 34.64 -12.75
CA THR D 398 -22.37 36.07 -12.80
C THR D 398 -23.90 36.25 -12.73
N MET D 400 -26.90 38.59 -13.61
CA MET D 400 -27.04 39.76 -14.51
C MET D 400 -28.51 39.88 -14.89
N MET D 401 -28.89 40.97 -15.55
CA MET D 401 -30.25 41.17 -16.01
C MET D 401 -30.42 40.70 -17.47
N THR D 402 -31.56 40.05 -17.77
CA THR D 402 -31.89 39.47 -19.06
C THR D 402 -33.32 39.86 -19.40
N LYS D 403 -33.70 39.91 -20.68
CA LYS D 403 -35.09 40.27 -20.96
C LYS D 403 -36.01 39.06 -20.82
N LYS D 404 -37.11 39.28 -20.09
CA LYS D 404 -38.25 38.37 -20.04
C LYS D 404 -38.96 38.42 -21.39
N PRO D 405 -39.32 37.31 -22.06
CA PRO D 405 -40.16 37.40 -23.28
C PRO D 405 -41.42 38.23 -23.07
N GLY D 406 -41.84 38.96 -24.09
CA GLY D 406 -42.92 39.91 -23.88
C GLY D 406 -42.71 41.23 -24.59
N MET D 407 -43.72 42.13 -24.54
CA MET D 407 -43.83 43.34 -25.36
C MET D 407 -42.77 44.40 -25.01
N PHE D 408 -42.63 44.84 -23.73
CA PHE D 408 -41.76 45.99 -23.47
C PHE D 408 -40.48 45.44 -22.84
N PHE D 409 -39.91 46.08 -21.82
CA PHE D 409 -38.58 45.61 -21.41
C PHE D 409 -38.68 45.28 -19.94
N ASN D 410 -38.97 44.00 -19.64
CA ASN D 410 -38.95 43.58 -18.24
C ASN D 410 -37.70 42.73 -18.10
N PRO D 411 -36.64 43.36 -17.51
CA PRO D 411 -35.42 42.62 -17.14
C PRO D 411 -35.66 41.78 -15.89
N GLU D 412 -35.11 40.57 -15.82
CA GLU D 412 -35.23 39.77 -14.62
C GLU D 412 -33.80 39.33 -14.26
N GLU D 413 -33.54 39.10 -12.96
CA GLU D 413 -32.23 38.61 -12.52
C GLU D 413 -32.08 37.20 -13.04
N SER D 414 -30.88 36.86 -13.52
CA SER D 414 -30.59 35.55 -14.10
C SER D 414 -29.19 35.18 -13.63
N GLU D 415 -28.84 33.88 -13.66
CA GLU D 415 -27.49 33.44 -13.31
C GLU D 415 -26.79 32.73 -14.46
N LEU D 416 -25.55 33.12 -14.73
CA LEU D 416 -24.79 32.46 -15.77
C LEU D 416 -23.64 31.71 -15.11
N ASP D 417 -23.55 30.40 -15.37
CA ASP D 417 -22.41 29.60 -15.00
C ASP D 417 -21.25 29.84 -15.98
N LEU D 418 -20.11 30.34 -15.48
CA LEU D 418 -18.95 30.64 -16.30
C LEU D 418 -17.78 29.68 -16.04
N THR D 419 -18.00 28.64 -15.22
CA THR D 419 -16.88 27.92 -14.58
C THR D 419 -15.92 27.43 -15.69
N TYR D 420 -16.44 26.53 -16.56
CA TYR D 420 -15.71 25.93 -17.68
C TYR D 420 -16.37 26.33 -19.01
N GLY D 421 -17.20 27.38 -19.00
CA GLY D 421 -17.94 27.90 -20.14
C GLY D 421 -18.94 26.90 -20.69
N ASN D 422 -18.90 26.64 -22.01
CA ASN D 422 -19.71 25.62 -22.70
C ASN D 422 -18.93 24.29 -22.76
N ARG D 423 -17.61 24.33 -22.51
CA ARG D 423 -16.70 23.24 -22.84
C ARG D 423 -17.04 21.94 -22.08
N TYR D 424 -17.09 22.03 -20.72
CA TYR D 424 -17.12 20.86 -19.87
C TYR D 424 -18.39 20.90 -19.00
N LYS D 425 -19.33 19.94 -19.23
CA LYS D 425 -20.27 19.52 -18.17
C LYS D 425 -19.45 18.97 -16.99
N ASN D 426 -20.02 19.04 -15.78
CA ASN D 426 -19.57 18.37 -14.54
C ASN D 426 -18.14 17.79 -14.45
N VAL D 427 -17.28 18.42 -13.67
CA VAL D 427 -15.85 18.15 -13.60
C VAL D 427 -15.45 17.80 -12.16
N LYS D 428 -14.82 16.62 -11.94
CA LYS D 428 -14.41 16.17 -10.62
C LYS D 428 -12.90 16.37 -10.45
N LEU D 429 -12.56 17.30 -9.55
CA LEU D 429 -11.20 17.75 -9.31
C LEU D 429 -10.59 16.95 -8.17
N PRO D 430 -9.25 16.72 -8.22
CA PRO D 430 -8.46 16.43 -7.02
C PRO D 430 -8.58 17.54 -5.98
N ASP D 431 -8.72 17.11 -4.75
CA ASP D 431 -8.46 17.85 -3.51
C ASP D 431 -7.51 19.05 -3.76
N ALA D 432 -7.88 20.27 -3.31
CA ALA D 432 -7.04 21.45 -3.48
C ALA D 432 -5.70 21.31 -2.74
N TYR D 433 -5.72 20.62 -1.59
CA TYR D 433 -4.56 20.43 -0.73
C TYR D 433 -3.59 19.44 -1.41
N GLU D 434 -4.12 18.38 -1.99
CA GLU D 434 -3.37 17.47 -2.83
C GLU D 434 -2.60 18.26 -3.90
N ARG D 435 -3.27 19.24 -4.52
CA ARG D 435 -2.68 20.05 -5.58
C ARG D 435 -1.62 20.99 -5.02
N LEU D 436 -1.80 21.38 -3.77
CA LEU D 436 -0.88 22.33 -3.14
C LEU D 436 0.45 21.64 -2.80
N ILE D 437 0.39 20.40 -2.37
CA ILE D 437 1.62 19.66 -2.09
C ILE D 437 2.35 19.37 -3.37
N LEU D 438 1.58 19.02 -4.40
CA LEU D 438 2.14 18.84 -5.72
C LEU D 438 2.88 20.09 -6.21
N ASP D 439 2.35 21.27 -5.90
CA ASP D 439 3.04 22.51 -6.27
C ASP D 439 4.46 22.52 -5.70
N VAL D 440 4.69 21.96 -4.49
CA VAL D 440 6.00 22.07 -3.86
C VAL D 440 6.95 21.15 -4.63
N PHE D 441 6.47 19.95 -5.03
CA PHE D 441 7.24 19.10 -5.92
C PHE D 441 7.62 19.84 -7.21
N CYS D 442 6.74 20.74 -7.71
CA CYS D 442 6.91 21.44 -8.99
C CYS D 442 7.65 22.77 -8.84
N GLY D 443 8.06 23.14 -7.62
CA GLY D 443 8.78 24.38 -7.42
C GLY D 443 7.89 25.63 -7.58
N SER D 444 6.59 25.50 -7.30
CA SER D 444 5.65 26.59 -7.58
C SER D 444 5.15 27.27 -6.29
N GLN D 445 5.59 28.50 -6.03
CA GLN D 445 5.42 29.17 -4.72
C GLN D 445 4.28 30.20 -4.72
N MET D 446 3.61 30.38 -5.87
CA MET D 446 2.57 31.39 -6.14
C MET D 446 1.56 31.51 -4.99
N HIS D 447 1.01 30.38 -4.54
CA HIS D 447 -0.04 30.26 -3.54
C HIS D 447 0.44 30.06 -2.10
N PHE D 448 1.72 30.35 -1.87
CA PHE D 448 2.32 30.26 -0.55
C PHE D 448 2.79 31.66 -0.23
N VAL D 449 2.71 32.02 1.03
CA VAL D 449 2.93 33.39 1.49
C VAL D 449 4.41 33.65 1.57
N ARG D 450 4.86 34.74 0.91
CA ARG D 450 6.24 35.15 0.89
C ARG D 450 6.59 35.98 2.15
N SER D 451 7.89 36.03 2.54
CA SER D 451 8.30 36.74 3.74
C SER D 451 7.84 38.22 3.77
N ASP D 452 8.03 38.94 2.66
CA ASP D 452 7.68 40.35 2.60
C ASP D 452 6.16 40.54 2.73
N GLU D 453 5.41 39.63 2.08
CA GLU D 453 3.97 39.52 2.07
C GLU D 453 3.48 39.30 3.50
N LEU D 454 4.12 38.39 4.20
CA LEU D 454 3.77 38.07 5.58
C LEU D 454 3.92 39.29 6.49
N ARG D 455 5.01 40.04 6.35
CA ARG D 455 5.23 41.20 7.21
C ARG D 455 4.08 42.19 7.04
N GLU D 456 3.69 42.43 5.76
CA GLU D 456 2.62 43.35 5.42
C GLU D 456 1.32 42.89 6.07
N ALA D 457 1.05 41.59 6.03
CA ALA D 457 -0.14 41.03 6.63
C ALA D 457 -0.21 41.34 8.12
N TRP D 458 0.93 41.20 8.83
CA TRP D 458 0.99 41.43 10.25
C TRP D 458 0.90 42.92 10.55
N ARG D 459 1.51 43.79 9.71
CA ARG D 459 1.44 45.24 9.92
C ARG D 459 -0.01 45.71 9.93
N ILE D 460 -0.78 45.19 8.99
CA ILE D 460 -2.18 45.53 8.80
C ILE D 460 -2.99 45.19 10.07
N PHE D 461 -2.83 43.96 10.60
CA PHE D 461 -3.70 43.47 11.64
C PHE D 461 -3.12 43.61 13.06
N THR D 462 -1.83 43.96 13.22
CA THR D 462 -1.20 43.81 14.53
C THR D 462 -1.74 44.86 15.51
N PRO D 463 -1.86 46.18 15.13
CA PRO D 463 -2.46 47.15 16.04
C PRO D 463 -3.78 46.66 16.64
N LEU D 464 -4.64 46.13 15.79
CA LEU D 464 -5.97 45.73 16.20
C LEU D 464 -5.88 44.55 17.13
N LEU D 465 -5.08 43.52 16.81
CA LEU D 465 -5.02 42.34 17.65
C LEU D 465 -4.47 42.71 19.03
N HIS D 466 -3.49 43.63 19.08
CA HIS D 466 -2.93 44.06 20.36
C HIS D 466 -4.04 44.78 21.17
N GLN D 467 -4.80 45.65 20.48
CA GLN D 467 -5.85 46.40 21.12
C GLN D 467 -6.91 45.46 21.69
N ILE D 468 -7.29 44.42 20.95
CA ILE D 468 -8.25 43.42 21.41
C ILE D 468 -7.70 42.75 22.67
N GLU D 469 -6.40 42.38 22.68
CA GLU D 469 -5.81 41.69 23.81
C GLU D 469 -5.80 42.58 25.07
N LEU D 470 -5.56 43.85 24.88
CA LEU D 470 -5.41 44.82 25.96
C LEU D 470 -6.76 45.32 26.45
N GLU D 471 -7.71 45.65 25.54
CA GLU D 471 -8.96 46.24 25.95
C GLU D 471 -9.95 45.12 26.24
N LYS D 472 -9.67 43.89 25.81
CA LYS D 472 -10.55 42.73 26.05
C LYS D 472 -12.00 43.10 25.76
N PRO D 473 -12.38 43.60 24.56
CA PRO D 473 -13.79 43.86 24.26
C PRO D 473 -14.56 42.55 24.27
N LYS D 474 -15.78 42.62 24.84
CA LYS D 474 -16.72 41.53 24.94
C LYS D 474 -17.22 41.21 23.53
N PRO D 475 -17.02 40.02 22.92
CA PRO D 475 -17.57 39.77 21.57
C PRO D 475 -19.08 39.62 21.63
N ILE D 476 -19.77 39.89 20.51
CA ILE D 476 -21.23 39.83 20.42
C ILE D 476 -21.68 38.38 20.31
N PRO D 477 -22.66 37.94 21.13
CA PRO D 477 -23.15 36.58 21.04
C PRO D 477 -23.99 36.35 19.79
N TYR D 478 -23.97 35.11 19.29
CA TYR D 478 -24.75 34.67 18.17
C TYR D 478 -25.03 33.17 18.39
N ILE D 479 -26.28 32.77 18.14
CA ILE D 479 -26.74 31.42 18.39
C ILE D 479 -26.10 30.55 17.32
N TYR D 480 -25.64 29.38 17.75
CA TYR D 480 -25.04 28.36 16.90
C TYR D 480 -26.01 28.04 15.78
N GLY D 481 -25.54 28.21 14.53
CA GLY D 481 -26.35 27.85 13.37
C GLY D 481 -26.98 29.08 12.70
N SER D 482 -26.79 30.25 13.31
CA SER D 482 -27.22 31.51 12.73
C SER D 482 -26.16 32.05 11.76
N ARG D 483 -26.40 33.22 11.17
CA ARG D 483 -25.42 33.82 10.27
C ARG D 483 -24.49 34.75 11.03
N GLY D 484 -24.63 34.79 12.37
CA GLY D 484 -23.73 35.58 13.19
C GLY D 484 -24.40 36.87 13.65
N PRO D 485 -23.66 37.78 14.31
CA PRO D 485 -24.21 39.00 14.84
C PRO D 485 -24.82 39.87 13.74
N THR D 486 -26.01 40.43 14.04
CA THR D 486 -26.74 41.21 13.05
C THR D 486 -25.93 42.50 12.82
N GLU D 487 -25.11 42.89 13.80
CA GLU D 487 -24.24 44.07 13.68
C GLU D 487 -23.26 43.97 12.50
N ALA D 488 -22.93 42.73 12.10
CA ALA D 488 -22.09 42.49 10.92
C ALA D 488 -22.84 42.93 9.66
N ASP D 489 -24.14 42.57 9.57
CA ASP D 489 -25.03 43.04 8.50
C ASP D 489 -25.07 44.57 8.44
N GLU D 490 -25.13 45.24 9.60
CA GLU D 490 -25.19 46.70 9.68
C GLU D 490 -23.87 47.32 9.18
N LEU D 491 -22.73 46.73 9.54
CA LEU D 491 -21.45 47.24 9.09
C LEU D 491 -21.35 47.09 7.56
N MET D 492 -21.81 45.95 7.03
CA MET D 492 -21.79 45.75 5.58
C MET D 492 -22.70 46.77 4.85
N LYS D 493 -23.96 46.98 5.30
CA LYS D 493 -24.86 48.01 4.75
C LYS D 493 -24.22 49.38 4.83
N ARG D 494 -23.60 49.69 5.95
CA ARG D 494 -23.03 51.02 6.20
C ARG D 494 -21.92 51.31 5.19
N VAL D 495 -21.18 50.31 4.69
CA VAL D 495 -20.02 50.60 3.83
C VAL D 495 -20.39 50.43 2.36
N GLY D 496 -21.61 49.95 2.02
CA GLY D 496 -22.07 50.04 0.63
C GLY D 496 -22.63 48.74 0.05
N PHE D 497 -22.77 47.69 0.86
CA PHE D 497 -23.29 46.43 0.39
C PHE D 497 -24.84 46.46 0.42
N GLN D 498 -25.51 45.77 -0.52
CA GLN D 498 -26.96 45.57 -0.59
C GLN D 498 -27.38 44.11 -0.60
N TYR D 499 -28.43 43.71 0.16
CA TYR D 499 -28.84 42.31 0.31
C TYR D 499 -29.72 41.81 -0.82
N VAL E 1 -40.18 -67.15 -39.64
CA VAL E 1 -39.41 -68.22 -38.95
C VAL E 1 -38.82 -67.63 -37.65
N ALA E 2 -38.94 -68.46 -36.59
CA ALA E 2 -38.41 -68.30 -35.24
C ALA E 2 -36.90 -68.54 -35.21
N LEU E 3 -36.26 -67.94 -34.20
CA LEU E 3 -34.85 -68.09 -33.85
C LEU E 3 -34.74 -68.63 -32.41
N SER E 4 -34.12 -69.84 -32.26
CA SER E 4 -33.87 -70.38 -30.93
C SER E 4 -32.79 -69.56 -30.22
N ARG E 5 -32.63 -69.77 -28.91
CA ARG E 5 -31.58 -69.15 -28.11
C ARG E 5 -30.17 -69.50 -28.64
N THR E 6 -30.01 -70.76 -29.11
CA THR E 6 -28.76 -71.34 -29.58
C THR E 6 -28.41 -70.81 -31.00
N GLN E 7 -29.41 -70.45 -31.81
CA GLN E 7 -29.15 -69.89 -33.13
C GLN E 7 -28.71 -68.43 -33.04
N VAL E 8 -29.31 -67.68 -32.11
CA VAL E 8 -28.91 -66.31 -31.76
C VAL E 8 -27.43 -66.30 -31.31
N CYS E 9 -26.99 -67.26 -30.45
CA CYS E 9 -25.60 -67.37 -30.05
C CYS E 9 -24.70 -67.71 -31.25
N GLY E 10 -25.16 -68.49 -32.23
CA GLY E 10 -24.41 -68.72 -33.47
C GLY E 10 -24.13 -67.43 -34.27
N ILE E 11 -25.16 -66.57 -34.35
CA ILE E 11 -25.08 -65.31 -35.08
C ILE E 11 -24.09 -64.39 -34.34
N LEU E 12 -24.23 -64.31 -33.01
CA LEU E 12 -23.34 -63.49 -32.19
C LEU E 12 -21.88 -63.93 -32.30
N ARG E 13 -21.62 -65.26 -32.19
CA ARG E 13 -20.26 -65.79 -32.28
C ARG E 13 -19.65 -65.40 -33.64
N GLU E 14 -20.43 -65.54 -34.70
CA GLU E 14 -19.96 -65.24 -36.05
C GLU E 14 -19.56 -63.75 -36.15
N GLU E 15 -20.35 -62.88 -35.50
CA GLU E 15 -20.12 -61.43 -35.54
C GLU E 15 -18.88 -61.03 -34.73
N LEU E 16 -18.72 -61.63 -33.54
CA LEU E 16 -17.53 -61.45 -32.71
C LEU E 16 -16.26 -61.85 -33.48
N PHE E 17 -16.34 -63.01 -34.18
CA PHE E 17 -15.24 -63.53 -34.97
C PHE E 17 -14.94 -62.53 -36.09
N GLN E 18 -15.91 -62.13 -36.96
CA GLN E 18 -15.64 -61.19 -38.04
C GLN E 18 -15.09 -59.86 -37.51
N GLY E 19 -15.60 -59.30 -36.39
CA GLY E 19 -15.20 -57.98 -35.91
C GLY E 19 -13.81 -57.94 -35.23
N ASP E 20 -13.07 -56.83 -35.48
CA ASP E 20 -11.73 -56.57 -34.97
C ASP E 20 -11.66 -56.36 -33.44
N ALA E 21 -12.80 -55.95 -32.84
CA ALA E 21 -12.82 -55.44 -31.48
C ALA E 21 -12.85 -56.56 -30.45
N PHE E 22 -13.32 -57.76 -30.86
CA PHE E 22 -13.27 -58.97 -30.05
C PHE E 22 -12.17 -59.85 -30.63
N HIS E 23 -11.14 -60.08 -29.81
CA HIS E 23 -9.91 -60.77 -30.22
C HIS E 23 -9.97 -62.22 -29.73
N GLN E 24 -10.60 -63.08 -30.54
CA GLN E 24 -10.97 -64.47 -30.21
C GLN E 24 -9.72 -65.32 -29.91
N SER E 25 -8.59 -64.93 -30.53
CA SER E 25 -7.33 -65.68 -30.47
C SER E 25 -6.46 -65.31 -29.26
N ASP E 26 -6.51 -64.04 -28.82
CA ASP E 26 -5.73 -63.55 -27.70
C ASP E 26 -6.26 -64.14 -26.39
N THR E 27 -5.30 -64.21 -25.45
CA THR E 27 -5.55 -64.70 -24.11
C THR E 27 -6.25 -63.63 -23.30
N HIS E 28 -7.25 -64.03 -22.50
CA HIS E 28 -7.97 -63.12 -21.63
C HIS E 28 -7.97 -63.66 -20.23
N ILE E 29 -7.82 -62.79 -19.25
CA ILE E 29 -8.02 -63.22 -17.87
C ILE E 29 -9.18 -62.38 -17.31
N PHE E 30 -10.15 -63.08 -16.73
CA PHE E 30 -11.29 -62.46 -16.08
C PHE E 30 -11.11 -62.62 -14.57
N ILE E 31 -10.86 -61.50 -13.87
CA ILE E 31 -10.56 -61.53 -12.45
C ILE E 31 -11.79 -61.07 -11.68
N ILE E 32 -12.35 -61.96 -10.87
CA ILE E 32 -13.44 -61.61 -9.98
C ILE E 32 -12.89 -61.25 -8.59
N MET E 33 -12.71 -59.96 -8.36
CA MET E 33 -12.35 -59.44 -7.05
C MET E 33 -13.62 -59.47 -6.19
N GLY E 34 -13.61 -60.21 -5.07
CA GLY E 34 -14.80 -60.44 -4.28
C GLY E 34 -15.52 -61.72 -4.69
N ALA E 35 -14.73 -62.74 -5.07
CA ALA E 35 -15.24 -64.01 -5.62
C ALA E 35 -16.05 -64.83 -4.60
N SER E 36 -15.83 -64.57 -3.31
CA SER E 36 -16.50 -65.27 -2.21
C SER E 36 -17.88 -64.66 -1.94
N GLY E 37 -18.07 -63.36 -2.25
CA GLY E 37 -19.31 -62.65 -1.98
C GLY E 37 -20.51 -63.11 -2.81
N ASP E 38 -21.68 -62.56 -2.50
CA ASP E 38 -22.94 -63.10 -3.03
C ASP E 38 -23.13 -62.71 -4.49
N LEU E 39 -22.73 -61.48 -4.86
CA LEU E 39 -22.82 -61.05 -6.25
C LEU E 39 -22.05 -62.03 -7.15
N ALA E 40 -20.81 -62.39 -6.75
CA ALA E 40 -20.00 -63.31 -7.53
C ALA E 40 -20.68 -64.66 -7.64
N LYS E 41 -21.12 -65.16 -6.48
CA LYS E 41 -21.67 -66.50 -6.31
C LYS E 41 -22.96 -66.66 -7.13
N LYS E 42 -23.82 -65.62 -7.14
CA LYS E 42 -25.16 -65.75 -7.69
C LYS E 42 -25.30 -65.16 -9.10
N LYS E 43 -24.44 -64.21 -9.48
CA LYS E 43 -24.62 -63.46 -10.71
C LYS E 43 -23.37 -63.59 -11.61
N ILE E 44 -22.18 -63.29 -11.08
CA ILE E 44 -21.00 -63.19 -11.94
C ILE E 44 -20.48 -64.57 -12.38
N TYR E 45 -20.29 -65.52 -11.46
CA TYR E 45 -19.77 -66.81 -11.85
C TYR E 45 -20.76 -67.51 -12.80
N PRO E 46 -22.07 -67.53 -12.49
CA PRO E 46 -23.04 -68.09 -13.43
C PRO E 46 -22.97 -67.43 -14.81
N THR E 47 -22.80 -66.11 -14.86
CA THR E 47 -22.91 -65.40 -16.12
C THR E 47 -21.66 -65.62 -17.00
N ILE E 48 -20.47 -65.62 -16.37
CA ILE E 48 -19.25 -65.93 -17.10
C ILE E 48 -19.29 -67.38 -17.56
N TRP E 49 -19.91 -68.26 -16.75
CA TRP E 49 -20.20 -69.61 -17.20
C TRP E 49 -21.11 -69.60 -18.43
N TRP E 50 -22.16 -68.76 -18.45
CA TRP E 50 -23.09 -68.79 -19.58
C TRP E 50 -22.37 -68.35 -20.85
N LEU E 51 -21.55 -67.30 -20.72
CA LEU E 51 -20.72 -66.85 -21.83
C LEU E 51 -19.82 -67.99 -22.34
N PHE E 52 -19.17 -68.68 -21.40
CA PHE E 52 -18.26 -69.76 -21.77
C PHE E 52 -19.03 -70.80 -22.56
N ARG E 53 -20.10 -71.31 -21.94
CA ARG E 53 -21.00 -72.35 -22.46
C ARG E 53 -21.59 -71.97 -23.81
N ASP E 54 -21.91 -70.69 -24.03
CA ASP E 54 -22.55 -70.21 -25.25
C ASP E 54 -21.56 -70.08 -26.41
N GLY E 55 -20.26 -70.26 -26.14
CA GLY E 55 -19.20 -70.20 -27.12
C GLY E 55 -18.85 -68.76 -27.40
N LEU E 56 -19.05 -67.87 -26.41
CA LEU E 56 -18.97 -66.43 -26.63
C LEU E 56 -17.76 -65.80 -25.93
N LEU E 57 -16.98 -66.58 -25.19
CA LEU E 57 -15.71 -66.08 -24.67
C LEU E 57 -14.61 -66.39 -25.68
N PRO E 58 -13.51 -65.60 -25.72
CA PRO E 58 -12.31 -66.03 -26.45
C PRO E 58 -11.83 -67.41 -25.97
N GLU E 59 -11.35 -68.28 -26.88
CA GLU E 59 -11.04 -69.68 -26.51
C GLU E 59 -10.02 -69.78 -25.38
N ASN E 60 -9.11 -68.81 -25.26
CA ASN E 60 -8.07 -68.80 -24.23
C ASN E 60 -8.45 -67.83 -23.11
N THR E 61 -9.41 -68.20 -22.28
CA THR E 61 -9.88 -67.31 -21.22
C THR E 61 -9.70 -68.02 -19.90
N PHE E 62 -9.16 -67.35 -18.91
CA PHE E 62 -9.04 -67.90 -17.56
C PHE E 62 -9.89 -67.05 -16.61
N ILE E 63 -10.42 -67.70 -15.58
CA ILE E 63 -11.13 -66.99 -14.53
C ILE E 63 -10.32 -67.09 -13.24
N VAL E 64 -9.92 -65.94 -12.71
CA VAL E 64 -9.24 -65.88 -11.43
C VAL E 64 -10.14 -65.20 -10.39
N GLY E 65 -10.58 -65.99 -9.39
CA GLY E 65 -11.16 -65.46 -8.17
C GLY E 65 -10.13 -64.89 -7.20
N TYR E 66 -10.49 -63.79 -6.52
CA TYR E 66 -9.68 -63.18 -5.48
C TYR E 66 -10.59 -62.62 -4.38
N ALA E 67 -10.38 -63.09 -3.14
CA ALA E 67 -11.05 -62.59 -1.95
C ALA E 67 -10.21 -62.91 -0.70
N ARG E 68 -10.64 -62.47 0.51
CA ARG E 68 -9.91 -62.66 1.75
C ARG E 68 -9.89 -64.16 2.15
N SER E 69 -11.01 -64.88 1.95
CA SER E 69 -11.17 -66.23 2.48
C SER E 69 -10.19 -67.18 1.78
N ARG E 70 -9.69 -68.21 2.49
CA ARG E 70 -8.73 -69.14 1.88
C ARG E 70 -9.55 -70.27 1.26
N LEU E 71 -9.86 -70.21 -0.03
CA LEU E 71 -10.82 -71.12 -0.66
C LEU E 71 -10.19 -71.85 -1.84
N THR E 72 -10.77 -73.00 -2.22
CA THR E 72 -10.39 -73.68 -3.44
C THR E 72 -11.44 -73.39 -4.52
N VAL E 73 -11.14 -73.76 -5.77
CA VAL E 73 -12.09 -73.77 -6.87
C VAL E 73 -13.25 -74.73 -6.56
N ALA E 74 -12.96 -75.89 -5.95
CA ALA E 74 -13.97 -76.81 -5.45
C ALA E 74 -15.00 -76.09 -4.55
N ASP E 75 -14.57 -75.17 -3.69
CA ASP E 75 -15.47 -74.44 -2.80
C ASP E 75 -16.36 -73.50 -3.60
N ILE E 76 -15.73 -72.69 -4.47
CA ILE E 76 -16.39 -71.80 -5.41
C ILE E 76 -17.50 -72.55 -6.16
N ARG E 77 -17.13 -73.66 -6.77
CA ARG E 77 -18.04 -74.52 -7.50
C ARG E 77 -19.22 -74.98 -6.60
N LYS E 78 -18.97 -75.48 -5.38
CA LYS E 78 -20.05 -75.91 -4.50
C LYS E 78 -21.04 -74.77 -4.24
N GLN E 79 -20.55 -73.57 -3.87
CA GLN E 79 -21.40 -72.43 -3.50
C GLN E 79 -22.12 -71.88 -4.77
N SER E 80 -21.46 -71.82 -5.97
CA SER E 80 -21.98 -71.15 -7.17
C SER E 80 -22.73 -72.08 -8.12
N GLU E 81 -22.31 -73.34 -8.25
CA GLU E 81 -22.88 -74.19 -9.31
C GLU E 81 -24.41 -74.26 -9.27
N PRO E 82 -25.12 -74.27 -8.09
CA PRO E 82 -26.60 -74.26 -8.10
C PRO E 82 -27.30 -73.18 -8.92
N PHE E 83 -26.64 -72.02 -9.08
CA PHE E 83 -27.15 -70.88 -9.82
C PHE E 83 -26.78 -70.88 -11.31
N PHE E 84 -26.03 -71.93 -11.75
CA PHE E 84 -25.55 -72.05 -13.12
C PHE E 84 -26.63 -72.65 -14.02
N LYS E 85 -27.60 -73.35 -13.42
CA LYS E 85 -28.67 -74.03 -14.13
C LYS E 85 -28.04 -74.96 -15.17
N ALA E 86 -26.97 -75.69 -14.77
CA ALA E 86 -26.27 -76.55 -15.71
C ALA E 86 -27.13 -77.79 -15.99
N THR E 87 -27.10 -78.32 -17.21
CA THR E 87 -27.88 -79.51 -17.56
C THR E 87 -26.90 -80.69 -17.64
N PRO E 88 -27.36 -81.95 -17.78
CA PRO E 88 -26.44 -83.08 -17.96
C PRO E 88 -25.60 -83.01 -19.26
N GLU E 89 -26.21 -82.49 -20.34
CA GLU E 89 -25.56 -82.28 -21.64
C GLU E 89 -24.31 -81.43 -21.49
N GLU E 90 -24.26 -80.57 -20.46
CA GLU E 90 -23.20 -79.60 -20.33
C GLU E 90 -22.09 -80.09 -19.39
N LYS E 91 -22.06 -81.38 -19.01
CA LYS E 91 -21.11 -81.87 -18.00
C LYS E 91 -19.67 -81.64 -18.47
N LEU E 92 -19.38 -81.86 -19.77
CA LEU E 92 -18.06 -81.68 -20.37
C LEU E 92 -17.61 -80.22 -20.38
N LYS E 93 -18.48 -79.34 -20.85
CA LYS E 93 -18.18 -77.91 -20.85
C LYS E 93 -17.96 -77.40 -19.43
N LEU E 94 -18.60 -78.02 -18.43
CA LEU E 94 -18.52 -77.53 -17.07
C LEU E 94 -17.16 -77.91 -16.50
N GLU E 95 -16.68 -79.13 -16.82
CA GLU E 95 -15.32 -79.54 -16.48
C GLU E 95 -14.31 -78.58 -17.11
N ASP E 96 -14.41 -78.35 -18.43
CA ASP E 96 -13.50 -77.48 -19.15
C ASP E 96 -13.55 -76.06 -18.55
N PHE E 97 -14.73 -75.57 -18.12
CA PHE E 97 -14.87 -74.26 -17.49
C PHE E 97 -14.12 -74.22 -16.15
N PHE E 98 -14.32 -75.21 -15.28
CA PHE E 98 -13.71 -75.19 -13.96
C PHE E 98 -12.19 -75.40 -14.03
N ALA E 99 -11.69 -76.07 -15.09
CA ALA E 99 -10.27 -76.24 -15.34
C ALA E 99 -9.62 -74.90 -15.64
N ARG E 100 -10.40 -73.91 -16.12
CA ARG E 100 -9.90 -72.58 -16.45
C ARG E 100 -10.05 -71.63 -15.28
N ASN E 101 -10.53 -72.16 -14.15
CA ASN E 101 -10.78 -71.37 -12.98
C ASN E 101 -9.64 -71.54 -11.98
N SER E 102 -9.35 -70.51 -11.21
CA SER E 102 -8.39 -70.58 -10.11
C SER E 102 -8.80 -69.55 -9.08
N TYR E 103 -8.22 -69.67 -7.89
CA TYR E 103 -8.51 -68.73 -6.82
C TYR E 103 -7.24 -68.28 -6.10
N VAL E 104 -7.16 -67.01 -5.71
CA VAL E 104 -6.07 -66.45 -4.92
C VAL E 104 -6.66 -65.75 -3.70
N ALA E 105 -6.31 -66.17 -2.48
CA ALA E 105 -6.66 -65.48 -1.25
C ALA E 105 -5.81 -64.21 -1.10
N GLY E 106 -6.43 -63.12 -0.63
CA GLY E 106 -5.65 -61.94 -0.31
C GLY E 106 -6.48 -60.87 0.40
N GLN E 107 -5.77 -59.90 0.99
CA GLN E 107 -6.37 -58.72 1.57
C GLN E 107 -6.51 -57.66 0.46
N TYR E 108 -7.46 -56.73 0.65
CA TYR E 108 -7.82 -55.75 -0.36
C TYR E 108 -6.91 -54.51 -0.29
N ASP E 109 -6.22 -54.29 0.84
CA ASP E 109 -5.18 -53.26 0.95
C ASP E 109 -3.82 -53.81 1.41
N ASP E 110 -3.39 -54.94 0.81
CA ASP E 110 -2.10 -55.56 1.09
C ASP E 110 -1.35 -55.79 -0.22
N ALA E 111 -0.28 -55.00 -0.46
CA ALA E 111 0.50 -55.02 -1.69
C ALA E 111 1.07 -56.41 -1.97
N ALA E 112 1.53 -57.14 -0.94
CA ALA E 112 2.05 -58.49 -1.08
C ALA E 112 0.98 -59.42 -1.64
N SER E 113 -0.27 -59.28 -1.18
CA SER E 113 -1.38 -60.10 -1.66
C SER E 113 -1.62 -59.88 -3.16
N TYR E 114 -1.46 -58.64 -3.60
CA TYR E 114 -1.66 -58.30 -5.02
C TYR E 114 -0.48 -58.77 -5.88
N GLN E 115 0.74 -58.82 -5.34
CA GLN E 115 1.86 -59.38 -6.07
C GLN E 115 1.65 -60.87 -6.27
N ARG E 116 1.06 -61.56 -5.27
CA ARG E 116 0.79 -62.98 -5.44
C ARG E 116 -0.22 -63.16 -6.59
N LEU E 117 -1.25 -62.31 -6.64
CA LEU E 117 -2.25 -62.34 -7.70
C LEU E 117 -1.61 -62.09 -9.06
N ASN E 118 -0.69 -61.12 -9.14
CA ASN E 118 0.01 -60.83 -10.38
C ASN E 118 0.90 -61.99 -10.84
N SER E 119 1.61 -62.63 -9.90
CA SER E 119 2.44 -63.80 -10.18
C SER E 119 1.59 -64.96 -10.63
N HIS E 120 0.45 -65.13 -9.96
CA HIS E 120 -0.49 -66.16 -10.32
C HIS E 120 -0.93 -66.00 -11.80
N MET E 121 -1.18 -64.75 -12.18
CA MET E 121 -1.68 -64.45 -13.50
C MET E 121 -0.57 -64.68 -14.54
N ASN E 122 0.65 -64.17 -14.20
CA ASN E 122 1.84 -64.33 -15.04
C ASN E 122 2.14 -65.80 -15.29
N ALA E 123 1.80 -66.67 -14.33
CA ALA E 123 2.07 -68.09 -14.39
C ALA E 123 1.07 -68.84 -15.23
N LEU E 124 -0.07 -68.23 -15.62
CA LEU E 124 -0.98 -68.88 -16.55
C LEU E 124 -0.33 -68.89 -17.94
N HIS E 125 -0.69 -69.87 -18.79
CA HIS E 125 -0.25 -69.85 -20.19
C HIS E 125 -0.56 -68.49 -20.84
N LEU E 126 0.51 -67.74 -21.11
CA LEU E 126 0.52 -66.45 -21.80
C LEU E 126 -0.12 -65.38 -20.92
N GLY E 127 -0.02 -65.57 -19.60
CA GLY E 127 -0.61 -64.66 -18.62
C GLY E 127 -0.06 -63.23 -18.71
N SER E 128 1.24 -63.10 -19.06
CA SER E 128 1.95 -61.83 -19.09
C SER E 128 1.50 -60.99 -20.29
N GLN E 129 0.89 -61.65 -21.29
CA GLN E 129 0.35 -61.00 -22.48
C GLN E 129 -1.18 -60.81 -22.54
N ALA E 130 -1.89 -61.47 -21.61
CA ALA E 130 -3.35 -61.55 -21.64
C ALA E 130 -3.98 -60.16 -21.47
N ASN E 131 -5.12 -59.95 -22.16
CA ASN E 131 -6.02 -58.88 -21.81
C ASN E 131 -6.53 -59.18 -20.38
N ARG E 132 -6.59 -58.14 -19.52
CA ARG E 132 -7.00 -58.36 -18.15
C ARG E 132 -8.26 -57.55 -17.86
N LEU E 133 -9.30 -58.28 -17.39
CA LEU E 133 -10.61 -57.71 -17.12
C LEU E 133 -10.91 -57.92 -15.62
N PHE E 134 -10.91 -56.84 -14.85
CA PHE E 134 -11.10 -56.90 -13.41
C PHE E 134 -12.56 -56.54 -13.11
N TYR E 135 -13.30 -57.50 -12.56
CA TYR E 135 -14.64 -57.26 -12.06
C TYR E 135 -14.57 -56.91 -10.58
N LEU E 136 -14.85 -55.64 -10.23
CA LEU E 136 -14.85 -55.20 -8.85
C LEU E 136 -16.21 -55.48 -8.18
N ALA E 137 -16.39 -56.77 -7.80
CA ALA E 137 -17.58 -57.27 -7.10
C ALA E 137 -17.44 -57.12 -5.58
N LEU E 138 -17.32 -55.87 -5.13
CA LEU E 138 -17.01 -55.46 -3.77
C LEU E 138 -17.79 -54.21 -3.42
N PRO E 139 -18.03 -53.94 -2.11
CA PRO E 139 -18.66 -52.67 -1.70
C PRO E 139 -17.73 -51.52 -2.15
N PRO E 140 -18.24 -50.31 -2.55
CA PRO E 140 -17.36 -49.20 -2.88
C PRO E 140 -16.53 -48.63 -1.72
N THR E 141 -16.80 -49.06 -0.49
CA THR E 141 -15.95 -48.70 0.64
C THR E 141 -14.50 -49.22 0.52
N VAL E 142 -14.19 -50.19 -0.36
CA VAL E 142 -12.81 -50.64 -0.58
C VAL E 142 -12.31 -50.31 -2.00
N TYR E 143 -13.06 -49.54 -2.78
CA TYR E 143 -12.70 -49.28 -4.18
C TYR E 143 -11.40 -48.49 -4.28
N GLU E 144 -11.19 -47.52 -3.39
CA GLU E 144 -9.97 -46.74 -3.46
C GLU E 144 -8.79 -47.68 -3.29
N ALA E 145 -8.85 -48.60 -2.33
CA ALA E 145 -7.73 -49.49 -2.06
C ALA E 145 -7.49 -50.44 -3.23
N VAL E 146 -8.60 -50.99 -3.72
CA VAL E 146 -8.52 -52.05 -4.72
C VAL E 146 -8.00 -51.49 -6.03
N THR E 147 -8.53 -50.33 -6.45
CA THR E 147 -8.07 -49.74 -7.71
C THR E 147 -6.60 -49.29 -7.60
N LYS E 148 -6.18 -48.80 -6.42
CA LYS E 148 -4.81 -48.38 -6.16
C LYS E 148 -3.89 -49.59 -6.37
N ASN E 149 -4.24 -50.72 -5.75
CA ASN E 149 -3.35 -51.87 -5.71
C ASN E 149 -3.29 -52.55 -7.09
N ILE E 150 -4.43 -52.55 -7.80
CA ILE E 150 -4.50 -53.15 -9.13
C ILE E 150 -3.57 -52.38 -10.06
N HIS E 151 -3.67 -51.04 -10.01
CA HIS E 151 -2.82 -50.19 -10.83
C HIS E 151 -1.32 -50.38 -10.51
N GLU E 152 -0.96 -50.51 -9.23
CA GLU E 152 0.42 -50.65 -8.82
C GLU E 152 0.99 -52.01 -9.26
N SER E 153 0.24 -53.10 -9.09
CA SER E 153 0.83 -54.42 -9.09
C SER E 153 0.30 -55.36 -10.19
N CYS E 154 -0.83 -55.07 -10.84
CA CYS E 154 -1.56 -56.15 -11.51
C CYS E 154 -1.87 -55.89 -12.98
N MET E 155 -1.44 -54.74 -13.53
CA MET E 155 -1.77 -54.35 -14.90
C MET E 155 -0.96 -55.16 -15.91
N SER E 156 -1.60 -55.72 -16.95
CA SER E 156 -0.85 -56.24 -18.09
C SER E 156 -0.02 -55.13 -18.68
N GLN E 157 1.19 -55.51 -19.11
CA GLN E 157 2.09 -54.61 -19.82
C GLN E 157 1.93 -54.76 -21.33
N ILE E 158 1.22 -55.85 -21.76
CA ILE E 158 1.05 -56.19 -23.16
C ILE E 158 -0.45 -56.03 -23.51
N GLY E 159 -1.35 -56.75 -22.85
CA GLY E 159 -2.79 -56.68 -23.15
C GLY E 159 -3.45 -55.41 -22.59
N TRP E 160 -4.74 -55.19 -22.87
CA TRP E 160 -5.47 -54.10 -22.25
C TRP E 160 -5.84 -54.46 -20.82
N ASN E 161 -6.20 -53.40 -20.06
CA ASN E 161 -6.69 -53.54 -18.70
C ASN E 161 -8.02 -52.82 -18.60
N ARG E 162 -9.09 -53.51 -18.19
CA ARG E 162 -10.41 -52.89 -18.04
C ARG E 162 -11.00 -53.28 -16.70
N ILE E 163 -11.68 -52.31 -16.05
CA ILE E 163 -12.29 -52.62 -14.78
C ILE E 163 -13.81 -52.41 -14.90
N ILE E 164 -14.57 -53.35 -14.33
CA ILE E 164 -16.01 -53.15 -14.17
C ILE E 164 -16.30 -52.72 -12.74
N VAL E 165 -17.02 -51.60 -12.63
CA VAL E 165 -17.36 -50.95 -11.39
C VAL E 165 -18.90 -51.00 -11.16
N GLU E 166 -19.29 -51.35 -9.92
CA GLU E 166 -20.68 -51.49 -9.50
C GLU E 166 -21.13 -50.30 -8.64
N LYS E 167 -22.44 -50.04 -8.79
CA LYS E 167 -23.14 -49.08 -7.99
C LYS E 167 -23.13 -49.58 -6.56
N PRO E 168 -23.24 -48.71 -5.54
CA PRO E 168 -23.41 -47.26 -5.75
C PRO E 168 -22.17 -46.46 -6.23
N PHE E 169 -22.40 -45.51 -7.16
CA PHE E 169 -21.37 -44.63 -7.69
C PHE E 169 -21.39 -43.34 -6.85
N GLY E 170 -21.01 -43.49 -5.58
CA GLY E 170 -21.24 -42.45 -4.61
C GLY E 170 -22.69 -42.47 -4.13
N ARG E 171 -23.04 -41.45 -3.33
CA ARG E 171 -24.42 -41.23 -2.89
C ARG E 171 -24.86 -39.80 -3.17
N ASP E 172 -23.97 -38.98 -3.72
CA ASP E 172 -24.27 -37.63 -4.14
C ASP E 172 -23.13 -37.12 -5.02
N LEU E 173 -23.21 -35.86 -5.48
CA LEU E 173 -22.21 -35.31 -6.36
C LEU E 173 -20.82 -35.39 -5.71
N GLN E 174 -20.70 -34.92 -4.45
CA GLN E 174 -19.40 -34.79 -3.84
C GLN E 174 -18.77 -36.15 -3.59
N SER E 175 -19.50 -37.12 -3.01
CA SER E 175 -18.95 -38.45 -2.79
C SER E 175 -18.65 -39.17 -4.11
N SER E 176 -19.52 -38.98 -5.13
CA SER E 176 -19.30 -39.53 -6.46
C SER E 176 -18.01 -38.96 -7.07
N ASP E 177 -17.83 -37.66 -7.00
CA ASP E 177 -16.60 -37.00 -7.45
C ASP E 177 -15.35 -37.51 -6.72
N ARG E 178 -15.38 -37.70 -5.39
CA ARG E 178 -14.21 -38.21 -4.68
C ARG E 178 -13.79 -39.56 -5.29
N LEU E 179 -14.75 -40.44 -5.44
CA LEU E 179 -14.51 -41.79 -5.90
C LEU E 179 -14.11 -41.83 -7.39
N SER E 180 -14.79 -41.01 -8.19
CA SER E 180 -14.57 -40.99 -9.60
C SER E 180 -13.24 -40.31 -9.92
N ASN E 181 -12.91 -39.21 -9.27
CA ASN E 181 -11.59 -38.59 -9.40
C ASN E 181 -10.47 -39.52 -8.94
N HIS E 182 -10.71 -40.31 -7.89
CA HIS E 182 -9.69 -41.26 -7.48
C HIS E 182 -9.44 -42.24 -8.61
N ILE E 183 -10.50 -42.90 -9.10
CA ILE E 183 -10.37 -43.96 -10.10
C ILE E 183 -9.81 -43.38 -11.41
N SER E 184 -10.11 -42.12 -11.73
CA SER E 184 -9.67 -41.48 -12.96
C SER E 184 -8.20 -41.11 -12.93
N SER E 185 -7.64 -40.91 -11.74
CA SER E 185 -6.22 -40.61 -11.66
C SER E 185 -5.39 -41.86 -11.97
N LEU E 186 -6.02 -43.06 -11.96
CA LEU E 186 -5.33 -44.34 -12.19
C LEU E 186 -5.69 -44.95 -13.55
N PHE E 187 -6.95 -44.80 -14.00
CA PHE E 187 -7.51 -45.49 -15.16
C PHE E 187 -8.09 -44.46 -16.13
N ARG E 188 -7.83 -44.65 -17.44
CA ARG E 188 -8.40 -43.79 -18.47
C ARG E 188 -9.92 -44.05 -18.56
N GLU E 189 -10.69 -43.11 -19.21
CA GLU E 189 -12.13 -43.33 -19.39
C GLU E 189 -12.38 -44.65 -20.12
N ASP E 190 -11.51 -45.01 -21.08
CA ASP E 190 -11.72 -46.21 -21.89
C ASP E 190 -11.34 -47.50 -21.14
N GLN E 191 -10.93 -47.39 -19.86
CA GLN E 191 -10.72 -48.58 -19.03
C GLN E 191 -11.83 -48.77 -17.99
N ILE E 192 -12.67 -47.75 -17.81
CA ILE E 192 -13.65 -47.74 -16.74
C ILE E 192 -15.05 -48.09 -17.28
N TYR E 193 -15.60 -49.20 -16.77
CA TYR E 193 -16.92 -49.73 -17.11
C TYR E 193 -17.86 -49.69 -15.89
N ARG E 194 -18.56 -48.58 -15.71
CA ARG E 194 -19.64 -48.48 -14.72
C ARG E 194 -20.93 -49.18 -15.22
N ILE E 195 -21.24 -50.33 -14.65
CA ILE E 195 -22.26 -51.21 -15.20
C ILE E 195 -23.65 -50.90 -14.63
N ASP E 196 -24.64 -51.08 -15.50
CA ASP E 196 -26.08 -51.00 -15.21
C ASP E 196 -26.69 -52.35 -15.56
N HIS E 197 -26.90 -53.17 -14.53
CA HIS E 197 -27.45 -54.52 -14.66
C HIS E 197 -28.79 -54.50 -15.38
N TYR E 198 -29.49 -53.38 -15.39
CA TYR E 198 -30.88 -53.41 -15.85
C TYR E 198 -30.97 -52.94 -17.30
N LEU E 199 -29.87 -52.46 -17.88
CA LEU E 199 -29.92 -52.01 -19.24
C LEU E 199 -30.09 -53.19 -20.23
N GLY E 200 -31.26 -53.18 -20.89
CA GLY E 200 -31.64 -54.15 -21.88
C GLY E 200 -31.07 -53.77 -23.25
N LYS E 201 -29.94 -54.40 -23.59
CA LYS E 201 -29.14 -54.07 -24.75
C LYS E 201 -29.98 -54.28 -26.03
N GLU E 202 -30.71 -55.37 -26.13
CA GLU E 202 -31.43 -55.68 -27.37
C GLU E 202 -32.53 -54.64 -27.57
N MET E 203 -33.29 -54.28 -26.50
CA MET E 203 -34.38 -53.35 -26.69
C MET E 203 -33.87 -51.93 -26.93
N VAL E 204 -32.73 -51.53 -26.34
CA VAL E 204 -32.27 -50.19 -26.61
C VAL E 204 -31.74 -50.05 -28.04
N GLN E 205 -31.18 -51.12 -28.60
CA GLN E 205 -30.73 -51.10 -29.98
C GLN E 205 -31.92 -51.17 -30.91
N ASN E 206 -32.97 -51.95 -30.57
CA ASN E 206 -34.22 -51.95 -31.36
C ASN E 206 -34.70 -50.51 -31.49
N LEU E 207 -34.97 -49.87 -30.35
CA LEU E 207 -35.41 -48.48 -30.25
C LEU E 207 -34.58 -47.56 -31.17
N MET E 208 -33.25 -47.68 -31.18
CA MET E 208 -32.42 -46.79 -31.98
C MET E 208 -32.68 -46.99 -33.48
N VAL E 209 -32.80 -48.24 -33.92
CA VAL E 209 -33.16 -48.49 -35.30
C VAL E 209 -34.56 -47.95 -35.62
N LEU E 210 -35.52 -48.16 -34.70
CA LEU E 210 -36.91 -47.79 -34.93
C LEU E 210 -37.01 -46.31 -35.24
N ARG E 211 -36.31 -45.55 -34.41
CA ARG E 211 -36.35 -44.11 -34.49
C ARG E 211 -35.50 -43.56 -35.64
N PHE E 212 -34.24 -44.03 -35.75
CA PHE E 212 -33.24 -43.35 -36.57
C PHE E 212 -33.17 -43.91 -37.99
N ALA E 213 -33.74 -45.10 -38.22
CA ALA E 213 -33.76 -45.70 -39.55
C ALA E 213 -35.05 -45.43 -40.34
N ASN E 214 -36.02 -44.77 -39.71
CA ASN E 214 -37.37 -44.66 -40.25
C ASN E 214 -37.92 -43.22 -40.17
N ARG E 215 -38.45 -42.79 -41.31
CA ARG E 215 -39.20 -41.58 -41.43
C ARG E 215 -40.58 -41.69 -40.73
N ILE E 216 -41.12 -42.89 -40.44
CA ILE E 216 -42.45 -42.91 -39.87
C ILE E 216 -42.43 -42.41 -38.41
N PHE E 217 -41.32 -42.72 -37.70
CA PHE E 217 -41.16 -42.41 -36.28
C PHE E 217 -40.24 -41.23 -35.94
N GLY E 218 -39.21 -40.99 -36.75
CA GLY E 218 -38.23 -39.98 -36.40
C GLY E 218 -38.83 -38.58 -36.36
N PRO E 219 -39.56 -38.15 -37.39
CA PRO E 219 -40.12 -36.79 -37.39
C PRO E 219 -41.13 -36.44 -36.31
N ILE E 220 -41.71 -37.42 -35.58
CA ILE E 220 -42.66 -37.12 -34.52
C ILE E 220 -42.06 -37.29 -33.14
N TRP E 221 -40.74 -37.50 -33.06
CA TRP E 221 -40.02 -37.74 -31.82
C TRP E 221 -39.58 -36.43 -31.16
N ASN E 222 -40.57 -35.61 -30.78
CA ASN E 222 -40.32 -34.25 -30.32
C ASN E 222 -41.60 -33.75 -29.60
N ARG E 223 -41.48 -32.57 -28.97
CA ARG E 223 -42.51 -31.90 -28.19
C ARG E 223 -43.74 -31.44 -29.01
N ASP E 224 -43.61 -31.27 -30.33
CA ASP E 224 -44.77 -30.96 -31.17
C ASP E 224 -45.73 -32.16 -31.21
N ASN E 225 -45.28 -33.36 -30.86
CA ASN E 225 -46.07 -34.57 -31.06
C ASN E 225 -46.20 -35.44 -29.80
N ILE E 226 -45.30 -35.27 -28.82
CA ILE E 226 -45.28 -36.15 -27.67
C ILE E 226 -45.76 -35.35 -26.47
N ALA E 227 -46.73 -35.90 -25.76
CA ALA E 227 -47.34 -35.22 -24.62
C ALA E 227 -46.55 -35.53 -23.36
N CYS E 228 -46.11 -36.78 -23.19
CA CYS E 228 -45.26 -37.16 -22.08
C CYS E 228 -44.55 -38.46 -22.39
N VAL E 229 -43.51 -38.74 -21.58
CA VAL E 229 -42.80 -40.02 -21.60
C VAL E 229 -42.82 -40.59 -20.20
N ILE E 230 -43.11 -41.88 -20.08
CA ILE E 230 -43.15 -42.60 -18.81
C ILE E 230 -42.11 -43.74 -18.84
N LEU E 231 -41.21 -43.70 -17.82
CA LEU E 231 -40.20 -44.71 -17.57
C LEU E 231 -40.57 -45.39 -16.26
N THR E 232 -40.95 -46.66 -16.39
CA THR E 232 -41.55 -47.42 -15.31
C THR E 232 -40.59 -48.54 -14.93
N PHE E 233 -40.33 -48.70 -13.60
CA PHE E 233 -39.58 -49.84 -13.09
C PHE E 233 -40.28 -50.35 -11.85
N LYS E 234 -40.88 -51.55 -11.92
CA LYS E 234 -41.71 -52.09 -10.85
C LYS E 234 -41.29 -53.50 -10.45
N GLU E 235 -41.08 -53.75 -9.13
CA GLU E 235 -40.84 -55.08 -8.57
C GLU E 235 -42.04 -55.41 -7.68
N PRO E 236 -42.59 -56.64 -7.74
CA PRO E 236 -43.68 -57.05 -6.83
C PRO E 236 -43.28 -57.52 -5.42
N PHE E 237 -41.98 -57.80 -5.25
CA PHE E 237 -41.37 -58.27 -4.01
C PHE E 237 -40.86 -57.02 -3.26
N GLY E 238 -40.92 -57.11 -1.93
CA GLY E 238 -40.31 -56.13 -1.03
C GLY E 238 -38.83 -56.46 -0.82
N THR E 239 -38.34 -56.09 0.38
CA THR E 239 -36.91 -56.14 0.68
C THR E 239 -36.48 -57.52 1.17
N GLU E 240 -37.44 -58.39 1.54
CA GLU E 240 -37.18 -59.79 1.87
C GLU E 240 -36.23 -59.93 3.06
N GLY E 241 -36.38 -59.11 4.11
CA GLY E 241 -35.52 -59.20 5.29
C GLY E 241 -34.05 -58.81 5.05
N ARG E 242 -33.76 -58.12 3.93
CA ARG E 242 -32.40 -57.73 3.54
C ARG E 242 -32.33 -56.24 3.19
N GLY E 243 -33.27 -55.44 3.69
CA GLY E 243 -33.39 -54.05 3.27
C GLY E 243 -32.46 -53.08 3.98
N GLY E 244 -31.72 -53.56 4.98
CA GLY E 244 -30.76 -52.75 5.72
C GLY E 244 -29.83 -51.95 4.80
N TYR E 245 -29.29 -52.57 3.72
CA TYR E 245 -28.36 -51.92 2.79
C TYR E 245 -29.07 -50.81 2.00
N PHE E 246 -30.18 -51.22 1.31
CA PHE E 246 -31.08 -50.31 0.61
C PHE E 246 -31.47 -49.12 1.49
N ASP E 247 -31.73 -49.36 2.80
CA ASP E 247 -32.26 -48.33 3.68
C ASP E 247 -31.35 -47.11 3.71
N GLU E 248 -30.05 -47.30 3.46
CA GLU E 248 -29.10 -46.18 3.48
C GLU E 248 -29.13 -45.39 2.16
N PHE E 249 -29.84 -45.88 1.13
CA PHE E 249 -29.80 -45.31 -0.21
C PHE E 249 -31.18 -44.80 -0.65
N GLY E 250 -32.23 -45.64 -0.50
CA GLY E 250 -33.55 -45.31 -1.00
C GLY E 250 -33.67 -45.54 -2.51
N ILE E 251 -34.93 -45.48 -3.01
CA ILE E 251 -35.34 -45.96 -4.31
C ILE E 251 -34.78 -45.06 -5.41
N ILE E 252 -34.69 -43.75 -5.13
CA ILE E 252 -34.19 -42.81 -6.11
C ILE E 252 -32.73 -43.15 -6.45
N ARG E 253 -31.87 -43.28 -5.42
CA ARG E 253 -30.46 -43.60 -5.65
C ARG E 253 -30.31 -44.99 -6.28
N ASP E 254 -31.17 -45.91 -5.81
CA ASP E 254 -31.05 -47.32 -6.14
C ASP E 254 -31.25 -47.53 -7.61
N VAL E 255 -32.30 -46.94 -8.21
CA VAL E 255 -32.68 -47.32 -9.56
C VAL E 255 -32.98 -46.11 -10.44
N MET E 256 -33.24 -44.93 -9.87
CA MET E 256 -33.68 -43.84 -10.70
C MET E 256 -32.52 -42.99 -11.21
N GLN E 257 -31.62 -42.59 -10.27
CA GLN E 257 -30.55 -41.69 -10.57
C GLN E 257 -29.61 -42.36 -11.58
N ASN E 258 -29.63 -43.72 -11.61
CA ASN E 258 -28.71 -44.47 -12.46
C ASN E 258 -29.49 -45.00 -13.66
N HIS E 259 -30.25 -46.10 -13.46
CA HIS E 259 -30.84 -46.82 -14.58
C HIS E 259 -31.91 -45.99 -15.33
N LEU E 260 -32.91 -45.42 -14.63
CA LEU E 260 -34.01 -44.74 -15.29
C LEU E 260 -33.51 -43.50 -16.05
N LEU E 261 -32.52 -42.81 -15.49
CA LEU E 261 -31.93 -41.65 -16.13
C LEU E 261 -31.18 -42.07 -17.40
N GLN E 262 -30.61 -43.27 -17.41
CA GLN E 262 -29.96 -43.69 -18.63
C GLN E 262 -31.03 -43.88 -19.73
N MET E 263 -32.16 -44.49 -19.38
CA MET E 263 -33.24 -44.74 -20.33
C MET E 263 -33.82 -43.43 -20.84
N LEU E 264 -33.98 -42.45 -19.95
CA LEU E 264 -34.39 -41.13 -20.37
C LEU E 264 -33.45 -40.61 -21.44
N CYS E 265 -32.15 -40.72 -21.18
CA CYS E 265 -31.15 -40.23 -22.12
C CYS E 265 -31.28 -40.90 -23.47
N LEU E 266 -31.56 -42.21 -23.48
CA LEU E 266 -31.65 -42.94 -24.75
C LEU E 266 -32.93 -42.58 -25.50
N VAL E 267 -33.98 -42.21 -24.77
CA VAL E 267 -35.21 -41.74 -25.37
C VAL E 267 -35.06 -40.32 -25.92
N ALA E 268 -34.45 -39.43 -25.13
CA ALA E 268 -34.40 -38.00 -25.43
C ALA E 268 -33.24 -37.57 -26.35
N MET E 269 -32.19 -38.40 -26.50
CA MET E 269 -30.99 -37.99 -27.20
C MET E 269 -31.35 -37.51 -28.63
N GLU E 270 -30.58 -36.53 -29.10
CA GLU E 270 -30.40 -36.26 -30.49
C GLU E 270 -29.71 -37.42 -31.19
N LYS E 271 -29.92 -37.48 -32.51
CA LYS E 271 -29.25 -38.46 -33.33
C LYS E 271 -27.72 -38.31 -33.20
N PRO E 272 -26.98 -39.35 -32.81
CA PRO E 272 -25.52 -39.27 -32.75
C PRO E 272 -24.92 -39.17 -34.15
N ALA E 273 -23.72 -38.56 -34.27
CA ALA E 273 -22.95 -38.55 -35.51
C ALA E 273 -22.67 -39.98 -36.04
N SER E 274 -22.62 -40.98 -35.17
CA SER E 274 -22.40 -42.36 -35.57
C SER E 274 -22.89 -43.26 -34.45
N THR E 275 -22.83 -44.60 -34.64
CA THR E 275 -23.14 -45.55 -33.57
C THR E 275 -21.94 -45.90 -32.67
N ASN E 276 -20.83 -45.14 -32.75
CA ASN E 276 -19.70 -45.31 -31.86
C ASN E 276 -20.14 -44.98 -30.45
N SER E 277 -19.66 -45.79 -29.51
CA SER E 277 -19.94 -45.63 -28.09
C SER E 277 -19.85 -44.17 -27.61
N ASP E 278 -18.80 -43.44 -28.01
CA ASP E 278 -18.61 -42.14 -27.43
C ASP E 278 -19.43 -41.06 -28.14
N ASP E 279 -19.82 -41.27 -29.43
CA ASP E 279 -20.78 -40.36 -30.05
C ASP E 279 -22.12 -40.46 -29.32
N VAL E 280 -22.54 -41.68 -28.98
CA VAL E 280 -23.78 -41.95 -28.30
C VAL E 280 -23.75 -41.39 -26.88
N ARG E 281 -22.66 -41.61 -26.14
CA ARG E 281 -22.57 -41.09 -24.80
C ARG E 281 -22.43 -39.56 -24.85
N ASP E 282 -21.79 -38.98 -25.87
CA ASP E 282 -21.87 -37.54 -26.02
C ASP E 282 -23.33 -37.02 -26.00
N GLU E 283 -24.24 -37.71 -26.74
CA GLU E 283 -25.62 -37.26 -26.85
C GLU E 283 -26.37 -37.52 -25.54
N LYS E 284 -26.06 -38.62 -24.83
CA LYS E 284 -26.62 -38.89 -23.49
C LYS E 284 -26.29 -37.74 -22.54
N VAL E 285 -25.05 -37.23 -22.58
CA VAL E 285 -24.62 -36.14 -21.71
C VAL E 285 -25.26 -34.81 -22.09
N LYS E 286 -25.35 -34.50 -23.40
CA LYS E 286 -26.01 -33.27 -23.85
C LYS E 286 -27.42 -33.22 -23.26
N VAL E 287 -28.15 -34.37 -23.23
CA VAL E 287 -29.49 -34.39 -22.66
C VAL E 287 -29.46 -33.95 -21.19
N LEU E 288 -28.58 -34.58 -20.40
CA LEU E 288 -28.52 -34.35 -18.95
C LEU E 288 -28.22 -32.89 -18.68
N LYS E 289 -27.35 -32.31 -19.50
CA LYS E 289 -27.01 -30.89 -19.36
C LYS E 289 -28.19 -29.99 -19.60
N CYS E 290 -29.27 -30.49 -20.23
CA CYS E 290 -30.44 -29.68 -20.43
C CYS E 290 -31.47 -29.94 -19.31
N ILE E 291 -31.12 -30.66 -18.25
CA ILE E 291 -32.10 -30.94 -17.19
C ILE E 291 -31.73 -30.20 -15.90
N SER E 292 -32.68 -29.46 -15.35
CA SER E 292 -32.54 -28.72 -14.08
C SER E 292 -32.66 -29.63 -12.87
N GLU E 293 -32.06 -29.20 -11.75
CA GLU E 293 -32.17 -29.91 -10.49
C GLU E 293 -33.66 -30.09 -10.18
N VAL E 294 -34.05 -31.32 -9.86
CA VAL E 294 -35.44 -31.61 -9.62
C VAL E 294 -35.88 -31.08 -8.26
N GLN E 295 -37.07 -30.50 -8.19
CA GLN E 295 -37.62 -29.93 -6.96
C GLN E 295 -38.75 -30.82 -6.42
N ALA E 296 -39.05 -30.65 -5.13
CA ALA E 296 -39.90 -31.55 -4.38
C ALA E 296 -41.35 -31.54 -4.86
N ASN E 297 -41.84 -30.39 -5.39
CA ASN E 297 -43.20 -30.30 -5.95
C ASN E 297 -43.39 -31.25 -7.14
N ASN E 298 -42.28 -31.73 -7.74
CA ASN E 298 -42.30 -32.71 -8.84
C ASN E 298 -42.00 -34.12 -8.37
N VAL E 299 -42.17 -34.41 -7.07
CA VAL E 299 -41.76 -35.70 -6.52
C VAL E 299 -42.80 -36.17 -5.55
N VAL E 300 -43.09 -37.47 -5.64
CA VAL E 300 -43.93 -38.17 -4.71
C VAL E 300 -43.16 -39.41 -4.20
N LEU E 301 -42.98 -39.53 -2.87
CA LEU E 301 -42.33 -40.67 -2.27
C LEU E 301 -43.38 -41.51 -1.58
N GLY E 302 -43.17 -42.82 -1.58
CA GLY E 302 -43.98 -43.75 -0.81
C GLY E 302 -43.13 -44.81 -0.09
N GLN E 303 -43.73 -45.50 0.90
CA GLN E 303 -43.08 -46.59 1.60
C GLN E 303 -44.10 -47.71 1.82
N TYR E 304 -43.78 -48.97 1.49
CA TYR E 304 -44.82 -49.99 1.55
C TYR E 304 -45.16 -50.44 2.97
N VAL E 305 -46.43 -50.79 3.16
CA VAL E 305 -46.95 -51.34 4.40
C VAL E 305 -47.49 -52.74 4.12
N GLY E 306 -47.65 -53.56 5.17
CA GLY E 306 -48.20 -54.89 4.95
C GLY E 306 -49.67 -54.83 4.48
N ASN E 307 -50.09 -55.91 3.82
CA ASN E 307 -51.47 -56.06 3.39
C ASN E 307 -52.15 -56.96 4.42
N PRO E 308 -53.14 -56.46 5.21
CA PRO E 308 -53.82 -57.31 6.20
C PRO E 308 -54.44 -58.56 5.55
N ASP E 309 -54.86 -58.46 4.28
CA ASP E 309 -55.54 -59.52 3.55
C ASP E 309 -54.55 -60.37 2.73
N GLY E 310 -53.25 -60.09 2.81
CA GLY E 310 -52.25 -60.86 2.09
C GLY E 310 -51.95 -62.19 2.79
N GLU E 311 -51.13 -63.02 2.14
CA GLU E 311 -50.46 -64.17 2.77
C GLU E 311 -48.95 -63.99 2.58
N GLY E 312 -48.13 -64.83 3.27
CA GLY E 312 -46.68 -64.82 3.13
C GLY E 312 -46.10 -63.42 3.37
N GLU E 313 -45.11 -63.08 2.55
CA GLU E 313 -44.34 -61.83 2.71
C GLU E 313 -45.23 -60.59 2.54
N ALA E 314 -46.39 -60.76 1.88
CA ALA E 314 -47.24 -59.64 1.51
C ALA E 314 -47.84 -58.95 2.73
N THR E 315 -47.83 -59.66 3.87
CA THR E 315 -48.41 -59.16 5.11
C THR E 315 -47.44 -58.23 5.85
N LYS E 316 -46.19 -58.14 5.39
CA LYS E 316 -45.16 -57.39 6.09
C LYS E 316 -44.79 -56.13 5.31
N GLY E 317 -44.85 -55.00 6.02
CA GLY E 317 -44.37 -53.71 5.54
C GLY E 317 -42.85 -53.59 5.53
N TYR E 318 -42.40 -52.44 5.05
CA TYR E 318 -40.98 -52.17 4.90
C TYR E 318 -40.33 -52.16 6.29
N LEU E 319 -41.03 -51.59 7.28
CA LEU E 319 -40.49 -51.42 8.62
C LEU E 319 -40.47 -52.76 9.37
N ASP E 320 -41.31 -53.72 8.93
CA ASP E 320 -41.29 -55.07 9.48
C ASP E 320 -40.06 -55.82 8.99
N ASP E 321 -39.22 -55.22 8.16
CA ASP E 321 -37.96 -55.87 7.84
C ASP E 321 -37.09 -55.76 9.10
N PRO E 322 -36.61 -56.91 9.65
CA PRO E 322 -35.78 -56.90 10.86
C PRO E 322 -34.51 -56.06 10.69
N THR E 323 -33.95 -55.96 9.46
CA THR E 323 -32.69 -55.22 9.26
C THR E 323 -32.94 -53.75 8.92
N VAL E 324 -34.20 -53.27 9.05
CA VAL E 324 -34.52 -51.89 8.73
C VAL E 324 -34.84 -51.17 10.06
N PRO E 325 -34.17 -50.02 10.35
CA PRO E 325 -34.54 -49.20 11.52
C PRO E 325 -36.03 -48.93 11.65
N ARG E 326 -36.56 -49.07 12.88
CA ARG E 326 -37.93 -48.68 13.21
C ARG E 326 -38.04 -47.17 12.88
N GLY E 327 -39.13 -46.73 12.27
CA GLY E 327 -39.26 -45.35 11.83
C GLY E 327 -38.17 -44.78 10.86
N SER E 328 -37.49 -45.62 10.05
CA SER E 328 -36.84 -45.18 8.82
C SER E 328 -37.84 -44.41 7.97
N THR E 329 -37.45 -43.31 7.32
CA THR E 329 -38.36 -42.63 6.38
C THR E 329 -37.95 -42.86 4.92
N THR E 330 -37.16 -43.90 4.66
CA THR E 330 -36.62 -44.17 3.34
C THR E 330 -37.76 -44.60 2.41
N ALA E 331 -37.71 -44.13 1.17
CA ALA E 331 -38.75 -44.36 0.18
C ALA E 331 -38.44 -45.68 -0.53
N THR E 332 -39.48 -46.57 -0.59
CA THR E 332 -39.46 -47.74 -1.46
C THR E 332 -40.17 -47.49 -2.80
N PHE E 333 -40.76 -46.28 -2.96
CA PHE E 333 -41.45 -45.86 -4.17
C PHE E 333 -41.15 -44.40 -4.42
N ALA E 334 -40.88 -44.06 -5.68
CA ALA E 334 -40.85 -42.68 -6.10
C ALA E 334 -41.50 -42.51 -7.49
N ALA E 335 -42.21 -41.40 -7.67
CA ALA E 335 -42.61 -40.90 -8.95
C ALA E 335 -42.02 -39.51 -9.08
N VAL E 336 -41.28 -39.27 -10.19
CA VAL E 336 -40.51 -38.06 -10.33
C VAL E 336 -40.67 -37.52 -11.74
N VAL E 337 -40.76 -36.19 -11.88
CA VAL E 337 -40.97 -35.59 -13.18
C VAL E 337 -39.81 -34.67 -13.46
N LEU E 338 -39.17 -34.95 -14.63
CA LEU E 338 -38.08 -34.14 -15.14
C LEU E 338 -38.49 -33.54 -16.47
N TYR E 339 -37.80 -32.43 -16.78
CA TYR E 339 -37.94 -31.72 -18.03
C TYR E 339 -36.57 -31.67 -18.66
N VAL E 340 -36.55 -31.99 -19.97
CA VAL E 340 -35.41 -31.71 -20.83
C VAL E 340 -35.67 -30.39 -21.56
N GLU E 341 -34.92 -29.37 -21.13
CA GLU E 341 -35.15 -27.98 -21.55
C GLU E 341 -34.33 -27.68 -22.80
N ASN E 342 -34.76 -28.20 -23.96
CA ASN E 342 -34.10 -27.94 -25.22
C ASN E 342 -35.16 -27.87 -26.34
N GLU E 343 -34.73 -27.72 -27.59
CA GLU E 343 -35.60 -27.48 -28.74
C GLU E 343 -36.54 -28.68 -28.93
N ARG E 344 -36.02 -29.87 -28.69
CA ARG E 344 -36.74 -31.09 -29.02
C ARG E 344 -37.82 -31.40 -27.96
N TRP E 345 -37.57 -31.04 -26.68
CA TRP E 345 -38.34 -31.59 -25.57
C TRP E 345 -38.98 -30.58 -24.63
N ASP E 346 -38.68 -29.28 -24.73
CA ASP E 346 -39.11 -28.37 -23.70
C ASP E 346 -40.63 -28.51 -23.47
N GLY E 347 -41.00 -28.65 -22.20
CA GLY E 347 -42.36 -28.73 -21.76
C GLY E 347 -42.85 -30.17 -21.62
N VAL E 348 -42.15 -31.13 -22.24
CA VAL E 348 -42.57 -32.53 -22.20
C VAL E 348 -42.15 -33.17 -20.89
N PRO E 349 -43.12 -33.60 -20.05
CA PRO E 349 -42.77 -34.23 -18.76
C PRO E 349 -42.20 -35.61 -19.02
N PHE E 350 -41.03 -35.84 -18.42
CA PHE E 350 -40.49 -37.18 -18.33
C PHE E 350 -40.74 -37.74 -16.94
N ILE E 351 -41.59 -38.76 -16.87
CA ILE E 351 -42.14 -39.24 -15.63
C ILE E 351 -41.44 -40.56 -15.33
N LEU E 352 -40.71 -40.58 -14.22
CA LEU E 352 -39.98 -41.75 -13.76
C LEU E 352 -40.76 -42.31 -12.60
N ARG E 353 -41.21 -43.55 -12.70
CA ARG E 353 -42.04 -44.12 -11.67
C ARG E 353 -41.51 -45.52 -11.36
N CYS E 354 -41.05 -45.74 -10.12
CA CYS E 354 -40.48 -47.02 -9.71
C CYS E 354 -40.86 -47.38 -8.28
N GLY E 355 -40.89 -48.68 -7.97
CA GLY E 355 -40.85 -49.03 -6.56
C GLY E 355 -40.82 -50.53 -6.33
N LYS E 356 -40.70 -50.91 -5.04
CA LYS E 356 -40.82 -52.28 -4.59
C LYS E 356 -42.24 -52.55 -4.04
N ALA E 357 -42.55 -53.85 -3.92
CA ALA E 357 -43.82 -54.32 -3.35
C ALA E 357 -45.02 -53.75 -4.11
N LEU E 358 -44.91 -53.71 -5.44
CA LEU E 358 -45.95 -53.21 -6.31
C LEU E 358 -46.70 -54.42 -6.89
N ASN E 359 -47.60 -54.18 -7.86
CA ASN E 359 -48.57 -55.15 -8.34
C ASN E 359 -47.99 -56.09 -9.40
N GLU E 360 -46.82 -55.79 -9.98
CA GLU E 360 -46.25 -56.62 -11.05
C GLU E 360 -44.78 -56.29 -11.24
N ARG E 361 -44.08 -57.16 -11.97
CA ARG E 361 -42.74 -56.89 -12.49
C ARG E 361 -42.91 -56.26 -13.86
N LYS E 362 -42.43 -55.04 -14.03
CA LYS E 362 -42.52 -54.36 -15.31
C LYS E 362 -41.40 -53.36 -15.46
N ALA E 363 -40.74 -53.37 -16.62
CA ALA E 363 -39.80 -52.33 -16.98
C ALA E 363 -40.09 -51.92 -18.43
N GLU E 364 -40.24 -50.61 -18.63
CA GLU E 364 -41.03 -50.13 -19.75
C GLU E 364 -40.72 -48.67 -20.00
N VAL E 365 -40.67 -48.34 -21.29
CA VAL E 365 -40.70 -46.98 -21.78
C VAL E 365 -42.01 -46.79 -22.54
N ARG E 366 -42.72 -45.68 -22.30
CA ARG E 366 -44.01 -45.40 -22.92
C ARG E 366 -43.91 -43.96 -23.45
N LEU E 367 -44.10 -43.75 -24.75
CA LEU E 367 -44.33 -42.41 -25.28
C LEU E 367 -45.85 -42.23 -25.48
N GLN E 368 -46.43 -41.22 -24.82
CA GLN E 368 -47.82 -40.88 -25.05
C GLN E 368 -47.88 -39.62 -25.91
N PHE E 369 -48.43 -39.78 -27.13
CA PHE E 369 -48.55 -38.69 -28.10
C PHE E 369 -49.74 -37.78 -27.78
N HIS E 370 -49.60 -36.53 -28.20
CA HIS E 370 -50.72 -35.60 -28.17
C HIS E 370 -51.89 -36.08 -29.02
N ASP E 371 -53.03 -35.50 -28.64
CA ASP E 371 -54.28 -35.65 -29.36
C ASP E 371 -54.12 -35.04 -30.74
N VAL E 372 -54.96 -35.46 -31.68
CA VAL E 372 -54.90 -34.82 -32.98
C VAL E 372 -55.42 -33.39 -32.80
N ALA E 373 -54.83 -32.45 -33.55
CA ALA E 373 -55.24 -31.07 -33.69
C ALA E 373 -56.49 -31.01 -34.57
N GLY E 374 -57.66 -31.05 -33.91
CA GLY E 374 -58.95 -31.03 -34.59
C GLY E 374 -59.41 -32.45 -34.89
N ASP E 375 -60.43 -32.93 -34.14
CA ASP E 375 -60.92 -34.30 -34.22
C ASP E 375 -62.21 -34.31 -35.04
N ILE E 376 -62.20 -34.85 -36.25
CA ILE E 376 -63.39 -34.90 -37.11
C ILE E 376 -64.24 -36.16 -36.87
N PHE E 377 -63.87 -36.91 -35.83
CA PHE E 377 -64.47 -38.21 -35.51
C PHE E 377 -65.16 -38.14 -34.13
N HIS E 378 -65.77 -36.96 -33.81
CA HIS E 378 -66.65 -36.82 -32.65
C HIS E 378 -65.91 -37.23 -31.36
N GLN E 379 -64.64 -36.78 -31.21
CA GLN E 379 -63.84 -36.96 -29.98
C GLN E 379 -63.59 -38.43 -29.59
N GLN E 380 -63.72 -39.39 -30.49
CA GLN E 380 -63.50 -40.81 -30.23
C GLN E 380 -62.01 -41.20 -30.27
N CYS E 381 -61.10 -40.27 -30.64
CA CYS E 381 -59.69 -40.61 -30.88
C CYS E 381 -58.90 -40.59 -29.56
N LYS E 382 -58.30 -41.73 -29.20
CA LYS E 382 -57.41 -41.80 -28.05
C LYS E 382 -55.99 -41.41 -28.51
N ARG E 383 -55.23 -40.89 -27.57
CA ARG E 383 -53.82 -40.63 -27.82
C ARG E 383 -53.09 -41.88 -28.23
N ASN E 384 -52.30 -41.70 -29.28
CA ASN E 384 -51.42 -42.78 -29.73
C ASN E 384 -50.35 -43.00 -28.64
N GLU E 385 -49.89 -44.25 -28.48
CA GLU E 385 -48.71 -44.57 -27.67
C GLU E 385 -47.77 -45.53 -28.38
N LEU E 386 -46.48 -45.34 -28.07
CA LEU E 386 -45.42 -46.29 -28.39
C LEU E 386 -44.85 -46.83 -27.07
N VAL E 387 -44.84 -48.15 -26.95
CA VAL E 387 -44.45 -48.84 -25.73
C VAL E 387 -43.29 -49.77 -26.05
N ILE E 388 -42.18 -49.64 -25.29
CA ILE E 388 -41.06 -50.57 -25.32
C ILE E 388 -40.98 -51.24 -23.96
N ARG E 389 -41.42 -52.49 -23.88
CA ARG E 389 -41.41 -53.21 -22.62
C ARG E 389 -40.17 -54.13 -22.60
N VAL E 390 -39.43 -54.13 -21.50
CA VAL E 390 -38.20 -54.90 -21.37
C VAL E 390 -38.51 -56.11 -20.49
N GLN E 391 -39.08 -55.94 -19.26
CA GLN E 391 -38.71 -56.67 -18.02
C GLN E 391 -39.52 -57.94 -17.82
N PRO E 392 -40.84 -57.99 -18.18
CA PRO E 392 -41.59 -59.29 -18.11
C PRO E 392 -41.37 -60.12 -19.40
N ASN E 393 -41.90 -59.66 -20.53
CA ASN E 393 -41.65 -60.17 -21.87
C ASN E 393 -41.36 -58.97 -22.73
N GLU E 394 -40.15 -58.89 -23.33
CA GLU E 394 -39.77 -57.87 -24.29
C GLU E 394 -40.83 -57.74 -25.40
N ALA E 395 -41.19 -56.48 -25.76
CA ALA E 395 -42.14 -56.17 -26.82
C ALA E 395 -41.97 -54.69 -27.20
N VAL E 396 -42.11 -54.38 -28.51
CA VAL E 396 -42.32 -53.00 -28.97
C VAL E 396 -43.68 -52.96 -29.65
N TYR E 397 -44.55 -52.04 -29.24
CA TYR E 397 -45.87 -51.99 -29.88
C TYR E 397 -46.40 -50.55 -29.88
N THR E 398 -47.25 -50.28 -30.87
CA THR E 398 -47.84 -48.95 -31.00
C THR E 398 -49.36 -49.13 -30.80
N MET E 400 -52.79 -47.42 -31.68
CA MET E 400 -53.26 -46.32 -32.53
C MET E 400 -54.72 -46.59 -32.93
N MET E 401 -55.38 -45.66 -33.61
CA MET E 401 -56.74 -45.82 -34.04
C MET E 401 -56.88 -46.42 -35.44
N THR E 402 -57.83 -47.31 -35.63
CA THR E 402 -58.06 -48.08 -36.85
C THR E 402 -59.54 -48.05 -37.16
N LYS E 403 -59.97 -48.19 -38.41
CA LYS E 403 -61.41 -48.19 -38.65
C LYS E 403 -62.00 -49.57 -38.37
N LYS E 404 -63.12 -49.54 -37.61
CA LYS E 404 -64.03 -50.68 -37.47
C LYS E 404 -64.77 -50.86 -38.80
N PRO E 405 -64.88 -52.06 -39.43
CA PRO E 405 -65.72 -52.20 -40.63
C PRO E 405 -67.14 -51.67 -40.43
N GLY E 406 -67.77 -51.13 -41.47
CA GLY E 406 -69.06 -50.48 -41.27
C GLY E 406 -69.21 -49.14 -41.99
N MET E 407 -70.41 -48.54 -41.92
CA MET E 407 -70.73 -47.24 -42.53
C MET E 407 -70.08 -46.15 -41.69
N PHE E 408 -69.61 -45.08 -42.31
CA PHE E 408 -69.03 -43.92 -41.62
C PHE E 408 -67.71 -44.35 -40.92
N PHE E 409 -67.22 -43.57 -39.96
CA PHE E 409 -65.82 -43.76 -39.58
C PHE E 409 -65.80 -43.97 -38.08
N ASN E 410 -65.90 -45.22 -37.62
CA ASN E 410 -65.77 -45.45 -36.18
C ASN E 410 -64.40 -46.10 -35.95
N PRO E 411 -63.44 -45.26 -35.49
CA PRO E 411 -62.12 -45.69 -35.07
C PRO E 411 -62.15 -46.43 -33.75
N GLU E 412 -61.37 -47.49 -33.59
CA GLU E 412 -61.23 -48.15 -32.29
C GLU E 412 -59.71 -48.21 -32.03
N GLU E 413 -59.31 -48.18 -30.73
CA GLU E 413 -57.91 -48.31 -30.33
C GLU E 413 -57.48 -49.74 -30.70
N SER E 414 -56.25 -49.90 -31.17
CA SER E 414 -55.71 -51.17 -31.65
C SER E 414 -54.23 -51.21 -31.24
N GLU E 415 -53.56 -52.36 -31.32
CA GLU E 415 -52.13 -52.48 -31.04
C GLU E 415 -51.42 -53.22 -32.18
N LEU E 416 -50.25 -52.75 -32.64
CA LEU E 416 -49.46 -53.51 -33.60
C LEU E 416 -48.12 -53.89 -32.95
N ASP E 417 -47.68 -55.14 -33.08
CA ASP E 417 -46.39 -55.58 -32.63
C ASP E 417 -45.27 -55.17 -33.61
N LEU E 418 -44.30 -54.34 -33.19
CA LEU E 418 -43.15 -53.95 -34.00
C LEU E 418 -41.82 -54.61 -33.57
N THR E 419 -41.89 -55.50 -32.57
CA THR E 419 -40.80 -56.39 -32.19
C THR E 419 -40.39 -57.20 -33.40
N TYR E 420 -39.26 -56.88 -34.04
CA TYR E 420 -38.66 -57.59 -35.18
C TYR E 420 -39.64 -57.70 -36.37
N GLY E 421 -40.63 -56.79 -36.45
CA GLY E 421 -41.38 -56.55 -37.67
C GLY E 421 -42.31 -57.73 -38.01
N ASN E 422 -42.27 -58.20 -39.27
CA ASN E 422 -42.95 -59.42 -39.72
C ASN E 422 -42.02 -60.64 -39.64
N ARG E 423 -40.71 -60.38 -39.47
CA ARG E 423 -39.65 -61.34 -39.78
C ARG E 423 -39.72 -62.60 -38.92
N TYR E 424 -39.69 -62.46 -37.58
CA TYR E 424 -39.38 -63.57 -36.68
C TYR E 424 -40.53 -63.83 -35.72
N LYS E 425 -41.10 -65.06 -35.77
CA LYS E 425 -42.21 -65.49 -34.91
C LYS E 425 -41.87 -65.54 -33.42
N ASN E 426 -40.85 -66.33 -32.99
CA ASN E 426 -40.34 -66.33 -31.62
C ASN E 426 -38.91 -65.78 -31.72
N VAL E 427 -38.38 -65.13 -30.67
CA VAL E 427 -36.93 -64.87 -30.57
C VAL E 427 -36.49 -65.08 -29.11
N LYS E 428 -35.58 -66.03 -28.83
CA LYS E 428 -35.12 -66.28 -27.48
C LYS E 428 -33.70 -65.74 -27.29
N LEU E 429 -33.58 -64.67 -26.48
CA LEU E 429 -32.35 -63.91 -26.34
C LEU E 429 -31.48 -64.42 -25.20
N PRO E 430 -30.14 -64.32 -25.33
CA PRO E 430 -29.23 -64.28 -24.18
C PRO E 430 -29.58 -63.17 -23.20
N ASP E 431 -29.54 -63.55 -21.92
CA ASP E 431 -29.55 -62.66 -20.75
C ASP E 431 -28.90 -61.31 -21.12
N ALA E 432 -29.53 -60.19 -20.74
CA ALA E 432 -28.99 -58.87 -21.08
C ALA E 432 -27.65 -58.62 -20.39
N TYR E 433 -27.51 -59.17 -19.18
CA TYR E 433 -26.34 -59.01 -18.35
C TYR E 433 -25.15 -59.78 -18.97
N GLU E 434 -25.41 -61.00 -19.46
CA GLU E 434 -24.46 -61.77 -20.23
C GLU E 434 -23.93 -60.91 -21.37
N ARG E 435 -24.82 -60.21 -22.07
CA ARG E 435 -24.47 -59.39 -23.24
C ARG E 435 -23.67 -58.17 -22.82
N LEU E 436 -23.91 -57.72 -21.58
CA LEU E 436 -23.24 -56.51 -21.07
C LEU E 436 -21.79 -56.81 -20.72
N ILE E 437 -21.52 -57.98 -20.18
CA ILE E 437 -20.15 -58.37 -19.87
C ILE E 437 -19.41 -58.63 -21.16
N LEU E 438 -20.11 -59.24 -22.12
CA LEU E 438 -19.55 -59.42 -23.45
C LEU E 438 -19.13 -58.10 -24.07
N ASP E 439 -19.91 -57.04 -23.84
CA ASP E 439 -19.52 -55.73 -24.34
C ASP E 439 -18.11 -55.33 -23.86
N VAL E 440 -17.77 -55.69 -22.61
CA VAL E 440 -16.50 -55.24 -22.05
C VAL E 440 -15.37 -55.99 -22.75
N PHE E 441 -15.57 -57.29 -23.01
CA PHE E 441 -14.65 -58.04 -23.84
C PHE E 441 -14.45 -57.37 -25.21
N CYS E 442 -15.50 -56.75 -25.78
CA CYS E 442 -15.50 -56.16 -27.11
C CYS E 442 -15.08 -54.70 -27.11
N GLY E 443 -14.80 -54.11 -25.96
CA GLY E 443 -14.39 -52.72 -25.93
C GLY E 443 -15.54 -51.74 -26.21
N SER E 444 -16.80 -52.13 -25.93
CA SER E 444 -17.95 -51.29 -26.27
C SER E 444 -18.57 -50.62 -25.03
N GLN E 445 -18.45 -49.28 -24.92
CA GLN E 445 -18.76 -48.58 -23.67
C GLN E 445 -20.14 -47.86 -23.70
N MET E 446 -20.86 -47.98 -24.85
CA MET E 446 -22.12 -47.29 -25.13
C MET E 446 -23.11 -47.27 -23.93
N HIS E 447 -23.35 -48.44 -23.34
CA HIS E 447 -24.32 -48.69 -22.27
C HIS E 447 -23.73 -48.65 -20.85
N PHE E 448 -22.54 -48.04 -20.72
CA PHE E 448 -21.91 -47.85 -19.42
C PHE E 448 -21.74 -46.37 -19.21
N VAL E 449 -21.90 -45.97 -17.95
CA VAL E 449 -22.03 -44.56 -17.59
C VAL E 449 -20.65 -43.93 -17.60
N ARG E 450 -20.53 -42.82 -18.31
CA ARG E 450 -19.29 -42.09 -18.44
C ARG E 450 -19.16 -41.08 -17.29
N SER E 451 -17.92 -40.63 -17.01
CA SER E 451 -17.68 -39.75 -15.86
C SER E 451 -18.49 -38.47 -15.96
N ASP E 452 -18.48 -37.82 -17.14
CA ASP E 452 -19.18 -36.56 -17.33
C ASP E 452 -20.70 -36.74 -17.14
N GLU E 453 -21.21 -37.86 -17.67
CA GLU E 453 -22.58 -38.32 -17.60
C GLU E 453 -23.00 -38.48 -16.15
N LEU E 454 -22.15 -39.17 -15.39
CA LEU E 454 -22.41 -39.42 -13.97
C LEU E 454 -22.53 -38.11 -13.19
N ARG E 455 -21.64 -37.14 -13.45
CA ARG E 455 -21.67 -35.89 -12.70
C ARG E 455 -23.01 -35.20 -12.92
N GLU E 456 -23.46 -35.18 -14.19
CA GLU E 456 -24.72 -34.54 -14.54
C GLU E 456 -25.88 -35.22 -13.81
N ALA E 457 -25.85 -36.56 -13.74
CA ALA E 457 -26.86 -37.32 -13.03
C ALA E 457 -26.95 -36.90 -11.57
N TRP E 458 -25.78 -36.70 -10.91
CA TRP E 458 -25.78 -36.31 -9.50
C TRP E 458 -26.22 -34.86 -9.32
N ARG E 459 -25.84 -33.97 -10.24
CA ARG E 459 -26.25 -32.56 -10.15
C ARG E 459 -27.77 -32.44 -10.17
N ILE E 460 -28.42 -33.23 -11.01
CA ILE E 460 -29.86 -33.26 -11.15
C ILE E 460 -30.55 -33.65 -9.84
N PHE E 461 -30.08 -34.73 -9.21
CA PHE E 461 -30.78 -35.30 -8.07
C PHE E 461 -30.24 -34.85 -6.71
N THR E 462 -29.07 -34.19 -6.64
CA THR E 462 -28.39 -34.07 -5.35
C THR E 462 -29.14 -33.08 -4.45
N PRO E 463 -29.53 -31.87 -4.93
CA PRO E 463 -30.28 -30.94 -4.07
C PRO E 463 -31.49 -31.63 -3.40
N LEU E 464 -32.23 -32.42 -4.18
CA LEU E 464 -33.41 -33.07 -3.66
C LEU E 464 -33.02 -34.10 -2.61
N LEU E 465 -32.02 -34.95 -2.87
CA LEU E 465 -31.66 -35.99 -1.92
C LEU E 465 -31.19 -35.38 -0.60
N HIS E 466 -30.45 -34.25 -0.68
CA HIS E 466 -29.98 -33.59 0.54
C HIS E 466 -31.20 -33.04 1.30
N GLN E 467 -32.13 -32.43 0.56
CA GLN E 467 -33.34 -31.89 1.15
C GLN E 467 -34.16 -32.97 1.87
N ILE E 468 -34.30 -34.13 1.27
CA ILE E 468 -34.99 -35.28 1.86
C ILE E 468 -34.28 -35.67 3.16
N GLU E 469 -32.93 -35.74 3.16
CA GLU E 469 -32.20 -36.17 4.34
C GLU E 469 -32.36 -35.18 5.49
N LEU E 470 -32.44 -33.89 5.15
CA LEU E 470 -32.52 -32.82 6.13
C LEU E 470 -33.95 -32.61 6.61
N GLU E 471 -34.95 -32.62 5.73
CA GLU E 471 -36.33 -32.35 6.12
C GLU E 471 -37.02 -33.65 6.55
N LYS E 472 -36.41 -34.80 6.27
CA LYS E 472 -36.92 -36.11 6.64
C LYS E 472 -38.43 -36.22 6.38
N PRO E 473 -38.97 -35.94 5.16
CA PRO E 473 -40.44 -36.00 4.97
C PRO E 473 -40.89 -37.42 5.12
N LYS E 474 -42.07 -37.59 5.72
CA LYS E 474 -42.71 -38.90 5.93
C LYS E 474 -43.17 -39.39 4.54
N PRO E 475 -42.69 -40.52 3.94
CA PRO E 475 -43.22 -40.95 2.65
C PRO E 475 -44.64 -41.50 2.84
N ILE E 476 -45.41 -41.52 1.74
CA ILE E 476 -46.80 -41.96 1.73
C ILE E 476 -46.89 -43.48 1.76
N PRO E 477 -47.69 -44.05 2.67
CA PRO E 477 -47.83 -45.51 2.73
C PRO E 477 -48.64 -46.06 1.55
N TYR E 478 -48.35 -47.30 1.18
CA TYR E 478 -49.03 -47.97 0.09
C TYR E 478 -48.97 -49.46 0.40
N ILE E 479 -50.12 -50.12 0.18
CA ILE E 479 -50.31 -51.51 0.56
C ILE E 479 -49.45 -52.33 -0.41
N TYR E 480 -48.75 -53.32 0.15
CA TYR E 480 -48.01 -54.34 -0.58
C TYR E 480 -48.91 -54.95 -1.65
N GLY E 481 -48.47 -54.83 -2.91
CA GLY E 481 -49.16 -55.44 -4.04
C GLY E 481 -49.98 -54.41 -4.81
N SER E 482 -50.06 -53.17 -4.32
CA SER E 482 -50.83 -52.11 -4.97
C SER E 482 -49.95 -51.41 -6.00
N ARG E 483 -50.46 -50.35 -6.67
CA ARG E 483 -49.63 -49.63 -7.62
C ARG E 483 -48.90 -48.45 -6.96
N GLY E 484 -49.00 -48.36 -5.63
CA GLY E 484 -48.33 -47.28 -4.94
C GLY E 484 -49.27 -46.15 -4.55
N PRO E 485 -48.76 -45.04 -4.00
CA PRO E 485 -49.58 -43.92 -3.58
C PRO E 485 -50.39 -43.34 -4.74
N THR E 486 -51.66 -43.02 -4.48
CA THR E 486 -52.55 -42.55 -5.51
C THR E 486 -52.07 -41.12 -5.86
N GLU E 487 -51.35 -40.45 -4.96
CA GLU E 487 -50.74 -39.13 -5.25
C GLU E 487 -49.75 -39.17 -6.43
N ALA E 488 -49.19 -40.35 -6.74
CA ALA E 488 -48.36 -40.51 -7.93
C ALA E 488 -49.21 -40.34 -9.19
N ASP E 489 -50.41 -40.97 -9.20
CA ASP E 489 -51.40 -40.78 -10.26
C ASP E 489 -51.77 -39.30 -10.43
N GLU E 490 -51.96 -38.57 -9.31
CA GLU E 490 -52.31 -37.15 -9.35
C GLU E 490 -51.19 -36.32 -9.95
N LEU E 491 -49.93 -36.62 -9.59
CA LEU E 491 -48.79 -35.89 -10.15
C LEU E 491 -48.73 -36.12 -11.66
N MET E 492 -48.94 -37.37 -12.09
CA MET E 492 -48.93 -37.68 -13.50
C MET E 492 -50.06 -36.94 -14.25
N LYS E 493 -51.33 -36.98 -13.78
CA LYS E 493 -52.44 -36.23 -14.35
C LYS E 493 -52.09 -34.74 -14.41
N ARG E 494 -51.52 -34.21 -13.32
CA ARG E 494 -51.27 -32.77 -13.21
C ARG E 494 -50.30 -32.32 -14.29
N VAL E 495 -49.35 -33.18 -14.74
CA VAL E 495 -48.31 -32.71 -15.65
C VAL E 495 -48.65 -33.09 -17.10
N GLY E 496 -49.74 -33.83 -17.37
CA GLY E 496 -50.22 -33.99 -18.73
C GLY E 496 -50.55 -35.41 -19.16
N PHE E 497 -50.44 -36.40 -18.28
CA PHE E 497 -50.64 -37.80 -18.64
C PHE E 497 -52.15 -38.13 -18.56
N GLN E 498 -52.65 -39.03 -19.45
CA GLN E 498 -54.00 -39.54 -19.43
C GLN E 498 -54.12 -41.06 -19.27
N TYR E 499 -54.95 -41.58 -18.33
CA TYR E 499 -55.31 -43.01 -18.26
C TYR E 499 -56.66 -43.11 -18.97
N GLU E 500 -57.60 -44.02 -18.62
CA GLU E 500 -59.00 -43.88 -19.07
C GLU E 500 -59.86 -43.11 -18.06
N LEU F 1 -50.69 15.32 28.40
CA LEU F 1 -49.34 15.77 28.83
C LEU F 1 -48.33 14.66 28.54
N SER F 2 -47.66 14.12 29.57
CA SER F 2 -46.65 13.08 29.42
C SER F 2 -45.39 13.58 28.68
N ARG F 3 -44.59 14.45 29.31
CA ARG F 3 -43.18 14.71 28.97
C ARG F 3 -42.38 13.39 28.99
N THR F 4 -41.06 13.39 28.62
CA THR F 4 -40.13 12.30 28.98
C THR F 4 -39.72 12.41 30.48
N GLN F 5 -39.73 13.63 31.03
CA GLN F 5 -39.42 13.84 32.45
C GLN F 5 -40.58 13.39 33.33
N VAL F 6 -41.83 13.67 32.91
CA VAL F 6 -43.06 13.21 33.54
C VAL F 6 -43.07 11.67 33.61
N CYS F 7 -42.71 10.97 32.53
CA CYS F 7 -42.61 9.50 32.57
C CYS F 7 -41.49 9.00 33.52
N GLY F 8 -40.38 9.77 33.60
CA GLY F 8 -39.32 9.52 34.56
C GLY F 8 -39.79 9.60 36.00
N ILE F 9 -40.69 10.54 36.34
CA ILE F 9 -41.29 10.69 37.67
C ILE F 9 -42.03 9.40 38.04
N LEU F 10 -42.87 8.90 37.13
CA LEU F 10 -43.73 7.74 37.39
C LEU F 10 -42.84 6.50 37.56
N ARG F 11 -41.85 6.32 36.63
CA ARG F 11 -40.96 5.17 36.68
C ARG F 11 -40.22 5.14 38.05
N GLU F 12 -39.74 6.30 38.45
CA GLU F 12 -38.93 6.45 39.65
C GLU F 12 -39.79 6.11 40.86
N GLU F 13 -41.08 6.50 40.85
CA GLU F 13 -42.03 6.25 41.95
C GLU F 13 -42.34 4.76 42.07
N LEU F 14 -42.61 4.10 40.91
CA LEU F 14 -42.82 2.67 40.82
C LEU F 14 -41.62 1.93 41.42
N PHE F 15 -40.41 2.34 41.07
CA PHE F 15 -39.16 1.81 41.63
C PHE F 15 -39.07 1.54 43.12
N GLN F 16 -39.92 2.17 43.97
CA GLN F 16 -40.21 1.79 45.36
C GLN F 16 -41.35 0.73 45.46
N GLY F 17 -41.30 -0.32 44.64
CA GLY F 17 -41.49 -1.68 45.09
C GLY F 17 -40.12 -2.39 45.28
N ASP F 18 -40.28 -3.68 45.64
CA ASP F 18 -39.34 -4.45 46.45
C ASP F 18 -38.12 -4.92 45.65
N ALA F 19 -38.29 -5.05 44.32
CA ALA F 19 -37.30 -5.76 43.50
C ALA F 19 -36.18 -4.82 43.06
N PHE F 20 -36.41 -3.50 43.12
CA PHE F 20 -35.41 -2.48 42.84
C PHE F 20 -35.03 -1.86 44.17
N HIS F 21 -33.76 -2.09 44.55
CA HIS F 21 -33.18 -1.74 45.83
C HIS F 21 -32.40 -0.44 45.68
N GLN F 22 -33.13 0.68 45.78
CA GLN F 22 -32.69 2.07 45.55
C GLN F 22 -31.49 2.45 46.43
N SER F 23 -31.48 1.85 47.65
CA SER F 23 -30.50 2.14 48.68
C SER F 23 -29.22 1.30 48.61
N ASP F 24 -29.29 0.07 48.11
CA ASP F 24 -28.15 -0.82 48.00
C ASP F 24 -27.16 -0.34 46.94
N THR F 25 -25.89 -0.73 47.17
CA THR F 25 -24.81 -0.39 46.27
C THR F 25 -24.84 -1.36 45.09
N HIS F 26 -24.62 -0.83 43.88
CA HIS F 26 -24.62 -1.64 42.67
C HIS F 26 -23.32 -1.36 41.91
N ILE F 27 -22.74 -2.40 41.33
CA ILE F 27 -21.63 -2.20 40.42
C ILE F 27 -22.06 -2.68 39.05
N PHE F 28 -21.92 -1.80 38.06
CA PHE F 28 -22.23 -2.11 36.66
C PHE F 28 -20.91 -2.26 35.91
N ILE F 29 -20.57 -3.47 35.53
CA ILE F 29 -19.28 -3.78 34.91
C ILE F 29 -19.49 -3.94 33.41
N ILE F 30 -18.90 -3.06 32.63
CA ILE F 30 -18.90 -3.19 31.19
C ILE F 30 -17.60 -3.90 30.74
N MET F 31 -17.69 -5.21 30.56
CA MET F 31 -16.64 -6.02 29.97
C MET F 31 -16.63 -5.72 28.47
N GLY F 32 -15.49 -5.23 27.95
CA GLY F 32 -15.42 -4.77 26.58
C GLY F 32 -15.74 -3.29 26.47
N ALA F 33 -15.32 -2.52 27.49
CA ALA F 33 -15.63 -1.09 27.60
C ALA F 33 -14.97 -0.24 26.52
N SER F 34 -13.93 -0.80 25.87
CA SER F 34 -13.22 -0.13 24.78
C SER F 34 -14.00 -0.25 23.46
N GLY F 35 -14.78 -1.33 23.29
CA GLY F 35 -15.46 -1.69 22.06
C GLY F 35 -16.59 -0.74 21.65
N ASP F 36 -17.12 -0.94 20.44
CA ASP F 36 -18.02 0.05 19.83
C ASP F 36 -19.40 0.02 20.50
N LEU F 37 -19.90 -1.17 20.82
CA LEU F 37 -21.14 -1.33 21.52
C LEU F 37 -21.12 -0.50 22.83
N ALA F 38 -20.07 -0.61 23.63
CA ALA F 38 -19.94 0.14 24.87
C ALA F 38 -19.97 1.63 24.57
N LYS F 39 -19.13 2.05 23.62
CA LYS F 39 -18.89 3.44 23.26
C LYS F 39 -20.16 4.10 22.75
N LYS F 40 -20.94 3.39 21.93
CA LYS F 40 -22.06 3.98 21.19
C LYS F 40 -23.41 3.74 21.85
N LYS F 41 -23.58 2.65 22.63
CA LYS F 41 -24.87 2.20 23.11
C LYS F 41 -24.86 2.09 24.65
N ILE F 42 -23.90 1.35 25.23
CA ILE F 42 -23.97 1.04 26.65
C ILE F 42 -23.63 2.23 27.54
N TYR F 43 -22.51 2.92 27.30
CA TYR F 43 -22.13 4.04 28.15
C TYR F 43 -23.18 5.14 28.04
N PRO F 44 -23.63 5.52 26.82
CA PRO F 44 -24.71 6.50 26.71
C PRO F 44 -25.97 6.08 27.47
N THR F 45 -26.33 4.78 27.44
CA THR F 45 -27.61 4.36 27.98
C THR F 45 -27.56 4.32 29.51
N ILE F 46 -26.43 3.85 30.09
CA ILE F 46 -26.24 3.87 31.54
C ILE F 46 -26.17 5.31 32.00
N TRP F 47 -25.60 6.20 31.19
CA TRP F 47 -25.69 7.63 31.44
C TRP F 47 -27.14 8.11 31.45
N TRP F 48 -27.98 7.65 30.50
CA TRP F 48 -29.36 8.13 30.46
C TRP F 48 -30.09 7.70 31.73
N LEU F 49 -29.89 6.43 32.12
CA LEU F 49 -30.45 5.94 33.38
C LEU F 49 -30.01 6.81 34.55
N PHE F 50 -28.71 7.11 34.62
CA PHE F 50 -28.19 7.90 35.73
C PHE F 50 -28.90 9.25 35.77
N ARG F 51 -28.83 9.96 34.62
CA ARG F 51 -29.38 11.29 34.41
C ARG F 51 -30.89 11.34 34.69
N ASP F 52 -31.62 10.27 34.37
CA ASP F 52 -33.08 10.21 34.51
C ASP F 52 -33.50 9.91 35.95
N GLY F 53 -32.53 9.62 36.83
CA GLY F 53 -32.77 9.35 38.23
C GLY F 53 -33.27 7.93 38.42
N LEU F 54 -32.87 7.04 37.52
CA LEU F 54 -33.41 5.67 37.49
C LEU F 54 -32.36 4.63 37.88
N LEU F 55 -31.13 5.05 38.16
CA LEU F 55 -30.18 4.13 38.77
C LEU F 55 -30.31 4.23 40.30
N PRO F 56 -29.96 3.16 41.04
CA PRO F 56 -29.73 3.31 42.48
C PRO F 56 -28.66 4.38 42.74
N GLU F 57 -28.82 5.22 43.81
CA GLU F 57 -27.92 6.39 43.99
C GLU F 57 -26.44 5.97 44.08
N ASN F 58 -26.17 4.77 44.62
CA ASN F 58 -24.84 4.26 44.85
C ASN F 58 -24.52 3.21 43.78
N THR F 59 -24.25 3.69 42.56
CA THR F 59 -23.99 2.78 41.46
C THR F 59 -22.61 3.19 40.95
N PHE F 60 -21.75 2.17 40.76
CA PHE F 60 -20.44 2.42 40.19
C PHE F 60 -20.38 1.74 38.85
N ILE F 61 -19.71 2.40 37.90
CA ILE F 61 -19.53 1.84 36.57
C ILE F 61 -18.06 1.51 36.39
N VAL F 62 -17.76 0.22 36.20
CA VAL F 62 -16.42 -0.24 36.00
C VAL F 62 -16.31 -0.80 34.58
N GLY F 63 -15.52 -0.06 33.74
CA GLY F 63 -15.03 -0.59 32.48
C GLY F 63 -13.88 -1.62 32.67
N TYR F 64 -13.89 -2.66 31.83
CA TYR F 64 -12.83 -3.63 31.73
C TYR F 64 -12.62 -4.03 30.28
N ALA F 65 -11.39 -3.87 29.77
CA ALA F 65 -10.96 -4.37 28.47
C ALA F 65 -9.42 -4.44 28.42
N ARG F 66 -8.84 -4.92 27.29
CA ARG F 66 -7.40 -5.14 27.14
C ARG F 66 -6.67 -3.77 27.11
N SER F 67 -7.27 -2.74 26.44
CA SER F 67 -6.62 -1.45 26.20
C SER F 67 -6.32 -0.74 27.53
N ARG F 68 -5.22 0.00 27.62
CA ARG F 68 -4.82 0.64 28.87
C ARG F 68 -5.43 2.04 28.79
N LEU F 69 -6.62 2.25 29.38
CA LEU F 69 -7.38 3.48 29.17
C LEU F 69 -7.69 4.14 30.50
N THR F 70 -7.92 5.46 30.47
CA THR F 70 -8.48 6.18 31.61
C THR F 70 -9.98 6.43 31.34
N VAL F 71 -10.68 6.85 32.38
CA VAL F 71 -12.05 7.35 32.28
C VAL F 71 -12.12 8.58 31.35
N ALA F 72 -11.10 9.48 31.43
CA ALA F 72 -10.97 10.59 30.48
C ALA F 72 -11.02 10.12 29.02
N ASP F 73 -10.39 8.97 28.70
CA ASP F 73 -10.40 8.44 27.33
C ASP F 73 -11.79 7.98 26.94
N ILE F 74 -12.39 7.15 27.80
CA ILE F 74 -13.75 6.64 27.67
C ILE F 74 -14.71 7.80 27.38
N ARG F 75 -14.66 8.82 28.23
CA ARG F 75 -15.46 10.02 28.07
C ARG F 75 -15.22 10.68 26.71
N LYS F 76 -13.97 10.89 26.28
CA LYS F 76 -13.72 11.52 24.99
C LYS F 76 -14.37 10.72 23.84
N GLN F 77 -14.20 9.39 23.80
CA GLN F 77 -14.69 8.54 22.72
C GLN F 77 -16.25 8.40 22.82
N SER F 78 -16.85 8.32 24.04
CA SER F 78 -18.30 8.03 24.24
C SER F 78 -19.16 9.28 24.38
N GLU F 79 -18.68 10.36 25.00
CA GLU F 79 -19.54 11.50 25.30
C GLU F 79 -20.28 12.02 24.07
N PRO F 80 -19.73 12.06 22.83
CA PRO F 80 -20.50 12.48 21.65
C PRO F 80 -21.86 11.81 21.41
N PHE F 81 -22.00 10.55 21.85
CA PHE F 81 -23.23 9.77 21.73
C PHE F 81 -24.19 9.90 22.92
N PHE F 82 -23.82 10.74 23.92
CA PHE F 82 -24.60 10.91 25.15
C PHE F 82 -25.71 11.94 24.92
N LYS F 83 -25.55 12.79 23.92
CA LYS F 83 -26.47 13.90 23.64
C LYS F 83 -26.64 14.74 24.90
N ALA F 84 -25.55 14.98 25.62
CA ALA F 84 -25.60 15.70 26.88
C ALA F 84 -25.73 17.18 26.55
N THR F 85 -26.43 17.95 27.38
CA THR F 85 -26.61 19.38 27.14
C THR F 85 -25.72 20.15 28.11
N PRO F 86 -25.57 21.48 27.99
CA PRO F 86 -24.82 22.26 29.00
C PRO F 86 -25.44 22.24 30.41
N GLU F 87 -26.76 22.20 30.50
CA GLU F 87 -27.54 22.06 31.74
C GLU F 87 -27.11 20.82 32.51
N GLU F 88 -26.60 19.82 31.84
CA GLU F 88 -26.26 18.53 32.42
C GLU F 88 -24.78 18.46 32.81
N LYS F 89 -24.03 19.57 32.82
CA LYS F 89 -22.57 19.54 33.06
C LYS F 89 -22.28 18.91 34.43
N LEU F 90 -23.05 19.27 35.47
CA LEU F 90 -22.90 18.79 36.83
C LEU F 90 -23.27 17.31 36.95
N LYS F 91 -24.41 16.88 36.41
CA LYS F 91 -24.76 15.46 36.43
C LYS F 91 -23.71 14.61 35.70
N LEU F 92 -23.05 15.19 34.71
CA LEU F 92 -22.11 14.45 33.90
C LEU F 92 -20.81 14.28 34.67
N GLU F 93 -20.40 15.33 35.43
CA GLU F 93 -19.30 15.19 36.40
C GLU F 93 -19.62 14.09 37.41
N ASP F 94 -20.79 14.16 38.06
CA ASP F 94 -21.22 13.18 39.07
C ASP F 94 -21.16 11.76 38.47
N PHE F 95 -21.60 11.62 37.20
CA PHE F 95 -21.59 10.33 36.53
C PHE F 95 -20.15 9.81 36.34
N PHE F 96 -19.26 10.64 35.82
CA PHE F 96 -17.88 10.21 35.51
C PHE F 96 -17.07 9.97 36.81
N ALA F 97 -17.45 10.61 37.92
CA ALA F 97 -16.86 10.36 39.23
C ALA F 97 -17.18 8.95 39.72
N ARG F 98 -18.28 8.36 39.22
CA ARG F 98 -18.70 7.00 39.57
C ARG F 98 -18.14 5.96 38.60
N ASN F 99 -17.35 6.44 37.64
CA ASN F 99 -16.78 5.58 36.63
C ASN F 99 -15.33 5.23 36.97
N SER F 100 -14.86 4.05 36.61
CA SER F 100 -13.48 3.64 36.71
C SER F 100 -13.21 2.62 35.61
N TYR F 101 -11.91 2.39 35.36
CA TYR F 101 -11.52 1.41 34.34
C TYR F 101 -10.42 0.50 34.84
N VAL F 102 -10.47 -0.77 34.46
CA VAL F 102 -9.42 -1.74 34.75
C VAL F 102 -8.99 -2.41 33.44
N ALA F 103 -7.69 -2.27 33.05
CA ALA F 103 -7.16 -2.99 31.90
C ALA F 103 -6.95 -4.47 32.26
N GLY F 104 -7.28 -5.40 31.36
CA GLY F 104 -7.02 -6.80 31.61
C GLY F 104 -7.20 -7.67 30.36
N GLN F 105 -6.65 -8.88 30.42
CA GLN F 105 -6.85 -9.91 29.41
C GLN F 105 -8.10 -10.72 29.81
N TYR F 106 -8.72 -11.37 28.80
CA TYR F 106 -10.01 -12.05 28.99
C TYR F 106 -9.84 -13.47 29.53
N ASP F 107 -8.63 -14.09 29.41
CA ASP F 107 -8.34 -15.40 30.04
C ASP F 107 -7.07 -15.31 30.89
N ASP F 108 -6.97 -14.29 31.75
CA ASP F 108 -5.83 -14.10 32.63
C ASP F 108 -6.34 -13.91 34.08
N ALA F 109 -6.07 -14.91 34.95
CA ALA F 109 -6.56 -14.94 36.32
C ALA F 109 -6.09 -13.73 37.14
N ALA F 110 -4.84 -13.28 36.92
CA ALA F 110 -4.32 -12.10 37.58
C ALA F 110 -5.14 -10.88 37.22
N SER F 111 -5.53 -10.76 35.93
CA SER F 111 -6.28 -9.59 35.47
C SER F 111 -7.64 -9.52 36.16
N TYR F 112 -8.24 -10.69 36.39
CA TYR F 112 -9.54 -10.76 37.04
C TYR F 112 -9.45 -10.50 38.54
N GLN F 113 -8.33 -10.89 39.19
CA GLN F 113 -8.13 -10.53 40.59
C GLN F 113 -8.01 -9.05 40.74
N ARG F 114 -7.38 -8.36 39.80
CA ARG F 114 -7.25 -6.92 39.90
C ARG F 114 -8.64 -6.29 39.84
N LEU F 115 -9.48 -6.80 38.93
CA LEU F 115 -10.84 -6.30 38.76
C LEU F 115 -11.64 -6.54 40.04
N ASN F 116 -11.51 -7.74 40.65
CA ASN F 116 -12.21 -8.05 41.88
C ASN F 116 -11.76 -7.15 43.03
N SER F 117 -10.43 -6.90 43.13
CA SER F 117 -9.86 -6.05 44.17
C SER F 117 -10.33 -4.63 43.97
N HIS F 118 -10.35 -4.21 42.72
CA HIS F 118 -10.83 -2.87 42.38
C HIS F 118 -12.27 -2.68 42.90
N MET F 119 -13.09 -3.72 42.70
CA MET F 119 -14.50 -3.64 43.06
C MET F 119 -14.66 -3.65 44.57
N ASN F 120 -13.89 -4.56 45.24
CA ASN F 120 -13.87 -4.67 46.69
C ASN F 120 -13.45 -3.36 47.33
N ALA F 121 -12.61 -2.60 46.65
CA ALA F 121 -12.07 -1.35 47.17
C ALA F 121 -13.03 -0.19 46.98
N LEU F 122 -14.12 -0.33 46.18
CA LEU F 122 -15.11 0.72 46.09
C LEU F 122 -15.89 0.76 47.41
N HIS F 123 -16.45 1.91 47.81
CA HIS F 123 -17.28 2.00 49.00
C HIS F 123 -18.40 0.93 48.96
N LEU F 124 -18.25 -0.07 49.86
CA LEU F 124 -19.20 -1.16 50.09
C LEU F 124 -19.17 -2.12 48.90
N GLY F 125 -18.05 -2.17 48.17
CA GLY F 125 -17.87 -3.03 47.01
C GLY F 125 -18.08 -4.52 47.27
N SER F 126 -17.72 -4.99 48.48
CA SER F 126 -17.79 -6.40 48.84
C SER F 126 -19.25 -6.83 49.05
N GLN F 127 -20.13 -5.86 49.28
CA GLN F 127 -21.58 -6.07 49.51
C GLN F 127 -22.47 -5.76 48.30
N ALA F 128 -21.93 -5.00 47.32
CA ALA F 128 -22.68 -4.49 46.17
C ALA F 128 -23.24 -5.64 45.34
N ASN F 129 -24.42 -5.37 44.78
CA ASN F 129 -24.96 -6.16 43.69
C ASN F 129 -23.99 -5.98 42.52
N ARG F 130 -23.71 -7.05 41.78
CA ARG F 130 -22.79 -6.93 40.65
C ARG F 130 -23.47 -7.34 39.34
N LEU F 131 -23.43 -6.45 38.34
CA LEU F 131 -24.12 -6.60 37.07
C LEU F 131 -23.07 -6.54 35.96
N PHE F 132 -22.82 -7.68 35.31
CA PHE F 132 -21.75 -7.78 34.32
C PHE F 132 -22.40 -7.73 32.97
N TYR F 133 -22.04 -6.71 32.19
CA TYR F 133 -22.49 -6.60 30.80
C TYR F 133 -21.38 -7.15 29.92
N LEU F 134 -21.60 -8.29 29.30
CA LEU F 134 -20.62 -8.91 28.40
C LEU F 134 -20.75 -8.33 26.97
N ALA F 135 -20.22 -7.14 26.78
CA ALA F 135 -20.12 -6.40 25.52
C ALA F 135 -18.85 -6.79 24.73
N LEU F 136 -18.83 -8.05 24.35
CA LEU F 136 -17.72 -8.75 23.74
C LEU F 136 -18.28 -9.76 22.73
N PRO F 137 -17.45 -10.17 21.74
CA PRO F 137 -17.83 -11.25 20.82
C PRO F 137 -18.05 -12.52 21.64
N PRO F 138 -19.00 -13.44 21.33
CA PRO F 138 -19.10 -14.73 22.00
C PRO F 138 -17.91 -15.68 21.88
N THR F 139 -16.95 -15.35 21.01
CA THR F 139 -15.71 -16.11 20.93
C THR F 139 -14.87 -16.03 22.23
N VAL F 140 -15.12 -15.07 23.14
CA VAL F 140 -14.45 -15.04 24.45
C VAL F 140 -15.38 -15.35 25.63
N TYR F 141 -16.66 -15.71 25.38
CA TYR F 141 -17.63 -15.83 26.45
C TYR F 141 -17.26 -16.95 27.40
N GLU F 142 -16.76 -18.08 26.89
CA GLU F 142 -16.44 -19.19 27.78
C GLU F 142 -15.38 -18.73 28.75
N ALA F 143 -14.35 -18.02 28.27
CA ALA F 143 -13.25 -17.60 29.13
C ALA F 143 -13.75 -16.57 30.17
N VAL F 144 -14.56 -15.62 29.68
CA VAL F 144 -14.96 -14.50 30.49
C VAL F 144 -15.91 -14.98 31.59
N THR F 145 -16.88 -15.83 31.23
CA THR F 145 -17.81 -16.31 32.25
C THR F 145 -17.11 -17.23 33.26
N LYS F 146 -16.11 -18.02 32.81
CA LYS F 146 -15.33 -18.89 33.69
C LYS F 146 -14.62 -18.00 34.73
N ASN F 147 -13.95 -16.93 34.25
CA ASN F 147 -13.13 -16.11 35.09
C ASN F 147 -13.96 -15.28 36.07
N ILE F 148 -15.12 -14.80 35.60
CA ILE F 148 -16.01 -14.02 36.44
C ILE F 148 -16.50 -14.90 37.60
N HIS F 149 -16.96 -16.11 37.29
CA HIS F 149 -17.37 -17.05 38.29
C HIS F 149 -16.25 -17.38 39.32
N GLU F 150 -15.01 -17.60 38.84
CA GLU F 150 -13.90 -17.97 39.70
C GLU F 150 -13.51 -16.79 40.60
N SER F 151 -13.45 -15.57 40.09
CA SER F 151 -12.73 -14.50 40.75
C SER F 151 -13.58 -13.31 41.16
N CYS F 152 -14.78 -13.11 40.61
CA CYS F 152 -15.36 -11.77 40.62
C CYS F 152 -16.78 -11.72 41.20
N MET F 153 -17.33 -12.84 41.67
CA MET F 153 -18.70 -12.89 42.20
C MET F 153 -18.78 -12.23 43.57
N SER F 154 -19.76 -11.32 43.80
CA SER F 154 -20.09 -10.89 45.15
C SER F 154 -20.45 -12.11 45.98
N GLN F 155 -20.04 -12.10 47.26
CA GLN F 155 -20.49 -13.13 48.20
C GLN F 155 -21.74 -12.67 48.96
N ILE F 156 -22.12 -11.39 48.85
CA ILE F 156 -23.20 -10.77 49.59
C ILE F 156 -24.30 -10.37 48.60
N GLY F 157 -24.02 -9.49 47.64
CA GLY F 157 -25.01 -9.03 46.66
C GLY F 157 -25.30 -10.09 45.60
N TRP F 158 -26.30 -9.84 44.73
CA TRP F 158 -26.54 -10.73 43.60
C TRP F 158 -25.48 -10.49 42.51
N ASN F 159 -25.37 -11.46 41.64
CA ASN F 159 -24.52 -11.41 40.46
C ASN F 159 -25.39 -11.74 39.23
N ARG F 160 -25.43 -10.83 38.25
CA ARG F 160 -26.21 -11.03 37.04
C ARG F 160 -25.33 -10.75 35.84
N ILE F 161 -25.51 -11.52 34.76
CA ILE F 161 -24.74 -11.23 33.55
C ILE F 161 -25.70 -10.93 32.40
N ILE F 162 -25.37 -9.92 31.60
CA ILE F 162 -26.08 -9.67 30.36
C ILE F 162 -25.25 -10.21 29.21
N VAL F 163 -25.93 -11.06 28.40
CA VAL F 163 -25.31 -11.74 27.28
C VAL F 163 -25.94 -11.24 25.97
N GLU F 164 -25.06 -10.96 24.98
CA GLU F 164 -25.41 -10.48 23.64
C GLU F 164 -25.34 -11.60 22.60
N LYS F 165 -26.23 -11.46 21.61
CA LYS F 165 -26.23 -12.30 20.45
C LYS F 165 -24.92 -12.06 19.70
N PRO F 166 -24.43 -13.02 18.90
CA PRO F 166 -25.11 -14.31 18.68
C PRO F 166 -25.08 -15.33 19.82
N PHE F 167 -26.23 -16.01 20.03
CA PHE F 167 -26.37 -17.06 21.02
C PHE F 167 -26.06 -18.39 20.35
N GLY F 168 -24.79 -18.55 19.93
CA GLY F 168 -24.42 -19.55 18.95
C GLY F 168 -24.86 -19.22 17.53
N ARG F 169 -24.70 -20.17 16.60
CA ARG F 169 -25.13 -20.03 15.22
C ARG F 169 -26.03 -21.19 14.76
N ASP F 170 -26.30 -22.13 15.67
CA ASP F 170 -27.19 -23.24 15.46
C ASP F 170 -27.42 -23.95 16.81
N LEU F 171 -28.19 -25.02 16.82
CA LEU F 171 -28.52 -25.69 18.06
C LEU F 171 -27.25 -26.17 18.77
N GLN F 172 -26.36 -26.85 18.03
CA GLN F 172 -25.18 -27.48 18.65
C GLN F 172 -24.25 -26.43 19.27
N SER F 173 -23.88 -25.38 18.51
CA SER F 173 -23.03 -24.32 19.03
C SER F 173 -23.71 -23.52 20.15
N SER F 174 -25.02 -23.28 20.03
CA SER F 174 -25.79 -22.61 21.08
C SER F 174 -25.78 -23.42 22.37
N ASP F 175 -26.01 -24.73 22.26
CA ASP F 175 -25.96 -25.63 23.39
C ASP F 175 -24.59 -25.63 24.05
N ARG F 176 -23.49 -25.64 23.29
CA ARG F 176 -22.16 -25.65 23.90
C ARG F 176 -22.03 -24.43 24.79
N LEU F 177 -22.37 -23.26 24.26
CA LEU F 177 -22.24 -21.99 24.94
C LEU F 177 -23.18 -21.86 26.13
N SER F 178 -24.41 -22.30 25.94
CA SER F 178 -25.45 -22.18 26.94
C SER F 178 -25.20 -23.16 28.07
N ASN F 179 -24.84 -24.42 27.76
CA ASN F 179 -24.46 -25.39 28.78
C ASN F 179 -23.22 -24.92 29.56
N HIS F 180 -22.26 -24.28 28.87
CA HIS F 180 -21.12 -23.79 29.58
C HIS F 180 -21.56 -22.76 30.60
N ILE F 181 -22.30 -21.71 30.15
CA ILE F 181 -22.69 -20.60 31.00
C ILE F 181 -23.59 -21.09 32.13
N SER F 182 -24.42 -22.11 31.88
CA SER F 182 -25.39 -22.63 32.85
C SER F 182 -24.72 -23.48 33.92
N SER F 183 -23.54 -24.04 33.64
CA SER F 183 -22.85 -24.79 34.68
C SER F 183 -22.27 -23.83 35.73
N LEU F 184 -22.21 -22.51 35.42
CA LEU F 184 -21.64 -21.49 36.29
C LEU F 184 -22.69 -20.58 36.90
N PHE F 185 -23.75 -20.26 36.13
CA PHE F 185 -24.76 -19.25 36.47
C PHE F 185 -26.13 -19.91 36.43
N ARG F 186 -26.97 -19.66 37.45
CA ARG F 186 -28.37 -20.09 37.44
C ARG F 186 -29.15 -19.32 36.37
N GLU F 187 -30.33 -19.85 35.96
CA GLU F 187 -31.18 -19.18 34.96
C GLU F 187 -31.53 -17.76 35.44
N ASP F 188 -31.69 -17.58 36.77
CA ASP F 188 -32.07 -16.26 37.27
C ASP F 188 -30.90 -15.28 37.31
N GLN F 189 -29.70 -15.69 36.86
CA GLN F 189 -28.57 -14.76 36.72
C GLN F 189 -28.28 -14.42 35.25
N ILE F 190 -28.92 -15.14 34.32
CA ILE F 190 -28.60 -15.01 32.91
C ILE F 190 -29.64 -14.14 32.22
N TYR F 191 -29.17 -13.03 31.63
CA TYR F 191 -29.96 -12.07 30.89
C TYR F 191 -29.54 -12.03 29.41
N ARG F 192 -30.17 -12.90 28.58
CA ARG F 192 -29.99 -12.82 27.12
C ARG F 192 -30.81 -11.67 26.53
N ILE F 193 -30.15 -10.59 26.12
CA ILE F 193 -30.83 -9.36 25.78
C ILE F 193 -31.21 -9.33 24.29
N ASP F 194 -32.36 -8.68 24.06
CA ASP F 194 -32.90 -8.39 22.74
C ASP F 194 -33.10 -6.89 22.67
N HIS F 195 -32.13 -6.19 22.04
CA HIS F 195 -32.13 -4.75 21.87
C HIS F 195 -33.44 -4.24 21.25
N TYR F 196 -34.14 -5.09 20.50
CA TYR F 196 -35.22 -4.58 19.68
C TYR F 196 -36.56 -4.80 20.36
N LEU F 197 -36.58 -5.50 21.49
CA LEU F 197 -37.82 -5.69 22.19
C LEU F 197 -38.27 -4.37 22.85
N GLY F 198 -39.40 -3.90 22.34
CA GLY F 198 -40.08 -2.67 22.76
C GLY F 198 -40.97 -3.00 23.95
N LYS F 199 -40.44 -2.69 25.15
CA LYS F 199 -41.03 -3.07 26.41
C LYS F 199 -42.43 -2.44 26.54
N GLU F 200 -42.57 -1.16 26.20
CA GLU F 200 -43.81 -0.44 26.41
C GLU F 200 -44.88 -1.05 25.50
N MET F 201 -44.56 -1.33 24.22
CA MET F 201 -45.54 -1.81 23.28
C MET F 201 -45.92 -3.25 23.56
N VAL F 202 -44.98 -4.08 24.04
CA VAL F 202 -45.37 -5.43 24.37
C VAL F 202 -46.27 -5.49 25.60
N GLN F 203 -46.09 -4.59 26.56
CA GLN F 203 -46.95 -4.52 27.73
C GLN F 203 -48.30 -3.92 27.36
N ASN F 204 -48.34 -2.93 26.45
CA ASN F 204 -49.61 -2.44 25.90
C ASN F 204 -50.42 -3.64 25.38
N LEU F 205 -49.86 -4.34 24.39
CA LEU F 205 -50.45 -5.51 23.78
C LEU F 205 -51.00 -6.50 24.83
N MET F 206 -50.26 -6.77 25.92
CA MET F 206 -50.71 -7.74 26.91
C MET F 206 -51.99 -7.25 27.60
N VAL F 207 -52.03 -5.97 27.97
CA VAL F 207 -53.23 -5.44 28.57
C VAL F 207 -54.38 -5.45 27.55
N LEU F 208 -54.13 -5.08 26.28
CA LEU F 208 -55.16 -4.98 25.28
C LEU F 208 -55.91 -6.31 25.16
N ARG F 209 -55.11 -7.36 25.07
CA ARG F 209 -55.65 -8.70 24.86
C ARG F 209 -56.27 -9.29 26.13
N PHE F 210 -55.55 -9.22 27.26
CA PHE F 210 -55.86 -10.02 28.43
C PHE F 210 -56.74 -9.28 29.42
N ALA F 211 -56.89 -7.96 29.26
CA ALA F 211 -57.73 -7.15 30.14
C ALA F 211 -59.14 -6.91 29.57
N ASN F 212 -59.40 -7.40 28.36
CA ASN F 212 -60.59 -7.02 27.60
C ASN F 212 -61.28 -8.19 26.92
N ARG F 213 -62.59 -8.19 27.04
CA ARG F 213 -63.47 -9.09 26.30
C ARG F 213 -63.59 -8.67 24.84
N ILE F 214 -63.22 -7.44 24.42
CA ILE F 214 -63.46 -7.09 23.04
C ILE F 214 -62.44 -7.82 22.14
N PHE F 215 -61.20 -7.97 22.66
CA PHE F 215 -60.09 -8.51 21.88
C PHE F 215 -59.70 -9.96 22.19
N GLY F 216 -59.87 -10.38 23.45
CA GLY F 216 -59.41 -11.70 23.83
C GLY F 216 -60.15 -12.81 23.09
N PRO F 217 -61.49 -12.81 23.03
CA PRO F 217 -62.20 -13.91 22.36
C PRO F 217 -61.95 -14.10 20.86
N ILE F 218 -61.38 -13.12 20.15
CA ILE F 218 -61.13 -13.27 18.72
C ILE F 218 -59.65 -13.51 18.42
N TRP F 219 -58.84 -13.74 19.47
CA TRP F 219 -57.40 -13.91 19.34
C TRP F 219 -57.04 -15.37 19.09
N ASN F 220 -57.51 -15.89 17.97
CA ASN F 220 -57.44 -17.30 17.67
C ASN F 220 -57.67 -17.52 16.17
N ARG F 221 -57.43 -18.77 15.73
CA ARG F 221 -57.60 -19.24 14.35
C ARG F 221 -59.02 -19.13 13.77
N ASP F 222 -60.07 -19.11 14.63
CA ASP F 222 -61.42 -18.96 14.17
C ASP F 222 -61.62 -17.55 13.64
N ASN F 223 -60.74 -16.60 13.96
CA ASN F 223 -60.97 -15.19 13.61
C ASN F 223 -59.79 -14.54 12.89
N ILE F 224 -58.58 -15.10 13.00
CA ILE F 224 -57.40 -14.46 12.48
C ILE F 224 -56.92 -15.28 11.28
N ALA F 225 -56.75 -14.57 10.16
CA ALA F 225 -56.37 -15.21 8.91
C ALA F 225 -54.86 -15.32 8.83
N CYS F 226 -54.13 -14.29 9.28
CA CYS F 226 -52.68 -14.40 9.33
C CYS F 226 -52.16 -13.33 10.27
N VAL F 227 -50.90 -13.55 10.69
CA VAL F 227 -50.15 -12.59 11.49
C VAL F 227 -48.87 -12.26 10.72
N ILE F 228 -48.56 -10.98 10.62
CA ILE F 228 -47.32 -10.51 9.99
C ILE F 228 -46.47 -9.77 11.03
N LEU F 229 -45.22 -10.25 11.16
CA LEU F 229 -44.16 -9.62 11.94
C LEU F 229 -43.12 -9.07 10.96
N THR F 230 -43.06 -7.74 10.89
CA THR F 230 -42.24 -7.02 9.94
C THR F 230 -41.08 -6.31 10.65
N PHE F 231 -39.83 -6.48 10.15
CA PHE F 231 -38.68 -5.70 10.57
C PHE F 231 -37.90 -5.21 9.34
N LYS F 232 -37.92 -3.88 9.09
CA LYS F 232 -37.40 -3.28 7.86
C LYS F 232 -36.46 -2.12 8.14
N GLU F 233 -35.26 -2.15 7.51
CA GLU F 233 -34.29 -1.04 7.56
C GLU F 233 -34.17 -0.50 6.16
N PRO F 234 -34.16 0.83 5.94
CA PRO F 234 -33.88 1.39 4.61
C PRO F 234 -32.39 1.50 4.17
N PHE F 235 -31.49 1.36 5.14
CA PHE F 235 -30.03 1.43 4.95
C PHE F 235 -29.53 -0.02 4.77
N GLY F 236 -28.46 -0.17 3.97
CA GLY F 236 -27.71 -1.40 3.87
C GLY F 236 -26.63 -1.48 4.96
N THR F 237 -25.52 -2.18 4.64
CA THR F 237 -24.53 -2.59 5.62
C THR F 237 -23.47 -1.52 5.89
N GLU F 238 -23.42 -0.47 5.05
CA GLU F 238 -22.62 0.73 5.28
C GLU F 238 -21.11 0.38 5.36
N GLY F 239 -20.61 -0.51 4.49
CA GLY F 239 -19.20 -0.86 4.51
C GLY F 239 -18.72 -1.65 5.74
N ARG F 240 -19.66 -2.20 6.54
CA ARG F 240 -19.36 -2.92 7.78
C ARG F 240 -20.06 -4.28 7.82
N GLY F 241 -20.42 -4.83 6.65
CA GLY F 241 -21.22 -6.05 6.60
C GLY F 241 -20.45 -7.36 6.82
N GLY F 242 -19.09 -7.27 6.92
CA GLY F 242 -18.23 -8.42 7.09
C GLY F 242 -18.73 -9.37 8.19
N TYR F 243 -19.12 -8.83 9.36
CA TYR F 243 -19.52 -9.69 10.50
C TYR F 243 -20.90 -10.32 10.23
N PHE F 244 -21.91 -9.50 9.87
CA PHE F 244 -23.21 -9.96 9.38
C PHE F 244 -23.06 -11.07 8.35
N ASP F 245 -22.09 -10.95 7.41
CA ASP F 245 -21.96 -11.88 6.30
C ASP F 245 -21.80 -13.31 6.80
N GLU F 246 -21.29 -13.52 8.01
CA GLU F 246 -21.10 -14.86 8.55
C GLU F 246 -22.36 -15.39 9.23
N PHE F 247 -23.41 -14.57 9.31
CA PHE F 247 -24.64 -14.90 10.04
C PHE F 247 -25.86 -14.93 9.09
N GLY F 248 -26.05 -13.84 8.34
CA GLY F 248 -27.24 -13.64 7.53
C GLY F 248 -28.41 -13.15 8.36
N ILE F 249 -29.49 -12.77 7.65
CA ILE F 249 -30.62 -12.00 8.18
C ILE F 249 -31.45 -12.86 9.14
N ILE F 250 -31.58 -14.15 8.86
CA ILE F 250 -32.31 -15.06 9.72
C ILE F 250 -31.70 -15.12 11.13
N ARG F 251 -30.39 -15.39 11.21
CA ARG F 251 -29.69 -15.47 12.49
C ARG F 251 -29.66 -14.10 13.16
N ASP F 252 -29.50 -13.05 12.34
CA ASP F 252 -29.33 -11.69 12.83
C ASP F 252 -30.58 -11.23 13.58
N VAL F 253 -31.77 -11.40 13.01
CA VAL F 253 -32.95 -10.74 13.54
C VAL F 253 -34.16 -11.68 13.64
N MET F 254 -34.19 -12.80 12.92
CA MET F 254 -35.40 -13.58 12.90
C MET F 254 -35.44 -14.64 13.99
N GLN F 255 -34.36 -15.43 14.11
CA GLN F 255 -34.34 -16.56 15.01
C GLN F 255 -34.42 -16.03 16.44
N ASN F 256 -34.06 -14.76 16.65
CA ASN F 256 -33.99 -14.19 18.00
C ASN F 256 -35.19 -13.23 18.19
N HIS F 257 -35.12 -12.04 17.61
CA HIS F 257 -36.09 -10.99 17.90
C HIS F 257 -37.50 -11.34 17.36
N LEU F 258 -37.62 -11.68 16.06
CA LEU F 258 -38.94 -11.88 15.46
C LEU F 258 -39.66 -13.09 16.09
N LEU F 259 -38.89 -14.09 16.46
CA LEU F 259 -39.44 -15.26 17.10
C LEU F 259 -39.95 -14.91 18.49
N GLN F 260 -39.31 -13.94 19.15
CA GLN F 260 -39.82 -13.54 20.44
C GLN F 260 -41.19 -12.88 20.25
N MET F 261 -41.33 -12.01 19.23
CA MET F 261 -42.56 -11.29 18.97
C MET F 261 -43.68 -12.28 18.62
N LEU F 262 -43.34 -13.29 17.81
CA LEU F 262 -44.29 -14.35 17.56
C LEU F 262 -44.83 -14.95 18.87
N CYS F 263 -43.91 -15.27 19.76
CA CYS F 263 -44.26 -15.87 21.03
C CYS F 263 -45.20 -14.96 21.83
N LEU F 264 -44.97 -13.65 21.81
CA LEU F 264 -45.78 -12.72 22.61
C LEU F 264 -47.16 -12.56 22.00
N VAL F 265 -47.26 -12.71 20.67
CA VAL F 265 -48.54 -12.67 20.00
C VAL F 265 -49.32 -13.98 20.21
N ALA F 266 -48.64 -15.13 20.09
CA ALA F 266 -49.28 -16.43 20.11
C ALA F 266 -49.52 -17.01 21.52
N MET F 267 -48.82 -16.53 22.56
CA MET F 267 -48.86 -17.18 23.87
C MET F 267 -50.33 -17.29 24.37
N GLU F 268 -50.56 -18.36 25.13
CA GLU F 268 -51.69 -18.41 26.02
C GLU F 268 -51.50 -17.42 27.17
N LYS F 269 -52.65 -17.10 27.79
CA LYS F 269 -52.65 -16.28 28.97
C LYS F 269 -51.79 -16.94 30.07
N PRO F 270 -50.76 -16.27 30.61
CA PRO F 270 -49.95 -16.87 31.67
C PRO F 270 -50.76 -16.94 32.97
N ALA F 271 -50.34 -17.86 33.87
CA ALA F 271 -50.84 -17.97 35.24
C ALA F 271 -50.76 -16.65 36.00
N SER F 272 -49.78 -15.80 35.69
CA SER F 272 -49.63 -14.51 36.36
C SER F 272 -48.74 -13.66 35.44
N THR F 273 -48.46 -12.40 35.83
CA THR F 273 -47.52 -11.59 35.06
C THR F 273 -46.07 -11.73 35.51
N ASN F 274 -45.75 -12.74 36.36
CA ASN F 274 -44.38 -13.04 36.74
C ASN F 274 -43.61 -13.47 35.53
N SER F 275 -42.37 -12.97 35.46
CA SER F 275 -41.47 -13.23 34.33
C SER F 275 -41.45 -14.70 33.91
N ASP F 276 -41.39 -15.64 34.85
CA ASP F 276 -41.21 -17.02 34.46
C ASP F 276 -42.52 -17.68 34.04
N ASP F 277 -43.68 -17.22 34.51
CA ASP F 277 -44.96 -17.69 34.02
C ASP F 277 -45.09 -17.29 32.54
N VAL F 278 -44.69 -16.04 32.24
CA VAL F 278 -44.74 -15.52 30.88
C VAL F 278 -43.74 -16.26 29.97
N ARG F 279 -42.52 -16.48 30.44
CA ARG F 279 -41.55 -17.21 29.62
C ARG F 279 -41.97 -18.67 29.49
N ASP F 280 -42.63 -19.24 30.51
CA ASP F 280 -43.21 -20.57 30.30
C ASP F 280 -44.12 -20.62 29.07
N GLU F 281 -44.98 -19.59 28.88
CA GLU F 281 -45.93 -19.57 27.77
C GLU F 281 -45.22 -19.30 26.46
N LYS F 282 -44.15 -18.47 26.46
CA LYS F 282 -43.35 -18.24 25.24
C LYS F 282 -42.75 -19.59 24.77
N VAL F 283 -42.27 -20.43 25.70
CA VAL F 283 -41.69 -21.72 25.36
C VAL F 283 -42.75 -22.72 24.87
N LYS F 284 -43.92 -22.79 25.53
CA LYS F 284 -45.03 -23.64 25.06
C LYS F 284 -45.30 -23.38 23.58
N VAL F 285 -45.33 -22.10 23.16
CA VAL F 285 -45.56 -21.75 21.77
C VAL F 285 -44.52 -22.40 20.86
N LEU F 286 -43.23 -22.19 21.18
CA LEU F 286 -42.11 -22.64 20.34
C LEU F 286 -42.14 -24.15 20.21
N LYS F 287 -42.50 -24.84 21.29
CA LYS F 287 -42.61 -26.28 21.23
C LYS F 287 -43.72 -26.75 20.32
N CYS F 288 -44.65 -25.86 19.94
CA CYS F 288 -45.70 -26.27 19.02
C CYS F 288 -45.33 -25.88 17.60
N ILE F 289 -44.09 -25.44 17.35
CA ILE F 289 -43.67 -25.05 16.00
C ILE F 289 -42.69 -26.08 15.46
N SER F 290 -42.97 -26.61 14.25
CA SER F 290 -42.12 -27.60 13.60
C SER F 290 -40.95 -26.94 12.89
N GLU F 291 -39.93 -27.73 12.57
CA GLU F 291 -38.76 -27.22 11.86
C GLU F 291 -39.23 -26.62 10.55
N VAL F 292 -38.81 -25.38 10.26
CA VAL F 292 -39.28 -24.70 9.08
C VAL F 292 -38.55 -25.25 7.85
N GLN F 293 -39.32 -25.46 6.77
CA GLN F 293 -38.78 -26.00 5.53
C GLN F 293 -38.71 -24.90 4.48
N ALA F 294 -37.86 -25.18 3.46
CA ALA F 294 -37.45 -24.24 2.45
C ALA F 294 -38.63 -23.76 1.58
N ASN F 295 -39.65 -24.61 1.35
CA ASN F 295 -40.83 -24.23 0.58
C ASN F 295 -41.59 -23.05 1.22
N ASN F 296 -41.33 -22.79 2.51
CA ASN F 296 -41.92 -21.67 3.25
C ASN F 296 -40.96 -20.50 3.43
N VAL F 297 -39.93 -20.42 2.58
CA VAL F 297 -38.89 -19.42 2.79
C VAL F 297 -38.54 -18.79 1.47
N VAL F 298 -38.34 -17.47 1.54
CA VAL F 298 -37.84 -16.68 0.43
C VAL F 298 -36.66 -15.86 0.91
N LEU F 299 -35.48 -15.99 0.28
CA LEU F 299 -34.28 -15.25 0.65
C LEU F 299 -34.00 -14.24 -0.46
N GLY F 300 -33.49 -13.07 -0.08
CA GLY F 300 -33.06 -12.06 -1.04
C GLY F 300 -31.73 -11.42 -0.64
N GLN F 301 -31.09 -10.74 -1.61
CA GLN F 301 -29.84 -10.02 -1.34
C GLN F 301 -29.87 -8.70 -2.10
N TYR F 302 -29.61 -7.55 -1.43
CA TYR F 302 -29.78 -6.28 -2.14
C TYR F 302 -28.66 -6.00 -3.15
N VAL F 303 -29.06 -5.31 -4.23
CA VAL F 303 -28.16 -4.79 -5.23
C VAL F 303 -28.30 -3.27 -5.27
N GLY F 304 -27.33 -2.58 -5.87
CA GLY F 304 -27.42 -1.13 -5.96
C GLY F 304 -28.60 -0.69 -6.82
N ASN F 305 -29.01 0.56 -6.58
CA ASN F 305 -30.04 1.20 -7.39
C ASN F 305 -29.30 2.09 -8.39
N PRO F 306 -29.37 1.80 -9.73
CA PRO F 306 -28.68 2.62 -10.73
C PRO F 306 -29.13 4.09 -10.64
N ASP F 307 -30.39 4.35 -10.24
CA ASP F 307 -30.95 5.69 -10.15
C ASP F 307 -30.75 6.32 -8.77
N GLY F 308 -30.11 5.65 -7.83
CA GLY F 308 -29.94 6.18 -6.47
C GLY F 308 -28.83 7.22 -6.38
N GLU F 309 -28.66 7.78 -5.17
CA GLU F 309 -27.49 8.59 -4.82
C GLU F 309 -26.83 7.97 -3.58
N GLY F 310 -25.59 8.41 -3.25
CA GLY F 310 -24.86 7.95 -2.08
C GLY F 310 -24.80 6.42 -2.01
N GLU F 311 -24.95 5.90 -0.78
CA GLU F 311 -24.86 4.46 -0.51
C GLU F 311 -25.88 3.62 -1.29
N ALA F 312 -26.95 4.24 -1.77
CA ALA F 312 -28.07 3.52 -2.35
C ALA F 312 -27.67 2.89 -3.68
N THR F 313 -26.55 3.39 -4.26
CA THR F 313 -26.07 2.91 -5.55
C THR F 313 -25.24 1.63 -5.39
N LYS F 314 -24.96 1.22 -4.16
CA LYS F 314 -24.08 0.10 -3.89
C LYS F 314 -24.88 -1.09 -3.35
N GLY F 315 -24.69 -2.25 -4.01
CA GLY F 315 -25.18 -3.52 -3.54
C GLY F 315 -24.48 -4.06 -2.31
N TYR F 316 -24.97 -5.21 -1.86
CA TYR F 316 -24.40 -5.85 -0.68
C TYR F 316 -22.96 -6.26 -0.96
N LEU F 317 -22.70 -6.75 -2.19
CA LEU F 317 -21.42 -7.26 -2.61
C LEU F 317 -20.40 -6.12 -2.77
N ASP F 318 -20.91 -4.89 -3.04
CA ASP F 318 -20.05 -3.72 -3.13
C ASP F 318 -19.57 -3.29 -1.76
N ASP F 319 -19.98 -3.99 -0.70
CA ASP F 319 -19.40 -3.68 0.60
C ASP F 319 -17.96 -4.24 0.56
N PRO F 320 -16.94 -3.35 0.81
CA PRO F 320 -15.54 -3.76 0.79
C PRO F 320 -15.26 -4.91 1.76
N THR F 321 -15.98 -5.01 2.89
CA THR F 321 -15.70 -6.05 3.89
C THR F 321 -16.50 -7.33 3.65
N VAL F 322 -17.17 -7.44 2.47
CA VAL F 322 -18.02 -8.58 2.19
C VAL F 322 -17.36 -9.35 1.03
N PRO F 323 -17.08 -10.68 1.19
CA PRO F 323 -16.59 -11.51 0.07
C PRO F 323 -17.39 -11.33 -1.23
N ARG F 324 -16.69 -11.21 -2.37
CA ARG F 324 -17.43 -11.18 -3.63
C ARG F 324 -17.99 -12.61 -3.80
N GLY F 325 -19.19 -12.68 -4.38
CA GLY F 325 -19.94 -13.94 -4.43
C GLY F 325 -20.30 -14.57 -3.06
N SER F 326 -20.38 -13.81 -1.96
CA SER F 326 -21.16 -14.22 -0.79
C SER F 326 -22.60 -14.53 -1.22
N THR F 327 -23.24 -15.60 -0.72
CA THR F 327 -24.65 -15.83 -1.03
C THR F 327 -25.57 -15.52 0.18
N THR F 328 -25.05 -14.75 1.15
CA THR F 328 -25.74 -14.49 2.41
C THR F 328 -26.94 -13.60 2.13
N ALA F 329 -28.04 -13.91 2.84
CA ALA F 329 -29.31 -13.20 2.63
C ALA F 329 -29.33 -11.92 3.46
N THR F 330 -29.65 -10.78 2.82
CA THR F 330 -29.99 -9.54 3.52
C THR F 330 -31.52 -9.34 3.71
N PHE F 331 -32.32 -10.28 3.16
CA PHE F 331 -33.76 -10.28 3.24
C PHE F 331 -34.23 -11.72 3.44
N ALA F 332 -35.20 -11.92 4.34
CA ALA F 332 -35.92 -13.18 4.39
C ALA F 332 -37.40 -12.93 4.68
N ALA F 333 -38.26 -13.75 4.06
CA ALA F 333 -39.65 -13.89 4.43
C ALA F 333 -39.85 -15.34 4.74
N VAL F 334 -40.39 -15.61 5.94
CA VAL F 334 -40.55 -16.97 6.43
C VAL F 334 -41.97 -17.18 6.98
N VAL F 335 -42.54 -18.38 6.74
CA VAL F 335 -43.83 -18.69 7.31
C VAL F 335 -43.71 -19.85 8.28
N LEU F 336 -44.19 -19.58 9.51
CA LEU F 336 -44.25 -20.58 10.57
C LEU F 336 -45.70 -20.81 10.97
N TYR F 337 -45.90 -22.02 11.51
CA TYR F 337 -47.18 -22.45 11.98
C TYR F 337 -47.01 -22.88 13.43
N VAL F 338 -47.93 -22.37 14.26
CA VAL F 338 -48.10 -22.81 15.63
C VAL F 338 -49.22 -23.85 15.65
N GLU F 339 -48.80 -25.10 15.89
CA GLU F 339 -49.67 -26.25 15.76
C GLU F 339 -50.35 -26.58 17.07
N ASN F 340 -51.30 -25.75 17.50
CA ASN F 340 -52.01 -25.95 18.73
C ASN F 340 -53.47 -25.50 18.57
N GLU F 341 -54.26 -25.55 19.67
CA GLU F 341 -55.70 -25.33 19.64
C GLU F 341 -56.01 -23.93 19.14
N ARG F 342 -55.18 -22.97 19.58
CA ARG F 342 -55.46 -21.58 19.35
C ARG F 342 -55.12 -21.17 17.91
N TRP F 343 -54.09 -21.77 17.30
CA TRP F 343 -53.46 -21.20 16.11
C TRP F 343 -53.37 -22.11 14.89
N ASP F 344 -53.67 -23.42 15.01
CA ASP F 344 -53.34 -24.33 13.92
C ASP F 344 -53.93 -23.80 12.61
N GLY F 345 -53.04 -23.77 11.59
CA GLY F 345 -53.41 -23.37 10.25
C GLY F 345 -53.13 -21.88 9.98
N VAL F 346 -52.95 -21.09 11.04
CA VAL F 346 -52.74 -19.66 10.88
C VAL F 346 -51.29 -19.38 10.52
N PRO F 347 -51.01 -18.82 9.33
CA PRO F 347 -49.65 -18.51 8.94
C PRO F 347 -49.12 -17.34 9.76
N PHE F 348 -47.95 -17.56 10.37
CA PHE F 348 -47.20 -16.48 10.95
C PHE F 348 -46.06 -16.13 10.00
N ILE F 349 -46.14 -14.91 9.46
CA ILE F 349 -45.26 -14.45 8.41
C ILE F 349 -44.26 -13.51 9.03
N LEU F 350 -42.98 -13.88 8.97
CA LEU F 350 -41.87 -13.09 9.49
C LEU F 350 -41.18 -12.52 8.27
N ARG F 351 -41.14 -11.21 8.15
CA ARG F 351 -40.60 -10.58 6.96
C ARG F 351 -39.62 -9.48 7.40
N CYS F 352 -38.33 -9.60 7.03
CA CYS F 352 -37.32 -8.62 7.43
C CYS F 352 -36.29 -8.39 6.33
N GLY F 353 -35.65 -7.21 6.34
CA GLY F 353 -34.43 -7.10 5.56
C GLY F 353 -33.81 -5.71 5.64
N LYS F 354 -32.62 -5.58 5.00
CA LYS F 354 -31.93 -4.29 4.87
C LYS F 354 -32.17 -3.70 3.48
N ALA F 355 -31.86 -2.41 3.34
CA ALA F 355 -31.95 -1.69 2.06
C ALA F 355 -33.38 -1.77 1.47
N LEU F 356 -34.39 -1.64 2.33
CA LEU F 356 -35.79 -1.68 1.92
C LEU F 356 -36.32 -0.23 1.86
N ASN F 357 -37.64 -0.06 1.70
CA ASN F 357 -38.24 1.23 1.36
C ASN F 357 -38.50 2.09 2.59
N GLU F 358 -38.42 1.55 3.82
CA GLU F 358 -38.72 2.34 5.01
C GLU F 358 -38.19 1.64 6.26
N ARG F 359 -38.12 2.39 7.35
CA ARG F 359 -37.89 1.83 8.69
C ARG F 359 -39.25 1.47 9.26
N LYS F 360 -39.45 0.20 9.63
CA LYS F 360 -40.69 -0.25 10.17
C LYS F 360 -40.44 -1.46 11.04
N ALA F 361 -41.02 -1.45 12.24
CA ALA F 361 -41.13 -2.64 13.05
C ALA F 361 -42.56 -2.73 13.58
N GLU F 362 -43.20 -3.90 13.39
CA GLU F 362 -44.64 -3.92 13.37
C GLU F 362 -45.16 -5.34 13.52
N VAL F 363 -46.23 -5.46 14.31
CA VAL F 363 -47.06 -6.66 14.33
C VAL F 363 -48.43 -6.31 13.74
N ARG F 364 -48.92 -7.14 12.82
CA ARG F 364 -50.19 -6.91 12.12
C ARG F 364 -51.00 -8.21 12.24
N LEU F 365 -52.21 -8.12 12.83
CA LEU F 365 -53.15 -9.23 12.78
C LEU F 365 -54.18 -8.92 11.69
N GLN F 366 -54.26 -9.80 10.68
CA GLN F 366 -55.29 -9.66 9.64
C GLN F 366 -56.39 -10.70 9.91
N PHE F 367 -57.60 -10.18 10.22
CA PHE F 367 -58.76 -11.02 10.55
C PHE F 367 -59.41 -11.58 9.29
N HIS F 368 -60.04 -12.74 9.45
CA HIS F 368 -60.93 -13.30 8.43
C HIS F 368 -62.04 -12.32 8.03
N ASP F 369 -62.52 -12.59 6.81
CA ASP F 369 -63.69 -11.90 6.26
C ASP F 369 -64.89 -12.27 7.12
N VAL F 370 -65.94 -11.45 7.12
CA VAL F 370 -67.13 -11.89 7.84
C VAL F 370 -67.72 -13.05 7.06
N ALA F 371 -68.30 -14.03 7.79
CA ALA F 371 -69.01 -15.16 7.25
C ALA F 371 -70.38 -14.74 6.67
N GLY F 372 -70.39 -14.41 5.37
CA GLY F 372 -71.58 -13.97 4.66
C GLY F 372 -71.64 -12.46 4.67
N ASP F 373 -71.53 -11.83 3.49
CA ASP F 373 -71.40 -10.38 3.39
C ASP F 373 -72.74 -9.81 2.94
N ILE F 374 -73.51 -9.14 3.83
CA ILE F 374 -74.83 -8.62 3.42
C ILE F 374 -74.72 -7.18 2.87
N PHE F 375 -73.47 -6.72 2.68
CA PHE F 375 -73.18 -5.35 2.25
C PHE F 375 -72.49 -5.36 0.88
N HIS F 376 -72.89 -6.32 0.01
CA HIS F 376 -72.52 -6.35 -1.40
C HIS F 376 -70.99 -6.38 -1.52
N GLN F 377 -70.32 -7.23 -0.73
CA GLN F 377 -68.88 -7.53 -0.84
C GLN F 377 -67.98 -6.29 -0.59
N GLN F 378 -68.48 -5.22 0.04
CA GLN F 378 -67.70 -4.00 0.28
C GLN F 378 -66.80 -4.10 1.51
N CYS F 379 -66.85 -5.20 2.27
CA CYS F 379 -66.15 -5.30 3.56
C CYS F 379 -64.70 -5.78 3.38
N LYS F 380 -63.72 -4.95 3.76
CA LYS F 380 -62.33 -5.38 3.85
C LYS F 380 -62.05 -6.06 5.20
N ARG F 381 -61.09 -6.98 5.19
CA ARG F 381 -60.64 -7.59 6.43
C ARG F 381 -60.18 -6.55 7.45
N ASN F 382 -60.68 -6.75 8.67
CA ASN F 382 -60.25 -5.96 9.80
C ASN F 382 -58.78 -6.31 10.07
N GLU F 383 -58.03 -5.31 10.57
CA GLU F 383 -56.69 -5.51 11.09
C GLU F 383 -56.49 -4.79 12.42
N LEU F 384 -55.59 -5.41 13.21
CA LEU F 384 -55.00 -4.80 14.39
C LEU F 384 -53.49 -4.67 14.17
N VAL F 385 -53.03 -3.43 14.29
CA VAL F 385 -51.64 -3.08 13.98
C VAL F 385 -50.98 -2.50 15.22
N ILE F 386 -49.85 -3.08 15.64
CA ILE F 386 -48.99 -2.56 16.70
C ILE F 386 -47.66 -2.21 16.06
N ARG F 387 -47.43 -0.90 15.87
CA ARG F 387 -46.18 -0.45 15.31
C ARG F 387 -45.23 -0.03 16.44
N VAL F 388 -43.96 -0.44 16.33
CA VAL F 388 -42.93 -0.12 17.31
C VAL F 388 -42.10 1.04 16.73
N GLN F 389 -41.49 0.90 15.54
CA GLN F 389 -40.79 1.99 14.86
C GLN F 389 -41.45 2.12 13.49
N PRO F 390 -41.52 3.28 12.81
CA PRO F 390 -40.86 4.51 13.24
C PRO F 390 -41.48 5.17 14.48
N ASN F 391 -42.83 5.20 14.58
CA ASN F 391 -43.52 5.86 15.70
C ASN F 391 -44.54 4.90 16.26
N GLU F 392 -44.38 4.58 17.55
CA GLU F 392 -45.21 3.65 18.31
C GLU F 392 -46.71 4.00 18.11
N ALA F 393 -47.57 2.98 17.86
CA ALA F 393 -49.02 3.16 17.68
C ALA F 393 -49.68 1.79 17.80
N VAL F 394 -50.90 1.76 18.41
CA VAL F 394 -51.83 0.63 18.28
C VAL F 394 -53.06 1.14 17.57
N TYR F 395 -53.50 0.49 16.48
CA TYR F 395 -54.73 0.94 15.83
C TYR F 395 -55.43 -0.25 15.16
N THR F 396 -56.69 -0.02 14.79
CA THR F 396 -57.55 -1.06 14.22
C THR F 396 -58.18 -0.63 13.01
N LYS F 397 -57.94 -1.25 11.84
CA LYS F 397 -58.68 -0.98 10.61
C LYS F 397 -60.03 -1.70 10.75
N MET F 398 -61.14 -0.97 10.62
CA MET F 398 -62.42 -1.65 10.67
C MET F 398 -63.42 -0.93 9.77
N MET F 399 -64.57 -1.55 9.51
CA MET F 399 -65.59 -0.96 8.66
C MET F 399 -66.64 -0.17 9.46
N THR F 400 -67.05 0.99 8.93
CA THR F 400 -67.88 1.96 9.62
C THR F 400 -68.95 2.42 8.64
N LYS F 401 -70.09 2.95 9.12
CA LYS F 401 -71.05 3.40 8.11
C LYS F 401 -70.74 4.81 7.65
N LYS F 402 -70.77 5.01 6.34
CA LYS F 402 -70.78 6.31 5.68
C LYS F 402 -72.17 6.92 5.93
N PRO F 403 -72.34 8.19 6.38
CA PRO F 403 -73.69 8.78 6.43
C PRO F 403 -74.46 8.64 5.12
N GLY F 404 -75.79 8.47 5.20
CA GLY F 404 -76.51 8.16 3.98
C GLY F 404 -77.55 7.06 4.15
N MET F 405 -78.28 6.83 3.06
CA MET F 405 -79.53 6.07 2.99
C MET F 405 -79.36 4.58 3.25
N PHE F 406 -78.46 3.87 2.55
CA PHE F 406 -78.41 2.43 2.52
C PHE F 406 -77.29 2.02 3.52
N PHE F 407 -76.52 0.98 3.23
CA PHE F 407 -75.46 0.60 4.15
C PHE F 407 -74.15 0.65 3.39
N ASN F 408 -73.49 1.81 3.38
CA ASN F 408 -72.21 1.90 2.69
C ASN F 408 -71.12 1.95 3.75
N PRO F 409 -70.48 0.80 3.98
CA PRO F 409 -69.34 0.70 4.89
C PRO F 409 -68.07 1.27 4.25
N GLU F 410 -67.22 1.96 4.99
CA GLU F 410 -65.93 2.37 4.47
C GLU F 410 -64.88 1.93 5.48
N GLU F 411 -63.65 1.62 5.03
CA GLU F 411 -62.55 1.27 5.93
C GLU F 411 -62.19 2.52 6.73
N SER F 412 -61.90 2.39 8.01
CA SER F 412 -61.50 3.47 8.89
C SER F 412 -60.37 2.96 9.80
N GLU F 413 -59.70 3.81 10.59
CA GLU F 413 -58.78 3.37 11.63
C GLU F 413 -59.15 3.97 13.00
N LEU F 414 -59.05 3.18 14.08
CA LEU F 414 -59.18 3.75 15.40
C LEU F 414 -57.85 3.65 16.13
N ASP F 415 -57.43 4.77 16.74
CA ASP F 415 -56.27 4.80 17.60
C ASP F 415 -56.56 4.22 19.00
N LEU F 416 -55.89 3.14 19.39
CA LEU F 416 -56.09 2.46 20.67
C LEU F 416 -54.89 2.62 21.63
N THR F 417 -53.93 3.49 21.29
CA THR F 417 -52.59 3.43 21.88
C THR F 417 -52.69 3.44 23.43
N TYR F 418 -53.18 4.58 23.96
CA TYR F 418 -53.41 4.87 25.37
C TYR F 418 -54.90 5.21 25.58
N GLY F 419 -55.78 4.60 24.76
CA GLY F 419 -57.21 4.91 24.69
C GLY F 419 -57.46 6.33 24.17
N ASN F 420 -58.32 7.09 24.87
CA ASN F 420 -58.53 8.52 24.62
C ASN F 420 -57.66 9.35 25.59
N ARG F 421 -57.10 8.69 26.61
CA ARG F 421 -56.53 9.34 27.78
C ARG F 421 -55.41 10.33 27.47
N TYR F 422 -54.39 9.93 26.68
CA TYR F 422 -53.16 10.69 26.57
C TYR F 422 -52.92 11.16 25.13
N LYS F 423 -52.90 12.49 24.92
CA LYS F 423 -52.73 13.17 23.64
C LYS F 423 -51.37 12.86 22.96
N ASN F 424 -50.23 13.20 23.57
CA ASN F 424 -48.88 12.82 23.18
C ASN F 424 -48.36 12.02 24.38
N VAL F 425 -47.46 11.04 24.19
CA VAL F 425 -46.69 10.46 25.29
C VAL F 425 -45.28 10.12 24.78
N LYS F 426 -44.22 10.72 25.37
CA LYS F 426 -42.85 10.46 24.94
C LYS F 426 -42.14 9.52 25.95
N LEU F 427 -41.78 8.32 25.47
CA LEU F 427 -41.19 7.28 26.31
C LEU F 427 -39.66 7.37 26.32
N PRO F 428 -39.00 7.00 27.45
CA PRO F 428 -37.61 6.55 27.42
C PRO F 428 -37.40 5.38 26.47
N ASP F 429 -36.30 5.49 25.72
CA ASP F 429 -35.65 4.43 24.96
C ASP F 429 -36.00 3.05 25.57
N ALA F 430 -36.41 2.10 24.70
CA ALA F 430 -36.79 0.76 25.13
C ALA F 430 -35.61 0.02 25.78
N TYR F 431 -34.40 0.29 25.25
CA TYR F 431 -33.17 -0.35 25.66
C TYR F 431 -32.78 0.14 27.06
N GLU F 432 -32.91 1.45 27.32
CA GLU F 432 -32.78 2.04 28.63
C GLU F 432 -33.65 1.26 29.62
N ARG F 433 -34.89 0.96 29.22
CA ARG F 433 -35.85 0.27 30.09
C ARG F 433 -35.46 -1.18 30.28
N LEU F 434 -34.79 -1.75 29.29
CA LEU F 434 -34.41 -3.17 29.33
C LEU F 434 -33.23 -3.34 30.32
N ILE F 435 -32.30 -2.39 30.35
CA ILE F 435 -31.20 -2.50 31.30
C ILE F 435 -31.72 -2.29 32.70
N LEU F 436 -32.66 -1.35 32.83
CA LEU F 436 -33.33 -1.16 34.10
C LEU F 436 -34.02 -2.43 34.58
N ASP F 437 -34.60 -3.21 33.69
CA ASP F 437 -35.18 -4.49 34.10
C ASP F 437 -34.13 -5.38 34.80
N VAL F 438 -32.84 -5.31 34.39
CA VAL F 438 -31.84 -6.18 34.97
C VAL F 438 -31.59 -5.73 36.42
N PHE F 439 -31.55 -4.41 36.63
CA PHE F 439 -31.51 -3.87 37.98
C PHE F 439 -32.69 -4.39 38.83
N CYS F 440 -33.85 -4.59 38.21
CA CYS F 440 -35.10 -4.95 38.88
C CYS F 440 -35.30 -6.44 39.02
N GLY F 441 -34.41 -7.25 38.44
CA GLY F 441 -34.57 -8.69 38.51
C GLY F 441 -35.73 -9.20 37.64
N SER F 442 -36.06 -8.48 36.56
CA SER F 442 -37.17 -8.83 35.69
C SER F 442 -36.71 -9.46 34.34
N GLN F 443 -36.95 -10.76 34.16
CA GLN F 443 -36.38 -11.57 33.09
C GLN F 443 -37.37 -11.81 31.91
N MET F 444 -38.60 -11.30 32.05
CA MET F 444 -39.70 -11.47 31.09
C MET F 444 -39.27 -11.42 29.60
N HIS F 445 -38.55 -10.34 29.24
CA HIS F 445 -38.14 -9.97 27.90
C HIS F 445 -36.74 -10.45 27.49
N PHE F 446 -36.20 -11.40 28.26
CA PHE F 446 -34.92 -11.96 28.01
C PHE F 446 -35.17 -13.44 27.72
N VAL F 447 -34.38 -13.95 26.77
CA VAL F 447 -34.58 -15.29 26.27
C VAL F 447 -34.03 -16.29 27.29
N ARG F 448 -34.87 -17.27 27.63
CA ARG F 448 -34.53 -18.29 28.58
C ARG F 448 -33.86 -19.47 27.84
N SER F 449 -33.08 -20.30 28.56
CA SER F 449 -32.30 -21.35 27.93
C SER F 449 -33.18 -22.33 27.18
N ASP F 450 -34.30 -22.77 27.79
CA ASP F 450 -35.20 -23.73 27.15
C ASP F 450 -35.82 -23.14 25.86
N GLU F 451 -36.19 -21.84 25.96
CA GLU F 451 -36.72 -21.03 24.89
C GLU F 451 -35.73 -20.97 23.73
N LEU F 452 -34.47 -20.70 24.07
CA LEU F 452 -33.42 -20.62 23.07
C LEU F 452 -33.24 -21.93 22.30
N ARG F 453 -33.27 -23.06 23.01
CA ARG F 453 -33.07 -24.35 22.34
C ARG F 453 -34.16 -24.54 21.28
N GLU F 454 -35.41 -24.20 21.66
CA GLU F 454 -36.56 -24.34 20.78
C GLU F 454 -36.37 -23.48 19.53
N ALA F 455 -35.89 -22.23 19.73
CA ALA F 455 -35.65 -21.32 18.64
C ALA F 455 -34.65 -21.92 17.63
N TRP F 456 -33.58 -22.56 18.13
CA TRP F 456 -32.58 -23.14 17.26
C TRP F 456 -33.10 -24.41 16.59
N ARG F 457 -33.89 -25.23 17.29
CA ARG F 457 -34.44 -26.45 16.68
C ARG F 457 -35.31 -26.11 15.47
N ILE F 458 -36.10 -25.04 15.59
CA ILE F 458 -36.96 -24.56 14.52
C ILE F 458 -36.14 -24.19 13.28
N PHE F 459 -35.06 -23.42 13.46
CA PHE F 459 -34.32 -22.88 12.33
C PHE F 459 -33.10 -23.69 11.90
N THR F 460 -32.64 -24.68 12.68
CA THR F 460 -31.31 -25.24 12.44
C THR F 460 -31.31 -26.10 11.17
N PRO F 461 -32.28 -27.03 10.94
CA PRO F 461 -32.28 -27.80 9.68
C PRO F 461 -32.22 -26.88 8.45
N LEU F 462 -32.97 -25.80 8.45
CA LEU F 462 -33.00 -24.90 7.33
C LEU F 462 -31.64 -24.23 7.17
N LEU F 463 -31.04 -23.71 8.26
CA LEU F 463 -29.78 -23.01 8.14
C LEU F 463 -28.70 -23.96 7.66
N HIS F 464 -28.72 -25.23 8.07
CA HIS F 464 -27.77 -26.22 7.61
C HIS F 464 -27.93 -26.41 6.10
N GLN F 465 -29.19 -26.54 5.66
CA GLN F 465 -29.50 -26.74 4.25
C GLN F 465 -28.97 -25.57 3.40
N ILE F 466 -29.19 -24.34 3.88
CA ILE F 466 -28.72 -23.13 3.21
C ILE F 466 -27.19 -23.19 3.10
N GLU F 467 -26.50 -23.55 4.20
CA GLU F 467 -25.04 -23.52 4.23
C GLU F 467 -24.45 -24.56 3.30
N LEU F 468 -25.12 -25.71 3.20
CA LEU F 468 -24.64 -26.81 2.39
C LEU F 468 -24.99 -26.63 0.91
N GLU F 469 -26.22 -26.20 0.57
CA GLU F 469 -26.60 -26.09 -0.83
C GLU F 469 -26.22 -24.73 -1.39
N LYS F 470 -25.87 -23.77 -0.53
CA LYS F 470 -25.51 -22.41 -0.96
C LYS F 470 -26.51 -21.87 -2.01
N PRO F 471 -27.84 -21.84 -1.75
CA PRO F 471 -28.81 -21.27 -2.69
C PRO F 471 -28.52 -19.82 -2.95
N LYS F 472 -28.67 -19.44 -4.22
CA LYS F 472 -28.37 -18.09 -4.68
C LYS F 472 -29.53 -17.20 -4.23
N PRO F 473 -29.40 -16.16 -3.37
CA PRO F 473 -30.57 -15.38 -2.95
C PRO F 473 -31.06 -14.51 -4.11
N ILE F 474 -32.34 -14.12 -4.03
CA ILE F 474 -33.00 -13.36 -5.07
C ILE F 474 -32.59 -11.88 -4.96
N PRO F 475 -32.17 -11.25 -6.08
CA PRO F 475 -31.77 -9.85 -6.00
C PRO F 475 -32.97 -8.91 -5.86
N TYR F 476 -32.75 -7.77 -5.20
CA TYR F 476 -33.78 -6.77 -5.01
C TYR F 476 -33.07 -5.42 -4.92
N ILE F 477 -33.64 -4.43 -5.63
CA ILE F 477 -33.04 -3.12 -5.78
C ILE F 477 -33.14 -2.44 -4.41
N TYR F 478 -32.05 -1.78 -4.05
CA TYR F 478 -31.95 -0.98 -2.84
C TYR F 478 -33.07 0.05 -2.85
N GLY F 479 -33.89 0.02 -1.79
CA GLY F 479 -34.97 0.98 -1.59
C GLY F 479 -36.33 0.40 -2.00
N SER F 480 -36.35 -0.83 -2.52
CA SER F 480 -37.59 -1.51 -2.88
C SER F 480 -38.15 -2.25 -1.66
N ARG F 481 -39.26 -2.98 -1.80
CA ARG F 481 -39.81 -3.75 -0.72
C ARG F 481 -39.26 -5.17 -0.72
N GLY F 482 -38.29 -5.46 -1.59
CA GLY F 482 -37.69 -6.78 -1.62
C GLY F 482 -38.21 -7.64 -2.74
N PRO F 483 -37.80 -8.94 -2.83
CA PRO F 483 -38.21 -9.82 -3.90
C PRO F 483 -39.72 -9.98 -3.96
N THR F 484 -40.28 -9.94 -5.20
CA THR F 484 -41.72 -10.01 -5.37
C THR F 484 -42.16 -11.42 -5.00
N GLU F 485 -41.24 -12.40 -5.02
CA GLU F 485 -41.50 -13.77 -4.56
C GLU F 485 -41.97 -13.84 -3.09
N ALA F 486 -41.55 -12.83 -2.29
CA ALA F 486 -42.01 -12.75 -0.90
C ALA F 486 -43.52 -12.44 -0.87
N ASP F 487 -43.96 -11.49 -1.72
CA ASP F 487 -45.38 -11.18 -1.92
C ASP F 487 -46.17 -12.43 -2.34
N GLU F 488 -45.61 -13.27 -3.24
CA GLU F 488 -46.27 -14.47 -3.71
C GLU F 488 -46.41 -15.50 -2.58
N LEU F 489 -45.37 -15.65 -1.74
CA LEU F 489 -45.44 -16.56 -0.61
C LEU F 489 -46.54 -16.10 0.36
N MET F 490 -46.61 -14.79 0.59
CA MET F 490 -47.63 -14.25 1.48
C MET F 490 -49.05 -14.46 0.93
N LYS F 491 -49.31 -14.16 -0.37
CA LYS F 491 -50.60 -14.45 -1.04
C LYS F 491 -50.92 -15.95 -0.91
N ARG F 492 -49.93 -16.81 -1.17
CA ARG F 492 -50.14 -18.24 -1.21
C ARG F 492 -50.62 -18.74 0.16
N VAL F 493 -50.21 -18.12 1.28
CA VAL F 493 -50.54 -18.69 2.59
C VAL F 493 -51.76 -18.00 3.20
N GLY F 494 -52.32 -16.94 2.57
CA GLY F 494 -53.65 -16.44 2.93
C GLY F 494 -53.71 -14.93 3.15
N PHE F 495 -52.66 -14.18 2.80
CA PHE F 495 -52.62 -12.76 3.07
C PHE F 495 -53.24 -12.04 1.87
N GLN F 496 -53.93 -10.88 2.10
CA GLN F 496 -54.49 -10.01 1.07
C GLN F 496 -53.94 -8.58 1.09
N TYR F 497 -53.77 -7.94 -0.09
CA TYR F 497 -52.93 -6.75 -0.22
C TYR F 497 -53.71 -5.44 -0.07
N SER G 1 -47.90 10.03 -50.95
CA SER G 1 -48.69 11.03 -51.76
C SER G 1 -50.13 10.60 -52.16
N ARG G 2 -51.20 11.27 -51.69
CA ARG G 2 -52.55 10.72 -51.80
C ARG G 2 -53.04 10.69 -53.26
N THR G 3 -52.77 11.72 -54.09
CA THR G 3 -53.28 11.57 -55.47
C THR G 3 -52.20 11.01 -56.40
N GLN G 4 -50.99 10.66 -55.96
CA GLN G 4 -50.17 9.75 -56.77
C GLN G 4 -50.65 8.31 -56.67
N VAL G 5 -51.09 7.91 -55.47
CA VAL G 5 -51.78 6.64 -55.20
C VAL G 5 -53.03 6.53 -56.09
N CYS G 6 -53.85 7.60 -56.21
CA CYS G 6 -55.01 7.62 -57.10
C CYS G 6 -54.59 7.50 -58.58
N GLY G 7 -53.44 8.05 -58.99
CA GLY G 7 -52.90 7.83 -60.33
C GLY G 7 -52.64 6.34 -60.65
N ILE G 8 -52.05 5.65 -59.67
CA ILE G 8 -51.71 4.24 -59.78
C ILE G 8 -53.02 3.43 -59.88
N LEU G 9 -53.97 3.72 -58.99
CA LEU G 9 -55.27 3.07 -58.99
C LEU G 9 -56.05 3.26 -60.30
N ARG G 10 -56.12 4.50 -60.82
CA ARG G 10 -56.83 4.80 -62.07
C ARG G 10 -56.23 3.97 -63.20
N GLU G 11 -54.88 3.89 -63.24
CA GLU G 11 -54.22 3.20 -64.34
C GLU G 11 -54.52 1.69 -64.24
N GLU G 12 -54.66 1.16 -63.01
CA GLU G 12 -54.98 -0.25 -62.77
C GLU G 12 -56.43 -0.58 -63.17
N LEU G 13 -57.38 0.29 -62.81
CA LEU G 13 -58.78 0.20 -63.21
C LEU G 13 -58.90 0.17 -64.75
N PHE G 14 -58.13 1.06 -65.42
CA PHE G 14 -58.10 1.11 -66.88
C PHE G 14 -57.56 -0.22 -67.44
N GLN G 15 -56.35 -0.68 -67.01
CA GLN G 15 -55.81 -1.93 -67.57
C GLN G 15 -56.75 -3.12 -67.26
N GLY G 16 -57.41 -3.21 -66.09
CA GLY G 16 -58.25 -4.35 -65.73
C GLY G 16 -59.62 -4.37 -66.45
N ASP G 17 -60.03 -5.59 -66.81
CA ASP G 17 -61.27 -5.89 -67.54
C ASP G 17 -62.53 -5.75 -66.67
N ALA G 18 -62.35 -5.82 -65.34
CA ALA G 18 -63.48 -5.94 -64.40
C ALA G 18 -64.10 -4.57 -64.12
N PHE G 19 -63.32 -3.49 -64.29
CA PHE G 19 -63.80 -2.12 -64.19
C PHE G 19 -63.91 -1.58 -65.61
N HIS G 20 -65.17 -1.28 -65.99
CA HIS G 20 -65.55 -0.93 -67.34
C HIS G 20 -65.66 0.59 -67.46
N GLN G 21 -64.51 1.24 -67.73
CA GLN G 21 -64.30 2.69 -67.67
C GLN G 21 -65.21 3.44 -68.63
N SER G 22 -65.56 2.76 -69.75
CA SER G 22 -66.34 3.35 -70.83
C SER G 22 -67.85 3.20 -70.65
N ASP G 23 -68.30 2.11 -70.02
CA ASP G 23 -69.72 1.82 -69.84
C ASP G 23 -70.36 2.79 -68.86
N THR G 24 -71.67 2.97 -69.08
CA THR G 24 -72.49 3.88 -68.28
C THR G 24 -72.83 3.18 -66.96
N HIS G 25 -72.78 3.93 -65.85
CA HIS G 25 -73.10 3.37 -64.55
C HIS G 25 -74.09 4.28 -63.86
N ILE G 26 -75.04 3.66 -63.15
CA ILE G 26 -75.90 4.45 -62.29
C ILE G 26 -75.68 4.00 -60.86
N PHE G 27 -75.41 4.97 -59.97
CA PHE G 27 -75.29 4.74 -58.54
C PHE G 27 -76.54 5.26 -57.84
N ILE G 28 -77.38 4.34 -57.32
CA ILE G 28 -78.64 4.69 -56.72
C ILE G 28 -78.50 4.63 -55.21
N ILE G 29 -78.67 5.78 -54.55
CA ILE G 29 -78.70 5.85 -53.11
C ILE G 29 -80.16 5.81 -52.62
N MET G 30 -80.60 4.60 -52.25
CA MET G 30 -81.91 4.42 -51.63
C MET G 30 -81.79 4.85 -50.18
N GLY G 31 -82.57 5.85 -49.76
CA GLY G 31 -82.40 6.43 -48.43
C GLY G 31 -81.48 7.65 -48.45
N ALA G 32 -81.55 8.42 -49.56
CA ALA G 32 -80.66 9.55 -49.84
C ALA G 32 -80.82 10.70 -48.84
N SER G 33 -81.97 10.76 -48.16
CA SER G 33 -82.29 11.80 -47.19
C SER G 33 -81.69 11.47 -45.83
N GLY G 34 -81.50 10.18 -45.52
CA GLY G 34 -81.02 9.69 -44.23
C GLY G 34 -79.58 10.08 -43.93
N ASP G 35 -79.13 9.78 -42.70
CA ASP G 35 -77.88 10.35 -42.21
C ASP G 35 -76.68 9.65 -42.84
N LEU G 36 -76.77 8.32 -43.01
CA LEU G 36 -75.69 7.58 -43.63
C LEU G 36 -75.40 8.17 -45.02
N ALA G 37 -76.44 8.44 -45.82
CA ALA G 37 -76.27 9.00 -47.15
C ALA G 37 -75.61 10.36 -47.07
N LYS G 38 -76.15 11.20 -46.17
CA LYS G 38 -75.78 12.61 -46.02
C LYS G 38 -74.31 12.72 -45.58
N LYS G 39 -73.88 11.85 -44.66
CA LYS G 39 -72.61 12.02 -43.97
C LYS G 39 -71.51 11.13 -44.53
N LYS G 40 -71.85 9.99 -45.15
CA LYS G 40 -70.86 8.98 -45.52
C LYS G 40 -70.96 8.71 -47.04
N ILE G 41 -72.17 8.39 -47.56
CA ILE G 41 -72.26 7.89 -48.93
C ILE G 41 -72.08 9.00 -49.97
N TYR G 42 -72.80 10.12 -49.85
CA TYR G 42 -72.68 11.17 -50.83
C TYR G 42 -71.24 11.72 -50.82
N PRO G 43 -70.65 12.01 -49.64
CA PRO G 43 -69.26 12.44 -49.60
C PRO G 43 -68.32 11.43 -50.27
N THR G 44 -68.54 10.13 -50.06
CA THR G 44 -67.59 9.13 -50.53
C THR G 44 -67.67 8.95 -52.05
N ILE G 45 -68.90 8.95 -52.61
CA ILE G 45 -69.07 8.88 -54.05
C ILE G 45 -68.50 10.15 -54.68
N TRP G 46 -68.62 11.28 -53.97
CA TRP G 46 -67.94 12.50 -54.37
C TRP G 46 -66.42 12.29 -54.41
N TRP G 47 -65.85 11.63 -53.38
CA TRP G 47 -64.40 11.49 -53.35
C TRP G 47 -63.94 10.65 -54.54
N LEU G 48 -64.67 9.55 -54.81
CA LEU G 48 -64.41 8.72 -55.95
C LEU G 48 -64.44 9.53 -57.24
N PHE G 49 -65.49 10.35 -57.41
CA PHE G 49 -65.64 11.14 -58.62
C PHE G 49 -64.41 12.03 -58.78
N ARG G 50 -64.15 12.83 -57.73
CA ARG G 50 -63.06 13.79 -57.67
C ARG G 50 -61.69 13.15 -57.90
N ASP G 51 -61.48 11.91 -57.42
CA ASP G 51 -60.21 11.21 -57.51
C ASP G 51 -59.96 10.59 -58.89
N GLY G 52 -60.98 10.63 -59.75
CA GLY G 52 -60.88 10.12 -61.11
C GLY G 52 -61.06 8.62 -61.10
N LEU G 53 -61.82 8.10 -60.15
CA LEU G 53 -61.94 6.66 -59.93
C LEU G 53 -63.33 6.13 -60.24
N LEU G 54 -64.26 7.01 -60.67
CA LEU G 54 -65.52 6.51 -61.21
C LEU G 54 -65.38 6.33 -62.71
N PRO G 55 -66.14 5.43 -63.34
CA PRO G 55 -66.25 5.46 -64.81
C PRO G 55 -66.74 6.84 -65.29
N GLU G 56 -66.27 7.33 -66.45
CA GLU G 56 -66.56 8.71 -66.90
C GLU G 56 -68.06 8.99 -67.01
N ASN G 57 -68.88 7.98 -67.34
CA ASN G 57 -70.32 8.14 -67.52
C ASN G 57 -71.06 7.58 -66.32
N THR G 58 -71.01 8.28 -65.18
CA THR G 58 -71.63 7.76 -63.97
C THR G 58 -72.65 8.78 -63.49
N PHE G 59 -73.86 8.31 -63.15
CA PHE G 59 -74.91 9.18 -62.66
C PHE G 59 -75.24 8.73 -61.24
N ILE G 60 -75.60 9.70 -60.41
CA ILE G 60 -76.00 9.42 -59.03
C ILE G 60 -77.48 9.77 -58.91
N VAL G 61 -78.29 8.76 -58.56
CA VAL G 61 -79.70 8.95 -58.35
C VAL G 61 -80.01 8.69 -56.87
N GLY G 62 -80.44 9.76 -56.17
CA GLY G 62 -81.06 9.65 -54.86
C GLY G 62 -82.52 9.21 -54.95
N TYR G 63 -82.96 8.41 -53.95
CA TYR G 63 -84.34 8.03 -53.77
C TYR G 63 -84.68 7.95 -52.29
N ALA G 64 -85.73 8.67 -51.85
CA ALA G 64 -86.28 8.60 -50.49
C ALA G 64 -87.72 9.15 -50.49
N ARG G 65 -88.43 9.13 -49.32
CA ARG G 65 -89.84 9.55 -49.22
C ARG G 65 -89.97 11.06 -49.43
N SER G 66 -89.02 11.88 -48.90
CA SER G 66 -89.16 13.34 -48.89
C SER G 66 -89.11 13.89 -50.32
N ARG G 67 -89.85 14.97 -50.60
CA ARG G 67 -89.86 15.57 -51.94
C ARG G 67 -88.72 16.59 -51.98
N LEU G 68 -87.54 16.21 -52.49
CA LEU G 68 -86.34 17.03 -52.40
C LEU G 68 -85.78 17.30 -53.80
N THR G 69 -85.00 18.37 -53.94
CA THR G 69 -84.20 18.63 -55.13
C THR G 69 -82.74 18.23 -54.87
N VAL G 70 -81.93 18.23 -55.94
CA VAL G 70 -80.47 18.10 -55.84
C VAL G 70 -79.89 19.26 -55.02
N ALA G 71 -80.41 20.49 -55.19
CA ALA G 71 -80.04 21.63 -54.36
C ALA G 71 -80.19 21.31 -52.86
N ASP G 72 -81.23 20.59 -52.44
CA ASP G 72 -81.43 20.24 -51.04
C ASP G 72 -80.37 19.27 -50.55
N ILE G 73 -80.20 18.19 -51.33
CA ILE G 73 -79.17 17.18 -51.12
C ILE G 73 -77.81 17.84 -50.89
N ARG G 74 -77.44 18.70 -51.84
CA ARG G 74 -76.21 19.46 -51.78
C ARG G 74 -76.10 20.28 -50.50
N LYS G 75 -77.13 21.06 -50.13
CA LYS G 75 -77.08 21.87 -48.92
C LYS G 75 -76.80 20.99 -47.68
N GLN G 76 -77.52 19.86 -47.51
CA GLN G 76 -77.41 19.01 -46.32
C GLN G 76 -76.06 18.23 -46.35
N SER G 77 -75.57 17.76 -47.53
CA SER G 77 -74.40 16.86 -47.63
C SER G 77 -73.07 17.60 -47.87
N GLU G 78 -73.07 18.70 -48.61
CA GLU G 78 -71.80 19.29 -49.03
C GLU G 78 -70.87 19.61 -47.83
N PRO G 79 -71.35 20.03 -46.63
CA PRO G 79 -70.45 20.23 -45.48
C PRO G 79 -69.49 19.09 -45.12
N PHE G 80 -69.90 17.84 -45.41
CA PHE G 80 -69.14 16.64 -45.12
C PHE G 80 -68.21 16.21 -46.26
N PHE G 81 -68.21 16.97 -47.38
CA PHE G 81 -67.44 16.66 -48.58
C PHE G 81 -65.99 17.15 -48.44
N LYS G 82 -65.79 18.14 -47.56
CA LYS G 82 -64.50 18.77 -47.32
C LYS G 82 -63.90 19.21 -48.64
N ALA G 83 -64.75 19.85 -49.47
CA ALA G 83 -64.33 20.34 -50.77
C ALA G 83 -63.43 21.57 -50.56
N THR G 84 -62.44 21.78 -51.44
CA THR G 84 -61.56 22.95 -51.38
C THR G 84 -61.99 23.92 -52.48
N PRO G 85 -61.45 25.15 -52.56
CA PRO G 85 -61.78 26.06 -53.66
C PRO G 85 -61.37 25.56 -55.06
N GLU G 86 -60.21 24.85 -55.15
CA GLU G 86 -59.70 24.24 -56.36
C GLU G 86 -60.72 23.31 -56.98
N GLU G 87 -61.61 22.74 -56.16
CA GLU G 87 -62.53 21.71 -56.61
C GLU G 87 -63.89 22.27 -57.01
N LYS G 88 -64.06 23.61 -57.12
CA LYS G 88 -65.35 24.22 -57.46
C LYS G 88 -65.94 23.63 -58.76
N LEU G 89 -65.10 23.48 -59.80
CA LEU G 89 -65.59 23.02 -61.11
C LEU G 89 -65.91 21.53 -61.10
N LYS G 90 -65.08 20.68 -60.47
CA LYS G 90 -65.42 19.27 -60.33
C LYS G 90 -66.71 19.09 -59.52
N LEU G 91 -67.02 20.01 -58.62
CA LEU G 91 -68.17 19.86 -57.75
C LEU G 91 -69.42 20.20 -58.56
N GLU G 92 -69.34 21.22 -59.43
CA GLU G 92 -70.40 21.51 -60.41
C GLU G 92 -70.66 20.29 -61.28
N ASP G 93 -69.60 19.74 -61.90
CA ASP G 93 -69.70 18.59 -62.79
C ASP G 93 -70.30 17.39 -62.03
N PHE G 94 -69.94 17.19 -60.74
CA PHE G 94 -70.50 16.13 -59.91
C PHE G 94 -72.01 16.32 -59.71
N PHE G 95 -72.44 17.53 -59.32
CA PHE G 95 -73.86 17.76 -59.01
C PHE G 95 -74.72 17.75 -60.28
N ALA G 96 -74.14 18.06 -61.45
CA ALA G 96 -74.82 17.94 -62.73
C ALA G 96 -75.13 16.48 -63.05
N ARG G 97 -74.38 15.53 -62.46
CA ARG G 97 -74.59 14.10 -62.66
C ARG G 97 -75.52 13.51 -61.59
N ASN G 98 -76.03 14.39 -60.73
CA ASN G 98 -76.89 13.99 -59.64
C ASN G 98 -78.35 14.23 -60.03
N SER G 99 -79.26 13.40 -59.51
CA SER G 99 -80.69 13.61 -59.58
C SER G 99 -81.31 12.97 -58.34
N TYR G 100 -82.58 13.30 -58.08
CA TYR G 100 -83.33 12.74 -56.97
C TYR G 100 -84.75 12.38 -57.42
N VAL G 101 -85.28 11.25 -56.91
CA VAL G 101 -86.65 10.81 -57.13
C VAL G 101 -87.29 10.53 -55.76
N ALA G 102 -88.40 11.24 -55.45
CA ALA G 102 -89.21 10.96 -54.26
C ALA G 102 -90.01 9.69 -54.46
N GLY G 103 -90.13 8.86 -53.42
CA GLY G 103 -90.99 7.69 -53.51
C GLY G 103 -91.16 6.99 -52.17
N GLN G 104 -92.18 6.13 -52.11
CA GLN G 104 -92.42 5.27 -50.97
C GLN G 104 -91.59 3.98 -51.20
N TYR G 105 -91.24 3.29 -50.09
CA TYR G 105 -90.38 2.12 -50.13
C TYR G 105 -91.17 0.84 -50.43
N ASP G 106 -92.52 0.87 -50.23
CA ASP G 106 -93.37 -0.24 -50.67
C ASP G 106 -94.49 0.23 -51.59
N ASP G 107 -94.17 1.01 -52.62
CA ASP G 107 -95.13 1.49 -53.61
C ASP G 107 -94.59 1.25 -55.03
N ALA G 108 -95.18 0.29 -55.76
CA ALA G 108 -94.74 -0.13 -57.10
C ALA G 108 -94.70 1.05 -58.10
N ALA G 109 -95.67 1.97 -58.02
CA ALA G 109 -95.70 3.16 -58.86
C ALA G 109 -94.46 4.02 -58.63
N SER G 110 -94.04 4.16 -57.37
CA SER G 110 -92.87 4.96 -57.02
C SER G 110 -91.61 4.38 -57.67
N TYR G 111 -91.53 3.04 -57.70
CA TYR G 111 -90.39 2.34 -58.29
C TYR G 111 -90.39 2.43 -59.82
N GLN G 112 -91.58 2.46 -60.45
CA GLN G 112 -91.65 2.63 -61.90
C GLN G 112 -91.16 4.05 -62.25
N ARG G 113 -91.46 5.05 -61.42
CA ARG G 113 -90.98 6.39 -61.71
C ARG G 113 -89.45 6.39 -61.67
N LEU G 114 -88.86 5.72 -60.66
CA LEU G 114 -87.42 5.60 -60.51
C LEU G 114 -86.81 4.90 -61.73
N ASN G 115 -87.44 3.82 -62.20
CA ASN G 115 -86.97 3.09 -63.37
C ASN G 115 -87.02 3.96 -64.65
N SER G 116 -88.11 4.73 -64.83
CA SER G 116 -88.27 5.61 -65.97
C SER G 116 -87.27 6.73 -65.90
N HIS G 117 -87.05 7.24 -64.68
CA HIS G 117 -86.06 8.27 -64.46
C HIS G 117 -84.68 7.80 -64.96
N MET G 118 -84.37 6.53 -64.62
CA MET G 118 -83.06 5.99 -64.94
C MET G 118 -82.94 5.77 -66.45
N ASN G 119 -84.01 5.20 -67.04
CA ASN G 119 -84.10 4.97 -68.47
C ASN G 119 -83.93 6.27 -69.25
N ALA G 120 -84.37 7.39 -68.68
CA ALA G 120 -84.33 8.69 -69.32
C ALA G 120 -82.94 9.34 -69.26
N LEU G 121 -82.01 8.82 -68.44
CA LEU G 121 -80.64 9.33 -68.46
C LEU G 121 -79.97 8.86 -69.74
N HIS G 122 -78.95 9.59 -70.25
CA HIS G 122 -78.20 9.14 -71.43
C HIS G 122 -77.68 7.71 -71.19
N LEU G 123 -78.26 6.79 -71.95
CA LEU G 123 -77.92 5.36 -72.01
C LEU G 123 -78.29 4.66 -70.71
N GLY G 124 -79.30 5.20 -70.02
CA GLY G 124 -79.81 4.65 -68.79
C GLY G 124 -80.31 3.21 -68.89
N SER G 125 -80.85 2.81 -70.07
CA SER G 125 -81.44 1.49 -70.26
C SER G 125 -80.35 0.41 -70.33
N GLN G 126 -79.12 0.85 -70.66
CA GLN G 126 -77.94 -0.01 -70.80
C GLN G 126 -76.97 0.01 -69.61
N ALA G 127 -77.12 1.01 -68.72
CA ALA G 127 -76.20 1.27 -67.61
C ALA G 127 -76.14 0.09 -66.64
N ASN G 128 -74.91 -0.14 -66.13
CA ASN G 128 -74.72 -0.95 -64.93
C ASN G 128 -75.44 -0.22 -63.79
N ARG G 129 -76.19 -0.95 -62.96
CA ARG G 129 -76.95 -0.31 -61.89
C ARG G 129 -76.48 -0.83 -60.52
N LEU G 130 -76.11 0.11 -59.66
CA LEU G 130 -75.55 -0.19 -58.34
C LEU G 130 -76.46 0.47 -57.29
N PHE G 131 -77.19 -0.36 -56.54
CA PHE G 131 -78.15 0.12 -55.57
C PHE G 131 -77.52 0.05 -54.18
N TYR G 132 -77.36 1.21 -53.56
CA TYR G 132 -76.94 1.30 -52.17
C TYR G 132 -78.17 1.35 -51.27
N LEU G 133 -78.42 0.27 -50.52
CA LEU G 133 -79.56 0.21 -49.61
C LEU G 133 -79.22 0.85 -48.26
N ALA G 134 -79.21 2.19 -48.23
CA ALA G 134 -78.89 3.02 -47.07
C ALA G 134 -80.15 3.29 -46.23
N LEU G 135 -80.70 2.20 -45.69
CA LEU G 135 -81.98 2.09 -45.06
C LEU G 135 -81.93 1.06 -43.92
N PRO G 136 -82.81 1.19 -42.89
CA PRO G 136 -82.88 0.17 -41.83
C PRO G 136 -83.25 -1.17 -42.47
N PRO G 137 -82.77 -2.36 -41.99
CA PRO G 137 -83.20 -3.65 -42.58
C PRO G 137 -84.69 -4.00 -42.39
N THR G 138 -85.41 -3.24 -41.58
CA THR G 138 -86.85 -3.40 -41.45
C THR G 138 -87.61 -3.12 -42.75
N VAL G 139 -87.02 -2.44 -43.76
CA VAL G 139 -87.66 -2.24 -45.07
C VAL G 139 -86.95 -3.00 -46.20
N TYR G 140 -85.94 -3.85 -45.89
CA TYR G 140 -85.15 -4.53 -46.90
C TYR G 140 -86.00 -5.47 -47.74
N GLU G 141 -86.93 -6.19 -47.11
CA GLU G 141 -87.77 -7.10 -47.87
C GLU G 141 -88.52 -6.33 -48.93
N ALA G 142 -89.12 -5.19 -48.56
CA ALA G 142 -89.94 -4.41 -49.49
C ALA G 142 -89.08 -3.83 -50.61
N VAL G 143 -87.91 -3.29 -50.21
CA VAL G 143 -87.08 -2.55 -51.15
C VAL G 143 -86.47 -3.51 -52.16
N THR G 144 -85.96 -4.66 -51.70
CA THR G 144 -85.36 -5.60 -52.62
C THR G 144 -86.44 -6.21 -53.53
N LYS G 145 -87.67 -6.43 -53.02
CA LYS G 145 -88.78 -6.95 -53.81
C LYS G 145 -89.06 -5.97 -54.96
N ASN G 146 -89.18 -4.68 -54.62
CA ASN G 146 -89.62 -3.70 -55.59
C ASN G 146 -88.52 -3.43 -56.63
N ILE G 147 -87.23 -3.47 -56.19
CA ILE G 147 -86.13 -3.22 -57.09
C ILE G 147 -86.08 -4.33 -58.12
N HIS G 148 -86.21 -5.59 -57.66
CA HIS G 148 -86.22 -6.76 -58.54
C HIS G 148 -87.38 -6.69 -59.53
N GLU G 149 -88.58 -6.28 -59.10
CA GLU G 149 -89.76 -6.26 -59.96
C GLU G 149 -89.61 -5.15 -61.01
N SER G 150 -89.14 -3.95 -60.64
CA SER G 150 -89.34 -2.77 -61.45
C SER G 150 -88.07 -2.09 -61.97
N CYS G 151 -86.88 -2.37 -61.41
CA CYS G 151 -85.79 -1.41 -61.55
C CYS G 151 -84.49 -2.00 -62.11
N MET G 152 -84.47 -3.30 -62.43
CA MET G 152 -83.25 -3.97 -62.87
C MET G 152 -82.90 -3.58 -64.31
N SER G 153 -81.65 -3.23 -64.60
CA SER G 153 -81.19 -3.13 -65.97
C SER G 153 -81.40 -4.48 -66.65
N GLN G 154 -81.79 -4.43 -67.94
CA GLN G 154 -81.91 -5.62 -68.75
C GLN G 154 -80.61 -5.89 -69.53
N ILE G 155 -79.70 -4.88 -69.54
CA ILE G 155 -78.47 -4.90 -70.32
C ILE G 155 -77.28 -4.93 -69.34
N GLY G 156 -77.12 -3.92 -68.49
CA GLY G 156 -76.00 -3.85 -67.55
C GLY G 156 -76.18 -4.79 -66.36
N TRP G 157 -75.16 -4.91 -65.48
CA TRP G 157 -75.32 -5.68 -64.25
C TRP G 157 -76.13 -4.91 -63.23
N ASN G 158 -76.64 -5.64 -62.24
CA ASN G 158 -77.35 -5.07 -61.11
C ASN G 158 -76.69 -5.57 -59.82
N ARG G 159 -76.23 -4.65 -58.97
CA ARG G 159 -75.55 -5.01 -57.73
C ARG G 159 -76.17 -4.22 -56.59
N ILE G 160 -76.36 -4.87 -55.44
CA ILE G 160 -76.91 -4.16 -54.30
C ILE G 160 -75.89 -4.19 -53.15
N ILE G 161 -75.71 -3.03 -52.50
CA ILE G 161 -74.96 -2.99 -51.26
C ILE G 161 -75.92 -2.97 -50.07
N VAL G 162 -75.71 -3.93 -49.17
CA VAL G 162 -76.52 -4.16 -48.00
C VAL G 162 -75.71 -3.86 -46.71
N GLU G 163 -76.35 -3.14 -45.78
CA GLU G 163 -75.81 -2.73 -44.49
C GLU G 163 -76.33 -3.58 -43.33
N LYS G 164 -75.44 -3.71 -42.34
CA LYS G 164 -75.73 -4.35 -41.08
C LYS G 164 -76.78 -3.50 -40.38
N PRO G 165 -77.59 -4.07 -39.47
CA PRO G 165 -77.52 -5.50 -39.09
C PRO G 165 -78.01 -6.53 -40.11
N PHE G 166 -77.27 -7.64 -40.19
CA PHE G 166 -77.61 -8.78 -41.03
C PHE G 166 -78.39 -9.77 -40.16
N GLY G 167 -79.60 -9.33 -39.78
CA GLY G 167 -80.37 -10.00 -38.74
C GLY G 167 -79.82 -9.66 -37.35
N ARG G 168 -80.33 -10.38 -36.35
CA ARG G 168 -79.83 -10.30 -34.98
C ARG G 168 -79.52 -11.69 -34.41
N ASP G 169 -79.73 -12.73 -35.20
CA ASP G 169 -79.39 -14.10 -34.84
C ASP G 169 -79.48 -14.98 -36.09
N LEU G 170 -79.27 -16.29 -35.96
CA LEU G 170 -79.26 -17.18 -37.10
C LEU G 170 -80.62 -17.12 -37.79
N GLN G 171 -81.72 -17.26 -37.01
CA GLN G 171 -83.05 -17.39 -37.60
C GLN G 171 -83.44 -16.11 -38.35
N SER G 172 -83.31 -14.93 -37.72
CA SER G 172 -83.65 -13.67 -38.38
C SER G 172 -82.72 -13.36 -39.56
N SER G 173 -81.42 -13.71 -39.44
CA SER G 173 -80.47 -13.55 -40.54
C SER G 173 -80.89 -14.41 -41.74
N ASP G 174 -81.22 -15.68 -41.48
CA ASP G 174 -81.71 -16.59 -42.51
C ASP G 174 -83.01 -16.09 -43.17
N ARG G 175 -83.98 -15.54 -42.43
CA ARG G 175 -85.22 -15.03 -43.02
C ARG G 175 -84.86 -13.97 -44.06
N LEU G 176 -84.04 -13.01 -43.65
CA LEU G 176 -83.68 -11.87 -44.48
C LEU G 176 -82.81 -12.29 -45.67
N SER G 177 -81.85 -13.18 -45.41
CA SER G 177 -80.91 -13.60 -46.42
C SER G 177 -81.59 -14.52 -47.44
N ASN G 178 -82.43 -15.47 -46.99
CA ASN G 178 -83.25 -16.28 -47.90
C ASN G 178 -84.19 -15.41 -48.74
N HIS G 179 -84.76 -14.36 -48.15
CA HIS G 179 -85.57 -13.46 -48.94
C HIS G 179 -84.75 -12.86 -50.08
N ILE G 180 -83.61 -12.21 -49.73
CA ILE G 180 -82.82 -11.47 -50.69
C ILE G 180 -82.24 -12.41 -51.73
N SER G 181 -81.94 -13.67 -51.34
CA SER G 181 -81.33 -14.65 -52.24
C SER G 181 -82.34 -15.19 -53.24
N SER G 182 -83.63 -15.18 -52.92
CA SER G 182 -84.63 -15.64 -53.89
C SER G 182 -84.75 -14.63 -55.05
N LEU G 183 -84.21 -13.40 -54.89
CA LEU G 183 -84.31 -12.33 -55.86
C LEU G 183 -82.96 -12.04 -56.55
N PHE G 184 -81.85 -12.14 -55.82
CA PHE G 184 -80.51 -11.71 -56.25
C PHE G 184 -79.53 -12.86 -56.08
N ARG G 185 -78.66 -13.10 -57.07
CA ARG G 185 -77.60 -14.09 -56.96
C ARG G 185 -76.56 -13.64 -55.93
N GLU G 186 -75.71 -14.57 -55.38
CA GLU G 186 -74.64 -14.17 -54.46
C GLU G 186 -73.72 -13.15 -55.14
N ASP G 187 -73.51 -13.22 -56.46
CA ASP G 187 -72.62 -12.25 -57.11
C ASP G 187 -73.26 -10.87 -57.34
N GLN G 188 -74.53 -10.70 -56.90
CA GLN G 188 -75.13 -9.36 -56.90
C GLN G 188 -75.20 -8.75 -55.48
N ILE G 189 -74.94 -9.55 -54.45
CA ILE G 189 -75.14 -9.13 -53.08
C ILE G 189 -73.79 -8.76 -52.43
N TYR G 190 -73.71 -7.50 -52.02
CA TYR G 190 -72.55 -6.92 -51.35
C TYR G 190 -72.92 -6.51 -49.90
N ARG G 191 -72.76 -7.44 -48.96
CA ARG G 191 -72.81 -7.16 -47.54
C ARG G 191 -71.54 -6.44 -47.05
N ILE G 192 -71.65 -5.14 -46.78
CA ILE G 192 -70.48 -4.32 -46.55
C ILE G 192 -70.07 -4.29 -45.07
N ASP G 193 -68.76 -4.22 -44.86
CA ASP G 193 -68.09 -4.03 -43.57
C ASP G 193 -67.29 -2.73 -43.63
N HIS G 194 -67.87 -1.67 -43.06
CA HIS G 194 -67.27 -0.35 -43.03
C HIS G 194 -65.88 -0.36 -42.42
N TYR G 195 -65.55 -1.35 -41.60
CA TYR G 195 -64.32 -1.24 -40.83
C TYR G 195 -63.21 -2.07 -41.47
N LEU G 196 -63.51 -2.80 -42.54
CA LEU G 196 -62.46 -3.57 -43.18
C LEU G 196 -61.48 -2.66 -43.92
N GLY G 197 -60.23 -2.65 -43.42
CA GLY G 197 -59.13 -1.88 -43.96
C GLY G 197 -58.47 -2.65 -45.12
N LYS G 198 -58.86 -2.29 -46.34
CA LYS G 198 -58.53 -3.03 -47.54
C LYS G 198 -56.99 -3.09 -47.73
N GLU G 199 -56.31 -1.95 -47.54
CA GLU G 199 -54.90 -1.93 -47.84
C GLU G 199 -54.15 -2.79 -46.82
N MET G 200 -54.51 -2.73 -45.53
CA MET G 200 -53.80 -3.50 -44.54
C MET G 200 -54.09 -4.99 -44.65
N VAL G 201 -55.30 -5.37 -45.04
CA VAL G 201 -55.62 -6.77 -45.24
C VAL G 201 -54.84 -7.38 -46.41
N GLN G 202 -54.60 -6.61 -47.45
CA GLN G 202 -53.83 -7.05 -48.60
C GLN G 202 -52.35 -7.08 -48.23
N ASN G 203 -51.85 -6.10 -47.44
CA ASN G 203 -50.47 -6.15 -46.92
C ASN G 203 -50.28 -7.51 -46.21
N LEU G 204 -51.09 -7.77 -45.19
CA LEU G 204 -51.07 -9.00 -44.43
C LEU G 204 -50.97 -10.25 -45.33
N MET G 205 -51.78 -10.31 -46.42
CA MET G 205 -51.80 -11.49 -47.25
C MET G 205 -50.44 -11.67 -47.97
N VAL G 206 -49.87 -10.57 -48.47
CA VAL G 206 -48.56 -10.65 -49.08
C VAL G 206 -47.50 -11.05 -48.03
N LEU G 207 -47.56 -10.49 -46.84
CA LEU G 207 -46.58 -10.71 -45.79
C LEU G 207 -46.45 -12.21 -45.51
N ARG G 208 -47.62 -12.83 -45.37
CA ARG G 208 -47.68 -14.21 -44.98
C ARG G 208 -47.37 -15.15 -46.15
N PHE G 209 -48.04 -14.89 -47.31
CA PHE G 209 -48.12 -15.89 -48.36
C PHE G 209 -47.01 -15.71 -49.41
N ALA G 210 -46.34 -14.56 -49.40
CA ALA G 210 -45.22 -14.30 -50.33
C ALA G 210 -43.83 -14.57 -49.71
N ASN G 211 -43.80 -14.92 -48.45
CA ASN G 211 -42.53 -14.98 -47.69
C ASN G 211 -42.40 -16.29 -46.88
N ARG G 212 -41.22 -16.90 -47.02
CA ARG G 212 -40.87 -18.04 -46.20
C ARG G 212 -40.51 -17.59 -44.77
N ILE G 213 -40.24 -16.30 -44.50
CA ILE G 213 -39.81 -15.94 -43.17
C ILE G 213 -41.02 -16.02 -42.21
N PHE G 214 -42.23 -15.69 -42.73
CA PHE G 214 -43.44 -15.61 -41.92
C PHE G 214 -44.42 -16.79 -42.08
N GLY G 215 -44.51 -17.35 -43.28
CA GLY G 215 -45.52 -18.34 -43.52
C GLY G 215 -45.33 -19.60 -42.67
N PRO G 216 -44.15 -20.22 -42.60
CA PRO G 216 -43.98 -21.44 -41.81
C PRO G 216 -44.22 -21.33 -40.31
N ILE G 217 -44.27 -20.14 -39.70
CA ILE G 217 -44.52 -20.05 -38.25
C ILE G 217 -45.96 -19.59 -37.95
N TRP G 218 -46.81 -19.54 -38.98
CA TRP G 218 -48.19 -19.08 -38.85
C TRP G 218 -49.13 -20.23 -38.47
N ASN G 219 -48.88 -20.79 -37.27
CA ASN G 219 -49.53 -22.02 -36.84
C ASN G 219 -49.37 -22.18 -35.33
N ARG G 220 -50.09 -23.17 -34.76
CA ARG G 220 -50.13 -23.47 -33.33
C ARG G 220 -48.79 -23.95 -32.74
N ASP G 221 -47.87 -24.48 -33.56
CA ASP G 221 -46.54 -24.85 -33.10
C ASP G 221 -45.75 -23.60 -32.71
N ASN G 222 -46.16 -22.41 -33.14
CA ASN G 222 -45.37 -21.20 -32.93
C ASN G 222 -46.15 -20.05 -32.29
N ILE G 223 -47.49 -20.07 -32.39
CA ILE G 223 -48.28 -18.92 -31.96
C ILE G 223 -49.01 -19.33 -30.69
N ALA G 224 -48.86 -18.50 -29.66
CA ALA G 224 -49.45 -18.76 -28.36
C ALA G 224 -50.87 -18.21 -28.32
N CYS G 225 -51.11 -17.03 -28.88
CA CYS G 225 -52.45 -16.49 -28.96
C CYS G 225 -52.49 -15.39 -30.02
N VAL G 226 -53.73 -15.06 -30.44
CA VAL G 226 -54.02 -13.97 -31.35
C VAL G 226 -55.01 -13.03 -30.69
N ILE G 227 -54.75 -11.73 -30.77
CA ILE G 227 -55.63 -10.70 -30.21
C ILE G 227 -56.13 -9.78 -31.33
N LEU G 228 -57.46 -9.66 -31.42
CA LEU G 228 -58.16 -8.75 -32.31
C LEU G 228 -58.84 -7.70 -31.43
N THR G 229 -58.34 -6.49 -31.56
CA THR G 229 -58.75 -5.38 -30.70
C THR G 229 -59.52 -4.35 -31.51
N PHE G 230 -60.71 -3.91 -31.01
CA PHE G 230 -61.42 -2.77 -31.58
C PHE G 230 -61.90 -1.86 -30.44
N LYS G 231 -61.31 -0.65 -30.32
CA LYS G 231 -61.54 0.23 -29.18
C LYS G 231 -61.90 1.65 -29.63
N GLU G 232 -63.00 2.22 -29.08
CA GLU G 232 -63.39 3.61 -29.29
C GLU G 232 -63.30 4.31 -27.95
N PRO G 233 -62.74 5.53 -27.84
CA PRO G 233 -62.71 6.27 -26.59
C PRO G 233 -63.97 7.06 -26.19
N PHE G 234 -64.87 7.24 -27.16
CA PHE G 234 -66.15 7.94 -27.04
C PHE G 234 -67.21 6.87 -26.70
N GLY G 235 -68.18 7.30 -25.89
CA GLY G 235 -69.38 6.53 -25.63
C GLY G 235 -70.44 6.75 -26.73
N THR G 236 -71.72 6.65 -26.32
CA THR G 236 -72.83 6.60 -27.26
C THR G 236 -73.31 7.99 -27.65
N GLU G 237 -72.90 9.04 -26.90
CA GLU G 237 -73.12 10.44 -27.24
C GLU G 237 -74.62 10.75 -27.33
N GLY G 238 -75.44 10.24 -26.40
CA GLY G 238 -76.87 10.53 -26.40
C GLY G 238 -77.66 9.91 -27.55
N ARG G 239 -77.06 8.94 -28.28
CA ARG G 239 -77.67 8.31 -29.44
C ARG G 239 -77.60 6.78 -29.34
N GLY G 240 -77.51 6.25 -28.12
CA GLY G 240 -77.28 4.83 -27.93
C GLY G 240 -78.52 3.95 -28.00
N GLY G 241 -79.70 4.57 -28.12
CA GLY G 241 -80.96 3.86 -28.22
C GLY G 241 -80.93 2.74 -29.25
N TYR G 242 -80.37 2.99 -30.47
CA TYR G 242 -80.33 1.97 -31.52
C TYR G 242 -79.37 0.82 -31.16
N PHE G 243 -78.12 1.17 -30.82
CA PHE G 243 -77.13 0.25 -30.27
C PHE G 243 -77.72 -0.62 -29.15
N ASP G 244 -78.54 -0.03 -28.25
CA ASP G 244 -79.03 -0.70 -27.07
C ASP G 244 -79.77 -1.98 -27.44
N GLU G 245 -80.36 -2.05 -28.64
CA GLU G 245 -81.09 -3.23 -29.08
C GLU G 245 -80.18 -4.32 -29.63
N PHE G 246 -78.88 -4.03 -29.78
CA PHE G 246 -77.93 -4.93 -30.44
C PHE G 246 -76.82 -5.36 -29.47
N GLY G 247 -76.18 -4.39 -28.80
CA GLY G 247 -75.03 -4.66 -27.96
C GLY G 247 -73.75 -4.82 -28.83
N ILE G 248 -72.59 -4.84 -28.13
CA ILE G 248 -71.27 -4.68 -28.71
C ILE G 248 -70.88 -5.91 -29.53
N ILE G 249 -71.31 -7.11 -29.08
CA ILE G 249 -71.04 -8.33 -29.79
C ILE G 249 -71.64 -8.27 -31.20
N ARG G 250 -72.94 -7.98 -31.33
CA ARG G 250 -73.61 -7.92 -32.61
C ARG G 250 -73.05 -6.77 -33.44
N ASP G 251 -72.75 -5.66 -32.76
CA ASP G 251 -72.37 -4.41 -33.41
C ASP G 251 -71.08 -4.59 -34.17
N VAL G 252 -70.05 -5.17 -33.53
CA VAL G 252 -68.72 -5.14 -34.13
C VAL G 252 -68.04 -6.51 -34.09
N MET G 253 -68.46 -7.44 -33.24
CA MET G 253 -67.70 -8.65 -33.09
C MET G 253 -68.15 -9.77 -34.03
N GLN G 254 -69.47 -9.99 -34.09
CA GLN G 254 -70.05 -11.08 -34.86
C GLN G 254 -69.77 -10.81 -36.33
N ASN G 255 -69.54 -9.53 -36.70
CA ASN G 255 -69.37 -9.16 -38.11
C ASN G 255 -67.89 -8.86 -38.38
N HIS G 256 -67.42 -7.66 -37.96
CA HIS G 256 -66.09 -7.20 -38.35
C HIS G 256 -64.98 -8.06 -37.72
N LEU G 257 -64.98 -8.27 -36.39
CA LEU G 257 -63.85 -8.95 -35.74
C LEU G 257 -63.74 -10.41 -36.21
N LEU G 258 -64.88 -11.04 -36.48
CA LEU G 258 -64.89 -12.39 -36.99
C LEU G 258 -64.31 -12.44 -38.41
N GLN G 259 -64.48 -11.36 -39.18
CA GLN G 259 -63.89 -11.34 -40.50
C GLN G 259 -62.36 -11.31 -40.35
N MET G 260 -61.84 -10.50 -39.42
CA MET G 260 -60.43 -10.36 -39.19
C MET G 260 -59.84 -11.69 -38.74
N LEU G 261 -60.54 -12.37 -37.83
CA LEU G 261 -60.11 -13.69 -37.42
C LEU G 261 -59.93 -14.58 -38.64
N CYS G 262 -60.94 -14.58 -39.52
CA CYS G 262 -60.91 -15.40 -40.71
C CYS G 262 -59.69 -15.09 -41.57
N LEU G 263 -59.33 -13.82 -41.70
CA LEU G 263 -58.22 -13.42 -42.57
C LEU G 263 -56.88 -13.78 -41.94
N VAL G 264 -56.83 -13.82 -40.60
CA VAL G 264 -55.66 -14.27 -39.90
C VAL G 264 -55.52 -15.79 -39.94
N ALA G 265 -56.61 -16.52 -39.74
CA ALA G 265 -56.57 -17.98 -39.57
C ALA G 265 -56.65 -18.77 -40.89
N MET G 266 -57.10 -18.15 -42.00
CA MET G 266 -57.40 -18.89 -43.23
C MET G 266 -56.13 -19.66 -43.69
N GLU G 267 -56.40 -20.81 -44.32
CA GLU G 267 -55.44 -21.46 -45.19
C GLU G 267 -55.19 -20.61 -46.42
N LYS G 268 -54.04 -20.88 -47.03
CA LYS G 268 -53.69 -20.24 -48.28
C LYS G 268 -54.76 -20.57 -49.32
N PRO G 269 -55.41 -19.58 -49.97
CA PRO G 269 -56.39 -19.87 -51.00
C PRO G 269 -55.72 -20.44 -52.25
N ALA G 270 -56.48 -21.20 -53.06
CA ALA G 270 -56.03 -21.67 -54.38
C ALA G 270 -55.58 -20.52 -55.29
N SER G 271 -56.13 -19.32 -55.12
CA SER G 271 -55.76 -18.15 -55.92
C SER G 271 -56.24 -16.94 -55.13
N THR G 272 -55.97 -15.71 -55.65
CA THR G 272 -56.47 -14.51 -55.00
C THR G 272 -57.82 -14.05 -55.54
N ASN G 273 -58.54 -14.90 -56.29
CA ASN G 273 -59.94 -14.64 -56.66
C ASN G 273 -60.80 -14.58 -55.39
N SER G 274 -61.72 -13.62 -55.39
CA SER G 274 -62.59 -13.35 -54.26
C SER G 274 -63.23 -14.62 -53.68
N ASP G 275 -63.72 -15.54 -54.53
CA ASP G 275 -64.44 -16.66 -53.96
C ASP G 275 -63.50 -17.76 -53.46
N ASP G 276 -62.25 -17.87 -53.98
CA ASP G 276 -61.28 -18.79 -53.36
C ASP G 276 -60.97 -18.32 -51.93
N VAL G 277 -60.83 -17.00 -51.77
CA VAL G 277 -60.54 -16.39 -50.50
C VAL G 277 -61.72 -16.55 -49.53
N ARG G 278 -62.94 -16.28 -50.00
CA ARG G 278 -64.10 -16.42 -49.15
C ARG G 278 -64.34 -17.90 -48.85
N ASP G 279 -64.00 -18.82 -49.76
CA ASP G 279 -64.05 -20.22 -49.40
C ASP G 279 -63.22 -20.51 -48.13
N GLU G 280 -62.00 -19.94 -48.05
CA GLU G 280 -61.11 -20.19 -46.91
C GLU G 280 -61.63 -19.50 -45.66
N LYS G 281 -62.25 -18.30 -45.78
CA LYS G 281 -62.88 -17.63 -44.64
C LYS G 281 -63.97 -18.53 -44.04
N VAL G 282 -64.77 -19.20 -44.88
CA VAL G 282 -65.84 -20.09 -44.44
C VAL G 282 -65.30 -21.36 -43.79
N LYS G 283 -64.26 -21.99 -44.38
CA LYS G 283 -63.62 -23.17 -43.80
C LYS G 283 -63.24 -22.87 -42.36
N VAL G 284 -62.69 -21.68 -42.09
CA VAL G 284 -62.28 -21.31 -40.74
C VAL G 284 -63.48 -21.36 -39.79
N LEU G 285 -64.57 -20.67 -40.17
CA LEU G 285 -65.74 -20.52 -39.32
C LEU G 285 -66.32 -21.89 -39.01
N LYS G 286 -66.32 -22.78 -40.01
CA LYS G 286 -66.80 -24.14 -39.79
C LYS G 286 -65.98 -24.90 -38.75
N CYS G 287 -64.75 -24.44 -38.46
CA CYS G 287 -63.96 -25.11 -37.45
C CYS G 287 -64.12 -24.44 -36.08
N ILE G 288 -65.06 -23.49 -35.94
CA ILE G 288 -65.23 -22.80 -34.66
C ILE G 288 -66.54 -23.24 -33.97
N SER G 289 -66.45 -23.65 -32.71
CA SER G 289 -67.59 -24.06 -31.91
C SER G 289 -68.36 -22.87 -31.36
N GLU G 290 -69.63 -23.11 -31.01
CA GLU G 290 -70.46 -22.08 -30.42
C GLU G 290 -69.76 -21.66 -29.13
N VAL G 291 -69.58 -20.35 -28.96
CA VAL G 291 -68.84 -19.85 -27.83
C VAL G 291 -69.72 -19.90 -26.57
N GLN G 292 -69.11 -20.32 -25.46
CA GLN G 292 -69.80 -20.43 -24.18
C GLN G 292 -69.39 -19.30 -23.24
N ALA G 293 -70.21 -19.09 -22.22
CA ALA G 293 -70.15 -17.92 -21.37
C ALA G 293 -68.89 -17.90 -20.50
N ASN G 294 -68.32 -19.08 -20.13
CA ASN G 294 -67.06 -19.13 -19.37
C ASN G 294 -65.90 -18.45 -20.14
N ASN G 295 -66.04 -18.29 -21.46
CA ASN G 295 -65.06 -17.64 -22.32
C ASN G 295 -65.48 -16.21 -22.69
N VAL G 296 -66.32 -15.58 -21.88
CA VAL G 296 -66.87 -14.28 -22.22
C VAL G 296 -66.87 -13.42 -20.98
N VAL G 297 -66.46 -12.17 -21.19
CA VAL G 297 -66.60 -11.11 -20.22
C VAL G 297 -67.33 -9.94 -20.89
N LEU G 298 -68.46 -9.51 -20.30
CA LEU G 298 -69.20 -8.35 -20.75
C LEU G 298 -68.98 -7.22 -19.77
N GLY G 299 -68.95 -5.99 -20.28
CA GLY G 299 -68.93 -4.81 -19.45
C GLY G 299 -69.88 -3.73 -19.97
N GLN G 300 -70.13 -2.73 -19.13
CA GLN G 300 -70.97 -1.58 -19.49
C GLN G 300 -70.33 -0.32 -18.89
N TYR G 301 -70.12 0.76 -19.65
CA TYR G 301 -69.40 1.90 -19.08
C TYR G 301 -70.25 2.71 -18.12
N VAL G 302 -69.57 3.26 -17.12
CA VAL G 302 -70.13 4.16 -16.10
C VAL G 302 -69.38 5.48 -16.20
N GLY G 303 -69.96 6.55 -15.67
CA GLY G 303 -69.29 7.85 -15.70
C GLY G 303 -68.00 7.83 -14.87
N ASN G 304 -67.07 8.73 -15.20
CA ASN G 304 -65.85 8.92 -14.44
C ASN G 304 -66.08 10.14 -13.54
N PRO G 305 -66.13 9.97 -12.19
CA PRO G 305 -66.33 11.09 -11.28
C PRO G 305 -65.28 12.19 -11.49
N ASP G 306 -64.06 11.83 -11.91
CA ASP G 306 -62.94 12.75 -12.09
C ASP G 306 -62.86 13.27 -13.53
N GLY G 307 -63.77 12.88 -14.42
CA GLY G 307 -63.71 13.31 -15.81
C GLY G 307 -64.26 14.71 -16.00
N GLU G 308 -64.18 15.21 -17.24
CA GLU G 308 -64.89 16.39 -17.71
C GLU G 308 -65.74 15.97 -18.92
N GLY G 309 -66.68 16.85 -19.35
CA GLY G 309 -67.47 16.63 -20.55
C GLY G 309 -68.21 15.29 -20.50
N GLU G 310 -68.23 14.60 -21.64
CA GLU G 310 -69.01 13.36 -21.83
C GLU G 310 -68.50 12.25 -20.92
N ALA G 311 -67.25 12.38 -20.43
CA ALA G 311 -66.57 11.32 -19.70
C ALA G 311 -67.24 11.07 -18.35
N THR G 312 -68.02 12.05 -17.88
CA THR G 312 -68.68 11.98 -16.58
C THR G 312 -69.98 11.19 -16.67
N LYS G 313 -70.41 10.81 -17.88
CA LYS G 313 -71.70 10.16 -18.07
C LYS G 313 -71.51 8.70 -18.46
N GLY G 314 -72.18 7.82 -17.71
CA GLY G 314 -72.28 6.41 -18.04
C GLY G 314 -73.24 6.12 -19.19
N TYR G 315 -73.30 4.84 -19.52
CA TYR G 315 -74.11 4.39 -20.65
C TYR G 315 -75.59 4.66 -20.35
N LEU G 316 -76.01 4.45 -19.09
CA LEU G 316 -77.40 4.57 -18.69
C LEU G 316 -77.81 6.04 -18.62
N ASP G 317 -76.83 6.95 -18.47
CA ASP G 317 -77.10 8.39 -18.50
C ASP G 317 -77.41 8.84 -19.93
N ASP G 318 -77.37 7.93 -20.90
CA ASP G 318 -77.82 8.31 -22.23
C ASP G 318 -79.35 8.44 -22.14
N PRO G 319 -79.91 9.64 -22.50
CA PRO G 319 -81.36 9.86 -22.48
C PRO G 319 -82.12 8.84 -23.35
N THR G 320 -81.52 8.32 -24.45
CA THR G 320 -82.22 7.40 -25.35
C THR G 320 -82.00 5.93 -24.95
N VAL G 321 -81.43 5.68 -23.76
CA VAL G 321 -81.15 4.31 -23.34
C VAL G 321 -82.06 4.00 -22.14
N PRO G 322 -82.87 2.91 -22.18
CA PRO G 322 -83.66 2.49 -21.00
C PRO G 322 -82.84 2.41 -19.69
N ARG G 323 -83.42 2.94 -18.61
CA ARG G 323 -83.04 2.76 -17.22
C ARG G 323 -82.78 1.27 -17.00
N GLY G 324 -81.67 0.87 -16.37
CA GLY G 324 -81.39 -0.54 -16.13
C GLY G 324 -81.37 -1.49 -17.36
N SER G 325 -81.06 -0.99 -18.58
CA SER G 325 -80.59 -1.83 -19.67
C SER G 325 -79.40 -2.66 -19.21
N THR G 326 -79.27 -3.92 -19.59
CA THR G 326 -78.07 -4.70 -19.28
C THR G 326 -77.18 -4.93 -20.51
N THR G 327 -77.34 -4.09 -21.54
CA THR G 327 -76.63 -4.24 -22.81
C THR G 327 -75.14 -3.96 -22.58
N ALA G 328 -74.30 -4.75 -23.24
CA ALA G 328 -72.85 -4.64 -23.09
C ALA G 328 -72.31 -3.57 -24.04
N THR G 329 -71.53 -2.62 -23.53
CA THR G 329 -70.72 -1.71 -24.33
C THR G 329 -69.25 -2.19 -24.48
N PHE G 330 -68.92 -3.31 -23.82
CA PHE G 330 -67.61 -3.94 -23.89
C PHE G 330 -67.80 -5.45 -23.92
N ALA G 331 -67.02 -6.14 -24.77
CA ALA G 331 -66.91 -7.58 -24.66
C ALA G 331 -65.45 -8.03 -24.90
N ALA G 332 -65.03 -9.06 -24.18
CA ALA G 332 -63.85 -9.83 -24.49
C ALA G 332 -64.33 -11.26 -24.64
N VAL G 333 -63.98 -11.85 -25.78
CA VAL G 333 -64.44 -13.20 -26.10
C VAL G 333 -63.26 -14.06 -26.61
N VAL G 334 -63.26 -15.34 -26.27
CA VAL G 334 -62.22 -16.23 -26.71
C VAL G 334 -62.87 -17.32 -27.58
N LEU G 335 -62.35 -17.42 -28.81
CA LEU G 335 -62.71 -18.47 -29.75
C LEU G 335 -61.51 -19.35 -30.05
N TYR G 336 -61.83 -20.56 -30.45
CA TYR G 336 -60.87 -21.56 -30.89
C TYR G 336 -61.23 -21.95 -32.31
N VAL G 337 -60.21 -22.00 -33.18
CA VAL G 337 -60.28 -22.65 -34.46
C VAL G 337 -59.72 -24.07 -34.32
N GLU G 338 -60.63 -25.05 -34.37
CA GLU G 338 -60.33 -26.45 -34.09
C GLU G 338 -59.90 -27.19 -35.34
N ASN G 339 -58.69 -26.88 -35.84
CA ASN G 339 -58.15 -27.58 -37.00
C ASN G 339 -56.65 -27.80 -36.84
N GLU G 340 -55.97 -28.35 -37.84
CA GLU G 340 -54.56 -28.77 -37.75
C GLU G 340 -53.69 -27.53 -37.50
N ARG G 341 -54.05 -26.41 -38.11
CA ARG G 341 -53.21 -25.22 -38.04
C ARG G 341 -53.32 -24.51 -36.67
N TRP G 342 -54.51 -24.55 -36.04
CA TRP G 342 -54.82 -23.63 -34.94
C TRP G 342 -55.28 -24.26 -33.62
N ASP G 343 -55.54 -25.57 -33.56
CA ASP G 343 -56.20 -26.12 -32.38
C ASP G 343 -55.43 -25.76 -31.12
N GLY G 344 -56.19 -25.20 -30.17
CA GLY G 344 -55.69 -24.85 -28.86
C GLY G 344 -55.27 -23.39 -28.78
N VAL G 345 -55.12 -22.72 -29.93
CA VAL G 345 -54.68 -21.33 -29.93
C VAL G 345 -55.88 -20.42 -29.65
N PRO G 346 -55.88 -19.67 -28.53
CA PRO G 346 -56.97 -18.77 -28.22
C PRO G 346 -56.94 -17.58 -29.18
N PHE G 347 -58.09 -17.33 -29.81
CA PHE G 347 -58.32 -16.09 -30.52
C PHE G 347 -59.17 -15.17 -29.65
N ILE G 348 -58.57 -14.08 -29.21
CA ILE G 348 -59.13 -13.18 -28.22
C ILE G 348 -59.64 -11.96 -28.96
N LEU G 349 -60.97 -11.75 -28.87
CA LEU G 349 -61.63 -10.64 -29.52
C LEU G 349 -61.99 -9.69 -28.41
N ARG G 350 -61.49 -8.46 -28.49
CA ARG G 350 -61.66 -7.55 -27.36
C ARG G 350 -62.07 -6.18 -27.95
N CYS G 351 -63.28 -5.71 -27.63
CA CYS G 351 -63.82 -4.45 -28.18
C CYS G 351 -64.65 -3.68 -27.16
N GLY G 352 -64.76 -2.36 -27.33
CA GLY G 352 -65.77 -1.65 -26.59
C GLY G 352 -65.77 -0.15 -26.84
N LYS G 353 -66.77 0.54 -26.25
CA LYS G 353 -66.87 1.99 -26.25
C LYS G 353 -66.36 2.56 -24.94
N ALA G 354 -66.07 3.86 -24.96
CA ALA G 354 -65.66 4.61 -23.78
C ALA G 354 -64.40 3.99 -23.14
N LEU G 355 -63.46 3.59 -24.01
CA LEU G 355 -62.21 2.99 -23.58
C LEU G 355 -61.11 4.05 -23.63
N ASN G 356 -59.85 3.63 -23.41
CA ASN G 356 -58.76 4.56 -23.16
C ASN G 356 -58.13 5.11 -24.44
N GLU G 357 -58.44 4.54 -25.61
CA GLU G 357 -57.86 4.96 -26.86
C GLU G 357 -58.72 4.46 -28.03
N ARG G 358 -58.45 5.03 -29.21
CA ARG G 358 -58.93 4.50 -30.49
C ARG G 358 -57.84 3.54 -30.95
N LYS G 359 -58.20 2.29 -31.18
CA LYS G 359 -57.25 1.32 -31.70
C LYS G 359 -58.02 0.22 -32.44
N ALA G 360 -57.52 -0.15 -33.61
CA ALA G 360 -57.93 -1.36 -34.27
C ALA G 360 -56.68 -2.08 -34.77
N GLU G 361 -56.58 -3.38 -34.45
CA GLU G 361 -55.28 -4.02 -34.40
C GLU G 361 -55.44 -5.52 -34.33
N VAL G 362 -54.53 -6.20 -35.05
CA VAL G 362 -54.34 -7.63 -34.94
C VAL G 362 -52.93 -7.85 -34.36
N ARG G 363 -52.82 -8.74 -33.35
CA ARG G 363 -51.57 -9.00 -32.65
C ARG G 363 -51.37 -10.52 -32.62
N LEU G 364 -50.26 -11.01 -33.16
CA LEU G 364 -49.86 -12.41 -32.98
C LEU G 364 -48.80 -12.47 -31.89
N GLN G 365 -49.08 -13.21 -30.81
CA GLN G 365 -48.08 -13.41 -29.77
C GLN G 365 -47.54 -14.84 -29.90
N PHE G 366 -46.23 -14.93 -30.21
CA PHE G 366 -45.55 -16.21 -30.39
C PHE G 366 -45.18 -16.83 -29.04
N HIS G 367 -45.09 -18.16 -29.04
CA HIS G 367 -44.52 -18.92 -27.93
C HIS G 367 -43.11 -18.49 -27.60
N ASP G 368 -42.74 -18.81 -26.37
CA ASP G 368 -41.40 -18.68 -25.84
C ASP G 368 -40.48 -19.58 -26.63
N VAL G 369 -39.19 -19.30 -26.62
CA VAL G 369 -38.29 -20.26 -27.27
C VAL G 369 -38.28 -21.54 -26.43
N ALA G 370 -38.16 -22.69 -27.09
CA ALA G 370 -37.94 -24.01 -26.52
C ALA G 370 -36.50 -24.12 -26.00
N GLY G 371 -36.29 -23.76 -24.74
CA GLY G 371 -34.99 -23.80 -24.09
C GLY G 371 -34.31 -22.46 -24.28
N ASP G 372 -34.18 -21.67 -23.21
CA ASP G 372 -33.62 -20.33 -23.22
C ASP G 372 -32.18 -20.39 -22.73
N ILE G 373 -31.20 -20.22 -23.60
CA ILE G 373 -29.77 -20.25 -23.23
C ILE G 373 -29.27 -18.86 -22.81
N PHE G 374 -30.19 -17.91 -22.69
CA PHE G 374 -29.89 -16.51 -22.40
C PHE G 374 -30.51 -16.13 -21.02
N HIS G 375 -30.54 -17.08 -20.07
CA HIS G 375 -30.87 -16.83 -18.67
C HIS G 375 -32.25 -16.19 -18.57
N GLN G 376 -33.25 -16.72 -19.30
CA GLN G 376 -34.66 -16.34 -19.20
C GLN G 376 -34.94 -14.85 -19.54
N GLN G 377 -34.03 -14.15 -20.26
CA GLN G 377 -34.21 -12.76 -20.64
C GLN G 377 -35.07 -12.57 -21.89
N CYS G 378 -35.55 -13.65 -22.53
CA CYS G 378 -36.21 -13.57 -23.83
C CYS G 378 -37.71 -13.28 -23.68
N LYS G 379 -38.20 -12.19 -24.28
CA LYS G 379 -39.63 -11.99 -24.41
C LYS G 379 -40.21 -12.75 -25.62
N ARG G 380 -41.49 -13.12 -25.50
CA ARG G 380 -42.23 -13.58 -26.65
C ARG G 380 -42.23 -12.55 -27.78
N ASN G 381 -41.94 -13.08 -28.96
CA ASN G 381 -42.02 -12.31 -30.18
C ASN G 381 -43.50 -11.99 -30.43
N GLU G 382 -43.76 -10.82 -31.06
CA GLU G 382 -45.05 -10.43 -31.57
C GLU G 382 -44.98 -9.87 -32.99
N LEU G 383 -46.06 -10.09 -33.74
CA LEU G 383 -46.36 -9.42 -34.98
C LEU G 383 -47.64 -8.60 -34.80
N VAL G 384 -47.54 -7.30 -35.10
CA VAL G 384 -48.63 -6.36 -34.86
C VAL G 384 -49.00 -5.72 -36.19
N ILE G 385 -50.29 -5.81 -36.58
CA ILE G 385 -50.86 -5.05 -37.69
C ILE G 385 -51.90 -4.08 -37.13
N ARG G 386 -51.55 -2.81 -37.05
CA ARG G 386 -52.48 -1.80 -36.57
C ARG G 386 -53.15 -1.10 -37.76
N VAL G 387 -54.47 -0.91 -37.68
CA VAL G 387 -55.25 -0.27 -38.74
C VAL G 387 -55.55 1.17 -38.32
N GLN G 388 -56.16 1.41 -37.16
CA GLN G 388 -56.34 2.76 -36.60
C GLN G 388 -55.63 2.73 -35.24
N PRO G 389 -55.12 3.82 -34.67
CA PRO G 389 -55.18 5.15 -35.24
C PRO G 389 -54.34 5.35 -36.51
N ASN G 390 -53.12 4.79 -36.59
CA ASN G 390 -52.23 4.99 -37.74
C ASN G 390 -51.68 3.65 -38.20
N GLU G 391 -51.99 3.28 -39.46
CA GLU G 391 -51.63 2.00 -40.05
C GLU G 391 -50.12 1.71 -39.86
N ALA G 392 -49.77 0.47 -39.46
CA ALA G 392 -48.40 0.01 -39.28
C ALA G 392 -48.39 -1.51 -39.18
N VAL G 393 -47.33 -2.13 -39.72
CA VAL G 393 -46.97 -3.52 -39.43
C VAL G 393 -45.60 -3.51 -38.73
N TYR G 394 -45.48 -4.16 -37.59
CA TYR G 394 -44.16 -4.25 -36.95
C TYR G 394 -44.00 -5.56 -36.17
N THR G 395 -42.73 -5.98 -35.98
CA THR G 395 -42.42 -7.24 -35.31
C THR G 395 -41.46 -6.98 -34.15
N MET G 397 -39.01 -8.44 -31.51
CA MET G 397 -38.10 -9.61 -31.46
C MET G 397 -36.91 -9.24 -30.58
N MET G 398 -36.08 -10.23 -30.25
CA MET G 398 -34.88 -9.98 -29.46
C MET G 398 -33.63 -9.78 -30.36
N THR G 399 -32.78 -8.81 -30.01
CA THR G 399 -31.57 -8.51 -30.76
C THR G 399 -30.41 -8.28 -29.80
N LYS G 400 -29.15 -8.40 -30.24
CA LYS G 400 -28.08 -8.28 -29.26
C LYS G 400 -27.74 -6.81 -29.00
N LYS G 401 -27.62 -6.51 -27.69
CA LYS G 401 -27.02 -5.28 -27.17
C LYS G 401 -25.52 -5.37 -27.42
N PRO G 402 -24.82 -4.35 -28.00
CA PRO G 402 -23.34 -4.40 -28.05
C PRO G 402 -22.72 -4.65 -26.67
N GLY G 403 -21.60 -5.37 -26.60
CA GLY G 403 -21.19 -5.90 -25.31
C GLY G 403 -20.62 -7.30 -25.42
N MET G 404 -19.95 -7.75 -24.34
CA MET G 404 -19.13 -8.97 -24.30
C MET G 404 -19.94 -10.27 -24.42
N PHE G 405 -21.00 -10.49 -23.63
CA PHE G 405 -21.67 -11.78 -23.71
C PHE G 405 -22.94 -11.61 -24.59
N PHE G 406 -24.06 -12.22 -24.23
CA PHE G 406 -25.19 -12.21 -25.14
C PHE G 406 -26.35 -11.58 -24.37
N ASN G 407 -26.50 -10.26 -24.39
CA ASN G 407 -27.63 -9.63 -23.74
C ASN G 407 -28.58 -9.17 -24.83
N PRO G 408 -29.65 -9.98 -25.04
CA PRO G 408 -30.74 -9.64 -25.96
C PRO G 408 -31.64 -8.56 -25.38
N GLU G 409 -32.12 -7.63 -26.18
CA GLU G 409 -33.11 -6.66 -25.72
C GLU G 409 -34.27 -6.72 -26.72
N GLU G 410 -35.52 -6.44 -26.26
CA GLU G 410 -36.69 -6.40 -27.15
C GLU G 410 -36.49 -5.22 -28.09
N SER G 411 -36.83 -5.39 -29.37
CA SER G 411 -36.68 -4.37 -30.39
C SER G 411 -37.92 -4.45 -31.30
N GLU G 412 -38.22 -3.40 -32.08
CA GLU G 412 -39.36 -3.37 -32.99
C GLU G 412 -38.89 -3.03 -34.40
N LEU G 413 -39.35 -3.76 -35.43
CA LEU G 413 -39.03 -3.43 -36.79
C LEU G 413 -40.30 -3.03 -37.53
N ASP G 414 -40.24 -1.92 -38.30
CA ASP G 414 -41.31 -1.57 -39.21
C ASP G 414 -41.26 -2.40 -40.50
N LEU G 415 -42.30 -3.18 -40.78
CA LEU G 415 -42.43 -3.99 -41.99
C LEU G 415 -43.52 -3.44 -42.94
N THR G 416 -44.07 -2.27 -42.61
CA THR G 416 -45.09 -1.64 -43.41
C THR G 416 -44.30 -1.10 -44.59
N TYR G 417 -44.55 -1.66 -45.78
CA TYR G 417 -43.98 -1.30 -47.08
C TYR G 417 -42.45 -1.53 -47.12
N GLY G 418 -41.87 -2.18 -46.09
CA GLY G 418 -40.46 -2.54 -46.04
C GLY G 418 -39.57 -1.30 -45.95
N ASN G 419 -38.51 -1.23 -46.80
CA ASN G 419 -37.67 -0.04 -46.96
C ASN G 419 -38.15 0.63 -48.23
N ARG G 420 -37.75 1.89 -48.47
CA ARG G 420 -38.04 2.70 -49.66
C ARG G 420 -39.56 2.76 -49.99
N TYR G 421 -40.37 3.31 -49.08
CA TYR G 421 -41.82 3.18 -49.15
C TYR G 421 -42.54 4.52 -49.27
N LYS G 422 -41.74 5.58 -49.59
CA LYS G 422 -41.64 6.95 -49.06
C LYS G 422 -42.43 7.00 -47.74
N ASN G 423 -43.33 7.97 -47.54
CA ASN G 423 -44.34 7.97 -46.47
C ASN G 423 -45.66 7.89 -47.24
N VAL G 424 -46.75 7.32 -46.70
CA VAL G 424 -47.76 6.73 -47.61
C VAL G 424 -49.15 7.27 -47.30
N LYS G 425 -49.79 8.01 -48.24
CA LYS G 425 -51.14 8.55 -48.00
C LYS G 425 -52.15 7.74 -48.83
N LEU G 426 -52.98 6.94 -48.12
CA LEU G 426 -53.96 6.08 -48.81
C LEU G 426 -55.31 6.77 -48.91
N PRO G 427 -56.09 6.54 -49.99
CA PRO G 427 -57.53 6.74 -49.97
C PRO G 427 -58.21 5.94 -48.86
N ASP G 428 -59.11 6.62 -48.16
CA ASP G 428 -60.14 6.07 -47.29
C ASP G 428 -60.46 4.61 -47.68
N ALA G 429 -60.49 3.71 -46.68
CA ALA G 429 -60.75 2.30 -46.91
C ALA G 429 -62.18 2.09 -47.45
N TYR G 430 -63.11 2.94 -47.02
CA TYR G 430 -64.51 2.89 -47.40
C TYR G 430 -64.68 3.29 -48.87
N GLU G 431 -63.99 4.35 -49.27
CA GLU G 431 -63.91 4.77 -50.66
C GLU G 431 -63.48 3.57 -51.51
N ARG G 432 -62.48 2.81 -51.04
CA ARG G 432 -61.94 1.68 -51.77
C ARG G 432 -62.93 0.52 -51.80
N LEU G 433 -63.77 0.45 -50.77
CA LEU G 433 -64.72 -0.65 -50.65
C LEU G 433 -65.87 -0.46 -51.65
N ILE G 434 -66.29 0.78 -51.86
CA ILE G 434 -67.35 1.04 -52.81
C ILE G 434 -66.81 0.84 -54.22
N LEU G 435 -65.55 1.25 -54.42
CA LEU G 435 -64.87 0.99 -55.67
C LEU G 435 -64.84 -0.51 -55.98
N ASP G 436 -64.67 -1.35 -54.97
CA ASP G 436 -64.71 -2.78 -55.19
C ASP G 436 -66.01 -3.22 -55.86
N VAL G 437 -67.14 -2.58 -55.51
CA VAL G 437 -68.42 -3.01 -56.06
C VAL G 437 -68.46 -2.66 -57.55
N PHE G 438 -67.95 -1.49 -57.91
CA PHE G 438 -67.80 -1.15 -59.32
C PHE G 438 -66.94 -2.18 -60.05
N CYS G 439 -65.93 -2.77 -59.36
CA CYS G 439 -64.97 -3.69 -59.96
C CYS G 439 -65.40 -5.14 -59.89
N GLY G 440 -66.55 -5.42 -59.29
CA GLY G 440 -67.04 -6.79 -59.21
C GLY G 440 -66.28 -7.62 -58.17
N SER G 441 -65.67 -7.00 -57.15
CA SER G 441 -64.74 -7.69 -56.25
C SER G 441 -65.34 -7.92 -54.86
N GLN G 442 -65.68 -9.21 -54.52
CA GLN G 442 -66.50 -9.51 -53.36
C GLN G 442 -65.71 -10.02 -52.13
N MET G 443 -64.38 -10.12 -52.26
CA MET G 443 -63.46 -10.63 -51.23
C MET G 443 -63.77 -10.16 -49.80
N HIS G 444 -63.97 -8.85 -49.63
CA HIS G 444 -64.16 -8.19 -48.33
C HIS G 444 -65.63 -7.95 -47.97
N PHE G 445 -66.54 -8.68 -48.63
CA PHE G 445 -67.94 -8.63 -48.35
C PHE G 445 -68.32 -10.04 -47.92
N VAL G 446 -69.25 -10.09 -46.98
CA VAL G 446 -69.61 -11.31 -46.28
C VAL G 446 -70.52 -12.11 -47.21
N ARG G 447 -70.17 -13.37 -47.40
CA ARG G 447 -70.95 -14.28 -48.22
C ARG G 447 -72.03 -14.96 -47.36
N SER G 448 -73.10 -15.46 -48.01
CA SER G 448 -74.24 -16.03 -47.28
C SER G 448 -73.81 -17.19 -46.38
N ASP G 449 -73.00 -18.11 -46.89
CA ASP G 449 -72.57 -19.29 -46.12
C ASP G 449 -71.71 -18.86 -44.91
N GLU G 450 -70.86 -17.85 -45.13
CA GLU G 450 -69.99 -17.21 -44.16
C GLU G 450 -70.84 -16.60 -43.05
N LEU G 451 -71.89 -15.86 -43.45
CA LEU G 451 -72.80 -15.24 -42.51
C LEU G 451 -73.49 -16.27 -41.60
N ARG G 452 -73.96 -17.38 -42.18
CA ARG G 452 -74.68 -18.39 -41.39
C ARG G 452 -73.74 -18.91 -40.29
N GLU G 453 -72.46 -19.19 -40.66
CA GLU G 453 -71.50 -19.71 -39.72
C GLU G 453 -71.26 -18.70 -38.60
N ALA G 454 -71.18 -17.40 -38.95
CA ALA G 454 -71.02 -16.35 -37.96
C ALA G 454 -72.13 -16.35 -36.92
N TRP G 455 -73.38 -16.55 -37.38
CA TRP G 455 -74.53 -16.54 -36.47
C TRP G 455 -74.57 -17.82 -35.64
N ARG G 456 -74.19 -18.96 -36.23
CA ARG G 456 -74.18 -20.23 -35.51
C ARG G 456 -73.24 -20.14 -34.30
N ILE G 457 -72.08 -19.53 -34.53
CA ILE G 457 -71.06 -19.37 -33.49
C ILE G 457 -71.59 -18.58 -32.30
N PHE G 458 -72.24 -17.44 -32.56
CA PHE G 458 -72.63 -16.52 -31.48
C PHE G 458 -74.07 -16.67 -31.00
N THR G 459 -74.94 -17.42 -31.69
CA THR G 459 -76.37 -17.35 -31.41
C THR G 459 -76.70 -17.97 -30.04
N PRO G 460 -76.21 -19.18 -29.68
CA PRO G 460 -76.48 -19.72 -28.34
C PRO G 460 -76.14 -18.71 -27.23
N LEU G 461 -74.99 -18.05 -27.34
CA LEU G 461 -74.58 -17.09 -26.34
C LEU G 461 -75.54 -15.90 -26.29
N LEU G 462 -75.90 -15.34 -27.45
CA LEU G 462 -76.76 -14.16 -27.46
C LEU G 462 -78.14 -14.50 -26.87
N HIS G 463 -78.63 -15.71 -27.15
CA HIS G 463 -79.91 -16.14 -26.60
C HIS G 463 -79.80 -16.27 -25.08
N GLN G 464 -78.69 -16.86 -24.61
CA GLN G 464 -78.46 -17.01 -23.17
C GLN G 464 -78.41 -15.67 -22.46
N ILE G 465 -77.73 -14.68 -23.07
CA ILE G 465 -77.67 -13.32 -22.53
C ILE G 465 -79.10 -12.76 -22.43
N GLU G 466 -79.92 -12.92 -23.50
CA GLU G 466 -81.24 -12.31 -23.52
C GLU G 466 -82.16 -12.95 -22.51
N LEU G 467 -82.00 -14.25 -22.27
CA LEU G 467 -82.86 -14.98 -21.35
C LEU G 467 -82.39 -14.83 -19.90
N GLU G 468 -81.08 -14.89 -19.60
CA GLU G 468 -80.64 -14.79 -18.21
C GLU G 468 -80.46 -13.31 -17.81
N LYS G 469 -80.39 -12.40 -18.78
CA LYS G 469 -80.12 -10.99 -18.54
C LYS G 469 -78.99 -10.79 -17.53
N PRO G 470 -77.77 -11.40 -17.70
CA PRO G 470 -76.70 -11.24 -16.72
C PRO G 470 -76.25 -9.78 -16.68
N LYS G 471 -75.99 -9.30 -15.45
CA LYS G 471 -75.65 -7.92 -15.18
C LYS G 471 -74.22 -7.70 -15.72
N PRO G 472 -73.95 -6.82 -16.72
CA PRO G 472 -72.58 -6.68 -17.21
C PRO G 472 -71.73 -5.94 -16.19
N ILE G 473 -70.41 -6.12 -16.29
CA ILE G 473 -69.45 -5.58 -15.33
C ILE G 473 -69.24 -4.08 -15.60
N PRO G 474 -69.31 -3.24 -14.56
CA PRO G 474 -69.02 -1.83 -14.73
C PRO G 474 -67.53 -1.56 -14.97
N TYR G 475 -67.25 -0.50 -15.71
CA TYR G 475 -65.92 -0.04 -16.00
C TYR G 475 -66.01 1.47 -16.20
N ILE G 476 -65.04 2.19 -15.62
CA ILE G 476 -65.01 3.64 -15.65
C ILE G 476 -64.76 4.05 -17.12
N TYR G 477 -65.51 5.01 -17.65
CA TYR G 477 -65.24 5.72 -18.87
C TYR G 477 -63.77 6.17 -18.89
N GLY G 478 -63.05 5.70 -19.92
CA GLY G 478 -61.68 6.08 -20.18
C GLY G 478 -60.72 4.99 -19.73
N SER G 479 -61.20 3.94 -19.05
CA SER G 479 -60.36 2.83 -18.61
C SER G 479 -60.22 1.81 -19.74
N ARG G 480 -59.50 0.69 -19.50
CA ARG G 480 -59.39 -0.35 -20.52
C ARG G 480 -60.51 -1.39 -20.36
N GLY G 481 -61.45 -1.13 -19.46
CA GLY G 481 -62.59 -2.02 -19.33
C GLY G 481 -62.44 -2.91 -18.11
N PRO G 482 -63.32 -3.91 -17.93
CA PRO G 482 -63.30 -4.77 -16.77
C PRO G 482 -61.98 -5.50 -16.63
N THR G 483 -61.46 -5.57 -15.39
CA THR G 483 -60.17 -6.18 -15.16
C THR G 483 -60.36 -7.69 -15.35
N GLU G 484 -61.60 -8.20 -15.22
CA GLU G 484 -61.93 -9.60 -15.53
C GLU G 484 -61.57 -10.03 -16.96
N ALA G 485 -61.53 -9.04 -17.89
CA ALA G 485 -61.11 -9.29 -19.26
C ALA G 485 -59.63 -9.67 -19.27
N ASP G 486 -58.81 -8.91 -18.52
CA ASP G 486 -57.38 -9.21 -18.34
C ASP G 486 -57.19 -10.61 -17.75
N GLU G 487 -58.03 -11.03 -16.75
CA GLU G 487 -57.92 -12.34 -16.15
C GLU G 487 -58.26 -13.45 -17.17
N LEU G 488 -59.28 -13.23 -18.01
CA LEU G 488 -59.64 -14.20 -19.02
C LEU G 488 -58.48 -14.36 -20.03
N MET G 489 -57.86 -13.24 -20.42
CA MET G 489 -56.72 -13.28 -21.31
C MET G 489 -55.53 -14.04 -20.70
N LYS G 490 -55.12 -13.74 -19.44
CA LYS G 490 -54.07 -14.48 -18.73
C LYS G 490 -54.44 -15.97 -18.69
N ARG G 491 -55.72 -16.29 -18.39
CA ARG G 491 -56.13 -17.66 -18.15
C ARG G 491 -55.93 -18.47 -19.41
N VAL G 492 -56.06 -17.88 -20.62
CA VAL G 492 -56.05 -18.68 -21.85
C VAL G 492 -54.67 -18.63 -22.51
N GLY G 493 -53.68 -17.89 -21.99
CA GLY G 493 -52.28 -18.02 -22.38
C GLY G 493 -51.59 -16.72 -22.82
N PHE G 494 -52.22 -15.55 -22.59
CA PHE G 494 -51.65 -14.28 -23.01
C PHE G 494 -50.74 -13.76 -21.90
N GLN G 495 -49.63 -13.06 -22.27
CA GLN G 495 -48.71 -12.38 -21.36
C GLN G 495 -48.55 -10.88 -21.65
N TYR G 496 -48.53 -9.95 -20.65
CA TYR G 496 -48.38 -8.50 -20.90
C TYR G 496 -46.92 -8.09 -21.11
N VAL H 1 6.37 84.68 -5.77
CA VAL H 1 7.00 84.89 -7.11
C VAL H 1 8.54 85.05 -6.88
N ALA H 2 9.41 84.21 -7.50
CA ALA H 2 10.80 84.56 -7.88
C ALA H 2 11.88 84.18 -6.85
N LEU H 3 12.88 83.32 -7.22
CA LEU H 3 13.80 82.60 -6.33
C LEU H 3 15.24 82.62 -6.88
N SER H 4 16.22 83.23 -6.18
CA SER H 4 17.61 83.21 -6.60
C SER H 4 18.23 81.82 -6.40
N ARG H 5 19.42 81.61 -7.00
CA ARG H 5 20.21 80.38 -6.84
C ARG H 5 20.52 80.11 -5.35
N THR H 6 20.86 81.14 -4.56
CA THR H 6 21.26 80.76 -3.20
C THR H 6 20.10 80.92 -2.23
N GLN H 7 18.88 81.34 -2.65
CA GLN H 7 17.70 81.10 -1.82
C GLN H 7 17.24 79.64 -1.92
N VAL H 8 17.33 79.06 -3.12
CA VAL H 8 17.10 77.63 -3.38
C VAL H 8 18.07 76.79 -2.53
N CYS H 9 19.36 77.16 -2.45
CA CYS H 9 20.32 76.48 -1.58
C CYS H 9 19.95 76.64 -0.10
N GLY H 10 19.37 77.76 0.32
CA GLY H 10 18.85 77.93 1.67
C GLY H 10 17.73 76.94 2.02
N ILE H 11 16.81 76.72 1.05
CA ILE H 11 15.68 75.81 1.19
C ILE H 11 16.25 74.39 1.33
N LEU H 12 17.18 74.02 0.42
CA LEU H 12 17.82 72.72 0.46
C LEU H 12 18.55 72.44 1.78
N ARG H 13 19.36 73.40 2.25
CA ARG H 13 20.13 73.25 3.49
C ARG H 13 19.17 73.03 4.65
N GLU H 14 18.07 73.77 4.69
CA GLU H 14 17.07 73.67 5.76
C GLU H 14 16.48 72.25 5.77
N GLU H 15 16.24 71.70 4.57
CA GLU H 15 15.64 70.38 4.40
C GLU H 15 16.61 69.27 4.81
N LEU H 16 17.86 69.39 4.39
CA LEU H 16 18.96 68.50 4.79
C LEU H 16 19.11 68.45 6.30
N PHE H 17 19.06 69.63 6.95
CA PHE H 17 19.18 69.74 8.40
C PHE H 17 17.96 69.05 9.04
N GLN H 18 16.70 69.41 8.68
CA GLN H 18 15.56 68.78 9.34
C GLN H 18 15.54 67.27 9.07
N GLY H 19 15.94 66.75 7.89
CA GLY H 19 15.91 65.32 7.58
C GLY H 19 16.98 64.49 8.27
N ASP H 20 16.56 63.30 8.72
CA ASP H 20 17.36 62.30 9.45
C ASP H 20 18.38 61.62 8.55
N ALA H 21 18.17 61.68 7.23
CA ALA H 21 18.89 60.96 6.20
C ALA H 21 20.25 61.59 5.92
N PHE H 22 20.44 62.88 6.22
CA PHE H 22 21.64 63.61 5.84
C PHE H 22 22.84 63.56 6.84
N HIS H 23 22.66 63.79 8.15
CA HIS H 23 23.75 63.66 9.18
C HIS H 23 24.83 64.74 9.03
N GLN H 24 24.36 65.96 9.24
CA GLN H 24 25.08 67.23 9.11
C GLN H 24 26.31 67.27 10.02
N SER H 25 26.21 66.57 11.16
CA SER H 25 27.16 66.57 12.26
C SER H 25 28.23 65.49 12.12
N ASP H 26 27.93 64.35 11.49
CA ASP H 26 28.90 63.29 11.26
C ASP H 26 29.99 63.71 10.28
N THR H 27 31.16 63.09 10.47
CA THR H 27 32.29 63.30 9.59
C THR H 27 32.06 62.47 8.33
N HIS H 28 32.41 63.04 7.17
CA HIS H 28 32.30 62.35 5.90
C HIS H 28 33.64 62.44 5.19
N ILE H 29 34.02 61.34 4.52
CA ILE H 29 35.17 61.42 3.64
C ILE H 29 34.69 61.12 2.23
N PHE H 30 35.06 62.02 1.30
CA PHE H 30 34.75 61.87 -0.10
C PHE H 30 36.04 61.49 -0.84
N ILE H 31 36.13 60.23 -1.31
CA ILE H 31 37.33 59.72 -1.92
C ILE H 31 37.16 59.69 -3.43
N ILE H 32 37.94 60.48 -4.13
CA ILE H 32 37.96 60.44 -5.59
C ILE H 32 39.10 59.52 -6.07
N MET H 33 38.73 58.27 -6.37
CA MET H 33 39.64 57.31 -6.98
C MET H 33 39.75 57.69 -8.46
N GLY H 34 40.97 57.99 -8.92
CA GLY H 34 41.15 58.53 -10.27
C GLY H 34 41.14 60.05 -10.30
N ALA H 35 41.69 60.65 -9.24
CA ALA H 35 41.65 62.10 -9.02
C ALA H 35 42.46 62.91 -10.06
N SER H 36 43.40 62.23 -10.75
CA SER H 36 44.22 62.80 -11.81
C SER H 36 43.46 62.90 -13.14
N GLY H 37 42.46 62.02 -13.37
CA GLY H 37 41.73 61.88 -14.64
C GLY H 37 40.91 63.10 -15.04
N ASP H 38 40.34 63.12 -16.22
CA ASP H 38 39.60 64.29 -16.73
C ASP H 38 38.26 64.45 -16.05
N LEU H 39 37.56 63.34 -15.81
CA LEU H 39 36.28 63.39 -15.11
C LEU H 39 36.47 64.09 -13.76
N ALA H 40 37.50 63.68 -12.99
CA ALA H 40 37.74 64.27 -11.68
C ALA H 40 38.00 65.76 -11.81
N LYS H 41 38.92 66.07 -12.74
CA LYS H 41 39.45 67.41 -12.97
C LYS H 41 38.33 68.38 -13.39
N LYS H 42 37.43 67.93 -14.27
CA LYS H 42 36.50 68.81 -14.95
C LYS H 42 35.11 68.77 -14.36
N LYS H 43 34.72 67.66 -13.70
CA LYS H 43 33.35 67.46 -13.26
C LYS H 43 33.32 67.23 -11.73
N ILE H 44 34.09 66.26 -11.22
CA ILE H 44 33.92 65.87 -9.82
C ILE H 44 34.46 66.91 -8.84
N TYR H 45 35.72 67.36 -9.02
CA TYR H 45 36.29 68.32 -8.08
C TYR H 45 35.49 69.61 -8.10
N PRO H 46 35.15 70.17 -9.29
CA PRO H 46 34.30 71.37 -9.34
C PRO H 46 32.96 71.16 -8.64
N THR H 47 32.34 69.97 -8.80
CA THR H 47 30.99 69.77 -8.28
C THR H 47 30.99 69.63 -6.77
N ILE H 48 31.98 68.89 -6.21
CA ILE H 48 32.12 68.76 -4.78
C ILE H 48 32.48 70.13 -4.19
N TRP H 49 33.24 70.94 -4.93
CA TRP H 49 33.44 72.33 -4.56
C TRP H 49 32.12 73.09 -4.52
N TRP H 50 31.23 72.90 -5.51
CA TRP H 50 29.98 73.66 -5.52
C TRP H 50 29.16 73.29 -4.31
N LEU H 51 29.08 71.98 -4.02
CA LEU H 51 28.38 71.51 -2.83
C LEU H 51 28.96 72.17 -1.57
N PHE H 52 30.30 72.18 -1.44
CA PHE H 52 30.94 72.75 -0.26
C PHE H 52 30.51 74.21 -0.14
N ARG H 53 30.75 74.98 -1.22
CA ARG H 53 30.48 76.40 -1.32
C ARG H 53 29.01 76.74 -1.04
N ASP H 54 28.09 75.87 -1.49
CA ASP H 54 26.65 76.09 -1.37
C ASP H 54 26.13 75.80 0.03
N GLY H 55 26.98 75.26 0.91
CA GLY H 55 26.64 74.98 2.29
C GLY H 55 25.87 73.67 2.38
N LEU H 56 26.10 72.77 1.42
CA LEU H 56 25.28 71.58 1.25
C LEU H 56 26.03 70.29 1.59
N LEU H 57 27.32 70.40 1.92
CA LEU H 57 28.03 69.26 2.48
C LEU H 57 27.89 69.29 3.99
N PRO H 58 27.98 68.11 4.67
CA PRO H 58 28.17 68.10 6.13
C PRO H 58 29.39 68.94 6.52
N GLU H 59 29.35 69.64 7.67
CA GLU H 59 30.40 70.57 8.11
C GLU H 59 31.80 69.93 8.06
N ASN H 60 31.86 68.66 8.47
CA ASN H 60 33.13 67.96 8.63
C ASN H 60 33.29 66.99 7.46
N THR H 61 33.64 67.50 6.29
CA THR H 61 33.81 66.65 5.12
C THR H 61 35.24 66.83 4.63
N PHE H 62 35.92 65.73 4.33
CA PHE H 62 37.26 65.76 3.77
C PHE H 62 37.21 65.18 2.36
N ILE H 63 38.04 65.73 1.48
CA ILE H 63 38.15 65.20 0.12
C ILE H 63 39.55 64.58 -0.04
N VAL H 64 39.59 63.28 -0.31
CA VAL H 64 40.80 62.56 -0.53
C VAL H 64 40.85 62.08 -2.00
N GLY H 65 41.81 62.65 -2.74
CA GLY H 65 42.22 62.13 -4.03
C GLY H 65 43.12 60.91 -3.93
N TYR H 66 42.96 59.97 -4.87
CA TYR H 66 43.80 58.81 -5.02
C TYR H 66 43.98 58.47 -6.50
N ALA H 67 45.23 58.38 -6.97
CA ALA H 67 45.59 57.94 -8.32
C ALA H 67 47.07 57.50 -8.35
N ARG H 68 47.57 57.00 -9.51
CA ARG H 68 48.94 56.50 -9.63
C ARG H 68 49.94 57.66 -9.54
N SER H 69 49.62 58.83 -10.12
CA SER H 69 50.55 59.96 -10.27
C SER H 69 50.97 60.50 -8.89
N ARG H 70 52.22 60.95 -8.76
CA ARG H 70 52.69 61.41 -7.46
C ARG H 70 52.41 62.92 -7.43
N LEU H 71 51.27 63.33 -6.82
CA LEU H 71 50.82 64.70 -6.94
C LEU H 71 50.65 65.30 -5.53
N THR H 72 50.67 66.64 -5.47
CA THR H 72 50.21 67.36 -4.29
C THR H 72 48.78 67.89 -4.52
N VAL H 73 48.16 68.39 -3.43
CA VAL H 73 46.92 69.14 -3.51
C VAL H 73 47.10 70.41 -4.36
N ALA H 74 48.26 71.09 -4.22
CA ALA H 74 48.62 72.20 -5.10
C ALA H 74 48.49 71.84 -6.58
N ASP H 75 48.88 70.62 -6.99
CA ASP H 75 48.79 70.21 -8.39
C ASP H 75 47.33 70.04 -8.80
N ILE H 76 46.57 69.28 -8.00
CA ILE H 76 45.13 69.10 -8.16
C ILE H 76 44.44 70.44 -8.38
N ARG H 77 44.69 71.37 -7.46
CA ARG H 77 44.16 72.73 -7.52
C ARG H 77 44.53 73.41 -8.85
N LYS H 78 45.80 73.40 -9.26
CA LYS H 78 46.21 74.05 -10.50
C LYS H 78 45.40 73.49 -11.69
N GLN H 79 45.30 72.15 -11.82
CA GLN H 79 44.67 71.54 -12.98
C GLN H 79 43.13 71.73 -12.91
N SER H 80 42.48 71.66 -11.71
CA SER H 80 41.01 71.65 -11.56
C SER H 80 40.41 73.04 -11.33
N GLU H 81 41.10 73.94 -10.63
CA GLU H 81 40.45 75.17 -10.22
C GLU H 81 39.87 75.97 -11.39
N PRO H 82 40.46 76.01 -12.63
CA PRO H 82 39.84 76.69 -13.78
C PRO H 82 38.37 76.34 -14.09
N PHE H 83 37.96 75.10 -13.76
CA PHE H 83 36.61 74.60 -13.98
C PHE H 83 35.65 74.84 -12.81
N PHE H 84 36.14 75.47 -11.74
CA PHE H 84 35.36 75.74 -10.53
C PHE H 84 34.50 76.99 -10.70
N LYS H 85 34.92 77.87 -11.64
CA LYS H 85 34.29 79.14 -11.91
C LYS H 85 34.14 79.90 -10.61
N ALA H 86 35.24 79.93 -9.84
CA ALA H 86 35.29 80.60 -8.56
C ALA H 86 35.32 82.09 -8.83
N THR H 87 34.71 82.89 -7.95
CA THR H 87 34.74 84.32 -8.07
C THR H 87 35.74 84.83 -7.02
N PRO H 88 36.15 86.12 -7.06
CA PRO H 88 37.01 86.68 -6.02
C PRO H 88 36.40 86.65 -4.61
N GLU H 89 35.07 86.86 -4.50
CA GLU H 89 34.30 86.81 -3.26
C GLU H 89 34.49 85.48 -2.56
N GLU H 90 34.81 84.41 -3.31
CA GLU H 90 34.87 83.07 -2.77
C GLU H 90 36.29 82.66 -2.37
N LYS H 91 37.26 83.60 -2.33
CA LYS H 91 38.64 83.32 -1.96
C LYS H 91 38.75 82.58 -0.62
N LEU H 92 37.98 83.01 0.41
CA LEU H 92 38.04 82.41 1.74
C LEU H 92 37.50 80.98 1.77
N LYS H 93 36.32 80.80 1.17
CA LYS H 93 35.73 79.47 1.10
C LYS H 93 36.64 78.51 0.31
N LEU H 94 37.41 79.04 -0.64
CA LEU H 94 38.22 78.19 -1.49
C LEU H 94 39.44 77.73 -0.71
N GLU H 95 40.00 78.61 0.13
CA GLU H 95 41.06 78.23 1.06
C GLU H 95 40.57 77.13 1.99
N ASP H 96 39.42 77.37 2.65
CA ASP H 96 38.87 76.40 3.59
C ASP H 96 38.60 75.05 2.87
N PHE H 97 38.14 75.08 1.60
CA PHE H 97 37.92 73.87 0.81
C PHE H 97 39.22 73.10 0.58
N PHE H 98 40.28 73.80 0.11
CA PHE H 98 41.53 73.12 -0.23
C PHE H 98 42.27 72.60 1.01
N ALA H 99 42.02 73.23 2.18
CA ALA H 99 42.55 72.76 3.46
C ALA H 99 41.94 71.42 3.83
N ARG H 100 40.75 71.09 3.31
CA ARG H 100 40.08 69.82 3.60
C ARG H 100 40.40 68.78 2.54
N ASN H 101 41.29 69.14 1.63
CA ASN H 101 41.68 68.28 0.53
C ASN H 101 43.00 67.59 0.86
N SER H 102 43.20 66.37 0.38
CA SER H 102 44.47 65.66 0.51
C SER H 102 44.56 64.68 -0.65
N TYR H 103 45.77 64.16 -0.90
CA TYR H 103 45.98 63.25 -2.02
C TYR H 103 46.88 62.11 -1.58
N VAL H 104 46.58 60.90 -2.06
CA VAL H 104 47.42 59.72 -1.83
C VAL H 104 47.73 59.08 -3.19
N ALA H 105 49.02 58.96 -3.54
CA ALA H 105 49.47 58.21 -4.71
C ALA H 105 49.37 56.71 -4.43
N GLY H 106 48.90 55.92 -5.40
CA GLY H 106 48.89 54.49 -5.25
C GLY H 106 48.56 53.78 -6.56
N GLN H 107 48.83 52.46 -6.58
CA GLN H 107 48.45 51.59 -7.67
C GLN H 107 47.01 51.08 -7.39
N TYR H 108 46.31 50.67 -8.47
CA TYR H 108 44.90 50.27 -8.37
C TYR H 108 44.76 48.79 -7.99
N ASP H 109 45.83 47.98 -8.15
CA ASP H 109 45.83 46.60 -7.68
C ASP H 109 47.01 46.31 -6.74
N ASP H 110 47.25 47.19 -5.77
CA ASP H 110 48.32 47.05 -4.81
C ASP H 110 47.79 47.26 -3.38
N ALA H 111 47.72 46.16 -2.60
CA ALA H 111 47.16 46.15 -1.26
C ALA H 111 47.84 47.18 -0.35
N ALA H 112 49.19 47.30 -0.45
CA ALA H 112 49.97 48.24 0.35
C ALA H 112 49.53 49.68 0.05
N SER H 113 49.25 49.99 -1.22
CA SER H 113 48.81 51.32 -1.62
C SER H 113 47.49 51.68 -0.96
N TYR H 114 46.61 50.68 -0.85
CA TYR H 114 45.30 50.88 -0.23
C TYR H 114 45.40 51.00 1.30
N GLN H 115 46.38 50.33 1.93
CA GLN H 115 46.62 50.50 3.35
C GLN H 115 47.08 51.92 3.63
N ARG H 116 47.89 52.50 2.75
CA ARG H 116 48.33 53.87 2.95
C ARG H 116 47.10 54.79 2.92
N LEU H 117 46.19 54.56 1.95
CA LEU H 117 44.97 55.34 1.82
C LEU H 117 44.09 55.20 3.09
N ASN H 118 43.97 53.97 3.61
CA ASN H 118 43.20 53.73 4.83
C ASN H 118 43.82 54.42 6.05
N SER H 119 45.15 54.37 6.19
CA SER H 119 45.86 55.00 7.29
C SER H 119 45.73 56.50 7.19
N HIS H 120 45.82 56.99 5.94
CA HIS H 120 45.65 58.40 5.69
C HIS H 120 44.29 58.88 6.21
N MET H 121 43.26 58.06 5.95
CA MET H 121 41.90 58.41 6.28
C MET H 121 41.72 58.36 7.79
N ASN H 122 42.25 57.28 8.40
CA ASN H 122 42.22 57.09 9.86
C ASN H 122 42.87 58.25 10.59
N ALA H 123 43.87 58.86 9.97
CA ALA H 123 44.63 59.96 10.55
C ALA H 123 43.89 61.31 10.42
N LEU H 124 42.83 61.41 9.63
CA LEU H 124 42.05 62.64 9.57
C LEU H 124 41.23 62.75 10.86
N HIS H 125 40.89 63.98 11.31
CA HIS H 125 40.03 64.18 12.44
C HIS H 125 38.74 63.31 12.33
N LEU H 126 38.68 62.27 13.18
CA LEU H 126 37.57 61.32 13.34
C LEU H 126 37.42 60.46 12.10
N GLY H 127 38.52 60.24 11.38
CA GLY H 127 38.57 59.48 10.15
C GLY H 127 38.05 58.05 10.27
N SER H 128 38.30 57.42 11.44
CA SER H 128 37.96 56.01 11.69
C SER H 128 36.46 55.84 11.86
N GLN H 129 35.75 56.96 12.14
CA GLN H 129 34.31 56.99 12.36
C GLN H 129 33.50 57.55 11.17
N ALA H 130 34.17 58.23 10.24
CA ALA H 130 33.57 58.94 9.12
C ALA H 130 32.78 58.00 8.20
N ASN H 131 31.69 58.52 7.67
CA ASN H 131 31.01 57.94 6.52
C ASN H 131 32.00 58.04 5.36
N ARG H 132 32.13 56.99 4.57
CA ARG H 132 33.10 56.97 3.47
C ARG H 132 32.37 56.78 2.13
N LEU H 133 32.62 57.73 1.24
CA LEU H 133 31.96 57.78 -0.06
C LEU H 133 33.06 57.70 -1.14
N PHE H 134 33.08 56.55 -1.84
CA PHE H 134 34.12 56.31 -2.82
C PHE H 134 33.54 56.59 -4.20
N TYR H 135 34.11 57.59 -4.88
CA TYR H 135 33.76 57.88 -6.25
C TYR H 135 34.75 57.15 -7.16
N LEU H 136 34.29 56.09 -7.87
CA LEU H 136 35.13 55.34 -8.78
C LEU H 136 35.20 56.02 -10.15
N ALA H 137 36.00 57.09 -10.23
CA ALA H 137 36.23 57.91 -11.42
C ALA H 137 37.38 57.33 -12.27
N LEU H 138 37.16 56.12 -12.75
CA LEU H 138 38.12 55.27 -13.45
C LEU H 138 37.39 54.48 -14.53
N PRO H 139 38.11 54.02 -15.58
CA PRO H 139 37.53 53.08 -16.57
C PRO H 139 37.05 51.81 -15.84
N PRO H 140 35.93 51.14 -16.24
CA PRO H 140 35.52 49.89 -15.59
C PRO H 140 36.47 48.70 -15.82
N THR H 141 37.47 48.85 -16.66
CA THR H 141 38.49 47.83 -16.80
C THR H 141 39.31 47.61 -15.51
N VAL H 142 39.28 48.52 -14.52
CA VAL H 142 39.96 48.31 -13.24
C VAL H 142 38.98 48.18 -12.07
N TYR H 143 37.66 48.11 -12.33
CA TYR H 143 36.65 48.07 -11.28
C TYR H 143 36.77 46.82 -10.41
N GLU H 144 37.07 45.66 -11.00
CA GLU H 144 37.22 44.47 -10.18
C GLU H 144 38.33 44.67 -9.17
N ALA H 145 39.47 45.23 -9.61
CA ALA H 145 40.62 45.39 -8.72
C ALA H 145 40.31 46.42 -7.62
N VAL H 146 39.70 47.52 -8.06
CA VAL H 146 39.47 48.64 -7.18
C VAL H 146 38.44 48.29 -6.10
N THR H 147 37.35 47.64 -6.50
CA THR H 147 36.32 47.28 -5.53
C THR H 147 36.84 46.21 -4.58
N LYS H 148 37.68 45.28 -5.07
CA LYS H 148 38.27 44.23 -4.24
C LYS H 148 39.12 44.90 -3.15
N ASN H 149 39.97 45.83 -3.56
CA ASN H 149 40.94 46.41 -2.65
C ASN H 149 40.28 47.34 -1.64
N ILE H 150 39.23 48.06 -2.09
CA ILE H 150 38.50 48.96 -1.21
C ILE H 150 37.86 48.14 -0.10
N HIS H 151 37.17 47.05 -0.49
CA HIS H 151 36.53 46.16 0.45
C HIS H 151 37.53 45.57 1.45
N GLU H 152 38.72 45.16 1.00
CA GLU H 152 39.69 44.52 1.88
C GLU H 152 40.29 45.53 2.84
N SER H 153 40.63 46.73 2.39
CA SER H 153 41.56 47.59 3.13
C SER H 153 40.95 48.93 3.60
N CYS H 154 39.82 49.39 3.05
CA CYS H 154 39.51 50.81 3.17
C CYS H 154 38.13 51.11 3.74
N MET H 155 37.36 50.08 4.13
CA MET H 155 35.99 50.29 4.62
C MET H 155 36.00 50.87 6.05
N SER H 156 35.21 51.91 6.32
CA SER H 156 34.96 52.30 7.70
C SER H 156 34.32 51.12 8.43
N GLN H 157 34.66 50.96 9.70
CA GLN H 157 34.02 49.99 10.58
C GLN H 157 32.85 50.63 11.34
N ILE H 158 32.74 51.96 11.32
CA ILE H 158 31.79 52.71 12.09
C ILE H 158 30.78 53.39 11.15
N GLY H 159 31.26 54.26 10.23
CA GLY H 159 30.38 54.94 9.29
C GLY H 159 29.89 54.02 8.17
N TRP H 160 28.97 54.51 7.30
CA TRP H 160 28.63 53.76 6.12
C TRP H 160 29.75 53.86 5.07
N ASN H 161 29.69 52.94 4.12
CA ASN H 161 30.55 52.92 2.95
C ASN H 161 29.62 52.84 1.72
N ARG H 162 29.76 53.82 0.81
CA ARG H 162 28.98 53.85 -0.42
C ARG H 162 29.92 54.07 -1.59
N ILE H 163 29.62 53.39 -2.72
CA ILE H 163 30.46 53.61 -3.89
C ILE H 163 29.60 54.19 -5.01
N ILE H 164 30.15 55.18 -5.72
CA ILE H 164 29.56 55.65 -6.95
C ILE H 164 30.32 55.03 -8.13
N VAL H 165 29.52 54.39 -8.99
CA VAL H 165 30.01 53.65 -10.15
C VAL H 165 29.52 54.32 -11.43
N GLU H 166 30.47 54.45 -12.39
CA GLU H 166 30.25 55.07 -13.69
C GLU H 166 30.07 54.05 -14.80
N LYS H 167 29.26 54.46 -15.77
CA LYS H 167 29.09 53.74 -17.01
C LYS H 167 30.44 53.78 -17.75
N PRO H 168 30.73 52.80 -18.64
CA PRO H 168 29.81 51.70 -18.97
C PRO H 168 29.60 50.61 -17.90
N PHE H 169 28.34 50.17 -17.74
CA PHE H 169 27.96 49.09 -16.84
C PHE H 169 27.97 47.80 -17.66
N GLY H 170 29.17 47.41 -18.09
CA GLY H 170 29.35 46.40 -19.11
C GLY H 170 29.03 46.97 -20.50
N ARG H 171 29.02 46.08 -21.50
CA ARG H 171 28.66 46.42 -22.87
C ARG H 171 27.54 45.49 -23.41
N ASP H 172 27.11 44.54 -22.57
CA ASP H 172 26.02 43.64 -22.89
C ASP H 172 25.60 42.90 -21.61
N LEU H 173 24.63 41.98 -21.72
CA LEU H 173 24.12 41.31 -20.53
C LEU H 173 25.26 40.54 -19.85
N GLN H 174 26.02 39.74 -20.62
CA GLN H 174 27.00 38.84 -20.01
C GLN H 174 28.15 39.62 -19.33
N SER H 175 28.73 40.62 -20.03
CA SER H 175 29.76 41.45 -19.40
C SER H 175 29.24 42.27 -18.21
N SER H 176 28.00 42.79 -18.31
CA SER H 176 27.36 43.52 -17.22
C SER H 176 27.20 42.62 -16.00
N ASP H 177 26.70 41.39 -16.22
CA ASP H 177 26.54 40.41 -15.16
C ASP H 177 27.86 40.06 -14.47
N ARG H 178 28.96 39.86 -15.24
CA ARG H 178 30.22 39.53 -14.61
C ARG H 178 30.62 40.63 -13.64
N LEU H 179 30.54 41.88 -14.10
CA LEU H 179 30.97 43.05 -13.34
C LEU H 179 30.04 43.28 -12.12
N SER H 180 28.74 43.12 -12.35
CA SER H 180 27.76 43.42 -11.34
C SER H 180 27.81 42.34 -10.26
N ASN H 181 27.88 41.06 -10.64
CA ASN H 181 28.06 39.95 -9.71
C ASN H 181 29.36 40.11 -8.91
N HIS H 182 30.43 40.60 -9.55
CA HIS H 182 31.66 40.84 -8.80
C HIS H 182 31.41 41.88 -7.71
N ILE H 183 30.90 43.06 -8.09
CA ILE H 183 30.71 44.17 -7.17
C ILE H 183 29.70 43.78 -6.06
N SER H 184 28.71 42.94 -6.40
CA SER H 184 27.67 42.55 -5.46
C SER H 184 28.16 41.52 -4.44
N SER H 185 29.20 40.77 -4.78
CA SER H 185 29.76 39.84 -3.80
C SER H 185 30.49 40.60 -2.68
N LEU H 186 30.77 41.90 -2.88
CA LEU H 186 31.52 42.73 -1.94
C LEU H 186 30.63 43.78 -1.25
N PHE H 187 29.65 44.34 -1.98
CA PHE H 187 28.87 45.49 -1.57
C PHE H 187 27.39 45.15 -1.68
N ARG H 188 26.60 45.50 -0.65
CA ARG H 188 25.15 45.35 -0.69
C ARG H 188 24.55 46.33 -1.71
N GLU H 189 23.30 46.08 -2.18
CA GLU H 189 22.63 46.95 -3.15
C GLU H 189 22.52 48.38 -2.58
N ASP H 190 22.34 48.51 -1.26
CA ASP H 190 22.21 49.84 -0.66
C ASP H 190 23.55 50.58 -0.52
N GLN H 191 24.66 49.97 -0.98
CA GLN H 191 25.94 50.67 -1.03
C GLN H 191 26.32 51.05 -2.46
N ILE H 192 25.59 50.53 -3.45
CA ILE H 192 25.97 50.69 -4.85
C ILE H 192 25.14 51.80 -5.52
N TYR H 193 25.83 52.84 -6.00
CA TYR H 193 25.25 54.01 -6.66
C TYR H 193 25.74 54.09 -8.12
N ARG H 194 24.98 53.44 -9.02
CA ARG H 194 25.18 53.56 -10.45
C ARG H 194 24.63 54.88 -10.98
N ILE H 195 25.52 55.83 -11.30
CA ILE H 195 25.12 57.20 -11.54
C ILE H 195 24.80 57.40 -13.04
N ASP H 196 23.79 58.26 -13.25
CA ASP H 196 23.34 58.75 -14.52
C ASP H 196 23.46 60.27 -14.48
N HIS H 197 24.56 60.77 -15.10
CA HIS H 197 24.90 62.18 -15.15
C HIS H 197 23.75 63.01 -15.70
N TYR H 198 22.88 62.39 -16.51
CA TYR H 198 21.97 63.20 -17.31
C TYR H 198 20.61 63.26 -16.67
N LEU H 199 20.39 62.50 -15.58
CA LEU H 199 19.09 62.54 -14.93
C LEU H 199 18.84 63.88 -14.23
N GLY H 200 17.85 64.61 -14.73
CA GLY H 200 17.45 65.92 -14.22
C GLY H 200 16.50 65.80 -13.04
N LYS H 201 17.06 65.84 -11.82
CA LYS H 201 16.39 65.46 -10.60
C LYS H 201 15.18 66.37 -10.37
N GLU H 202 15.31 67.68 -10.58
CA GLU H 202 14.22 68.61 -10.30
C GLU H 202 13.03 68.32 -11.22
N MET H 203 13.29 68.10 -12.51
CA MET H 203 12.20 67.92 -13.48
C MET H 203 11.57 66.55 -13.31
N VAL H 204 12.34 65.52 -12.95
CA VAL H 204 11.77 64.20 -12.70
C VAL H 204 10.82 64.20 -11.51
N GLN H 205 11.15 64.98 -10.46
CA GLN H 205 10.32 65.09 -9.30
C GLN H 205 9.11 65.96 -9.61
N ASN H 206 9.26 67.05 -10.39
CA ASN H 206 8.13 67.84 -10.88
C ASN H 206 7.11 66.89 -11.52
N LEU H 207 7.55 66.16 -12.56
CA LEU H 207 6.73 65.18 -13.26
C LEU H 207 5.96 64.26 -12.30
N MET H 208 6.60 63.73 -11.24
CA MET H 208 5.93 62.82 -10.34
C MET H 208 4.78 63.52 -9.60
N VAL H 209 5.00 64.75 -9.14
CA VAL H 209 3.94 65.49 -8.51
C VAL H 209 2.81 65.80 -9.52
N LEU H 210 3.18 66.19 -10.74
CA LEU H 210 2.22 66.60 -11.75
C LEU H 210 1.21 65.49 -12.01
N ARG H 211 1.76 64.30 -12.17
CA ARG H 211 0.98 63.13 -12.51
C ARG H 211 0.20 62.58 -11.31
N PHE H 212 0.89 62.41 -10.17
CA PHE H 212 0.38 61.60 -9.08
C PHE H 212 -0.35 62.42 -8.03
N ALA H 213 -0.22 63.74 -8.06
CA ALA H 213 -0.92 64.62 -7.11
C ALA H 213 -2.22 65.21 -7.69
N ASN H 214 -2.53 64.90 -8.95
CA ASN H 214 -3.58 65.58 -9.68
C ASN H 214 -4.49 64.61 -10.46
N ARG H 215 -5.78 64.92 -10.35
CA ARG H 215 -6.82 64.28 -11.16
C ARG H 215 -6.80 64.79 -12.59
N ILE H 216 -6.20 65.93 -12.90
CA ILE H 216 -6.25 66.48 -14.25
C ILE H 216 -5.44 65.59 -15.20
N PHE H 217 -4.27 65.13 -14.68
CA PHE H 217 -3.26 64.46 -15.50
C PHE H 217 -3.18 62.95 -15.31
N GLY H 218 -3.45 62.47 -14.10
CA GLY H 218 -3.25 61.06 -13.85
C GLY H 218 -4.19 60.18 -14.70
N PRO H 219 -5.51 60.46 -14.73
CA PRO H 219 -6.41 59.66 -15.54
C PRO H 219 -6.17 59.55 -17.05
N ILE H 220 -5.39 60.43 -17.66
CA ILE H 220 -5.18 60.34 -19.13
C ILE H 220 -3.76 59.83 -19.45
N TRP H 221 -3.05 59.33 -18.42
CA TRP H 221 -1.70 58.86 -18.55
C TRP H 221 -1.67 57.39 -18.94
N ASN H 222 -2.22 57.11 -20.14
CA ASN H 222 -2.44 55.73 -20.56
C ASN H 222 -2.65 55.68 -22.06
N ARG H 223 -2.67 54.47 -22.61
CA ARG H 223 -2.86 54.16 -24.03
C ARG H 223 -4.20 54.61 -24.62
N ASP H 224 -5.25 54.77 -23.80
CA ASP H 224 -6.54 55.27 -24.27
C ASP H 224 -6.41 56.73 -24.67
N ASN H 225 -5.35 57.43 -24.24
CA ASN H 225 -5.26 58.87 -24.45
C ASN H 225 -3.94 59.33 -25.07
N ILE H 226 -2.89 58.49 -25.02
CA ILE H 226 -1.57 58.91 -25.46
C ILE H 226 -1.27 58.11 -26.72
N ALA H 227 -0.89 58.87 -27.76
CA ALA H 227 -0.59 58.29 -29.07
C ALA H 227 0.84 57.80 -29.12
N CYS H 228 1.77 58.57 -28.54
CA CYS H 228 3.15 58.17 -28.48
C CYS H 228 3.88 59.03 -27.46
N VAL H 229 5.06 58.56 -27.07
CA VAL H 229 5.98 59.26 -26.19
C VAL H 229 7.32 59.35 -26.90
N ILE H 230 7.94 60.54 -26.87
CA ILE H 230 9.23 60.80 -27.45
C ILE H 230 10.21 61.25 -26.35
N LEU H 231 11.35 60.54 -26.28
CA LEU H 231 12.51 60.83 -25.43
C LEU H 231 13.63 61.24 -26.36
N THR H 232 13.97 62.53 -26.29
CA THR H 232 14.94 63.16 -27.16
C THR H 232 16.20 63.51 -26.39
N PHE H 233 17.38 63.12 -26.93
CA PHE H 233 18.67 63.55 -26.38
C PHE H 233 19.59 63.96 -27.53
N LYS H 234 19.86 65.29 -27.65
CA LYS H 234 20.54 65.83 -28.83
C LYS H 234 21.70 66.73 -28.42
N GLU H 235 22.89 66.49 -28.99
CA GLU H 235 24.07 67.33 -28.84
C GLU H 235 24.40 67.92 -30.21
N PRO H 236 24.69 69.24 -30.32
CA PRO H 236 25.07 69.84 -31.61
C PRO H 236 26.56 69.68 -32.03
N PHE H 237 27.41 69.28 -31.07
CA PHE H 237 28.83 69.06 -31.23
C PHE H 237 29.02 67.57 -31.58
N GLY H 238 30.05 67.32 -32.40
CA GLY H 238 30.54 65.98 -32.63
C GLY H 238 31.52 65.52 -31.55
N THR H 239 32.47 64.65 -31.96
CA THR H 239 33.31 63.92 -31.02
C THR H 239 34.54 64.71 -30.61
N GLU H 240 34.85 65.78 -31.33
CA GLU H 240 35.89 66.74 -30.98
C GLU H 240 37.27 66.08 -30.92
N GLY H 241 37.60 65.18 -31.85
CA GLY H 241 38.90 64.52 -31.87
C GLY H 241 39.14 63.55 -30.70
N ARG H 242 38.07 63.17 -29.98
CA ARG H 242 38.16 62.30 -28.82
C ARG H 242 37.19 61.13 -28.91
N GLY H 243 36.76 60.77 -30.13
CA GLY H 243 35.71 59.78 -30.32
C GLY H 243 36.15 58.33 -30.20
N GLY H 244 37.48 58.10 -30.10
CA GLY H 244 38.06 56.77 -30.00
C GLY H 244 37.36 55.91 -28.95
N TYR H 245 37.09 56.44 -27.74
CA TYR H 245 36.48 55.66 -26.67
C TYR H 245 35.01 55.34 -26.98
N PHE H 246 34.22 56.38 -27.30
CA PHE H 246 32.87 56.23 -27.85
C PHE H 246 32.79 55.16 -28.96
N ASP H 247 33.79 55.15 -29.86
CA ASP H 247 33.78 54.29 -31.03
C ASP H 247 33.63 52.82 -30.66
N GLU H 248 34.07 52.42 -29.45
CA GLU H 248 33.91 51.04 -29.00
C GLU H 248 32.51 50.74 -28.45
N PHE H 249 31.65 51.76 -28.30
CA PHE H 249 30.34 51.62 -27.64
C PHE H 249 29.17 51.95 -28.57
N GLY H 250 29.24 53.12 -29.21
CA GLY H 250 28.14 53.61 -30.01
C GLY H 250 27.04 54.25 -29.15
N ILE H 251 26.12 54.95 -29.82
CA ILE H 251 25.17 55.89 -29.23
C ILE H 251 24.14 55.16 -28.37
N ILE H 252 23.72 53.97 -28.78
CA ILE H 252 22.76 53.19 -28.01
C ILE H 252 23.30 52.87 -26.62
N ARG H 253 24.52 52.29 -26.54
CA ARG H 253 25.13 51.94 -25.26
C ARG H 253 25.41 53.21 -24.45
N ASP H 254 25.84 54.24 -25.16
CA ASP H 254 26.33 55.47 -24.54
C ASP H 254 25.22 56.16 -23.79
N VAL H 255 24.03 56.33 -24.41
CA VAL H 255 23.02 57.18 -23.82
C VAL H 255 21.61 56.55 -23.80
N MET H 256 21.34 55.55 -24.62
CA MET H 256 19.98 55.05 -24.71
C MET H 256 19.68 53.92 -23.73
N GLN H 257 20.57 52.92 -23.68
CA GLN H 257 20.39 51.73 -22.86
C GLN H 257 20.36 52.14 -21.38
N ASN H 258 20.98 53.29 -21.07
CA ASN H 258 21.11 53.73 -19.69
C ASN H 258 20.15 54.89 -19.44
N HIS H 259 20.51 56.10 -19.91
CA HIS H 259 19.76 57.30 -19.55
C HIS H 259 18.33 57.30 -20.09
N LEU H 260 18.15 57.09 -21.42
CA LEU H 260 16.82 57.25 -22.03
C LEU H 260 15.87 56.19 -21.48
N LEU H 261 16.38 54.98 -21.21
CA LEU H 261 15.57 53.91 -20.67
C LEU H 261 15.13 54.26 -19.26
N GLN H 262 15.95 55.00 -18.52
CA GLN H 262 15.52 55.39 -17.20
C GLN H 262 14.33 56.35 -17.33
N MET H 263 14.41 57.31 -18.26
CA MET H 263 13.37 58.30 -18.46
C MET H 263 12.07 57.61 -18.90
N LEU H 264 12.17 56.65 -19.81
CA LEU H 264 11.03 55.85 -20.18
C LEU H 264 10.38 55.25 -18.93
N CYS H 265 11.19 54.64 -18.06
CA CYS H 265 10.67 54.00 -16.87
C CYS H 265 9.92 55.02 -15.99
N LEU H 266 10.43 56.26 -15.87
CA LEU H 266 9.82 57.26 -15.02
C LEU H 266 8.52 57.77 -15.62
N VAL H 267 8.43 57.77 -16.94
CA VAL H 267 7.21 58.14 -17.66
C VAL H 267 6.17 57.02 -17.60
N ALA H 268 6.59 55.77 -17.81
CA ALA H 268 5.69 54.61 -17.91
C ALA H 268 5.28 53.97 -16.57
N MET H 269 6.01 54.22 -15.48
CA MET H 269 5.81 53.49 -14.22
C MET H 269 4.37 53.66 -13.73
N GLU H 270 3.86 52.61 -13.08
CA GLU H 270 2.74 52.70 -12.18
C GLU H 270 3.09 53.53 -10.96
N LYS H 271 2.03 54.05 -10.33
CA LYS H 271 2.19 54.77 -9.09
C LYS H 271 2.85 53.87 -8.03
N PRO H 272 3.96 54.28 -7.42
CA PRO H 272 4.60 53.46 -6.38
C PRO H 272 3.74 53.47 -5.11
N ALA H 273 3.87 52.42 -4.28
CA ALA H 273 3.23 52.35 -2.96
C ALA H 273 3.66 53.52 -2.04
N SER H 274 4.84 54.10 -2.26
CA SER H 274 5.29 55.26 -1.51
C SER H 274 6.36 55.94 -2.36
N THR H 275 6.93 57.07 -1.89
CA THR H 275 8.04 57.73 -2.59
C THR H 275 9.41 57.22 -2.17
N ASN H 276 9.48 56.11 -1.39
CA ASN H 276 10.75 55.50 -1.03
C ASN H 276 11.43 55.01 -2.29
N SER H 277 12.74 55.19 -2.31
CA SER H 277 13.58 54.80 -3.44
C SER H 277 13.31 53.37 -3.92
N ASP H 278 13.10 52.38 -3.05
CA ASP H 278 12.96 51.02 -3.57
C ASP H 278 11.55 50.71 -4.03
N ASP H 279 10.53 51.42 -3.52
CA ASP H 279 9.19 51.32 -4.10
C ASP H 279 9.20 51.83 -5.54
N VAL H 280 9.90 52.95 -5.73
CA VAL H 280 10.02 53.60 -7.03
C VAL H 280 10.80 52.71 -7.99
N ARG H 281 11.94 52.18 -7.55
CA ARG H 281 12.76 51.34 -8.42
C ARG H 281 12.02 50.02 -8.66
N ASP H 282 11.22 49.52 -7.71
CA ASP H 282 10.37 48.37 -8.04
C ASP H 282 9.51 48.64 -9.30
N GLU H 283 8.91 49.82 -9.41
CA GLU H 283 8.02 50.17 -10.50
C GLU H 283 8.82 50.39 -11.77
N LYS H 284 10.04 50.96 -11.68
CA LYS H 284 10.92 51.12 -12.84
C LYS H 284 11.22 49.73 -13.45
N VAL H 285 11.48 48.72 -12.60
CA VAL H 285 11.79 47.37 -13.04
C VAL H 285 10.55 46.67 -13.65
N LYS H 286 9.36 46.79 -13.03
CA LYS H 286 8.14 46.22 -13.56
C LYS H 286 7.96 46.68 -15.01
N VAL H 287 8.22 47.97 -15.30
CA VAL H 287 8.11 48.48 -16.66
C VAL H 287 9.02 47.70 -17.62
N LEU H 288 10.31 47.57 -17.27
CA LEU H 288 11.30 46.98 -18.14
C LEU H 288 10.92 45.53 -18.41
N LYS H 289 10.40 44.84 -17.39
CA LYS H 289 9.98 43.46 -17.56
C LYS H 289 8.83 43.33 -18.54
N CYS H 290 8.11 44.44 -18.85
CA CYS H 290 7.06 44.39 -19.84
C CYS H 290 7.57 44.81 -21.22
N ILE H 291 8.87 44.97 -21.41
CA ILE H 291 9.42 45.41 -22.69
C ILE H 291 10.14 44.26 -23.39
N SER H 292 9.76 44.01 -24.68
CA SER H 292 10.39 42.97 -25.47
C SER H 292 11.76 43.38 -25.99
N GLU H 293 12.60 42.36 -26.29
CA GLU H 293 13.87 42.62 -26.95
C GLU H 293 13.57 43.36 -28.25
N VAL H 294 14.20 44.51 -28.43
CA VAL H 294 13.95 45.37 -29.56
C VAL H 294 14.60 44.76 -30.81
N GLN H 295 13.86 44.82 -31.92
CA GLN H 295 14.25 44.28 -33.18
C GLN H 295 14.61 45.39 -34.16
N ALA H 296 15.31 44.98 -35.22
CA ALA H 296 15.99 45.88 -36.14
C ALA H 296 15.01 46.72 -36.97
N ASN H 297 13.82 46.16 -37.28
CA ASN H 297 12.79 46.91 -38.02
C ASN H 297 12.34 48.18 -37.25
N ASN H 298 12.59 48.23 -35.94
CA ASN H 298 12.28 49.36 -35.08
C ASN H 298 13.48 50.25 -34.79
N VAL H 299 14.51 50.20 -35.62
CA VAL H 299 15.73 50.92 -35.36
C VAL H 299 16.24 51.57 -36.63
N VAL H 300 16.68 52.82 -36.50
CA VAL H 300 17.39 53.55 -37.51
C VAL H 300 18.72 54.08 -36.94
N LEU H 301 19.85 53.72 -37.57
CA LEU H 301 21.16 54.14 -37.12
C LEU H 301 21.72 55.14 -38.11
N GLY H 302 22.43 56.15 -37.60
CA GLY H 302 23.09 57.11 -38.46
C GLY H 302 24.49 57.46 -37.96
N GLN H 303 25.29 58.07 -38.83
CA GLN H 303 26.65 58.48 -38.48
C GLN H 303 26.91 59.84 -39.15
N TYR H 304 27.39 60.85 -38.41
CA TYR H 304 27.52 62.17 -39.02
C TYR H 304 28.69 62.27 -39.99
N VAL H 305 28.46 63.08 -41.03
CA VAL H 305 29.46 63.43 -42.04
C VAL H 305 29.65 64.94 -42.01
N GLY H 306 30.77 65.45 -42.54
CA GLY H 306 30.99 66.88 -42.52
C GLY H 306 29.95 67.64 -43.37
N ASN H 307 29.78 68.92 -43.04
CA ASN H 307 28.95 69.83 -43.82
C ASN H 307 29.89 70.62 -44.72
N PRO H 308 29.85 70.45 -46.08
CA PRO H 308 30.73 71.19 -46.98
C PRO H 308 30.61 72.71 -46.77
N ASP H 309 29.39 73.20 -46.43
CA ASP H 309 29.14 74.61 -46.24
C ASP H 309 29.34 75.08 -44.80
N GLY H 310 29.79 74.21 -43.89
CA GLY H 310 30.02 74.59 -42.51
C GLY H 310 31.35 75.34 -42.32
N GLU H 311 31.62 75.76 -41.07
CA GLU H 311 32.92 76.27 -40.65
C GLU H 311 33.44 75.43 -39.48
N GLY H 312 34.74 75.52 -39.16
CA GLY H 312 35.30 74.86 -37.98
C GLY H 312 35.02 73.36 -37.98
N GLU H 313 34.69 72.81 -36.80
CA GLU H 313 34.45 71.38 -36.62
C GLU H 313 33.30 70.84 -37.47
N ALA H 314 32.41 71.73 -37.94
CA ALA H 314 31.19 71.33 -38.63
C ALA H 314 31.51 70.72 -39.99
N THR H 315 32.73 70.98 -40.49
CA THR H 315 33.15 70.51 -41.81
C THR H 315 33.66 69.07 -41.73
N LYS H 316 33.84 68.52 -40.50
CA LYS H 316 34.45 67.21 -40.32
C LYS H 316 33.41 66.19 -39.87
N GLY H 317 33.36 65.08 -40.62
CA GLY H 317 32.57 63.91 -40.21
C GLY H 317 33.18 63.13 -39.03
N TYR H 318 32.44 62.10 -38.64
CA TYR H 318 32.84 61.27 -37.52
C TYR H 318 34.18 60.57 -37.82
N LEU H 319 34.37 60.12 -39.08
CA LEU H 319 35.53 59.36 -39.51
C LEU H 319 36.76 60.26 -39.60
N ASP H 320 36.54 61.57 -39.79
CA ASP H 320 37.63 62.54 -39.79
C ASP H 320 38.17 62.75 -38.37
N ASP H 321 37.61 62.07 -37.38
CA ASP H 321 38.21 62.13 -36.05
C ASP H 321 39.50 61.29 -36.15
N PRO H 322 40.67 61.90 -35.81
CA PRO H 322 41.95 61.17 -35.84
C PRO H 322 41.96 59.94 -34.92
N THR H 323 41.19 59.91 -33.83
CA THR H 323 41.19 58.75 -32.92
C THR H 323 40.13 57.72 -33.30
N VAL H 324 39.51 57.87 -34.48
CA VAL H 324 38.43 56.97 -34.88
C VAL H 324 38.93 56.16 -36.08
N PRO H 325 38.90 54.80 -36.04
CA PRO H 325 39.24 53.97 -37.21
C PRO H 325 38.58 54.43 -38.50
N ARG H 326 39.36 54.46 -39.59
CA ARG H 326 38.95 54.53 -40.98
C ARG H 326 37.80 53.52 -41.17
N GLY H 327 36.66 53.87 -41.78
CA GLY H 327 35.58 52.91 -41.93
C GLY H 327 35.02 52.18 -40.67
N SER H 328 35.11 52.78 -39.46
CA SER H 328 34.23 52.44 -38.35
C SER H 328 32.78 52.48 -38.78
N THR H 329 31.94 51.52 -38.35
CA THR H 329 30.52 51.49 -38.61
C THR H 329 29.65 51.99 -37.43
N THR H 330 30.27 52.61 -36.42
CA THR H 330 29.64 52.93 -35.16
C THR H 330 28.61 54.06 -35.39
N ALA H 331 27.47 53.95 -34.72
CA ALA H 331 26.38 54.92 -34.86
C ALA H 331 26.60 56.09 -33.92
N THR H 332 26.56 57.33 -34.45
CA THR H 332 26.47 58.55 -33.66
C THR H 332 25.02 59.05 -33.48
N PHE H 333 24.06 58.35 -34.10
CA PHE H 333 22.64 58.66 -34.05
C PHE H 333 21.86 57.35 -34.00
N ALA H 334 20.84 57.30 -33.13
CA ALA H 334 19.87 56.24 -33.20
C ALA H 334 18.46 56.78 -32.92
N ALA H 335 17.49 56.22 -33.63
CA ALA H 335 16.08 56.36 -33.30
C ALA H 335 15.55 54.96 -33.13
N VAL H 336 14.95 54.73 -31.95
CA VAL H 336 14.50 53.39 -31.58
C VAL H 336 13.08 53.46 -31.04
N VAL H 337 12.27 52.44 -31.36
CA VAL H 337 10.93 52.35 -30.84
C VAL H 337 10.84 51.13 -29.94
N LEU H 338 10.39 51.38 -28.69
CA LEU H 338 10.05 50.33 -27.74
C LEU H 338 8.57 50.35 -27.37
N TYR H 339 8.10 49.20 -26.91
CA TYR H 339 6.74 48.99 -26.47
C TYR H 339 6.74 48.46 -25.05
N VAL H 340 5.87 49.04 -24.23
CA VAL H 340 5.55 48.53 -22.91
C VAL H 340 4.24 47.73 -23.01
N GLU H 341 4.39 46.41 -22.90
CA GLU H 341 3.28 45.48 -23.10
C GLU H 341 2.52 45.21 -21.81
N ASN H 342 1.70 46.18 -21.38
CA ASN H 342 0.92 46.05 -20.16
C ASN H 342 -0.39 46.83 -20.33
N GLU H 343 -1.23 46.88 -19.29
CA GLU H 343 -2.60 47.40 -19.36
C GLU H 343 -2.54 48.89 -19.68
N ARG H 344 -1.55 49.58 -19.11
CA ARG H 344 -1.49 51.03 -19.22
C ARG H 344 -1.00 51.48 -20.62
N TRP H 345 -0.11 50.70 -21.26
CA TRP H 345 0.68 51.21 -22.39
C TRP H 345 0.64 50.38 -23.68
N ASP H 346 0.05 49.18 -23.68
CA ASP H 346 0.21 48.31 -24.83
C ASP H 346 -0.18 49.06 -26.12
N GLY H 347 0.73 48.97 -27.09
CA GLY H 347 0.52 49.55 -28.41
C GLY H 347 1.13 50.96 -28.52
N VAL H 348 1.43 51.61 -27.38
CA VAL H 348 1.94 52.97 -27.42
C VAL H 348 3.44 52.97 -27.72
N PRO H 349 3.86 53.55 -28.85
CA PRO H 349 5.26 53.59 -29.19
C PRO H 349 5.99 54.54 -28.29
N PHE H 350 7.09 54.03 -27.71
CA PHE H 350 8.04 54.89 -27.03
C PHE H 350 9.24 55.09 -27.96
N ILE H 351 9.44 56.33 -28.38
CA ILE H 351 10.40 56.67 -29.40
C ILE H 351 11.58 57.35 -28.69
N LEU H 352 12.75 56.70 -28.77
CA LEU H 352 13.98 57.17 -28.17
C LEU H 352 14.82 57.68 -29.34
N ARG H 353 15.16 58.96 -29.34
CA ARG H 353 15.83 59.54 -30.47
C ARG H 353 16.99 60.40 -29.94
N CYS H 354 18.25 60.01 -30.27
CA CYS H 354 19.43 60.70 -29.76
C CYS H 354 20.52 60.78 -30.82
N GLY H 355 21.38 61.78 -30.70
CA GLY H 355 22.66 61.69 -31.41
C GLY H 355 23.57 62.89 -31.22
N LYS H 356 24.78 62.80 -31.83
CA LYS H 356 25.77 63.86 -31.88
C LYS H 356 25.67 64.62 -33.20
N ALA H 357 26.25 65.83 -33.21
CA ALA H 357 26.34 66.66 -34.40
C ALA H 357 24.96 66.95 -35.03
N LEU H 358 24.00 67.22 -34.15
CA LEU H 358 22.62 67.51 -34.58
C LEU H 358 22.42 69.03 -34.54
N ASN H 359 21.19 69.47 -34.75
CA ASN H 359 20.85 70.88 -34.97
C ASN H 359 20.71 71.70 -33.68
N GLU H 360 20.69 71.10 -32.50
CA GLU H 360 20.53 71.82 -31.25
C GLU H 360 20.88 70.91 -30.07
N ARG H 361 21.07 71.55 -28.89
CA ARG H 361 21.10 70.84 -27.62
C ARG H 361 19.66 70.76 -27.14
N LYS H 362 19.19 69.54 -26.89
CA LYS H 362 17.89 69.38 -26.27
C LYS H 362 17.84 68.05 -25.54
N ALA H 363 17.30 68.07 -24.33
CA ALA H 363 16.90 66.84 -23.66
C ALA H 363 15.47 67.01 -23.11
N GLU H 364 14.60 66.06 -23.44
CA GLU H 364 13.18 66.34 -23.42
C GLU H 364 12.36 65.06 -23.46
N VAL H 365 11.25 65.08 -22.70
CA VAL H 365 10.20 64.08 -22.78
C VAL H 365 8.96 64.76 -23.33
N ARG H 366 8.28 64.13 -24.30
CA ARG H 366 7.13 64.68 -25.00
C ARG H 366 6.05 63.59 -25.01
N LEU H 367 4.87 63.87 -24.41
CA LEU H 367 3.72 62.97 -24.56
C LEU H 367 2.78 63.59 -25.60
N GLN H 368 2.53 62.86 -26.68
CA GLN H 368 1.63 63.35 -27.72
C GLN H 368 0.31 62.57 -27.60
N PHE H 369 -0.77 63.32 -27.26
CA PHE H 369 -2.08 62.72 -27.03
C PHE H 369 -2.78 62.46 -28.35
N HIS H 370 -3.70 61.50 -28.30
CA HIS H 370 -4.59 61.24 -29.43
C HIS H 370 -5.41 62.47 -29.78
N ASP H 371 -5.89 62.42 -31.03
CA ASP H 371 -6.81 63.39 -31.60
C ASP H 371 -8.10 63.31 -30.81
N VAL H 372 -8.90 64.38 -30.89
CA VAL H 372 -10.19 64.27 -30.23
C VAL H 372 -11.02 63.26 -31.01
N ALA H 373 -11.84 62.47 -30.29
CA ALA H 373 -12.80 61.52 -30.85
C ALA H 373 -14.03 62.29 -31.37
N GLY H 374 -13.98 62.69 -32.64
CA GLY H 374 -15.02 63.50 -33.26
C GLY H 374 -14.72 64.98 -33.09
N ASP H 375 -14.42 65.66 -34.20
CA ASP H 375 -14.00 67.05 -34.20
C ASP H 375 -15.15 67.93 -34.65
N ILE H 376 -15.79 68.67 -33.75
CA ILE H 376 -16.92 69.55 -34.08
C ILE H 376 -16.47 70.95 -34.48
N PHE H 377 -15.16 71.14 -34.63
CA PHE H 377 -14.55 72.44 -34.92
C PHE H 377 -13.82 72.39 -36.28
N HIS H 378 -14.39 71.63 -37.23
CA HIS H 378 -13.97 71.66 -38.63
C HIS H 378 -12.50 71.26 -38.74
N GLN H 379 -12.07 70.21 -38.02
CA GLN H 379 -10.73 69.60 -38.13
C GLN H 379 -9.58 70.56 -37.76
N GLN H 380 -9.84 71.66 -37.04
CA GLN H 380 -8.82 72.62 -36.67
C GLN H 380 -8.01 72.22 -35.43
N CYS H 381 -8.33 71.10 -34.77
CA CYS H 381 -7.75 70.72 -33.49
C CYS H 381 -6.42 70.00 -33.67
N LYS H 382 -5.33 70.52 -33.08
CA LYS H 382 -4.08 69.76 -33.00
C LYS H 382 -4.08 68.81 -31.80
N ARG H 383 -3.39 67.67 -31.93
CA ARG H 383 -3.11 66.82 -30.80
C ARG H 383 -2.45 67.62 -29.67
N ASN H 384 -3.01 67.40 -28.47
CA ASN H 384 -2.45 67.96 -27.27
C ASN H 384 -1.11 67.32 -27.03
N GLU H 385 -0.17 68.08 -26.41
CA GLU H 385 1.09 67.53 -25.90
C GLU H 385 1.43 68.03 -24.50
N LEU H 386 2.14 67.17 -23.77
CA LEU H 386 2.83 67.53 -22.54
C LEU H 386 4.33 67.37 -22.74
N VAL H 387 5.06 68.46 -22.50
CA VAL H 387 6.48 68.52 -22.79
C VAL H 387 7.23 68.82 -21.47
N ILE H 388 8.19 67.97 -21.12
CA ILE H 388 9.12 68.20 -20.02
C ILE H 388 10.53 68.34 -20.60
N ARG H 389 11.02 69.55 -20.70
CA ARG H 389 12.34 69.81 -21.24
C ARG H 389 13.32 69.98 -20.07
N VAL H 390 14.48 69.30 -20.18
CA VAL H 390 15.48 69.30 -19.13
C VAL H 390 16.60 70.26 -19.55
N GLN H 391 17.19 70.10 -20.76
CA GLN H 391 18.13 71.05 -21.34
C GLN H 391 17.54 71.46 -22.69
N PRO H 392 17.83 72.63 -23.28
CA PRO H 392 18.72 73.64 -22.70
C PRO H 392 18.21 74.31 -21.43
N ASN H 393 16.90 74.63 -21.33
CA ASN H 393 16.36 75.34 -20.18
C ASN H 393 15.11 74.61 -19.70
N GLU H 394 15.14 74.17 -18.43
CA GLU H 394 14.08 73.37 -17.81
C GLU H 394 12.71 74.05 -17.98
N ALA H 395 11.66 73.26 -18.33
CA ALA H 395 10.29 73.75 -18.53
C ALA H 395 9.34 72.55 -18.58
N VAL H 396 8.15 72.70 -17.97
CA VAL H 396 7.04 71.78 -18.15
C VAL H 396 5.89 72.59 -18.74
N TYR H 397 5.38 72.18 -19.91
CA TYR H 397 4.30 72.93 -20.51
C TYR H 397 3.38 71.99 -21.29
N THR H 398 2.13 72.46 -21.53
CA THR H 398 1.12 71.63 -22.18
C THR H 398 0.71 72.37 -23.44
N MET H 400 -2.11 73.04 -25.96
CA MET H 400 -3.53 72.67 -25.99
C MET H 400 -4.26 73.77 -26.76
N MET H 401 -5.54 73.54 -27.06
CA MET H 401 -6.34 74.48 -27.82
C MET H 401 -7.15 75.41 -26.90
N THR H 402 -7.21 76.70 -27.25
CA THR H 402 -8.05 77.64 -26.55
C THR H 402 -8.86 78.49 -27.53
N LYS H 403 -9.94 79.14 -27.07
CA LYS H 403 -10.72 79.92 -28.00
C LYS H 403 -10.06 81.28 -28.26
N LYS H 404 -9.98 81.61 -29.56
CA LYS H 404 -9.71 82.96 -30.04
C LYS H 404 -10.93 83.83 -29.73
N PRO H 405 -10.82 85.03 -29.11
CA PRO H 405 -12.00 85.89 -28.94
C PRO H 405 -12.71 86.16 -30.27
N GLY H 406 -14.02 86.33 -30.22
CA GLY H 406 -14.75 86.36 -31.47
C GLY H 406 -16.05 85.60 -31.41
N MET H 407 -16.78 85.66 -32.54
CA MET H 407 -18.13 85.15 -32.73
C MET H 407 -18.19 83.61 -32.69
N PHE H 408 -17.39 82.87 -33.48
CA PHE H 408 -17.64 81.44 -33.60
C PHE H 408 -16.63 80.73 -32.67
N PHE H 409 -16.23 79.52 -33.01
CA PHE H 409 -15.36 78.77 -32.14
C PHE H 409 -14.10 78.47 -32.93
N ASN H 410 -13.12 79.38 -32.87
CA ASN H 410 -11.87 79.19 -33.56
C ASN H 410 -10.87 78.93 -32.45
N PRO H 411 -10.56 77.62 -32.25
CA PRO H 411 -9.50 77.20 -31.33
C PRO H 411 -8.13 77.46 -31.94
N GLU H 412 -7.15 77.89 -31.15
CA GLU H 412 -5.81 78.07 -31.65
C GLU H 412 -4.89 77.32 -30.70
N GLU H 413 -3.76 76.76 -31.20
CA GLU H 413 -2.79 76.06 -30.34
C GLU H 413 -2.15 77.12 -29.42
N SER H 414 -1.96 76.81 -28.16
CA SER H 414 -1.35 77.69 -27.18
C SER H 414 -0.45 76.80 -26.30
N GLU H 415 0.54 77.38 -25.60
CA GLU H 415 1.41 76.58 -24.71
C GLU H 415 1.35 77.08 -23.28
N LEU H 416 0.97 76.23 -22.31
CA LEU H 416 0.75 76.73 -20.96
C LEU H 416 1.80 76.20 -20.01
N ASP H 417 2.44 77.13 -19.27
CA ASP H 417 3.60 76.78 -18.48
C ASP H 417 3.15 76.18 -17.14
N LEU H 418 3.55 74.92 -16.86
CA LEU H 418 3.16 74.23 -15.64
C LEU H 418 4.32 74.05 -14.66
N THR H 419 5.49 74.67 -14.95
CA THR H 419 6.72 74.33 -14.23
C THR H 419 6.49 74.44 -12.70
N TYR H 420 6.21 75.71 -12.27
CA TYR H 420 5.94 76.07 -10.88
C TYR H 420 4.51 76.61 -10.74
N GLY H 421 3.61 76.29 -11.69
CA GLY H 421 2.22 76.77 -11.66
C GLY H 421 2.12 78.29 -11.84
N ASN H 422 1.41 79.01 -10.94
CA ASN H 422 1.39 80.48 -10.91
C ASN H 422 2.46 81.02 -9.95
N ARG H 423 3.00 80.15 -9.09
CA ARG H 423 3.72 80.54 -7.87
C ARG H 423 4.99 81.36 -8.17
N TYR H 424 5.92 80.81 -8.97
CA TYR H 424 7.28 81.33 -9.04
C TYR H 424 7.62 81.74 -10.47
N LYS H 425 7.80 83.06 -10.74
CA LYS H 425 8.59 83.52 -11.88
C LYS H 425 10.03 83.04 -11.63
N ASN H 426 10.80 82.85 -12.71
CA ASN H 426 12.22 82.47 -12.66
C ASN H 426 12.71 81.90 -11.29
N VAL H 427 13.36 80.74 -11.39
CA VAL H 427 13.90 79.96 -10.28
C VAL H 427 15.27 79.46 -10.72
N LYS H 428 16.34 79.69 -9.90
CA LYS H 428 17.67 79.25 -10.26
C LYS H 428 18.05 78.00 -9.43
N LEU H 429 18.16 76.86 -10.12
CA LEU H 429 18.44 75.57 -9.50
C LEU H 429 19.95 75.32 -9.47
N PRO H 430 20.45 74.61 -8.43
CA PRO H 430 21.71 73.89 -8.53
C PRO H 430 21.67 72.86 -9.65
N ASP H 431 22.78 72.81 -10.40
CA ASP H 431 23.21 71.73 -11.28
C ASP H 431 22.57 70.40 -10.83
N ALA H 432 21.99 69.63 -11.77
CA ALA H 432 21.32 68.37 -11.43
C ALA H 432 22.33 67.35 -10.91
N TYR H 433 23.58 67.41 -11.41
CA TYR H 433 24.66 66.51 -11.03
C TYR H 433 25.11 66.78 -9.59
N GLU H 434 25.22 68.06 -9.22
CA GLU H 434 25.43 68.50 -7.86
C GLU H 434 24.40 67.84 -6.94
N ARG H 435 23.13 67.84 -7.37
CA ARG H 435 22.03 67.30 -6.58
C ARG H 435 22.11 65.79 -6.51
N LEU H 436 22.70 65.17 -7.54
CA LEU H 436 22.79 63.72 -7.60
C LEU H 436 23.85 63.21 -6.61
N ILE H 437 24.94 63.95 -6.48
CA ILE H 437 25.97 63.55 -5.53
C ILE H 437 25.44 63.76 -4.10
N LEU H 438 24.72 64.86 -3.93
CA LEU H 438 24.04 65.10 -2.67
C LEU H 438 23.11 63.97 -2.27
N ASP H 439 22.42 63.37 -3.26
CA ASP H 439 21.58 62.21 -2.98
C ASP H 439 22.37 61.09 -2.27
N VAL H 440 23.65 60.90 -2.66
CA VAL H 440 24.41 59.79 -2.12
C VAL H 440 24.70 60.09 -0.65
N PHE H 441 25.03 61.34 -0.34
CA PHE H 441 25.19 61.74 1.06
C PHE H 441 23.92 61.46 1.85
N CYS H 442 22.73 61.59 1.22
CA CYS H 442 21.45 61.47 1.88
C CYS H 442 20.90 60.05 1.87
N GLY H 443 21.60 59.11 1.25
CA GLY H 443 21.12 57.73 1.24
C GLY H 443 19.94 57.51 0.27
N SER H 444 19.84 58.34 -0.79
CA SER H 444 18.70 58.28 -1.69
C SER H 444 19.06 57.66 -3.05
N GLN H 445 18.55 56.45 -3.34
CA GLN H 445 18.97 55.63 -4.47
C GLN H 445 18.00 55.68 -5.66
N MET H 446 16.90 56.45 -5.53
CA MET H 446 15.78 56.55 -6.48
C MET H 446 16.22 56.63 -7.94
N HIS H 447 17.16 57.55 -8.24
CA HIS H 447 17.63 57.89 -9.57
C HIS H 447 18.95 57.21 -9.95
N PHE H 448 19.27 56.12 -9.25
CA PHE H 448 20.44 55.32 -9.56
C PHE H 448 19.93 53.93 -9.92
N VAL H 449 20.58 53.33 -10.90
CA VAL H 449 20.11 52.11 -11.51
C VAL H 449 20.42 50.95 -10.57
N ARG H 450 19.40 50.14 -10.31
CA ARG H 450 19.48 48.99 -9.45
C ARG H 450 19.89 47.79 -10.30
N SER H 451 20.47 46.76 -9.64
CA SER H 451 21.01 45.60 -10.32
C SER H 451 19.95 44.89 -11.19
N ASP H 452 18.76 44.66 -10.67
CA ASP H 452 17.71 43.95 -11.39
C ASP H 452 17.25 44.78 -12.62
N GLU H 453 17.17 46.11 -12.42
CA GLU H 453 16.85 47.12 -13.42
C GLU H 453 17.85 47.05 -14.55
N LEU H 454 19.14 46.99 -14.18
CA LEU H 454 20.22 46.92 -15.14
C LEU H 454 20.14 45.67 -15.99
N ARG H 455 19.85 44.50 -15.39
CA ARG H 455 19.79 43.27 -16.15
C ARG H 455 18.72 43.39 -17.23
N GLU H 456 17.54 43.96 -16.86
CA GLU H 456 16.43 44.11 -17.77
C GLU H 456 16.84 45.02 -18.91
N ALA H 457 17.55 46.12 -18.61
CA ALA H 457 18.03 47.04 -19.63
C ALA H 457 18.91 46.33 -20.65
N TRP H 458 19.80 45.41 -20.20
CA TRP H 458 20.68 44.68 -21.09
C TRP H 458 19.90 43.64 -21.89
N ARG H 459 18.93 42.98 -21.27
CA ARG H 459 18.11 41.97 -21.96
C ARG H 459 17.42 42.58 -23.18
N ILE H 460 16.89 43.80 -22.96
CA ILE H 460 16.18 44.54 -24.00
C ILE H 460 17.08 44.81 -25.20
N PHE H 461 18.29 45.31 -24.97
CA PHE H 461 19.15 45.81 -26.04
C PHE H 461 20.19 44.82 -26.54
N THR H 462 20.41 43.69 -25.85
CA THR H 462 21.59 42.89 -26.14
C THR H 462 21.43 42.18 -27.49
N PRO H 463 20.29 41.50 -27.80
CA PRO H 463 20.13 40.91 -29.14
C PRO H 463 20.46 41.89 -30.27
N LEU H 464 19.98 43.12 -30.18
CA LEU H 464 20.20 44.09 -31.22
C LEU H 464 21.67 44.46 -31.30
N LEU H 465 22.33 44.71 -30.16
CA LEU H 465 23.72 45.12 -30.19
C LEU H 465 24.57 44.00 -30.78
N HIS H 466 24.24 42.72 -30.47
CA HIS H 466 24.98 41.59 -31.01
C HIS H 466 24.78 41.54 -32.53
N GLN H 467 23.54 41.75 -32.97
CA GLN H 467 23.23 41.75 -34.40
C GLN H 467 24.03 42.82 -35.14
N ILE H 468 24.08 44.03 -34.57
CA ILE H 468 24.86 45.12 -35.13
C ILE H 468 26.34 44.70 -35.23
N GLU H 469 26.90 44.12 -34.17
CA GLU H 469 28.32 43.77 -34.13
C GLU H 469 28.66 42.67 -35.13
N LEU H 470 27.72 41.76 -35.37
CA LEU H 470 27.92 40.64 -36.27
C LEU H 470 27.66 41.02 -37.73
N GLU H 471 26.60 41.79 -38.03
CA GLU H 471 26.31 42.14 -39.41
C GLU H 471 27.09 43.39 -39.83
N LYS H 472 27.61 44.14 -38.88
CA LYS H 472 28.28 45.43 -39.11
C LYS H 472 27.52 46.29 -40.13
N PRO H 473 26.19 46.58 -39.95
CA PRO H 473 25.42 47.32 -40.96
C PRO H 473 25.95 48.73 -41.07
N LYS H 474 26.01 49.23 -42.32
CA LYS H 474 26.54 50.55 -42.63
C LYS H 474 25.53 51.59 -42.11
N PRO H 475 25.82 52.49 -41.13
CA PRO H 475 24.79 53.40 -40.65
C PRO H 475 24.57 54.50 -41.68
N ILE H 476 23.42 55.18 -41.60
CA ILE H 476 23.00 56.18 -42.57
C ILE H 476 23.72 57.50 -42.32
N PRO H 477 24.30 58.11 -43.37
CA PRO H 477 24.93 59.43 -43.24
C PRO H 477 23.91 60.53 -42.99
N TYR H 478 24.33 61.56 -42.27
CA TYR H 478 23.56 62.75 -41.99
C TYR H 478 24.56 63.88 -41.81
N ILE H 479 24.22 65.01 -42.43
CA ILE H 479 25.05 66.19 -42.47
C ILE H 479 25.14 66.74 -41.05
N TYR H 480 26.35 67.13 -40.65
CA TYR H 480 26.62 67.77 -39.36
C TYR H 480 25.73 69.02 -39.26
N GLY H 481 24.91 69.04 -38.20
CA GLY H 481 24.07 70.19 -37.91
C GLY H 481 22.63 69.98 -38.37
N SER H 482 22.35 68.86 -39.03
CA SER H 482 21.01 68.49 -39.44
C SER H 482 20.29 67.79 -38.28
N ARG H 483 19.06 67.34 -38.52
CA ARG H 483 18.26 66.63 -37.53
C ARG H 483 18.52 65.13 -37.61
N GLY H 484 19.46 64.70 -38.46
CA GLY H 484 19.77 63.29 -38.55
C GLY H 484 19.11 62.64 -39.77
N PRO H 485 19.20 61.30 -39.92
CA PRO H 485 18.63 60.61 -41.07
C PRO H 485 17.14 60.81 -41.17
N THR H 486 16.67 61.06 -42.41
CA THR H 486 15.28 61.38 -42.65
C THR H 486 14.50 60.07 -42.41
N GLU H 487 15.17 58.92 -42.53
CA GLU H 487 14.58 57.60 -42.21
C GLU H 487 14.05 57.50 -40.78
N ALA H 488 14.62 58.29 -39.86
CA ALA H 488 14.16 58.35 -38.49
C ALA H 488 12.78 58.98 -38.44
N ASP H 489 12.59 60.09 -39.19
CA ASP H 489 11.29 60.73 -39.36
C ASP H 489 10.24 59.74 -39.91
N GLU H 490 10.63 58.90 -40.88
CA GLU H 490 9.72 57.92 -41.47
C GLU H 490 9.33 56.85 -40.48
N LEU H 491 10.29 56.38 -39.67
CA LEU H 491 9.99 55.38 -38.63
C LEU H 491 8.98 55.98 -37.63
N MET H 492 9.20 57.24 -37.24
CA MET H 492 8.32 57.90 -36.32
C MET H 492 6.90 58.06 -36.88
N LYS H 493 6.74 58.57 -38.13
CA LYS H 493 5.43 58.65 -38.80
C LYS H 493 4.79 57.26 -38.86
N ARG H 494 5.58 56.24 -39.20
CA ARG H 494 5.06 54.89 -39.39
C ARG H 494 4.42 54.37 -38.11
N VAL H 495 4.92 54.76 -36.90
CA VAL H 495 4.45 54.15 -35.67
C VAL H 495 3.41 55.03 -34.98
N GLY H 496 3.10 56.24 -35.48
CA GLY H 496 1.92 56.98 -35.05
C GLY H 496 2.21 58.43 -34.62
N PHE H 497 3.41 58.94 -34.92
CA PHE H 497 3.75 60.30 -34.54
C PHE H 497 3.29 61.26 -35.64
N GLN H 498 2.87 62.51 -35.28
CA GLN H 498 2.53 63.60 -36.16
C GLN H 498 3.37 64.87 -35.93
N TYR H 499 3.90 65.59 -36.95
CA TYR H 499 4.80 66.74 -36.75
C TYR H 499 4.04 68.04 -36.48
#